data_7R7S
#
_entry.id   7R7S
#
_cell.length_a   1.00
_cell.length_b   1.00
_cell.length_c   1.00
_cell.angle_alpha   90.00
_cell.angle_beta   90.00
_cell.angle_gamma   90.00
#
_symmetry.space_group_name_H-M   'P 1'
#
loop_
_entity.id
_entity.type
_entity.pdbx_description
1 polymer 'Transitional endoplasmic reticulum ATPase'
2 polymer 'NSFL1 cofactor p47'
3 non-polymer 'PHOSPHOTHIOPHOSPHORIC ACID-ADENYLATE ESTER'
#
loop_
_entity_poly.entity_id
_entity_poly.type
_entity_poly.pdbx_seq_one_letter_code
_entity_poly.pdbx_strand_id
1 'polypeptide(L)'
;MASGADSKGDDLSTAILKQKNRPNRLIVDEAINEDNSVVSLSQPKMDELQLFRGDTVLLKGKKRREAVCIVLSDDTCSDE
KIRMNRVVRNNLRVRLGDVISIQPCPDVKYGKRIHVLPIDDTVEGITGNLFEVYLKPYFLEAYRPIRKGDIFLVHGGMRA
VEFKVVETDPSPYCIVAPDTVIHCEGEPIKREDEEESLNEVGYDDIGGCRKQLAQIKEMVELPLRHPALFKAIGVKPPRG
ILLYGPPGTGKTLIARAVANETGAFFFLINGPEIMSKLAGESESNLRKAFEEAEKNAPAIIFIDELDAIAPKREKTHGEV
ERRIVSQLLTLMDGLKQRAHVIVMAATNRPNSIDPALRRFGRFDREVDIGIPDATGRLEILQIHTKNMKLADDVDLEQVA
NETHGHVGADLAALCSEAALQAIRKKMDLIDLEDETIDAEVMNSLAVTMDDFRWALSQSNPSALRETVVEVPQVTWEDIG
GLEDVKRELQELVQYPVEHPDKFLKFGMTPSKGVLFYGPPGCGKTLLAKAIANECQANFISIKGPELLTMWFGESEANVR
EIFDKARQAAPCVLFFDELDSIAKARGGNIGDGGGAADRVINQILTEMDGMSTKKNVFIIGATNRPDIIDPAILRPGRLD
QLIYIPLPDEKSRVAILKANLRKSPVAKDVDLEFLAKMTNGFSGADLTEICQRACKLAIRESIESEIRRERERQTNPSAM
EVEEDDPVPEIRRDHFEEAMRFARRSVSDNDIRKYEMFAQTLQQSRGFGSFRFPSGNQGGAGPSQGSGGGTGGSVYTEDN
DDDLYG
;
A,B,C,D,E,F
2 'polypeptide(L)'
;MAEERQDALREFVAVTGAEEDRARFFLESAGWDLQIALASFYEDGGDEDIVTISQATPSSVSRGTAPSDNRVTSFRDLIH
DQDEEEEEEEGQRFYAGGSERSGQQIVGPPRKKSPNELVDDLFKGAKEHGAVAVERVTKSPGETSKPRPFAGGGYRLGAA
PEEESAYVAGERRRHSGQDVHVVLKLWKTGFSLDNGDLRSYQDPSNAQFLESIRRGEVPAELRRLAHGGQVNLDMEDHRD
EDFVKPKGAFKAFTGEGQKLGSTAPQVLNTSSPAQQAENEAKASSSILINEAEPTTNIQIRLADGGRLVQKFNHSHRISD
IRLFIVDARPAMAATSFVLMTTFPNKELADENQTLKEANLLNAVIVQRLT
;
I,J
#
loop_
_chem_comp.id
_chem_comp.type
_chem_comp.name
_chem_comp.formula
AGS non-polymer 'PHOSPHOTHIOPHOSPHORIC ACID-ADENYLATE ESTER' 'C10 H16 N5 O12 P3 S'
#
# COMPACT_ATOMS: atom_id res chain seq x y z
N ASN A 21 42.00 -43.45 1.52
CA ASN A 21 41.56 -44.82 1.76
C ASN A 21 41.17 -45.03 3.22
N ARG A 22 41.98 -44.45 4.12
CA ARG A 22 41.90 -44.59 5.58
C ARG A 22 41.90 -46.06 5.98
N PRO A 23 43.04 -46.74 5.90
CA PRO A 23 43.06 -48.20 6.07
C PRO A 23 42.83 -48.67 7.50
N ASN A 24 43.01 -47.80 8.49
CA ASN A 24 42.74 -48.17 9.87
C ASN A 24 41.25 -48.11 10.21
N ARG A 25 40.44 -47.48 9.38
CA ARG A 25 39.01 -47.32 9.65
C ARG A 25 38.29 -48.62 9.32
N LEU A 26 38.01 -49.43 10.34
CA LEU A 26 37.33 -50.70 10.18
C LEU A 26 36.39 -50.93 11.36
N ILE A 27 35.64 -52.03 11.30
CA ILE A 27 34.46 -52.26 12.14
C ILE A 27 34.81 -52.60 13.58
N VAL A 28 33.79 -52.62 14.44
CA VAL A 28 33.94 -52.73 15.89
C VAL A 28 33.39 -54.09 16.33
N ASP A 29 34.20 -54.83 17.11
CA ASP A 29 33.81 -56.12 17.65
C ASP A 29 33.23 -55.92 19.06
N GLU A 30 32.69 -57.00 19.62
CA GLU A 30 32.09 -56.93 20.96
C GLU A 30 33.17 -57.06 22.04
N ALA A 31 32.74 -57.26 23.28
CA ALA A 31 33.63 -57.19 24.44
C ALA A 31 34.41 -58.49 24.60
N ILE A 32 35.74 -58.39 24.52
CA ILE A 32 36.61 -59.45 25.02
C ILE A 32 37.17 -59.10 26.39
N ASN A 33 37.04 -57.85 26.82
CA ASN A 33 37.56 -57.38 28.09
C ASN A 33 36.65 -56.25 28.57
N GLU A 34 37.11 -55.44 29.51
CA GLU A 34 36.29 -54.37 30.05
C GLU A 34 36.90 -52.99 29.88
N ASP A 35 38.17 -52.80 30.19
CA ASP A 35 38.74 -51.47 30.32
C ASP A 35 39.17 -50.91 28.96
N ASN A 36 39.35 -49.58 28.95
CA ASN A 36 39.66 -48.87 27.70
C ASN A 36 41.06 -49.18 27.19
N SER A 37 42.00 -49.48 28.08
CA SER A 37 43.33 -49.87 27.64
C SER A 37 43.30 -51.24 26.97
N VAL A 38 42.57 -52.18 27.54
CA VAL A 38 42.55 -53.56 27.02
C VAL A 38 41.51 -53.61 25.90
N VAL A 39 41.93 -53.14 24.72
CA VAL A 39 41.22 -53.29 23.47
C VAL A 39 42.23 -53.76 22.43
N SER A 40 41.78 -54.60 21.51
CA SER A 40 42.69 -55.23 20.56
C SER A 40 42.11 -55.17 19.15
N LEU A 41 42.92 -54.70 18.19
CA LEU A 41 42.54 -54.77 16.78
C LEU A 41 43.44 -55.75 16.05
N SER A 42 44.75 -55.46 15.96
CA SER A 42 45.77 -56.32 15.35
C SER A 42 47.15 -55.73 15.60
N GLN A 43 48.13 -56.58 15.90
CA GLN A 43 49.51 -56.13 16.01
C GLN A 43 50.13 -55.75 14.64
N PRO A 44 49.75 -56.37 13.51
CA PRO A 44 50.00 -55.71 12.22
C PRO A 44 49.42 -54.31 12.10
N LYS A 45 48.22 -54.05 12.62
CA LYS A 45 47.70 -52.68 12.58
C LYS A 45 48.46 -51.74 13.51
N MET A 46 49.24 -52.27 14.46
CA MET A 46 50.28 -51.49 15.10
C MET A 46 51.59 -51.50 14.31
N ASP A 47 51.70 -52.33 13.27
CA ASP A 47 52.96 -52.44 12.53
C ASP A 47 53.02 -51.61 11.25
N GLU A 48 51.94 -51.45 10.47
CA GLU A 48 52.06 -50.59 9.29
C GLU A 48 52.12 -49.12 9.69
N LEU A 49 51.28 -48.69 10.63
CA LEU A 49 51.33 -47.31 11.11
C LEU A 49 52.43 -47.08 12.13
N GLN A 50 53.11 -48.16 12.58
CA GLN A 50 54.26 -48.13 13.48
C GLN A 50 53.95 -47.49 14.83
N LEU A 51 52.68 -47.54 15.25
CA LEU A 51 52.32 -46.98 16.53
C LEU A 51 52.57 -48.01 17.62
N PHE A 52 53.19 -47.58 18.71
CA PHE A 52 53.57 -48.48 19.78
C PHE A 52 52.35 -48.89 20.59
N ARG A 53 52.53 -49.95 21.38
CA ARG A 53 51.46 -50.41 22.25
C ARG A 53 51.20 -49.46 23.40
N GLY A 54 52.26 -48.78 23.88
CA GLY A 54 52.12 -47.93 25.04
C GLY A 54 51.58 -46.54 24.78
N ASP A 55 51.58 -46.10 23.53
CA ASP A 55 51.17 -44.74 23.20
C ASP A 55 49.66 -44.60 23.28
N THR A 56 49.20 -43.42 23.73
CA THR A 56 47.77 -43.15 23.91
C THR A 56 47.23 -42.60 22.59
N VAL A 57 46.71 -43.50 21.76
CA VAL A 57 46.11 -43.12 20.49
C VAL A 57 44.70 -42.61 20.76
N LEU A 58 44.08 -41.98 19.77
CA LEU A 58 42.75 -41.40 19.90
C LEU A 58 41.80 -42.12 18.95
N LEU A 59 41.00 -43.02 19.50
CA LEU A 59 40.02 -43.76 18.70
C LEU A 59 38.83 -42.85 18.41
N LYS A 60 38.61 -42.55 17.13
CA LYS A 60 37.60 -41.58 16.71
C LYS A 60 36.19 -42.07 16.99
N GLY A 61 35.25 -41.12 16.97
CA GLY A 61 33.85 -41.46 17.17
C GLY A 61 32.96 -40.30 16.76
N LYS A 62 31.65 -40.55 16.85
CA LYS A 62 30.67 -39.54 16.52
C LYS A 62 30.62 -38.48 17.61
N LYS A 63 30.12 -37.29 17.23
CA LYS A 63 30.13 -36.06 18.03
C LYS A 63 31.56 -35.75 18.49
N ARG A 64 32.47 -35.68 17.51
CA ARG A 64 33.92 -35.40 17.60
C ARG A 64 34.67 -36.09 18.74
N ARG A 65 34.19 -37.27 19.16
CA ARG A 65 34.64 -37.88 20.41
C ARG A 65 35.78 -38.85 20.12
N GLU A 66 36.99 -38.48 20.54
CA GLU A 66 38.14 -39.35 20.45
C GLU A 66 38.67 -39.60 21.86
N ALA A 67 38.94 -40.86 22.18
CA ALA A 67 39.25 -41.28 23.54
C ALA A 67 40.69 -41.77 23.64
N VAL A 68 41.32 -41.47 24.76
CA VAL A 68 42.70 -41.86 25.02
C VAL A 68 42.75 -43.28 25.58
N CYS A 69 43.58 -44.13 24.96
CA CYS A 69 43.68 -45.54 25.32
C CYS A 69 45.09 -46.03 25.03
N ILE A 70 45.69 -46.71 26.00
CA ILE A 70 46.93 -47.46 25.78
C ILE A 70 46.48 -48.79 25.20
N VAL A 71 46.42 -48.86 23.87
CA VAL A 71 45.75 -49.96 23.17
C VAL A 71 46.69 -51.16 23.09
N LEU A 72 46.22 -52.31 23.57
CA LEU A 72 46.98 -53.56 23.49
C LEU A 72 46.42 -54.37 22.32
N SER A 73 46.87 -54.02 21.12
CA SER A 73 46.42 -54.72 19.92
C SER A 73 47.13 -56.07 19.80
N ASP A 74 46.37 -57.11 19.52
CA ASP A 74 46.88 -58.48 19.45
C ASP A 74 46.62 -59.04 18.06
N ASP A 75 47.61 -59.74 17.51
CA ASP A 75 47.49 -60.28 16.16
C ASP A 75 46.58 -61.50 16.08
N THR A 76 46.29 -62.15 17.22
CA THR A 76 45.41 -63.30 17.21
C THR A 76 43.94 -62.92 17.04
N CYS A 77 43.60 -61.66 17.30
CA CYS A 77 42.26 -61.16 17.05
C CYS A 77 42.05 -60.91 15.56
N SER A 78 40.80 -60.64 15.19
CA SER A 78 40.48 -60.31 13.81
C SER A 78 41.03 -58.92 13.47
N ASP A 79 41.77 -58.84 12.35
CA ASP A 79 42.52 -57.65 12.00
C ASP A 79 41.64 -56.48 11.58
N GLU A 80 40.37 -56.71 11.30
CA GLU A 80 39.43 -55.65 10.95
C GLU A 80 38.53 -55.25 12.10
N LYS A 81 38.72 -55.83 13.28
CA LYS A 81 37.78 -55.67 14.39
C LYS A 81 38.52 -55.26 15.65
N ILE A 82 38.30 -54.01 16.07
CA ILE A 82 38.75 -53.58 17.39
C ILE A 82 37.88 -54.23 18.47
N ARG A 83 38.53 -54.73 19.53
CA ARG A 83 37.83 -55.39 20.62
C ARG A 83 37.30 -54.37 21.64
N MET A 84 36.44 -53.48 21.16
CA MET A 84 35.84 -52.48 22.01
C MET A 84 34.76 -53.11 22.87
N ASN A 85 34.74 -52.72 24.15
CA ASN A 85 33.96 -53.44 25.14
C ASN A 85 32.55 -52.88 25.21
N ARG A 86 31.77 -53.31 26.21
CA ARG A 86 30.36 -52.99 26.27
C ARG A 86 30.10 -51.54 26.67
N VAL A 87 30.95 -50.98 27.52
CA VAL A 87 30.81 -49.58 27.93
C VAL A 87 31.76 -48.65 27.18
N VAL A 88 32.53 -49.19 26.23
CA VAL A 88 33.41 -48.36 25.42
C VAL A 88 32.68 -47.79 24.20
N ARG A 89 31.73 -48.55 23.64
CA ARG A 89 30.96 -48.07 22.48
C ARG A 89 30.06 -46.90 22.84
N ASN A 90 29.59 -46.82 24.09
CA ASN A 90 28.90 -45.62 24.53
C ASN A 90 29.87 -44.46 24.72
N ASN A 91 31.12 -44.75 25.05
CA ASN A 91 32.10 -43.69 25.27
C ASN A 91 32.56 -43.04 23.97
N LEU A 92 32.78 -43.85 22.94
CA LEU A 92 33.09 -43.32 21.63
C LEU A 92 31.84 -42.92 20.85
N ARG A 93 30.65 -43.21 21.42
CA ARG A 93 29.34 -42.92 20.83
C ARG A 93 29.18 -43.59 19.47
N VAL A 94 29.72 -44.81 19.34
CA VAL A 94 29.66 -45.57 18.11
C VAL A 94 28.95 -46.89 18.40
N ARG A 95 28.55 -47.57 17.32
CA ARG A 95 27.86 -48.84 17.40
C ARG A 95 28.76 -49.95 16.88
N LEU A 96 28.25 -51.17 16.92
CA LEU A 96 28.99 -52.33 16.42
C LEU A 96 28.96 -52.32 14.90
N GLY A 97 30.15 -52.25 14.29
CA GLY A 97 30.24 -52.15 12.85
C GLY A 97 30.41 -50.72 12.38
N ASP A 98 31.25 -49.96 13.07
CA ASP A 98 31.54 -48.57 12.74
C ASP A 98 33.04 -48.39 12.56
N VAL A 99 33.40 -47.51 11.62
CA VAL A 99 34.80 -47.32 11.26
C VAL A 99 35.46 -46.37 12.24
N ILE A 100 36.62 -46.78 12.78
CA ILE A 100 37.35 -46.03 13.79
C ILE A 100 38.78 -45.84 13.33
N SER A 101 39.27 -44.60 13.37
CA SER A 101 40.67 -44.29 13.10
C SER A 101 41.39 -43.95 14.40
N ILE A 102 42.70 -43.71 14.30
CA ILE A 102 43.55 -43.49 15.47
C ILE A 102 44.45 -42.27 15.26
N GLN A 103 44.65 -41.53 16.36
CA GLN A 103 45.44 -40.30 16.41
C GLN A 103 46.38 -40.31 17.62
N PRO A 104 47.69 -40.31 17.40
CA PRO A 104 48.62 -40.43 18.54
C PRO A 104 48.75 -39.15 19.34
N CYS A 105 48.78 -39.28 20.66
CA CYS A 105 49.03 -38.18 21.57
C CYS A 105 49.93 -38.67 22.70
N PRO A 106 51.24 -38.46 22.58
CA PRO A 106 52.15 -38.92 23.64
C PRO A 106 52.37 -37.89 24.74
N ASP A 107 51.48 -36.89 24.82
CA ASP A 107 51.64 -35.76 25.73
C ASP A 107 50.90 -35.97 27.05
N VAL A 108 50.77 -37.20 27.51
CA VAL A 108 49.98 -37.52 28.68
C VAL A 108 50.81 -37.36 29.95
N LYS A 109 50.15 -36.90 31.01
CA LYS A 109 50.76 -36.75 32.33
C LYS A 109 49.64 -36.72 33.36
N TYR A 110 50.00 -36.84 34.63
CA TYR A 110 49.04 -36.86 35.72
C TYR A 110 49.15 -35.60 36.55
N GLY A 111 47.99 -35.09 36.98
CA GLY A 111 47.92 -33.96 37.88
C GLY A 111 47.30 -34.37 39.21
N LYS A 112 47.39 -33.46 40.18
CA LYS A 112 46.84 -33.74 41.50
C LYS A 112 45.32 -33.66 41.48
N ARG A 113 44.76 -32.68 40.79
CA ARG A 113 43.31 -32.54 40.73
C ARG A 113 42.73 -33.41 39.64
N ILE A 114 41.57 -34.00 39.93
CA ILE A 114 40.82 -34.84 39.01
C ILE A 114 39.36 -34.76 39.42
N HIS A 115 38.46 -35.21 38.54
CA HIS A 115 37.05 -35.25 38.88
C HIS A 115 36.41 -36.48 38.28
N VAL A 116 35.80 -37.30 39.12
CA VAL A 116 35.12 -38.52 38.71
C VAL A 116 33.69 -38.47 39.21
N LEU A 117 32.78 -39.11 38.48
CA LEU A 117 31.37 -39.09 38.83
C LEU A 117 30.84 -40.50 39.07
N PRO A 118 30.49 -40.85 40.30
CA PRO A 118 29.68 -42.06 40.52
C PRO A 118 28.23 -41.79 40.16
N ILE A 119 27.51 -42.87 39.85
CA ILE A 119 26.10 -42.79 39.45
C ILE A 119 25.32 -43.77 40.32
N ASP A 120 24.23 -43.29 40.93
CA ASP A 120 23.41 -44.06 41.86
C ASP A 120 22.68 -45.23 41.22
N ASP A 121 22.62 -45.31 39.89
CA ASP A 121 22.10 -46.51 39.25
C ASP A 121 23.03 -47.71 39.43
N THR A 122 24.32 -47.46 39.65
CA THR A 122 25.32 -48.52 39.71
C THR A 122 26.01 -48.63 41.06
N VAL A 123 26.55 -47.53 41.59
CA VAL A 123 27.43 -47.60 42.74
C VAL A 123 26.64 -47.72 44.06
N GLU A 124 25.35 -47.40 44.04
CA GLU A 124 24.58 -47.30 45.27
C GLU A 124 24.31 -48.68 45.87
N GLY A 125 24.76 -48.89 47.09
CA GLY A 125 24.73 -50.18 47.73
C GLY A 125 26.01 -50.42 48.51
N ILE A 126 27.09 -49.77 48.09
CA ILE A 126 28.38 -49.82 48.77
C ILE A 126 28.81 -48.40 49.09
N THR A 127 29.38 -48.20 50.28
CA THR A 127 29.83 -46.90 50.75
C THR A 127 31.30 -47.00 51.19
N GLY A 128 31.77 -45.96 51.85
CA GLY A 128 33.12 -45.84 52.35
C GLY A 128 33.76 -44.58 51.84
N ASN A 129 35.09 -44.58 51.77
CA ASN A 129 35.78 -43.47 51.16
C ASN A 129 35.64 -43.55 49.64
N LEU A 130 35.92 -42.44 48.98
CA LEU A 130 35.63 -42.30 47.57
C LEU A 130 36.76 -42.79 46.66
N PHE A 131 37.85 -43.31 47.23
CA PHE A 131 38.88 -44.01 46.47
C PHE A 131 39.11 -45.41 47.03
N GLU A 132 38.04 -46.03 47.55
CA GLU A 132 38.11 -47.31 48.24
C GLU A 132 38.22 -48.49 47.29
N VAL A 133 37.98 -49.70 47.82
CA VAL A 133 38.23 -51.00 47.17
C VAL A 133 37.48 -51.16 45.85
N TYR A 134 36.38 -50.42 45.65
CA TYR A 134 35.55 -50.51 44.46
C TYR A 134 36.23 -50.02 43.18
N LEU A 135 37.41 -49.37 43.26
CA LEU A 135 38.22 -49.10 42.08
C LEU A 135 39.70 -49.40 42.28
N LYS A 136 40.09 -50.00 43.42
CA LYS A 136 41.51 -50.27 43.65
C LYS A 136 42.12 -51.33 42.74
N PRO A 137 41.70 -52.61 42.76
CA PRO A 137 42.60 -53.66 42.24
C PRO A 137 42.71 -53.75 40.72
N TYR A 138 42.03 -52.88 39.97
CA TYR A 138 42.25 -52.78 38.53
C TYR A 138 42.99 -51.51 38.12
N PHE A 139 42.84 -50.44 38.89
CA PHE A 139 43.70 -49.25 38.82
C PHE A 139 44.60 -49.10 40.04
N LEU A 140 45.20 -50.19 40.49
CA LEU A 140 46.34 -50.11 41.39
C LEU A 140 47.56 -49.65 40.63
N GLU A 141 48.23 -48.60 41.15
CA GLU A 141 49.39 -47.88 40.60
C GLU A 141 49.25 -47.60 39.10
N ALA A 142 48.05 -47.20 38.68
CA ALA A 142 47.57 -47.33 37.32
C ALA A 142 48.34 -46.56 36.25
N TYR A 143 48.23 -45.23 36.28
CA TYR A 143 48.64 -44.33 35.20
C TYR A 143 48.06 -44.77 33.85
N ARG A 144 46.73 -45.21 33.86
CA ARG A 144 45.85 -45.59 32.76
C ARG A 144 45.08 -44.38 32.25
N PRO A 145 44.79 -44.32 30.94
CA PRO A 145 44.16 -43.11 30.38
C PRO A 145 42.68 -43.04 30.71
N ILE A 146 42.30 -42.02 31.48
CA ILE A 146 40.92 -41.60 31.60
C ILE A 146 40.75 -40.38 30.71
N ARG A 147 39.50 -40.11 30.34
CA ARG A 147 39.20 -39.01 29.43
C ARG A 147 37.93 -38.31 29.89
N LYS A 148 37.95 -36.98 29.85
CA LYS A 148 36.75 -36.20 30.11
C LYS A 148 35.75 -36.44 28.98
N GLY A 149 34.56 -36.90 29.34
CA GLY A 149 33.60 -37.38 28.36
C GLY A 149 33.55 -38.88 28.19
N ASP A 150 34.19 -39.63 29.08
CA ASP A 150 34.18 -41.09 29.04
C ASP A 150 33.60 -41.64 30.34
N ILE A 151 32.72 -42.63 30.21
CA ILE A 151 32.07 -43.26 31.35
C ILE A 151 32.17 -44.78 31.19
N PHE A 152 32.87 -45.43 32.13
CA PHE A 152 33.12 -46.87 32.04
C PHE A 152 32.67 -47.54 33.31
N LEU A 153 31.94 -48.65 33.15
CA LEU A 153 31.38 -49.40 34.28
C LEU A 153 32.35 -50.50 34.67
N VAL A 154 32.96 -50.36 35.84
CA VAL A 154 33.91 -51.35 36.37
C VAL A 154 33.31 -51.95 37.63
N HIS A 155 33.31 -53.28 37.71
CA HIS A 155 32.79 -53.99 38.87
C HIS A 155 33.79 -53.89 40.02
N GLY A 156 33.34 -53.39 41.16
CA GLY A 156 34.21 -53.27 42.32
C GLY A 156 33.46 -53.35 43.63
N GLY A 157 33.98 -54.14 44.57
CA GLY A 157 33.27 -54.38 45.82
C GLY A 157 31.98 -55.17 45.63
N MET A 158 32.02 -56.18 44.76
CA MET A 158 30.86 -57.00 44.35
C MET A 158 29.71 -56.15 43.80
N ARG A 159 30.05 -55.06 43.11
CA ARG A 159 29.05 -54.18 42.53
C ARG A 159 29.66 -53.43 41.36
N ALA A 160 28.87 -53.25 40.31
CA ALA A 160 29.31 -52.48 39.16
C ALA A 160 29.34 -51.00 39.49
N VAL A 161 30.44 -50.33 39.14
CA VAL A 161 30.60 -48.91 39.42
C VAL A 161 30.98 -48.21 38.12
N GLU A 162 30.20 -47.21 37.72
CA GLU A 162 30.53 -46.36 36.59
C GLU A 162 31.47 -45.23 37.01
N PHE A 163 32.16 -44.66 36.03
CA PHE A 163 33.17 -43.65 36.31
C PHE A 163 33.18 -42.64 35.16
N LYS A 164 32.48 -41.53 35.35
CA LYS A 164 32.45 -40.46 34.36
C LYS A 164 33.39 -39.35 34.79
N VAL A 165 34.32 -38.99 33.92
CA VAL A 165 35.24 -37.89 34.16
C VAL A 165 34.58 -36.60 33.69
N VAL A 166 34.52 -35.60 34.57
CA VAL A 166 33.81 -34.36 34.27
C VAL A 166 34.72 -33.14 34.27
N GLU A 167 35.90 -33.19 34.92
CA GLU A 167 36.78 -32.03 34.93
C GLU A 167 38.22 -32.49 35.06
N THR A 168 39.06 -32.04 34.13
CA THR A 168 40.50 -32.27 34.22
C THR A 168 41.24 -31.07 33.61
N ASP A 169 42.16 -30.51 34.39
CA ASP A 169 43.01 -29.39 33.98
C ASP A 169 44.21 -29.75 33.11
N PRO A 170 45.19 -30.61 33.57
CA PRO A 170 46.49 -30.62 32.89
C PRO A 170 46.52 -31.44 31.61
N SER A 171 46.21 -30.80 30.46
CA SER A 171 46.17 -31.41 29.12
C SER A 171 45.20 -32.58 29.05
N PRO A 172 43.88 -32.31 28.84
CA PRO A 172 42.80 -33.30 29.06
C PRO A 172 42.89 -34.67 28.38
N TYR A 173 43.85 -34.88 27.47
CA TYR A 173 44.31 -36.24 27.16
C TYR A 173 45.17 -36.67 28.35
N CYS A 174 44.51 -37.15 29.39
CA CYS A 174 45.07 -37.10 30.73
C CYS A 174 45.27 -38.49 31.32
N ILE A 175 45.93 -38.50 32.47
CA ILE A 175 46.34 -39.70 33.18
C ILE A 175 45.97 -39.53 34.66
N VAL A 176 45.36 -40.55 35.26
CA VAL A 176 45.16 -40.56 36.69
C VAL A 176 45.64 -41.91 37.23
N ALA A 177 46.08 -41.91 38.47
CA ALA A 177 46.55 -43.12 39.14
C ALA A 177 46.01 -43.12 40.56
N PRO A 178 45.09 -44.04 40.90
CA PRO A 178 44.52 -44.07 42.25
C PRO A 178 45.45 -44.53 43.36
N ASP A 179 46.72 -44.84 43.08
CA ASP A 179 47.69 -45.00 44.15
C ASP A 179 48.38 -43.70 44.50
N THR A 180 48.15 -42.63 43.73
CA THR A 180 48.60 -41.29 44.07
C THR A 180 47.49 -40.58 44.84
N VAL A 181 47.60 -39.27 45.00
CA VAL A 181 46.54 -38.49 45.63
C VAL A 181 45.43 -38.24 44.60
N ILE A 182 44.20 -38.56 44.97
CA ILE A 182 43.04 -38.41 44.10
C ILE A 182 42.20 -37.27 44.63
N HIS A 183 41.76 -36.38 43.74
CA HIS A 183 40.70 -35.43 44.07
C HIS A 183 39.36 -36.11 43.82
N CYS A 184 39.02 -37.02 44.72
CA CYS A 184 37.88 -37.90 44.54
C CYS A 184 36.57 -37.17 44.84
N GLU A 185 35.61 -37.33 43.94
CA GLU A 185 34.30 -36.70 44.06
C GLU A 185 33.25 -37.79 44.25
N GLY A 186 32.38 -37.61 45.24
CA GLY A 186 31.48 -38.67 45.65
C GLY A 186 30.01 -38.33 45.62
N GLU A 187 29.56 -37.64 44.57
CA GLU A 187 28.14 -37.30 44.44
C GLU A 187 27.49 -38.21 43.42
N PRO A 188 26.65 -39.17 43.83
CA PRO A 188 25.92 -40.00 42.85
C PRO A 188 24.72 -39.26 42.30
N ILE A 189 24.82 -38.83 41.04
CA ILE A 189 23.77 -38.06 40.39
C ILE A 189 23.45 -38.69 39.04
N LYS A 190 22.18 -38.88 38.76
CA LYS A 190 21.75 -39.39 37.47
C LYS A 190 21.91 -38.33 36.39
N ARG A 191 22.31 -38.77 35.21
CA ARG A 191 22.35 -37.92 34.01
C ARG A 191 21.68 -38.66 32.85
N GLU A 192 20.49 -39.20 33.11
CA GLU A 192 19.76 -39.94 32.09
C GLU A 192 19.25 -39.03 30.97
N ASP A 193 18.92 -37.77 31.30
CA ASP A 193 18.62 -36.80 30.26
C ASP A 193 19.87 -36.48 29.45
N GLU A 194 21.02 -36.38 30.11
CA GLU A 194 22.28 -36.24 29.40
C GLU A 194 22.65 -37.53 28.68
N GLU A 195 22.25 -38.68 29.21
CA GLU A 195 22.49 -39.96 28.53
C GLU A 195 21.72 -40.03 27.21
N GLU A 196 20.46 -39.58 27.22
CA GLU A 196 19.70 -39.49 25.98
C GLU A 196 20.19 -38.36 25.09
N SER A 197 20.85 -37.35 25.65
CA SER A 197 21.46 -36.27 24.89
C SER A 197 22.95 -36.45 24.69
N LEU A 198 23.50 -37.64 25.00
CA LEU A 198 24.92 -37.91 24.79
C LEU A 198 25.26 -37.91 23.30
N ASN A 199 24.42 -38.56 22.48
CA ASN A 199 24.57 -38.43 21.03
C ASN A 199 23.87 -37.16 20.54
N GLU A 200 22.54 -37.15 20.69
CA GLU A 200 21.54 -36.09 20.57
C GLU A 200 21.32 -35.60 19.14
N VAL A 201 22.23 -35.92 18.23
CA VAL A 201 22.10 -35.61 16.80
C VAL A 201 23.18 -36.40 16.08
N GLY A 202 23.00 -36.62 14.78
CA GLY A 202 24.08 -37.18 13.99
C GLY A 202 23.69 -37.25 12.53
N TYR A 203 24.68 -37.56 11.69
CA TYR A 203 24.40 -37.84 10.28
C TYR A 203 23.57 -39.11 10.12
N ASP A 204 23.78 -40.09 11.00
CA ASP A 204 22.91 -41.26 11.06
C ASP A 204 21.52 -40.91 11.58
N ASP A 205 21.36 -39.79 12.29
CA ASP A 205 20.06 -39.32 12.74
C ASP A 205 19.36 -38.45 11.71
N ILE A 206 19.95 -38.27 10.53
CA ILE A 206 19.33 -37.54 9.43
C ILE A 206 19.21 -38.49 8.25
N GLY A 207 18.00 -38.58 7.69
CA GLY A 207 17.76 -39.49 6.59
C GLY A 207 16.83 -38.88 5.56
N GLY A 208 17.00 -39.31 4.31
CA GLY A 208 16.16 -38.90 3.21
C GLY A 208 16.60 -37.65 2.49
N CYS A 209 17.50 -36.86 3.07
CA CYS A 209 17.96 -35.59 2.51
C CYS A 209 19.47 -35.58 2.41
N ARG A 210 20.03 -36.64 1.81
CA ARG A 210 21.48 -36.81 1.73
C ARG A 210 22.13 -35.78 0.81
N LYS A 211 21.44 -35.38 -0.26
CA LYS A 211 21.99 -34.37 -1.16
C LYS A 211 22.05 -33.01 -0.50
N GLN A 212 21.03 -32.66 0.28
CA GLN A 212 21.02 -31.38 0.99
C GLN A 212 22.08 -31.33 2.08
N LEU A 213 22.26 -32.42 2.82
CA LEU A 213 23.30 -32.48 3.84
C LEU A 213 24.69 -32.49 3.22
N ALA A 214 24.84 -33.14 2.06
CA ALA A 214 26.11 -33.09 1.34
C ALA A 214 26.42 -31.68 0.85
N GLN A 215 25.39 -30.96 0.38
CA GLN A 215 25.57 -29.56 -0.03
C GLN A 215 25.95 -28.68 1.17
N ILE A 216 25.33 -28.94 2.33
CA ILE A 216 25.65 -28.21 3.54
C ILE A 216 27.09 -28.47 3.96
N LYS A 217 27.54 -29.74 3.87
CA LYS A 217 28.93 -30.09 4.15
C LYS A 217 29.90 -29.41 3.19
N GLU A 218 29.52 -29.32 1.91
CA GLU A 218 30.33 -28.59 0.94
C GLU A 218 30.40 -27.10 1.26
N MET A 219 29.33 -26.54 1.83
CA MET A 219 29.37 -25.12 2.18
C MET A 219 30.18 -24.86 3.45
N VAL A 220 30.10 -25.75 4.43
CA VAL A 220 30.83 -25.55 5.69
C VAL A 220 32.14 -26.34 5.73
N GLU A 221 32.63 -26.77 4.56
CA GLU A 221 33.89 -27.50 4.48
C GLU A 221 35.08 -26.60 4.80
N LEU A 222 34.95 -25.29 4.62
CA LEU A 222 36.06 -24.38 4.85
C LEU A 222 36.36 -24.02 6.32
N PRO A 223 35.39 -23.76 7.23
CA PRO A 223 35.80 -23.43 8.62
C PRO A 223 36.43 -24.58 9.40
N LEU A 224 36.12 -25.84 9.07
CA LEU A 224 36.68 -26.98 9.78
C LEU A 224 37.68 -27.70 8.87
N ARG A 225 38.91 -27.85 9.37
CA ARG A 225 39.96 -28.76 8.88
C ARG A 225 40.58 -28.35 7.55
N HIS A 226 40.02 -27.34 6.87
CA HIS A 226 40.64 -26.74 5.69
C HIS A 226 40.36 -25.24 5.65
N PRO A 227 40.99 -24.46 6.54
CA PRO A 227 40.82 -23.01 6.45
C PRO A 227 41.64 -22.37 5.35
N ALA A 228 42.72 -23.02 4.92
CA ALA A 228 43.62 -22.51 3.90
C ALA A 228 43.18 -22.87 2.48
N LEU A 229 41.90 -23.17 2.29
CA LEU A 229 41.36 -23.43 0.96
C LEU A 229 40.82 -22.15 0.33
N PHE A 230 41.67 -21.12 0.34
CA PHE A 230 41.35 -19.83 -0.25
C PHE A 230 42.23 -19.49 -1.45
N LYS A 231 43.38 -20.14 -1.60
CA LYS A 231 44.14 -19.98 -2.83
C LYS A 231 43.47 -20.71 -3.99
N ALA A 232 42.63 -21.69 -3.70
CA ALA A 232 41.81 -22.30 -4.74
C ALA A 232 40.75 -21.32 -5.24
N ILE A 233 40.02 -20.72 -4.30
CA ILE A 233 39.01 -19.71 -4.63
C ILE A 233 39.00 -18.64 -3.56
N GLY A 234 39.13 -17.38 -3.99
CA GLY A 234 39.17 -16.27 -3.06
C GLY A 234 37.83 -15.74 -2.64
N VAL A 235 36.75 -16.38 -3.08
CA VAL A 235 35.40 -15.93 -2.72
C VAL A 235 35.12 -16.24 -1.25
N LYS A 236 35.69 -17.36 -0.73
CA LYS A 236 35.42 -18.03 0.56
C LYS A 236 33.90 -18.09 0.74
N PRO A 237 33.26 -19.09 0.12
CA PRO A 237 31.90 -18.91 -0.41
C PRO A 237 30.89 -18.59 0.68
N PRO A 238 29.88 -17.78 0.36
CA PRO A 238 29.51 -16.65 1.22
C PRO A 238 29.01 -17.02 2.60
N ARG A 239 29.37 -16.16 3.55
CA ARG A 239 28.89 -16.21 4.91
C ARG A 239 27.39 -16.01 4.92
N GLY A 240 26.63 -17.04 5.31
CA GLY A 240 25.19 -17.00 5.17
C GLY A 240 24.57 -18.08 4.32
N ILE A 241 23.89 -19.02 4.97
CA ILE A 241 23.18 -20.11 4.32
C ILE A 241 21.75 -20.10 4.82
N LEU A 242 20.79 -20.20 3.90
CA LEU A 242 19.38 -20.27 4.24
C LEU A 242 18.86 -21.70 4.10
N LEU A 243 18.21 -22.18 5.15
CA LEU A 243 17.46 -23.42 5.14
C LEU A 243 15.98 -23.05 5.16
N TYR A 244 15.27 -23.37 4.09
CA TYR A 244 13.85 -23.06 4.02
C TYR A 244 13.12 -24.27 3.49
N GLY A 245 11.79 -24.18 3.47
CA GLY A 245 10.94 -25.28 3.07
C GLY A 245 9.70 -25.34 3.95
N PRO A 246 9.21 -26.55 4.21
CA PRO A 246 8.07 -26.70 5.12
C PRO A 246 8.49 -26.46 6.56
N PRO A 247 7.56 -26.12 7.43
CA PRO A 247 7.89 -26.04 8.86
C PRO A 247 7.91 -27.42 9.50
N GLY A 248 8.74 -27.54 10.54
CA GLY A 248 8.79 -28.77 11.30
C GLY A 248 9.58 -29.89 10.64
N THR A 249 10.42 -29.56 9.66
CA THR A 249 11.16 -30.59 8.94
C THR A 249 12.56 -30.79 9.53
N GLY A 250 12.76 -30.37 10.77
CA GLY A 250 14.02 -30.58 11.43
C GLY A 250 15.15 -29.70 10.96
N LYS A 251 14.85 -28.43 10.67
CA LYS A 251 15.91 -27.48 10.31
C LYS A 251 16.82 -27.21 11.50
N THR A 252 16.25 -27.13 12.69
CA THR A 252 17.04 -27.03 13.91
C THR A 252 17.86 -28.29 14.14
N LEU A 253 17.31 -29.46 13.77
CA LEU A 253 18.06 -30.70 13.87
C LEU A 253 19.23 -30.73 12.90
N ILE A 254 19.05 -30.16 11.70
CA ILE A 254 20.15 -30.02 10.74
C ILE A 254 21.22 -29.10 11.31
N ALA A 255 20.79 -28.01 11.95
CA ALA A 255 21.72 -27.08 12.58
C ALA A 255 22.51 -27.73 13.71
N ARG A 256 21.83 -28.57 14.52
CA ARG A 256 22.53 -29.28 15.57
C ARG A 256 23.47 -30.34 15.02
N ALA A 257 23.12 -30.94 13.87
CA ALA A 257 24.01 -31.91 13.23
C ALA A 257 25.30 -31.25 12.76
N VAL A 258 25.18 -30.07 12.14
CA VAL A 258 26.35 -29.29 11.76
C VAL A 258 27.13 -28.87 13.01
N ALA A 259 26.40 -28.52 14.08
CA ALA A 259 27.00 -28.05 15.32
C ALA A 259 27.86 -29.11 15.99
N ASN A 260 27.36 -30.34 16.05
CA ASN A 260 28.08 -31.40 16.73
C ASN A 260 28.94 -32.25 15.80
N GLU A 261 28.90 -32.02 14.49
CA GLU A 261 29.86 -32.67 13.62
C GLU A 261 31.03 -31.77 13.25
N THR A 262 30.83 -30.46 13.17
CA THR A 262 31.95 -29.58 12.84
C THR A 262 32.89 -29.41 14.02
N GLY A 263 32.37 -29.43 15.24
CA GLY A 263 33.20 -29.21 16.40
C GLY A 263 33.58 -27.77 16.64
N ALA A 264 33.01 -26.83 15.90
CA ALA A 264 33.29 -25.44 16.12
C ALA A 264 32.50 -24.91 17.30
N PHE A 265 32.83 -23.70 17.74
CA PHE A 265 32.14 -23.08 18.85
C PHE A 265 30.78 -22.58 18.38
N PHE A 266 29.72 -23.20 18.89
CA PHE A 266 28.38 -23.03 18.34
C PHE A 266 27.59 -22.12 19.28
N PHE A 267 27.07 -21.02 18.74
CA PHE A 267 26.53 -19.91 19.52
C PHE A 267 25.12 -19.57 19.06
N LEU A 268 24.24 -20.57 19.01
CA LEU A 268 22.90 -20.36 18.49
C LEU A 268 22.08 -19.46 19.42
N ILE A 269 21.26 -18.61 18.81
CA ILE A 269 20.31 -17.79 19.54
C ILE A 269 18.92 -18.02 18.94
N ASN A 270 17.94 -18.19 19.81
CA ASN A 270 16.57 -18.29 19.37
C ASN A 270 16.03 -16.91 19.05
N GLY A 271 15.28 -16.81 17.96
CA GLY A 271 14.72 -15.55 17.50
C GLY A 271 13.74 -14.89 18.46
N PRO A 272 12.72 -15.61 18.90
CA PRO A 272 11.87 -15.08 19.99
C PRO A 272 12.60 -14.81 21.30
N GLU A 273 13.70 -15.51 21.59
CA GLU A 273 14.46 -15.23 22.79
C GLU A 273 15.13 -13.87 22.72
N ILE A 274 15.67 -13.50 21.56
CA ILE A 274 16.26 -12.17 21.39
C ILE A 274 15.21 -11.12 21.07
N MET A 275 13.98 -11.54 20.75
CA MET A 275 12.88 -10.60 20.63
C MET A 275 12.16 -10.33 21.94
N SER A 276 12.33 -11.19 22.94
CA SER A 276 11.60 -11.06 24.19
C SER A 276 12.17 -10.01 25.13
N LYS A 277 13.28 -9.37 24.76
CA LYS A 277 13.84 -8.33 25.60
C LYS A 277 13.02 -7.05 25.51
N LEU A 278 13.31 -6.11 26.40
CA LEU A 278 12.60 -4.84 26.46
C LEU A 278 13.17 -3.88 25.42
N ALA A 279 12.80 -2.61 25.50
CA ALA A 279 13.27 -1.62 24.55
C ALA A 279 14.73 -1.28 24.84
N GLY A 280 15.56 -1.35 23.79
CA GLY A 280 16.98 -1.10 23.93
C GLY A 280 17.80 -2.30 24.34
N GLU A 281 17.16 -3.37 24.80
CA GLU A 281 17.85 -4.58 25.23
C GLU A 281 17.84 -5.65 24.15
N SER A 282 17.25 -5.36 22.99
CA SER A 282 17.30 -6.30 21.87
C SER A 282 18.70 -6.36 21.27
N GLU A 283 19.38 -5.21 21.19
CA GLU A 283 20.79 -5.20 20.80
C GLU A 283 21.66 -5.88 21.84
N SER A 284 21.28 -5.76 23.11
CA SER A 284 21.94 -6.48 24.18
C SER A 284 21.76 -7.98 23.97
N ASN A 285 22.90 -8.69 24.06
CA ASN A 285 23.17 -10.11 23.80
C ASN A 285 23.14 -10.46 22.30
N LEU A 286 22.59 -9.60 21.46
CA LEU A 286 22.67 -9.82 20.02
C LEU A 286 24.01 -9.37 19.48
N ARG A 287 24.48 -8.21 19.93
CA ARG A 287 25.86 -7.82 19.62
C ARG A 287 26.85 -8.71 20.37
N LYS A 288 26.49 -9.17 21.56
CA LYS A 288 27.39 -9.99 22.38
C LYS A 288 27.57 -11.38 21.79
N ALA A 289 26.54 -11.91 21.10
CA ALA A 289 26.70 -13.21 20.42
C ALA A 289 27.72 -13.13 19.30
N PHE A 290 27.69 -12.04 18.52
CA PHE A 290 28.69 -11.88 17.46
C PHE A 290 30.07 -11.58 18.04
N GLU A 291 30.13 -10.83 19.14
CA GLU A 291 31.41 -10.57 19.79
C GLU A 291 32.00 -11.83 20.42
N GLU A 292 31.14 -12.75 20.85
CA GLU A 292 31.60 -14.05 21.33
C GLU A 292 32.04 -14.94 20.18
N ALA A 293 31.34 -14.85 19.05
CA ALA A 293 31.69 -15.66 17.88
C ALA A 293 32.96 -15.18 17.20
N GLU A 294 33.34 -13.91 17.39
CA GLU A 294 34.56 -13.40 16.79
C GLU A 294 35.83 -14.01 17.37
N LYS A 295 35.77 -14.60 18.56
CA LYS A 295 36.99 -15.03 19.24
C LYS A 295 37.55 -16.33 18.66
N ASN A 296 36.74 -17.38 18.61
CA ASN A 296 37.23 -18.68 18.19
C ASN A 296 37.43 -18.72 16.68
N ALA A 297 38.56 -19.29 16.26
CA ALA A 297 38.90 -19.37 14.85
C ALA A 297 38.03 -20.39 14.10
N PRO A 298 37.64 -21.56 14.68
CA PRO A 298 36.41 -22.19 14.17
C PRO A 298 35.20 -21.68 14.92
N ALA A 299 34.23 -21.11 14.21
CA ALA A 299 33.08 -20.51 14.88
C ALA A 299 31.91 -20.47 13.91
N ILE A 300 30.82 -21.12 14.28
CA ILE A 300 29.56 -21.03 13.56
C ILE A 300 28.51 -20.46 14.52
N ILE A 301 27.76 -19.47 14.04
CA ILE A 301 26.70 -18.84 14.81
C ILE A 301 25.40 -18.99 14.02
N PHE A 302 24.33 -19.35 14.73
CA PHE A 302 23.10 -19.80 14.11
C PHE A 302 21.93 -18.99 14.65
N ILE A 303 20.98 -18.65 13.78
CA ILE A 303 19.77 -17.95 14.18
C ILE A 303 18.57 -18.75 13.70
N ASP A 304 17.53 -18.76 14.53
CA ASP A 304 16.30 -19.46 14.21
C ASP A 304 15.14 -18.46 14.16
N GLU A 305 14.13 -18.82 13.38
CA GLU A 305 12.91 -18.03 13.15
C GLU A 305 13.25 -16.64 12.60
N LEU A 306 13.79 -16.64 11.37
CA LEU A 306 14.14 -15.39 10.71
C LEU A 306 12.90 -14.58 10.33
N ASP A 307 11.77 -15.26 10.13
CA ASP A 307 10.53 -14.57 9.79
C ASP A 307 10.02 -13.73 10.95
N ALA A 308 10.20 -14.21 12.18
CA ALA A 308 9.86 -13.40 13.34
C ALA A 308 10.87 -12.28 13.53
N ILE A 309 12.15 -12.54 13.25
CA ILE A 309 13.19 -11.54 13.46
C ILE A 309 13.11 -10.46 12.39
N ALA A 310 13.16 -10.87 11.13
CA ALA A 310 13.28 -9.94 10.01
C ALA A 310 12.17 -10.22 9.00
N PRO A 311 11.01 -9.58 9.15
CA PRO A 311 9.96 -9.71 8.15
C PRO A 311 10.21 -8.78 6.97
N LYS A 312 9.25 -8.71 6.05
CA LYS A 312 9.32 -7.73 4.98
C LYS A 312 9.20 -6.32 5.54
N ARG A 313 9.85 -5.37 4.87
CA ARG A 313 9.93 -3.99 5.37
C ARG A 313 8.58 -3.28 5.33
N GLU A 314 7.65 -3.73 4.49
CA GLU A 314 6.29 -3.20 4.52
C GLU A 314 5.58 -3.60 5.81
N LYS A 315 5.80 -4.83 6.27
CA LYS A 315 5.12 -5.35 7.46
C LYS A 315 5.81 -4.95 8.76
N THR A 316 6.91 -4.20 8.70
CA THR A 316 7.61 -3.72 9.89
C THR A 316 6.84 -2.52 10.45
N HIS A 317 5.73 -2.80 11.10
CA HIS A 317 4.83 -1.77 11.60
C HIS A 317 5.38 -1.04 12.83
N GLY A 318 6.25 -1.69 13.60
CA GLY A 318 6.81 -1.08 14.78
C GLY A 318 8.24 -0.60 14.57
N GLU A 319 8.69 0.33 15.42
CA GLU A 319 10.04 0.87 15.30
C GLU A 319 11.12 -0.10 15.79
N VAL A 320 10.77 -0.96 16.75
CA VAL A 320 11.74 -1.88 17.34
C VAL A 320 12.17 -2.94 16.33
N GLU A 321 11.24 -3.35 15.45
CA GLU A 321 11.58 -4.31 14.40
C GLU A 321 12.55 -3.69 13.39
N ARG A 322 12.35 -2.42 13.03
CA ARG A 322 13.28 -1.74 12.13
C ARG A 322 14.64 -1.56 12.80
N ARG A 323 14.64 -1.28 14.10
CA ARG A 323 15.89 -1.18 14.87
C ARG A 323 16.63 -2.51 14.90
N ILE A 324 15.89 -3.62 15.06
CA ILE A 324 16.50 -4.95 15.12
C ILE A 324 17.09 -5.33 13.76
N VAL A 325 16.35 -5.09 12.67
CA VAL A 325 16.88 -5.48 11.36
C VAL A 325 18.01 -4.54 10.93
N SER A 326 18.01 -3.28 11.40
CA SER A 326 19.13 -2.40 11.12
C SER A 326 20.38 -2.83 11.88
N GLN A 327 20.20 -3.27 13.14
CA GLN A 327 21.33 -3.79 13.92
C GLN A 327 21.91 -5.05 13.31
N LEU A 328 21.06 -5.96 12.85
CA LEU A 328 21.53 -7.18 12.20
C LEU A 328 22.22 -6.87 10.87
N LEU A 329 21.66 -5.94 10.09
CA LEU A 329 22.24 -5.60 8.80
C LEU A 329 23.56 -4.85 8.95
N THR A 330 23.74 -4.13 10.05
CA THR A 330 25.04 -3.57 10.36
C THR A 330 26.02 -4.65 10.76
N LEU A 331 25.60 -5.55 11.66
CA LEU A 331 26.50 -6.54 12.23
C LEU A 331 26.88 -7.63 11.25
N MET A 332 26.15 -7.78 10.14
CA MET A 332 26.54 -8.80 9.18
C MET A 332 27.75 -8.37 8.35
N ASP A 333 27.62 -7.28 7.59
CA ASP A 333 28.73 -6.87 6.74
C ASP A 333 29.75 -6.00 7.45
N GLY A 334 29.46 -5.51 8.66
CA GLY A 334 30.47 -4.80 9.42
C GLY A 334 31.56 -5.70 9.95
N LEU A 335 31.28 -6.98 10.09
CA LEU A 335 32.25 -7.98 10.51
C LEU A 335 32.61 -8.81 9.28
N LYS A 336 33.90 -8.87 8.96
CA LYS A 336 34.30 -9.58 7.74
C LYS A 336 35.75 -10.04 7.91
N GLN A 337 36.06 -11.19 7.30
CA GLN A 337 37.36 -11.90 7.27
C GLN A 337 37.97 -12.13 8.67
N ARG A 338 37.16 -12.14 9.72
CA ARG A 338 37.66 -12.30 11.07
C ARG A 338 37.22 -13.67 11.58
N ALA A 339 38.19 -14.57 11.72
CA ALA A 339 38.03 -15.95 12.21
C ALA A 339 37.05 -16.78 11.38
N HIS A 340 36.90 -16.39 10.09
CA HIS A 340 36.03 -16.99 9.06
C HIS A 340 34.67 -17.44 9.59
N VAL A 341 34.01 -16.53 10.31
CA VAL A 341 32.73 -16.86 10.93
C VAL A 341 31.65 -17.01 9.85
N ILE A 342 30.76 -17.97 10.06
CA ILE A 342 29.69 -18.27 9.11
C ILE A 342 28.37 -18.18 9.85
N VAL A 343 27.46 -17.37 9.33
CA VAL A 343 26.13 -17.31 9.88
C VAL A 343 25.26 -18.31 9.14
N MET A 344 24.20 -18.76 9.80
CA MET A 344 23.25 -19.68 9.20
C MET A 344 21.88 -19.37 9.76
N ALA A 345 20.87 -19.39 8.89
CA ALA A 345 19.52 -19.01 9.25
C ALA A 345 18.53 -20.08 8.82
N ALA A 346 17.56 -20.36 9.70
CA ALA A 346 16.52 -21.32 9.43
C ALA A 346 15.17 -20.61 9.44
N THR A 347 14.39 -20.80 8.39
CA THR A 347 13.11 -20.12 8.26
C THR A 347 12.09 -21.10 7.70
N ASN A 348 10.81 -20.72 7.83
CA ASN A 348 9.72 -21.55 7.36
C ASN A 348 9.10 -21.08 6.06
N ARG A 349 9.52 -19.93 5.54
CA ARG A 349 8.92 -19.34 4.36
C ARG A 349 9.90 -18.35 3.76
N PRO A 350 10.21 -18.48 2.46
CA PRO A 350 11.33 -17.72 1.90
C PRO A 350 11.03 -16.29 1.49
N ASN A 351 9.80 -16.00 1.05
CA ASN A 351 9.50 -14.68 0.52
C ASN A 351 9.00 -13.70 1.59
N SER A 352 8.77 -14.18 2.81
CA SER A 352 8.44 -13.29 3.91
C SER A 352 9.67 -12.61 4.50
N ILE A 353 10.87 -13.09 4.16
CA ILE A 353 12.11 -12.48 4.63
C ILE A 353 12.30 -11.13 3.93
N ASP A 354 13.01 -10.23 4.60
CA ASP A 354 13.37 -8.93 4.02
C ASP A 354 14.26 -9.13 2.80
N PRO A 355 13.88 -8.61 1.62
CA PRO A 355 14.68 -8.87 0.41
C PRO A 355 16.04 -8.20 0.40
N ALA A 356 16.31 -7.27 1.31
CA ALA A 356 17.65 -6.71 1.42
C ALA A 356 18.62 -7.73 2.03
N LEU A 357 18.09 -8.70 2.80
CA LEU A 357 18.94 -9.72 3.38
C LEU A 357 19.49 -10.67 2.34
N ARG A 358 18.61 -11.27 1.54
CA ARG A 358 19.04 -12.22 0.52
C ARG A 358 19.52 -11.44 -0.71
N ARG A 359 20.82 -11.50 -0.94
CA ARG A 359 21.47 -10.85 -2.08
C ARG A 359 22.77 -11.59 -2.33
N PHE A 360 23.66 -10.98 -3.07
CA PHE A 360 24.91 -11.66 -3.39
C PHE A 360 25.97 -11.42 -2.32
N GLY A 361 25.89 -10.30 -1.62
CA GLY A 361 26.81 -10.06 -0.52
C GLY A 361 26.52 -10.96 0.68
N ARG A 362 25.25 -11.11 1.03
CA ARG A 362 24.85 -11.84 2.22
C ARG A 362 23.69 -12.74 1.86
N PHE A 363 23.64 -13.91 2.52
CA PHE A 363 22.46 -14.78 2.56
C PHE A 363 22.00 -15.26 1.18
N ASP A 364 22.89 -15.95 0.47
CA ASP A 364 22.62 -16.27 -0.92
C ASP A 364 22.24 -17.72 -1.17
N ARG A 365 22.73 -18.67 -0.35
CA ARG A 365 22.54 -20.08 -0.64
C ARG A 365 21.16 -20.51 -0.14
N GLU A 366 20.17 -20.33 -1.00
CA GLU A 366 18.80 -20.73 -0.68
C GLU A 366 18.60 -22.21 -0.97
N VAL A 367 19.22 -23.08 -0.19
CA VAL A 367 18.95 -24.51 -0.31
C VAL A 367 17.66 -24.82 0.42
N ASP A 368 16.86 -25.71 -0.15
CA ASP A 368 15.57 -26.09 0.43
C ASP A 368 15.61 -27.50 1.00
N ILE A 369 14.95 -27.69 2.14
CA ILE A 369 14.89 -29.01 2.74
C ILE A 369 13.85 -29.87 2.05
N GLY A 370 12.61 -29.42 2.06
CA GLY A 370 11.53 -30.13 1.38
C GLY A 370 11.01 -31.29 2.20
N ILE A 371 9.80 -31.72 1.84
CA ILE A 371 9.20 -32.89 2.47
C ILE A 371 9.89 -34.14 1.91
N PRO A 372 10.04 -35.20 2.69
CA PRO A 372 10.73 -36.40 2.18
C PRO A 372 9.86 -37.20 1.23
N ASP A 373 10.52 -38.08 0.49
CA ASP A 373 9.86 -39.00 -0.42
C ASP A 373 9.46 -40.26 0.34
N ALA A 374 9.02 -41.29 -0.39
CA ALA A 374 8.69 -42.57 0.24
C ALA A 374 9.92 -43.26 0.79
N THR A 375 11.04 -43.20 0.05
CA THR A 375 12.31 -43.68 0.58
C THR A 375 12.78 -42.82 1.73
N GLY A 376 12.54 -41.50 1.65
CA GLY A 376 12.87 -40.61 2.74
C GLY A 376 12.04 -40.89 3.98
N ARG A 377 10.72 -41.11 3.81
CA ARG A 377 9.86 -41.45 4.94
C ARG A 377 10.23 -42.81 5.52
N LEU A 378 10.63 -43.74 4.67
CA LEU A 378 11.12 -45.05 5.12
C LEU A 378 12.39 -44.89 5.96
N GLU A 379 13.31 -44.02 5.53
CA GLU A 379 14.53 -43.80 6.30
C GLU A 379 14.25 -43.09 7.61
N ILE A 380 13.27 -42.17 7.62
CA ILE A 380 12.88 -41.49 8.85
C ILE A 380 12.29 -42.48 9.85
N LEU A 381 11.45 -43.39 9.36
CA LEU A 381 10.90 -44.42 10.25
C LEU A 381 11.97 -45.41 10.69
N GLN A 382 12.97 -45.69 9.84
CA GLN A 382 14.06 -46.58 10.22
C GLN A 382 14.91 -45.96 11.33
N ILE A 383 15.19 -44.66 11.24
CA ILE A 383 15.98 -44.01 12.28
C ILE A 383 15.16 -43.59 13.48
N HIS A 384 13.84 -43.63 13.38
CA HIS A 384 13.01 -43.40 14.56
C HIS A 384 12.66 -44.70 15.30
N THR A 385 12.66 -45.83 14.61
CA THR A 385 12.43 -47.11 15.24
C THR A 385 13.71 -47.78 15.73
N LYS A 386 14.85 -47.09 15.61
CA LYS A 386 16.10 -47.62 16.17
C LYS A 386 16.05 -47.60 17.69
N ASN A 387 15.67 -46.48 18.28
CA ASN A 387 15.55 -46.39 19.73
C ASN A 387 14.12 -46.67 20.20
N MET A 388 13.56 -47.79 19.71
CA MET A 388 12.28 -48.31 20.16
C MET A 388 12.21 -49.76 19.74
N LYS A 389 11.73 -50.62 20.62
CA LYS A 389 11.63 -52.05 20.33
C LYS A 389 10.26 -52.33 19.75
N LEU A 390 10.22 -52.64 18.46
CA LEU A 390 9.00 -53.09 17.81
C LEU A 390 8.73 -54.54 18.16
N ALA A 391 7.59 -55.05 17.71
CA ALA A 391 7.19 -56.42 17.96
C ALA A 391 7.74 -57.40 16.93
N ASP A 392 8.57 -56.91 15.99
CA ASP A 392 9.18 -57.69 14.91
C ASP A 392 8.12 -58.37 14.03
N ASP A 393 7.01 -57.67 13.82
CA ASP A 393 5.91 -58.18 13.01
C ASP A 393 5.60 -57.32 11.81
N VAL A 394 5.77 -56.00 11.91
CA VAL A 394 5.49 -55.12 10.79
C VAL A 394 6.63 -55.17 9.78
N ASP A 395 6.37 -54.62 8.59
CA ASP A 395 7.40 -54.53 7.57
C ASP A 395 8.12 -53.18 7.58
N LEU A 396 7.53 -52.16 8.23
CA LEU A 396 8.00 -50.77 8.22
C LEU A 396 8.15 -50.21 6.81
N GLU A 397 7.32 -50.70 5.88
CA GLU A 397 7.42 -50.29 4.48
C GLU A 397 6.01 -49.96 3.99
N GLN A 398 5.02 -50.64 4.60
CA GLN A 398 3.62 -50.34 4.31
C GLN A 398 3.26 -48.94 4.75
N VAL A 399 3.73 -48.52 5.93
CA VAL A 399 3.51 -47.16 6.39
C VAL A 399 4.28 -46.18 5.51
N ALA A 400 5.44 -46.61 4.98
CA ALA A 400 6.24 -45.76 4.12
C ALA A 400 5.54 -45.47 2.79
N ASN A 401 4.95 -46.49 2.16
CA ASN A 401 4.33 -46.23 0.87
C ASN A 401 2.82 -45.94 0.93
N GLU A 402 2.21 -45.98 2.11
CA GLU A 402 0.90 -45.35 2.29
C GLU A 402 0.96 -44.18 3.28
N THR A 403 2.00 -43.37 3.18
CA THR A 403 2.00 -42.01 3.70
C THR A 403 2.51 -41.08 2.60
N HIS A 404 1.71 -40.07 2.27
CA HIS A 404 2.02 -39.17 1.17
C HIS A 404 1.90 -37.73 1.66
N GLY A 405 2.96 -36.95 1.46
CA GLY A 405 2.99 -35.59 1.95
C GLY A 405 3.04 -35.53 3.46
N HIS A 406 4.12 -36.06 4.03
CA HIS A 406 4.29 -36.13 5.48
C HIS A 406 5.60 -35.48 5.87
N VAL A 407 5.55 -34.60 6.86
CA VAL A 407 6.75 -33.99 7.41
C VAL A 407 7.29 -34.93 8.48
N GLY A 408 8.56 -34.76 8.85
CA GLY A 408 9.20 -35.66 9.79
C GLY A 408 8.60 -35.64 11.18
N ALA A 409 8.15 -34.46 11.64
CA ALA A 409 7.47 -34.38 12.93
C ALA A 409 6.13 -35.10 12.91
N ASP A 410 5.46 -35.11 11.75
CA ASP A 410 4.25 -35.92 11.60
C ASP A 410 4.56 -37.41 11.68
N LEU A 411 5.72 -37.84 11.17
CA LEU A 411 6.09 -39.24 11.28
C LEU A 411 6.45 -39.61 12.71
N ALA A 412 7.10 -38.68 13.43
CA ALA A 412 7.37 -38.90 14.85
C ALA A 412 6.09 -38.98 15.66
N ALA A 413 5.12 -38.12 15.34
CA ALA A 413 3.82 -38.18 16.00
C ALA A 413 3.05 -39.45 15.63
N LEU A 414 3.23 -39.94 14.40
CA LEU A 414 2.57 -41.18 13.99
C LEU A 414 3.15 -42.38 14.73
N CYS A 415 4.47 -42.42 14.90
CA CYS A 415 5.09 -43.47 15.71
C CYS A 415 4.67 -43.38 17.17
N SER A 416 4.55 -42.15 17.68
CA SER A 416 4.09 -41.94 19.05
C SER A 416 2.65 -42.41 19.23
N GLU A 417 1.79 -42.12 18.26
CA GLU A 417 0.40 -42.53 18.36
C GLU A 417 0.24 -44.04 18.19
N ALA A 418 1.09 -44.67 17.38
CA ALA A 418 1.08 -46.13 17.29
C ALA A 418 1.52 -46.78 18.60
N ALA A 419 2.56 -46.22 19.24
CA ALA A 419 2.99 -46.73 20.53
C ALA A 419 1.95 -46.49 21.61
N LEU A 420 1.25 -45.36 21.55
CA LEU A 420 0.18 -45.09 22.51
C LEU A 420 -1.03 -45.99 22.27
N GLN A 421 -1.31 -46.34 21.02
CA GLN A 421 -2.37 -47.31 20.74
C GLN A 421 -1.99 -48.70 21.23
N ALA A 422 -0.70 -49.04 21.17
CA ALA A 422 -0.24 -50.29 21.78
C ALA A 422 -0.36 -50.24 23.30
N ILE A 423 -0.11 -49.08 23.90
CA ILE A 423 -0.17 -48.94 25.35
C ILE A 423 -1.62 -49.00 25.84
N ARG A 424 -2.55 -48.38 25.09
CA ARG A 424 -3.93 -48.18 25.54
C ARG A 424 -4.72 -49.47 25.70
N LYS A 425 -4.34 -50.55 25.02
CA LYS A 425 -5.02 -51.82 25.15
C LYS A 425 -4.39 -52.72 26.21
N LYS A 426 -3.73 -52.14 27.20
CA LYS A 426 -3.09 -52.89 28.27
C LYS A 426 -3.63 -52.45 29.61
N MET A 427 -3.56 -53.36 30.58
CA MET A 427 -4.01 -53.07 31.94
C MET A 427 -3.03 -52.11 32.63
N ASP A 428 -3.57 -51.15 33.37
CA ASP A 428 -2.77 -50.12 34.00
C ASP A 428 -2.19 -50.64 35.32
N LEU A 429 -0.88 -50.90 35.32
CA LEU A 429 -0.15 -51.22 36.54
C LEU A 429 1.23 -50.59 36.45
N ILE A 430 1.91 -50.51 37.60
CA ILE A 430 3.20 -49.82 37.67
C ILE A 430 4.38 -50.73 37.42
N ASP A 438 4.18 -52.04 37.36
CA ASP A 438 5.29 -52.96 37.20
C ASP A 438 5.74 -53.01 35.74
N ALA A 439 6.85 -53.72 35.50
CA ALA A 439 7.42 -53.87 34.16
C ALA A 439 6.75 -55.06 33.46
N GLU A 440 5.46 -54.90 33.19
CA GLU A 440 4.66 -55.91 32.50
C GLU A 440 4.47 -55.62 31.03
N VAL A 441 4.64 -54.37 30.60
CA VAL A 441 4.54 -54.00 29.20
C VAL A 441 5.78 -53.18 28.87
N MET A 442 6.59 -52.92 29.91
CA MET A 442 7.90 -52.32 29.71
C MET A 442 8.81 -53.25 28.92
N ASN A 443 8.95 -54.48 29.39
CA ASN A 443 9.73 -55.49 28.68
C ASN A 443 8.98 -56.06 27.48
N SER A 444 7.66 -56.22 27.60
CA SER A 444 6.84 -56.86 26.57
C SER A 444 6.08 -55.85 25.72
N LEU A 445 6.72 -54.73 25.39
CA LEU A 445 6.13 -53.76 24.48
C LEU A 445 6.01 -54.36 23.08
N ALA A 446 4.89 -54.07 22.42
CA ALA A 446 4.59 -54.70 21.14
C ALA A 446 3.71 -53.76 20.33
N VAL A 447 4.26 -53.20 19.25
CA VAL A 447 3.49 -52.38 18.32
C VAL A 447 3.19 -53.22 17.08
N THR A 448 1.96 -53.14 16.62
CA THR A 448 1.47 -53.97 15.52
C THR A 448 1.20 -53.11 14.29
N MET A 449 0.87 -53.78 13.19
CA MET A 449 0.50 -53.08 11.98
C MET A 449 -0.86 -52.39 12.13
N ASP A 450 -1.76 -52.99 12.91
CA ASP A 450 -3.07 -52.38 13.13
C ASP A 450 -2.97 -51.12 13.99
N ASP A 451 -2.03 -51.09 14.92
CA ASP A 451 -1.77 -49.88 15.69
C ASP A 451 -1.24 -48.77 14.79
N PHE A 452 -0.39 -49.13 13.83
CA PHE A 452 0.12 -48.14 12.87
C PHE A 452 -0.97 -47.68 11.92
N ARG A 453 -1.90 -48.57 11.54
CA ARG A 453 -3.03 -48.16 10.72
C ARG A 453 -3.97 -47.23 11.49
N TRP A 454 -4.15 -47.50 12.79
CA TRP A 454 -4.96 -46.62 13.63
C TRP A 454 -4.31 -45.26 13.82
N ALA A 455 -2.98 -45.24 13.97
CA ALA A 455 -2.26 -43.97 14.06
C ALA A 455 -2.26 -43.23 12.74
N LEU A 456 -2.23 -43.95 11.63
CA LEU A 456 -2.24 -43.34 10.30
C LEU A 456 -3.62 -42.79 9.97
N SER A 457 -4.67 -43.42 10.47
CA SER A 457 -6.03 -42.93 10.23
C SER A 457 -6.29 -41.64 11.00
N GLN A 458 -5.90 -41.60 12.27
CA GLN A 458 -6.07 -40.41 13.10
C GLN A 458 -4.80 -39.55 13.06
N SER A 459 -4.45 -39.12 11.86
CA SER A 459 -3.28 -38.28 11.64
C SER A 459 -3.70 -37.03 10.87
N ASN A 460 -2.95 -35.95 11.07
CA ASN A 460 -3.24 -34.66 10.44
C ASN A 460 -1.99 -34.17 9.71
N PRO A 461 -1.73 -34.69 8.51
CA PRO A 461 -0.55 -34.26 7.75
C PRO A 461 -0.80 -32.91 7.11
N SER A 462 -0.16 -31.87 7.66
CA SER A 462 -0.33 -30.53 7.12
C SER A 462 0.61 -30.23 5.96
N ALA A 463 1.44 -31.19 5.56
CA ALA A 463 2.23 -31.06 4.34
C ALA A 463 1.43 -31.39 3.09
N LEU A 464 0.19 -31.84 3.24
CA LEU A 464 -0.70 -32.01 2.10
C LEU A 464 -1.08 -30.65 1.52
N ARG A 465 -1.42 -30.66 0.23
CA ARG A 465 -1.76 -29.56 -0.69
C ARG A 465 -0.57 -28.67 -1.02
N GLU A 466 0.59 -28.88 -0.39
CA GLU A 466 1.82 -28.19 -0.77
C GLU A 466 2.29 -28.68 -2.14
N THR A 467 2.97 -27.80 -2.86
CA THR A 467 3.46 -28.10 -4.20
C THR A 467 4.62 -29.09 -4.08
N VAL A 468 4.31 -30.36 -4.29
CA VAL A 468 5.25 -31.45 -3.99
C VAL A 468 6.30 -31.55 -5.08
N VAL A 469 7.47 -32.05 -4.70
CA VAL A 469 8.50 -32.45 -5.64
C VAL A 469 8.83 -33.93 -5.37
N GLU A 470 8.82 -34.73 -6.43
CA GLU A 470 9.04 -36.17 -6.31
C GLU A 470 9.37 -36.73 -7.69
N VAL A 471 9.87 -37.96 -7.68
CA VAL A 471 9.93 -38.80 -8.87
C VAL A 471 8.91 -39.92 -8.68
N PRO A 472 7.82 -39.95 -9.44
CA PRO A 472 6.75 -40.92 -9.16
C PRO A 472 7.08 -42.35 -9.56
N GLN A 473 6.10 -43.25 -9.39
CA GLN A 473 6.28 -44.68 -9.64
C GLN A 473 5.10 -45.23 -10.45
N VAL A 474 4.71 -44.48 -11.49
CA VAL A 474 3.55 -44.83 -12.30
C VAL A 474 3.80 -45.93 -13.32
N THR A 475 5.03 -46.48 -13.38
CA THR A 475 5.40 -47.75 -14.03
C THR A 475 4.91 -47.96 -15.48
N TRP A 476 5.61 -47.35 -16.45
CA TRP A 476 5.28 -47.13 -17.87
C TRP A 476 4.47 -48.22 -18.57
N GLU A 477 4.74 -49.49 -18.22
CA GLU A 477 3.96 -50.62 -18.72
C GLU A 477 2.48 -50.53 -18.33
N ASP A 478 2.16 -49.88 -17.21
CA ASP A 478 0.76 -49.62 -16.85
C ASP A 478 0.08 -48.71 -17.87
N ILE A 479 0.79 -47.69 -18.35
CA ILE A 479 0.19 -46.76 -19.30
C ILE A 479 0.22 -47.43 -20.68
N GLY A 480 -0.95 -47.67 -21.26
CA GLY A 480 -1.01 -48.17 -22.61
C GLY A 480 -0.61 -47.10 -23.60
N GLY A 481 -1.44 -46.06 -23.74
CA GLY A 481 -1.18 -44.95 -24.62
C GLY A 481 -1.12 -45.37 -26.08
N LEU A 482 -0.31 -44.65 -26.85
CA LEU A 482 0.02 -45.04 -28.21
C LEU A 482 1.52 -45.18 -28.35
N GLU A 483 1.95 -46.10 -29.21
CA GLU A 483 3.36 -46.46 -29.31
C GLU A 483 4.18 -45.36 -29.96
N ASP A 484 3.69 -44.78 -31.06
CA ASP A 484 4.43 -43.74 -31.76
C ASP A 484 4.49 -42.46 -30.95
N VAL A 485 3.40 -42.13 -30.26
CA VAL A 485 3.35 -40.96 -29.38
C VAL A 485 4.32 -41.11 -28.23
N LYS A 486 4.35 -42.31 -27.62
CA LYS A 486 5.29 -42.58 -26.53
C LYS A 486 6.73 -42.53 -27.01
N ARG A 487 6.98 -43.04 -28.22
CA ARG A 487 8.32 -43.03 -28.79
C ARG A 487 8.80 -41.60 -29.06
N GLU A 488 7.92 -40.77 -29.62
CA GLU A 488 8.34 -39.40 -29.95
C GLU A 488 8.48 -38.54 -28.70
N LEU A 489 7.65 -38.77 -27.68
CA LEU A 489 7.86 -38.08 -26.42
C LEU A 489 9.10 -38.58 -25.69
N GLN A 490 9.45 -39.86 -25.86
CA GLN A 490 10.70 -40.39 -25.34
C GLN A 490 11.90 -39.70 -25.99
N GLU A 491 11.83 -39.50 -27.31
CA GLU A 491 12.81 -38.71 -28.04
C GLU A 491 12.92 -37.30 -27.45
N LEU A 492 11.83 -36.52 -27.57
CA LEU A 492 11.80 -35.10 -27.23
C LEU A 492 12.05 -34.79 -25.76
N VAL A 493 11.88 -35.76 -24.86
CA VAL A 493 12.22 -35.48 -23.48
C VAL A 493 13.59 -36.04 -23.17
N GLN A 494 13.77 -37.36 -23.26
CA GLN A 494 14.94 -37.98 -22.67
C GLN A 494 16.19 -37.83 -23.52
N TYR A 495 16.07 -37.81 -24.86
CA TYR A 495 17.27 -37.95 -25.68
C TYR A 495 18.17 -36.70 -25.71
N PRO A 496 17.66 -35.46 -25.62
CA PRO A 496 18.55 -34.37 -25.18
C PRO A 496 19.13 -34.55 -23.79
N VAL A 497 18.39 -35.16 -22.86
CA VAL A 497 18.82 -35.19 -21.46
C VAL A 497 19.86 -36.28 -21.23
N GLU A 498 19.50 -37.54 -21.48
CA GLU A 498 20.35 -38.66 -21.09
C GLU A 498 21.51 -38.89 -22.05
N HIS A 499 21.54 -38.22 -23.19
CA HIS A 499 22.69 -38.24 -24.11
C HIS A 499 23.17 -36.82 -24.29
N PRO A 500 24.06 -36.34 -23.41
CA PRO A 500 24.60 -34.99 -23.57
C PRO A 500 25.61 -34.87 -24.69
N ASP A 501 26.27 -35.98 -25.07
CA ASP A 501 27.18 -35.94 -26.21
C ASP A 501 26.42 -35.74 -27.52
N LYS A 502 25.21 -36.26 -27.60
CA LYS A 502 24.28 -35.92 -28.67
C LYS A 502 23.43 -34.70 -28.31
N PHE A 503 23.87 -33.89 -27.36
CA PHE A 503 23.22 -32.63 -27.01
C PHE A 503 24.21 -31.50 -26.79
N LEU A 504 25.51 -31.77 -26.70
CA LEU A 504 26.51 -30.72 -26.65
C LEU A 504 27.34 -30.62 -27.92
N LYS A 505 27.25 -31.62 -28.80
CA LYS A 505 28.04 -31.64 -30.02
C LYS A 505 27.24 -31.87 -31.29
N PHE A 506 26.07 -32.52 -31.23
CA PHE A 506 25.25 -32.72 -32.40
C PHE A 506 23.79 -32.47 -32.04
N GLY A 507 23.08 -31.81 -32.94
CA GLY A 507 21.69 -31.49 -32.70
C GLY A 507 21.27 -30.12 -33.20
N MET A 508 20.37 -29.48 -32.46
CA MET A 508 19.93 -28.12 -32.75
C MET A 508 19.42 -27.52 -31.44
N THR A 509 18.70 -26.41 -31.53
CA THR A 509 18.04 -25.84 -30.37
C THR A 509 16.91 -26.77 -29.92
N PRO A 510 16.82 -27.08 -28.63
CA PRO A 510 15.76 -27.98 -28.17
C PRO A 510 14.40 -27.30 -28.17
N SER A 511 13.40 -28.03 -28.64
CA SER A 511 12.02 -27.52 -28.68
C SER A 511 11.43 -27.71 -27.28
N LYS A 512 11.55 -26.66 -26.47
CA LYS A 512 11.03 -26.71 -25.11
C LYS A 512 9.50 -26.68 -25.13
N GLY A 513 8.89 -27.62 -24.42
CA GLY A 513 7.45 -27.63 -24.29
C GLY A 513 6.74 -28.56 -25.24
N VAL A 514 5.64 -29.15 -24.77
CA VAL A 514 4.76 -29.97 -25.59
C VAL A 514 3.35 -29.85 -25.01
N LEU A 515 2.36 -29.76 -25.90
CA LEU A 515 0.96 -29.61 -25.51
C LEU A 515 0.20 -30.87 -25.84
N PHE A 516 -0.73 -31.25 -24.96
CA PHE A 516 -1.55 -32.44 -25.12
C PHE A 516 -3.01 -32.04 -25.19
N TYR A 517 -3.74 -32.65 -26.11
CA TYR A 517 -5.17 -32.37 -26.27
C TYR A 517 -5.83 -33.55 -26.94
N GLY A 518 -7.15 -33.63 -26.79
CA GLY A 518 -7.91 -34.71 -27.35
C GLY A 518 -9.23 -34.90 -26.63
N PRO A 519 -9.67 -36.15 -26.49
CA PRO A 519 -10.78 -36.43 -25.59
C PRO A 519 -10.42 -36.09 -24.16
N PRO A 520 -11.40 -35.67 -23.35
CA PRO A 520 -11.07 -34.99 -22.08
C PRO A 520 -10.46 -35.88 -21.01
N GLY A 521 -10.50 -37.20 -21.16
CA GLY A 521 -9.91 -38.06 -20.16
C GLY A 521 -9.01 -39.14 -20.71
N CYS A 522 -8.83 -39.16 -22.03
CA CYS A 522 -8.23 -40.31 -22.72
C CYS A 522 -6.71 -40.29 -22.55
N GLY A 523 -6.25 -40.75 -21.38
CA GLY A 523 -4.86 -41.11 -21.17
C GLY A 523 -3.85 -39.99 -21.27
N LYS A 524 -4.25 -38.76 -20.92
CA LYS A 524 -3.36 -37.62 -21.07
C LYS A 524 -2.67 -37.21 -19.79
N THR A 525 -3.14 -37.67 -18.62
CA THR A 525 -2.51 -37.26 -17.37
C THR A 525 -1.29 -38.13 -17.06
N LEU A 526 -1.42 -39.44 -17.23
CA LEU A 526 -0.36 -40.34 -16.82
C LEU A 526 0.77 -40.44 -17.82
N LEU A 527 0.62 -39.89 -19.02
CA LEU A 527 1.70 -39.91 -20.00
C LEU A 527 2.87 -39.04 -19.55
N ALA A 528 2.58 -37.86 -19.01
CA ALA A 528 3.63 -37.01 -18.45
C ALA A 528 4.24 -37.63 -17.21
N LYS A 529 3.43 -38.37 -16.44
CA LYS A 529 3.93 -39.10 -15.28
C LYS A 529 4.93 -40.17 -15.70
N ALA A 530 4.62 -40.89 -16.77
CA ALA A 530 5.51 -41.92 -17.29
C ALA A 530 6.77 -41.31 -17.90
N ILE A 531 6.63 -40.13 -18.51
CA ILE A 531 7.79 -39.36 -18.98
C ILE A 531 8.71 -39.01 -17.82
N ALA A 532 8.12 -38.56 -16.70
CA ALA A 532 8.92 -38.25 -15.52
C ALA A 532 9.52 -39.50 -14.89
N ASN A 533 8.87 -40.65 -15.06
CA ASN A 533 9.43 -41.89 -14.53
C ASN A 533 10.68 -42.30 -15.30
N GLU A 534 10.54 -42.58 -16.60
CA GLU A 534 11.68 -43.04 -17.37
C GLU A 534 12.48 -41.93 -18.02
N CYS A 535 12.36 -40.70 -17.53
CA CYS A 535 13.42 -39.73 -17.67
C CYS A 535 14.21 -39.56 -16.37
N GLN A 536 13.63 -40.03 -15.25
CA GLN A 536 14.17 -39.91 -13.89
C GLN A 536 14.46 -38.46 -13.53
N ALA A 537 13.40 -37.67 -13.51
CA ALA A 537 13.46 -36.27 -13.15
C ALA A 537 12.33 -35.95 -12.20
N ASN A 538 12.41 -34.77 -11.57
CA ASN A 538 11.34 -34.32 -10.70
C ASN A 538 10.12 -33.95 -11.52
N PHE A 539 8.96 -33.95 -10.85
CA PHE A 539 7.68 -33.77 -11.52
C PHE A 539 6.81 -32.84 -10.69
N ILE A 540 6.90 -31.54 -10.96
CA ILE A 540 6.04 -30.55 -10.34
C ILE A 540 4.77 -30.47 -11.17
N SER A 541 3.64 -30.80 -10.55
CA SER A 541 2.35 -30.82 -11.22
C SER A 541 1.38 -29.90 -10.52
N ILE A 542 0.66 -29.09 -11.31
CA ILE A 542 -0.46 -28.30 -10.84
C ILE A 542 -1.66 -28.61 -11.74
N LYS A 543 -2.82 -28.82 -11.14
CA LYS A 543 -4.00 -29.25 -11.87
C LYS A 543 -5.04 -28.14 -11.83
N GLY A 544 -5.10 -27.37 -12.92
CA GLY A 544 -6.18 -26.45 -13.18
C GLY A 544 -6.30 -25.29 -12.20
N PRO A 545 -7.37 -25.30 -11.39
CA PRO A 545 -7.70 -24.14 -10.56
C PRO A 545 -6.81 -23.96 -9.33
N GLU A 546 -5.73 -24.73 -9.18
CA GLU A 546 -4.80 -24.52 -8.08
C GLU A 546 -4.10 -23.17 -8.20
N LEU A 547 -3.85 -22.73 -9.45
CA LEU A 547 -3.29 -21.41 -9.68
C LEU A 547 -4.24 -20.31 -9.21
N LEU A 548 -5.54 -20.46 -9.52
CA LEU A 548 -6.53 -19.46 -9.12
C LEU A 548 -6.72 -19.44 -7.60
N THR A 549 -6.71 -20.63 -6.99
CA THR A 549 -6.87 -20.73 -5.54
C THR A 549 -5.67 -20.14 -4.80
N MET A 550 -4.45 -20.43 -5.26
CA MET A 550 -3.28 -19.91 -4.59
C MET A 550 -3.06 -18.44 -4.90
N TRP A 551 -3.55 -17.94 -6.04
CA TRP A 551 -3.46 -16.52 -6.34
C TRP A 551 -4.43 -15.72 -5.50
N PHE A 552 -5.68 -16.19 -5.40
CA PHE A 552 -6.65 -15.46 -4.59
C PHE A 552 -6.43 -15.69 -3.10
N GLY A 553 -6.06 -16.90 -2.72
CA GLY A 553 -5.84 -17.22 -1.31
C GLY A 553 -4.49 -16.78 -0.79
N ALA A 557 4.34 -13.97 -8.16
CA ALA A 557 3.98 -14.27 -6.78
C ALA A 557 4.03 -15.78 -6.53
N ASN A 558 2.86 -16.40 -6.55
CA ASN A 558 2.79 -17.85 -6.39
C ASN A 558 3.39 -18.57 -7.58
N VAL A 559 3.19 -18.03 -8.79
CA VAL A 559 3.83 -18.56 -9.98
C VAL A 559 5.34 -18.35 -9.92
N ARG A 560 5.77 -17.23 -9.34
CA ARG A 560 7.19 -16.96 -9.12
C ARG A 560 7.80 -17.99 -8.18
N GLU A 561 7.09 -18.35 -7.11
CA GLU A 561 7.58 -19.39 -6.21
C GLU A 561 7.53 -20.77 -6.85
N ILE A 562 6.54 -21.02 -7.72
CA ILE A 562 6.45 -22.28 -8.46
C ILE A 562 7.66 -22.46 -9.37
N PHE A 563 8.01 -21.40 -10.11
CA PHE A 563 9.14 -21.51 -11.01
C PHE A 563 10.48 -21.45 -10.29
N ASP A 564 10.52 -20.81 -9.11
CA ASP A 564 11.71 -20.88 -8.26
C ASP A 564 11.94 -22.30 -7.77
N LYS A 565 10.88 -22.99 -7.35
CA LYS A 565 11.01 -24.39 -6.94
C LYS A 565 11.34 -25.29 -8.13
N ALA A 566 10.82 -24.96 -9.31
CA ALA A 566 11.12 -25.75 -10.51
C ALA A 566 12.58 -25.61 -10.92
N ARG A 567 13.12 -24.40 -10.84
CA ARG A 567 14.53 -24.22 -11.17
C ARG A 567 15.45 -24.73 -10.07
N GLN A 568 15.00 -24.70 -8.82
CA GLN A 568 15.82 -25.22 -7.73
C GLN A 568 15.85 -26.73 -7.69
N ALA A 569 14.78 -27.38 -8.16
CA ALA A 569 14.73 -28.84 -8.26
C ALA A 569 15.03 -29.31 -9.68
N ALA A 570 15.94 -28.61 -10.36
CA ALA A 570 16.29 -28.97 -11.73
C ALA A 570 17.08 -30.27 -11.76
N PRO A 571 16.81 -31.16 -12.74
CA PRO A 571 15.83 -31.07 -13.82
C PRO A 571 14.42 -31.42 -13.36
N CYS A 572 13.42 -30.86 -14.05
CA CYS A 572 12.03 -31.09 -13.68
C CYS A 572 11.15 -30.95 -14.91
N VAL A 573 9.96 -31.54 -14.83
CA VAL A 573 8.96 -31.45 -15.88
C VAL A 573 7.71 -30.84 -15.26
N LEU A 574 7.33 -29.66 -15.74
CA LEU A 574 6.11 -29.03 -15.29
C LEU A 574 4.91 -29.72 -15.93
N PHE A 575 3.79 -29.71 -15.22
CA PHE A 575 2.56 -30.34 -15.70
C PHE A 575 1.43 -29.32 -15.58
N PHE A 576 1.05 -28.72 -16.70
CA PHE A 576 -0.11 -27.82 -16.73
C PHE A 576 -1.36 -28.64 -17.06
N ASP A 577 -1.79 -29.40 -16.08
CA ASP A 577 -2.97 -30.23 -16.24
C ASP A 577 -4.23 -29.36 -16.20
N GLU A 578 -5.10 -29.57 -17.19
CA GLU A 578 -6.37 -28.87 -17.36
C GLU A 578 -6.19 -27.35 -17.45
N LEU A 579 -5.51 -26.95 -18.52
CA LEU A 579 -5.49 -25.55 -18.91
C LEU A 579 -6.84 -25.11 -19.48
N ASP A 580 -7.67 -26.07 -19.90
CA ASP A 580 -9.02 -25.78 -20.36
C ASP A 580 -9.92 -25.28 -19.23
N SER A 581 -9.67 -25.73 -18.00
CA SER A 581 -10.57 -25.41 -16.89
C SER A 581 -10.43 -23.96 -16.45
N ILE A 582 -9.21 -23.42 -16.45
CA ILE A 582 -9.02 -22.02 -16.06
C ILE A 582 -9.40 -21.05 -17.17
N ALA A 583 -9.63 -21.54 -18.38
CA ALA A 583 -10.09 -20.69 -19.47
C ALA A 583 -11.61 -20.51 -19.47
N LYS A 584 -12.33 -21.26 -18.63
CA LYS A 584 -13.76 -21.04 -18.43
C LYS A 584 -14.04 -20.03 -17.32
N ALA A 585 -13.00 -19.44 -16.73
CA ALA A 585 -13.19 -18.40 -15.73
C ALA A 585 -13.53 -17.05 -16.35
N ARG A 586 -13.44 -16.91 -17.66
CA ARG A 586 -13.79 -15.67 -18.35
C ARG A 586 -15.29 -15.42 -18.34
N GLY A 595 -12.51 -9.02 -17.34
CA GLY A 595 -11.94 -10.24 -17.86
C GLY A 595 -12.19 -11.44 -16.97
N ALA A 596 -12.55 -11.15 -15.71
CA ALA A 596 -12.87 -12.12 -14.66
C ALA A 596 -11.71 -13.11 -14.43
N ALA A 597 -10.59 -12.54 -13.97
CA ALA A 597 -9.40 -13.27 -13.50
C ALA A 597 -8.76 -14.13 -14.61
N ASP A 598 -8.60 -13.53 -15.78
CA ASP A 598 -7.73 -14.07 -16.81
C ASP A 598 -6.33 -13.49 -16.73
N ARG A 599 -6.04 -12.69 -15.69
CA ARG A 599 -4.78 -12.00 -15.56
C ARG A 599 -3.62 -12.92 -15.20
N VAL A 600 -3.91 -14.13 -14.72
CA VAL A 600 -2.83 -15.01 -14.28
C VAL A 600 -2.20 -15.79 -15.42
N ILE A 601 -2.92 -16.02 -16.52
CA ILE A 601 -2.35 -16.84 -17.60
C ILE A 601 -1.31 -16.06 -18.38
N ASN A 602 -1.44 -14.74 -18.46
CA ASN A 602 -0.39 -13.96 -19.10
C ASN A 602 0.84 -13.85 -18.21
N GLN A 603 0.66 -13.91 -16.89
CA GLN A 603 1.82 -13.94 -16.00
C GLN A 603 2.47 -15.32 -16.01
N ILE A 604 1.68 -16.38 -16.28
CA ILE A 604 2.23 -17.70 -16.57
C ILE A 604 3.14 -17.66 -17.79
N LEU A 605 2.66 -17.05 -18.88
CA LEU A 605 3.48 -16.95 -20.07
C LEU A 605 4.60 -15.93 -19.92
N THR A 606 4.48 -14.99 -18.98
CA THR A 606 5.57 -14.08 -18.67
C THR A 606 6.71 -14.82 -18.00
N GLU A 607 6.40 -15.64 -17.00
CA GLU A 607 7.46 -16.39 -16.33
C GLU A 607 7.96 -17.56 -17.17
N MET A 608 7.15 -18.07 -18.09
CA MET A 608 7.62 -19.16 -18.95
C MET A 608 8.54 -18.62 -20.05
N ASP A 609 8.30 -17.40 -20.52
CA ASP A 609 9.21 -16.79 -21.48
C ASP A 609 10.49 -16.30 -20.80
N GLY A 610 10.50 -16.19 -19.48
CA GLY A 610 11.71 -15.87 -18.75
C GLY A 610 12.46 -17.11 -18.31
N MET A 611 12.47 -18.13 -19.15
CA MET A 611 13.20 -19.37 -18.89
C MET A 611 14.24 -19.55 -19.99
N SER A 612 15.49 -19.77 -19.60
CA SER A 612 16.53 -20.03 -20.58
C SER A 612 16.43 -21.47 -21.09
N THR A 613 17.08 -21.71 -22.23
CA THR A 613 17.05 -23.03 -22.84
C THR A 613 17.83 -24.07 -22.05
N LYS A 614 18.76 -23.63 -21.20
CA LYS A 614 19.50 -24.53 -20.34
C LYS A 614 18.77 -24.69 -19.02
N LYS A 615 19.48 -25.26 -18.02
CA LYS A 615 19.03 -25.66 -16.69
C LYS A 615 17.99 -26.77 -16.69
N ASN A 616 17.71 -27.38 -17.85
CA ASN A 616 17.04 -28.67 -18.01
C ASN A 616 15.63 -28.68 -17.43
N VAL A 617 14.94 -27.57 -17.52
CA VAL A 617 13.55 -27.51 -17.10
C VAL A 617 12.68 -27.86 -18.31
N PHE A 618 11.55 -28.48 -18.04
CA PHE A 618 10.64 -28.91 -19.09
C PHE A 618 9.22 -28.56 -18.68
N ILE A 619 8.36 -28.33 -19.66
CA ILE A 619 7.01 -27.87 -19.40
C ILE A 619 6.04 -28.63 -20.31
N ILE A 620 4.90 -29.03 -19.75
CA ILE A 620 3.89 -29.81 -20.45
C ILE A 620 2.53 -29.19 -20.17
N GLY A 621 1.79 -28.88 -21.22
CA GLY A 621 0.44 -28.34 -21.11
C GLY A 621 -0.60 -29.37 -21.50
N ALA A 622 -1.67 -29.44 -20.72
CA ALA A 622 -2.76 -30.39 -20.95
C ALA A 622 -4.08 -29.64 -21.00
N THR A 623 -4.93 -30.03 -21.96
CA THR A 623 -6.20 -29.35 -22.16
C THR A 623 -7.20 -30.31 -22.80
N ASN A 624 -8.48 -29.99 -22.65
CA ASN A 624 -9.56 -30.82 -23.15
C ASN A 624 -10.30 -30.19 -24.32
N ARG A 625 -10.86 -29.00 -24.13
CA ARG A 625 -11.66 -28.35 -25.17
C ARG A 625 -10.87 -27.19 -25.75
N PRO A 626 -10.37 -27.29 -26.98
CA PRO A 626 -9.40 -26.31 -27.47
C PRO A 626 -10.01 -25.07 -28.11
N ASP A 627 -11.29 -24.80 -27.88
CA ASP A 627 -11.88 -23.59 -28.46
C ASP A 627 -11.46 -22.34 -27.69
N ILE A 628 -11.07 -22.49 -26.42
CA ILE A 628 -10.74 -21.38 -25.55
C ILE A 628 -9.26 -21.51 -25.19
N ILE A 629 -8.46 -21.93 -26.17
CA ILE A 629 -7.07 -22.34 -25.99
C ILE A 629 -6.13 -21.19 -25.65
N ASP A 630 -6.63 -19.94 -25.64
CA ASP A 630 -5.91 -18.71 -25.36
C ASP A 630 -4.72 -18.57 -26.30
N PRO A 631 -4.95 -18.10 -27.55
CA PRO A 631 -4.01 -18.32 -28.68
C PRO A 631 -2.57 -17.85 -28.56
N ALA A 632 -2.18 -17.24 -27.45
CA ALA A 632 -0.77 -16.95 -27.17
C ALA A 632 0.02 -18.19 -26.78
N ILE A 633 -0.63 -19.33 -26.54
CA ILE A 633 0.06 -20.56 -26.18
C ILE A 633 0.89 -21.07 -27.35
N LEU A 634 0.25 -21.26 -28.50
CA LEU A 634 0.78 -22.11 -29.56
C LEU A 634 1.87 -21.45 -30.40
N ARG A 635 2.10 -20.15 -30.23
CA ARG A 635 3.11 -19.45 -31.02
C ARG A 635 4.52 -19.94 -30.67
N PRO A 636 5.44 -19.93 -31.64
CA PRO A 636 6.79 -20.46 -31.39
C PRO A 636 7.58 -19.63 -30.39
N GLY A 637 8.57 -20.29 -29.77
CA GLY A 637 9.24 -19.77 -28.61
C GLY A 637 8.56 -20.10 -27.30
N ARG A 638 7.32 -20.58 -27.37
CA ARG A 638 6.47 -20.92 -26.24
C ARG A 638 6.15 -22.41 -26.34
N LEU A 639 5.15 -22.85 -25.56
CA LEU A 639 4.64 -24.22 -25.63
C LEU A 639 4.10 -24.49 -27.02
N ASP A 640 4.80 -25.31 -27.79
CA ASP A 640 4.59 -25.34 -29.24
C ASP A 640 4.40 -26.73 -29.83
N GLN A 641 4.87 -27.80 -29.19
CA GLN A 641 4.82 -29.13 -29.80
C GLN A 641 3.42 -29.68 -29.68
N LEU A 642 2.71 -29.77 -30.81
CA LEU A 642 1.35 -30.28 -30.83
C LEU A 642 1.38 -31.81 -30.82
N ILE A 643 0.69 -32.41 -29.87
CA ILE A 643 0.51 -33.86 -29.81
C ILE A 643 -0.97 -34.13 -29.64
N TYR A 644 -1.55 -34.89 -30.57
CA TYR A 644 -2.95 -35.25 -30.53
C TYR A 644 -3.08 -36.66 -29.99
N ILE A 645 -3.83 -36.83 -28.91
CA ILE A 645 -4.04 -38.12 -28.29
C ILE A 645 -5.28 -38.75 -28.90
N PRO A 646 -5.17 -39.85 -29.63
CA PRO A 646 -6.36 -40.48 -30.21
C PRO A 646 -6.99 -41.48 -29.28
N LEU A 647 -8.02 -42.18 -29.79
CA LEU A 647 -8.66 -43.25 -29.06
C LEU A 647 -7.68 -44.40 -28.79
N PRO A 648 -7.78 -45.06 -27.64
CA PRO A 648 -6.77 -46.04 -27.25
C PRO A 648 -6.93 -47.35 -28.00
N ASP A 649 -5.91 -48.20 -27.85
CA ASP A 649 -5.85 -49.48 -28.53
C ASP A 649 -6.65 -50.52 -27.76
N GLU A 650 -6.80 -51.70 -28.36
CA GLU A 650 -7.62 -52.77 -27.81
C GLU A 650 -7.02 -53.39 -26.55
N LYS A 651 -5.71 -53.29 -26.34
CA LYS A 651 -5.06 -53.91 -25.19
C LYS A 651 -4.88 -52.92 -24.04
N SER A 652 -5.71 -51.88 -23.98
CA SER A 652 -5.63 -50.92 -22.88
C SER A 652 -6.17 -51.48 -21.57
N ARG A 653 -7.02 -52.51 -21.64
CA ARG A 653 -7.62 -53.10 -20.45
C ARG A 653 -6.68 -54.05 -19.71
N VAL A 654 -5.58 -54.46 -20.35
CA VAL A 654 -4.74 -55.53 -19.81
C VAL A 654 -3.97 -55.06 -18.58
N ALA A 655 -3.42 -53.85 -18.63
CA ALA A 655 -2.56 -53.37 -17.55
C ALA A 655 -3.33 -52.82 -16.36
N ILE A 656 -4.67 -52.78 -16.44
CA ILE A 656 -5.48 -52.26 -15.34
C ILE A 656 -5.44 -53.19 -14.13
N LEU A 657 -5.35 -54.50 -14.36
CA LEU A 657 -5.34 -55.49 -13.28
C LEU A 657 -4.01 -55.58 -12.54
N LYS A 658 -3.02 -54.78 -12.92
CA LYS A 658 -1.70 -54.84 -12.28
C LYS A 658 -1.75 -54.36 -10.83
N ALA A 659 -2.35 -53.20 -10.59
CA ALA A 659 -2.61 -52.76 -9.21
C ALA A 659 -3.80 -53.54 -8.66
N ASN A 660 -3.74 -53.85 -7.37
CA ASN A 660 -4.71 -54.78 -6.77
C ASN A 660 -4.91 -54.46 -5.29
N LEU A 661 -6.20 -54.27 -4.87
CA LEU A 661 -6.44 -53.74 -3.52
C LEU A 661 -7.77 -54.16 -2.82
N ARG A 662 -8.33 -55.38 -3.05
CA ARG A 662 -9.54 -55.73 -2.28
C ARG A 662 -9.59 -57.19 -1.79
N LYS A 663 -8.45 -57.87 -1.77
CA LYS A 663 -8.17 -59.25 -1.32
C LYS A 663 -9.17 -60.31 -1.82
N SER A 664 -9.09 -60.53 -3.13
CA SER A 664 -9.31 -61.86 -3.69
C SER A 664 -8.50 -61.94 -4.98
N PRO A 665 -8.15 -63.16 -5.44
CA PRO A 665 -7.35 -63.32 -6.66
C PRO A 665 -7.95 -62.68 -7.90
N VAL A 666 -7.05 -62.23 -8.78
CA VAL A 666 -7.30 -61.25 -9.83
C VAL A 666 -8.18 -61.81 -10.94
N ALA A 667 -8.62 -60.93 -11.85
CA ALA A 667 -9.26 -61.37 -13.07
C ALA A 667 -8.26 -62.12 -13.94
N LYS A 668 -8.65 -63.32 -14.38
CA LYS A 668 -7.71 -64.22 -15.04
C LYS A 668 -8.51 -65.22 -15.86
N ASP A 669 -7.96 -65.59 -17.02
CA ASP A 669 -8.49 -66.61 -17.94
C ASP A 669 -9.91 -66.27 -18.42
N VAL A 670 -10.17 -64.98 -18.60
CA VAL A 670 -11.44 -64.52 -19.15
C VAL A 670 -11.16 -63.89 -20.50
N ASP A 671 -12.21 -63.45 -21.19
CA ASP A 671 -12.08 -62.90 -22.53
C ASP A 671 -11.73 -61.40 -22.42
N LEU A 672 -10.43 -61.11 -22.29
CA LEU A 672 -10.00 -59.72 -22.20
C LEU A 672 -10.15 -59.01 -23.53
N GLU A 673 -9.72 -59.64 -24.62
CA GLU A 673 -9.74 -58.98 -25.91
C GLU A 673 -11.10 -59.04 -26.59
N PHE A 674 -12.02 -59.89 -26.13
CA PHE A 674 -13.31 -59.99 -26.79
C PHE A 674 -14.25 -58.87 -26.41
N LEU A 675 -14.04 -58.22 -25.25
CA LEU A 675 -14.74 -56.98 -24.96
C LEU A 675 -14.31 -55.88 -25.92
N ALA A 676 -13.02 -55.85 -26.27
CA ALA A 676 -12.54 -54.96 -27.30
C ALA A 676 -13.02 -55.37 -28.69
N LYS A 677 -13.31 -56.66 -28.89
CA LYS A 677 -13.88 -57.11 -30.16
C LYS A 677 -15.30 -56.58 -30.34
N MET A 678 -16.06 -56.47 -29.23
CA MET A 678 -17.38 -55.86 -29.30
C MET A 678 -17.32 -54.37 -29.54
N THR A 679 -16.17 -53.73 -29.27
CA THR A 679 -15.90 -52.30 -29.47
C THR A 679 -16.91 -51.41 -28.72
N ASN A 680 -17.38 -51.88 -27.57
CA ASN A 680 -18.30 -51.12 -26.75
C ASN A 680 -17.56 -50.54 -25.57
N GLY A 681 -17.94 -49.32 -25.17
CA GLY A 681 -17.11 -48.54 -24.30
C GLY A 681 -15.90 -47.95 -24.99
N PHE A 682 -15.88 -47.97 -26.31
CA PHE A 682 -14.74 -47.54 -27.12
C PHE A 682 -14.79 -46.04 -27.39
N SER A 683 -14.88 -45.25 -26.32
CA SER A 683 -14.87 -43.79 -26.41
C SER A 683 -13.81 -43.30 -25.42
N GLY A 684 -12.57 -43.29 -25.88
CA GLY A 684 -11.48 -42.81 -25.05
C GLY A 684 -11.16 -43.74 -23.90
N ALA A 685 -10.88 -43.14 -22.76
CA ALA A 685 -10.51 -43.85 -21.53
C ALA A 685 -11.72 -44.41 -20.81
N ASP A 686 -11.53 -44.65 -19.51
CA ASP A 686 -12.58 -44.91 -18.52
C ASP A 686 -13.16 -46.32 -18.70
N LEU A 687 -12.31 -47.23 -19.19
CA LEU A 687 -12.58 -48.66 -19.11
C LEU A 687 -12.35 -49.18 -17.70
N THR A 688 -11.63 -48.41 -16.88
CA THR A 688 -11.54 -48.69 -15.46
C THR A 688 -12.88 -48.57 -14.75
N GLU A 689 -13.84 -47.83 -15.32
CA GLU A 689 -15.21 -47.89 -14.81
C GLU A 689 -15.81 -49.28 -14.98
N ILE A 690 -15.57 -49.91 -16.13
CA ILE A 690 -16.04 -51.27 -16.36
C ILE A 690 -15.34 -52.24 -15.41
N CYS A 691 -14.02 -52.08 -15.25
CA CYS A 691 -13.26 -52.94 -14.34
C CYS A 691 -13.70 -52.79 -12.90
N GLN A 692 -13.90 -51.54 -12.45
CA GLN A 692 -14.35 -51.26 -11.10
C GLN A 692 -15.78 -51.73 -10.86
N ARG A 693 -16.65 -51.63 -11.87
CA ARG A 693 -18.01 -52.11 -11.74
C ARG A 693 -18.05 -53.62 -11.61
N ALA A 694 -17.25 -54.33 -12.42
CA ALA A 694 -17.20 -55.79 -12.32
C ALA A 694 -16.61 -56.24 -10.99
N CYS A 695 -15.58 -55.55 -10.50
CA CYS A 695 -15.00 -55.94 -9.22
C CYS A 695 -15.90 -55.55 -8.04
N LYS A 696 -16.73 -54.50 -8.18
CA LYS A 696 -17.72 -54.20 -7.16
C LYS A 696 -18.82 -55.25 -7.13
N LEU A 697 -19.20 -55.78 -8.30
CA LEU A 697 -20.11 -56.93 -8.34
C LEU A 697 -19.50 -58.15 -7.67
N ALA A 698 -18.18 -58.34 -7.86
CA ALA A 698 -17.46 -59.40 -7.15
C ALA A 698 -17.48 -59.19 -5.64
N ILE A 699 -17.35 -57.94 -5.20
CA ILE A 699 -17.39 -57.64 -3.77
C ILE A 699 -18.78 -57.90 -3.21
N ARG A 700 -19.83 -57.59 -3.99
CA ARG A 700 -21.20 -57.93 -3.59
C ARG A 700 -21.40 -59.43 -3.47
N GLU A 701 -20.83 -60.20 -4.42
CA GLU A 701 -20.88 -61.66 -4.35
C GLU A 701 -20.16 -62.19 -3.10
N SER A 702 -19.00 -61.61 -2.79
CA SER A 702 -18.24 -62.02 -1.61
C SER A 702 -18.99 -61.68 -0.32
N ILE A 703 -19.63 -60.51 -0.26
CA ILE A 703 -20.34 -60.15 0.97
C ILE A 703 -21.64 -60.94 1.10
N GLU A 704 -22.24 -61.39 0.00
CA GLU A 704 -23.39 -62.28 0.11
C GLU A 704 -22.97 -63.68 0.56
N SER A 705 -21.79 -64.13 0.12
CA SER A 705 -21.25 -65.39 0.63
C SER A 705 -20.93 -65.30 2.11
N GLU A 706 -20.40 -64.15 2.54
CA GLU A 706 -20.16 -63.92 3.96
C GLU A 706 -21.47 -63.89 4.76
N ILE A 707 -22.52 -63.32 4.17
CA ILE A 707 -23.83 -63.25 4.83
C ILE A 707 -24.42 -64.65 5.02
N ARG A 708 -24.34 -65.50 3.99
CA ARG A 708 -24.86 -66.86 4.16
C ARG A 708 -23.98 -67.71 5.08
N ARG A 709 -22.67 -67.44 5.11
CA ARG A 709 -21.79 -68.12 6.07
C ARG A 709 -22.13 -67.73 7.50
N GLU A 710 -22.43 -66.44 7.73
CA GLU A 710 -22.86 -66.03 9.06
C GLU A 710 -24.27 -66.52 9.38
N ARG A 711 -25.08 -66.77 8.35
CA ARG A 711 -26.42 -67.32 8.57
C ARG A 711 -26.35 -68.77 9.02
N GLU A 712 -25.52 -69.58 8.37
CA GLU A 712 -25.49 -71.01 8.67
C GLU A 712 -24.81 -71.32 10.00
N ARG A 713 -23.98 -70.42 10.50
CA ARG A 713 -23.27 -70.65 11.75
C ARG A 713 -23.57 -69.56 12.77
N ASP A 726 -13.79 -70.13 1.63
CA ASP A 726 -13.93 -70.29 0.18
C ASP A 726 -15.16 -69.54 -0.37
N PRO A 727 -15.03 -68.23 -0.57
CA PRO A 727 -16.16 -67.43 -1.05
C PRO A 727 -16.23 -67.33 -2.57
N VAL A 728 -15.57 -68.26 -3.27
CA VAL A 728 -15.26 -68.23 -4.71
C VAL A 728 -14.55 -66.90 -5.00
N PRO A 729 -13.25 -66.79 -4.66
CA PRO A 729 -12.58 -65.50 -4.70
C PRO A 729 -12.33 -64.95 -6.10
N GLU A 730 -11.85 -65.82 -7.01
CA GLU A 730 -11.51 -65.41 -8.36
C GLU A 730 -12.78 -65.18 -9.17
N ILE A 731 -12.79 -64.10 -9.96
CA ILE A 731 -13.99 -63.69 -10.68
C ILE A 731 -14.20 -64.54 -11.93
N ARG A 732 -15.46 -64.91 -12.14
CA ARG A 732 -15.94 -65.55 -13.36
C ARG A 732 -16.46 -64.49 -14.32
N ARG A 733 -16.85 -64.93 -15.51
CA ARG A 733 -17.14 -64.04 -16.62
C ARG A 733 -18.48 -63.31 -16.47
N ASP A 734 -19.34 -63.78 -15.56
CA ASP A 734 -20.72 -63.28 -15.46
C ASP A 734 -20.78 -61.82 -15.01
N HIS A 735 -19.93 -61.43 -14.07
CA HIS A 735 -19.94 -60.04 -13.63
C HIS A 735 -19.30 -59.12 -14.66
N PHE A 736 -18.35 -59.63 -15.46
CA PHE A 736 -17.86 -58.88 -16.61
C PHE A 736 -18.95 -58.67 -17.65
N GLU A 737 -19.79 -59.69 -17.87
CA GLU A 737 -20.93 -59.56 -18.77
C GLU A 737 -21.94 -58.54 -18.26
N GLU A 738 -22.21 -58.56 -16.95
CA GLU A 738 -23.17 -57.61 -16.39
C GLU A 738 -22.62 -56.18 -16.39
N ALA A 739 -21.30 -56.02 -16.18
CA ALA A 739 -20.70 -54.71 -16.32
C ALA A 739 -20.68 -54.24 -17.77
N MET A 740 -20.59 -55.19 -18.72
CA MET A 740 -20.78 -54.85 -20.13
C MET A 740 -22.21 -54.39 -20.41
N ARG A 741 -23.19 -54.96 -19.69
CA ARG A 741 -24.57 -54.51 -19.85
C ARG A 741 -24.76 -53.08 -19.33
N PHE A 742 -24.11 -52.76 -18.21
CA PHE A 742 -24.19 -51.41 -17.64
C PHE A 742 -22.99 -50.58 -18.09
N ALA A 743 -22.82 -50.46 -19.41
CA ALA A 743 -21.70 -49.74 -20.00
C ALA A 743 -22.22 -48.55 -20.79
N ARG A 744 -21.59 -47.39 -20.58
CA ARG A 744 -21.92 -46.18 -21.32
C ARG A 744 -20.68 -45.62 -21.98
N ARG A 745 -20.88 -45.04 -23.16
CA ARG A 745 -19.82 -44.28 -23.81
C ARG A 745 -19.57 -42.99 -23.03
N SER A 746 -18.29 -42.65 -22.86
CA SER A 746 -17.95 -41.47 -22.08
C SER A 746 -18.02 -40.18 -22.89
N VAL A 747 -17.72 -40.26 -24.19
CA VAL A 747 -17.78 -39.10 -25.07
C VAL A 747 -18.60 -39.47 -26.30
N SER A 748 -19.21 -38.48 -26.92
CA SER A 748 -20.09 -38.69 -28.05
C SER A 748 -19.30 -38.78 -29.35
N ASP A 749 -19.93 -39.37 -30.37
CA ASP A 749 -19.32 -39.43 -31.69
C ASP A 749 -19.28 -38.06 -32.36
N ASN A 750 -20.21 -37.17 -31.99
CA ASN A 750 -20.16 -35.79 -32.46
C ASN A 750 -18.90 -35.08 -31.98
N ASP A 751 -18.53 -35.32 -30.72
CA ASP A 751 -17.30 -34.72 -30.20
C ASP A 751 -16.06 -35.40 -30.77
N ILE A 752 -16.18 -36.66 -31.19
CA ILE A 752 -15.11 -37.32 -31.94
C ILE A 752 -14.92 -36.62 -33.29
N ARG A 753 -16.03 -36.27 -33.94
CA ARG A 753 -15.94 -35.49 -35.18
C ARG A 753 -15.39 -34.09 -34.93
N LYS A 754 -15.72 -33.49 -33.78
CA LYS A 754 -15.19 -32.17 -33.43
C LYS A 754 -13.68 -32.21 -33.22
N TYR A 755 -13.18 -33.23 -32.52
CA TYR A 755 -11.74 -33.37 -32.33
C TYR A 755 -11.04 -33.83 -33.60
N GLU A 756 -11.75 -34.50 -34.50
CA GLU A 756 -11.21 -34.75 -35.83
C GLU A 756 -11.06 -33.45 -36.61
N MET A 757 -12.02 -32.55 -36.47
CA MET A 757 -11.90 -31.22 -37.03
C MET A 757 -10.82 -30.39 -36.33
N PHE A 758 -10.47 -30.74 -35.10
CA PHE A 758 -9.39 -30.08 -34.37
C PHE A 758 -8.05 -30.76 -34.58
N ALA A 759 -7.90 -31.57 -35.63
CA ALA A 759 -6.59 -32.15 -35.94
C ALA A 759 -5.61 -31.08 -36.39
N GLN A 760 -6.05 -30.16 -37.25
CA GLN A 760 -5.25 -29.01 -37.65
C GLN A 760 -5.68 -27.80 -36.82
N THR A 761 -5.43 -27.90 -35.52
CA THR A 761 -5.74 -26.83 -34.58
C THR A 761 -4.59 -25.85 -34.42
N LEU A 762 -3.52 -25.99 -35.20
CA LEU A 762 -2.41 -25.06 -35.13
C LEU A 762 -2.68 -23.76 -35.87
N GLN A 763 -3.79 -23.66 -36.59
CA GLN A 763 -4.18 -22.41 -37.24
C GLN A 763 -4.63 -21.43 -36.16
N GLN A 764 -3.75 -20.51 -35.79
CA GLN A 764 -4.02 -19.58 -34.71
C GLN A 764 -3.73 -18.16 -35.18
N SER A 765 -3.97 -17.20 -34.29
CA SER A 765 -3.94 -15.76 -34.54
C SER A 765 -4.86 -15.35 -35.68
N ARG A 766 -6.00 -16.01 -35.81
CA ARG A 766 -7.07 -15.63 -36.70
C ARG A 766 -8.37 -15.67 -35.90
N GLY A 767 -9.37 -14.95 -36.39
CA GLY A 767 -10.67 -14.95 -35.74
C GLY A 767 -11.37 -16.29 -35.84
N PHE A 768 -12.37 -16.47 -34.97
CA PHE A 768 -12.97 -17.78 -34.78
C PHE A 768 -13.82 -18.19 -35.98
N GLY A 769 -14.54 -17.24 -36.58
CA GLY A 769 -15.35 -17.54 -37.74
C GLY A 769 -16.59 -18.35 -37.46
N SER A 770 -17.06 -18.34 -36.21
CA SER A 770 -18.25 -18.99 -35.65
C SER A 770 -18.17 -20.52 -35.60
N PHE A 771 -17.10 -21.14 -36.12
CA PHE A 771 -16.80 -22.57 -36.06
C PHE A 771 -17.93 -23.41 -36.67
N ARG A 772 -18.08 -23.26 -37.98
CA ARG A 772 -19.13 -23.96 -38.72
C ARG A 772 -18.87 -25.47 -38.83
N LEU B 198 -14.64 -25.23 48.72
CA LEU B 198 -14.76 -26.49 48.02
C LEU B 198 -14.49 -26.31 46.53
N ASN B 199 -15.57 -26.04 45.78
CA ASN B 199 -15.58 -25.90 44.32
C ASN B 199 -15.00 -27.14 43.64
N GLU B 200 -15.33 -28.31 44.18
CA GLU B 200 -14.82 -29.57 43.64
C GLU B 200 -15.63 -29.96 42.41
N VAL B 201 -14.92 -30.33 41.34
CA VAL B 201 -15.55 -30.81 40.12
C VAL B 201 -14.92 -32.16 39.75
N GLY B 202 -15.77 -33.11 39.41
CA GLY B 202 -15.32 -34.45 39.09
C GLY B 202 -15.08 -34.65 37.61
N TYR B 203 -14.53 -35.82 37.29
CA TYR B 203 -14.27 -36.17 35.89
C TYR B 203 -15.55 -36.35 35.10
N ASP B 204 -16.57 -36.98 35.71
CA ASP B 204 -17.82 -37.26 35.04
C ASP B 204 -18.84 -36.13 35.16
N ASP B 205 -18.38 -34.90 35.40
CA ASP B 205 -19.24 -33.74 35.50
C ASP B 205 -19.43 -33.04 34.15
N ILE B 206 -19.07 -33.70 33.06
CA ILE B 206 -19.22 -33.17 31.71
C ILE B 206 -20.17 -34.08 30.94
N GLY B 207 -21.12 -33.48 30.24
CA GLY B 207 -22.11 -34.23 29.49
C GLY B 207 -21.71 -34.40 28.03
N GLY B 208 -22.08 -35.54 27.47
CA GLY B 208 -21.91 -35.79 26.04
C GLY B 208 -20.53 -36.13 25.53
N CYS B 209 -19.54 -35.29 25.83
CA CYS B 209 -18.19 -35.45 25.29
C CYS B 209 -17.39 -36.40 26.18
N ARG B 210 -17.75 -37.69 26.09
CA ARG B 210 -16.98 -38.72 26.77
C ARG B 210 -15.72 -39.09 25.99
N LYS B 211 -15.78 -39.02 24.66
CA LYS B 211 -14.66 -39.45 23.81
C LYS B 211 -13.51 -38.45 23.85
N GLN B 212 -13.82 -37.15 23.75
CA GLN B 212 -12.78 -36.14 23.79
C GLN B 212 -12.16 -36.03 25.18
N LEU B 213 -12.99 -36.18 26.21
CA LEU B 213 -12.47 -36.22 27.56
C LEU B 213 -11.66 -37.48 27.81
N ALA B 214 -12.00 -38.59 27.13
CA ALA B 214 -11.17 -39.78 27.17
C ALA B 214 -9.83 -39.54 26.50
N GLN B 215 -9.82 -38.76 25.40
CA GLN B 215 -8.56 -38.40 24.74
C GLN B 215 -7.69 -37.54 25.65
N ILE B 216 -8.30 -36.59 26.36
CA ILE B 216 -7.56 -35.75 27.31
C ILE B 216 -7.06 -36.59 28.48
N LYS B 217 -7.86 -37.59 28.91
CA LYS B 217 -7.44 -38.49 29.97
C LYS B 217 -6.28 -39.38 29.53
N GLU B 218 -6.26 -39.77 28.25
CA GLU B 218 -5.13 -40.54 27.73
C GLU B 218 -3.89 -39.65 27.58
N MET B 219 -4.09 -38.35 27.36
CA MET B 219 -2.95 -37.44 27.31
C MET B 219 -2.35 -37.24 28.71
N VAL B 220 -3.19 -37.01 29.72
CA VAL B 220 -2.70 -36.73 31.06
C VAL B 220 -2.40 -38.02 31.82
N GLU B 221 -2.75 -39.17 31.26
CA GLU B 221 -2.57 -40.45 31.92
C GLU B 221 -1.12 -40.91 31.85
N LEU B 222 -0.31 -40.30 30.98
CA LEU B 222 1.13 -40.57 30.97
C LEU B 222 1.94 -39.79 32.02
N PRO B 223 1.73 -38.44 32.28
CA PRO B 223 2.49 -37.82 33.38
C PRO B 223 2.16 -38.36 34.77
N LEU B 224 0.89 -38.41 35.11
CA LEU B 224 0.47 -39.07 36.33
C LEU B 224 0.61 -40.58 36.16
N ARG B 225 0.99 -41.26 37.24
CA ARG B 225 0.94 -42.71 37.42
C ARG B 225 1.89 -43.50 36.52
N HIS B 226 2.65 -42.86 35.63
CA HIS B 226 3.58 -43.57 34.75
C HIS B 226 4.83 -42.72 34.53
N PRO B 227 5.74 -42.67 35.52
CA PRO B 227 6.98 -41.93 35.31
C PRO B 227 7.96 -42.70 34.43
N ALA B 228 7.88 -44.03 34.47
CA ALA B 228 8.82 -44.90 33.79
C ALA B 228 8.37 -45.30 32.39
N LEU B 229 7.28 -44.72 31.89
CA LEU B 229 6.74 -45.07 30.58
C LEU B 229 7.45 -44.29 29.46
N PHE B 230 8.77 -44.47 29.40
CA PHE B 230 9.58 -43.97 28.29
C PHE B 230 10.27 -45.07 27.52
N LYS B 231 10.30 -46.30 28.06
CA LYS B 231 10.80 -47.43 27.29
C LYS B 231 9.83 -47.84 26.20
N ALA B 232 8.53 -47.60 26.43
CA ALA B 232 7.54 -47.85 25.38
C ALA B 232 7.70 -46.89 24.22
N ILE B 233 7.92 -45.60 24.52
CA ILE B 233 8.14 -44.60 23.49
C ILE B 233 8.97 -43.47 24.09
N GLY B 234 9.99 -43.03 23.35
CA GLY B 234 10.83 -41.92 23.75
C GLY B 234 10.39 -40.57 23.24
N VAL B 235 9.18 -40.45 22.71
CA VAL B 235 8.71 -39.20 22.13
C VAL B 235 8.44 -38.16 23.22
N LYS B 236 7.85 -38.61 24.36
CA LYS B 236 7.15 -37.77 25.34
C LYS B 236 6.08 -36.99 24.58
N PRO B 237 4.92 -37.60 24.36
CA PRO B 237 3.92 -37.05 23.42
C PRO B 237 3.48 -35.66 23.83
N PRO B 238 3.19 -34.79 22.84
CA PRO B 238 3.68 -33.41 22.88
C PRO B 238 3.15 -32.55 24.02
N ARG B 239 4.00 -31.62 24.45
CA ARG B 239 3.68 -30.62 25.45
C ARG B 239 2.81 -29.56 24.80
N GLY B 240 1.56 -29.47 25.24
CA GLY B 240 0.65 -28.48 24.70
C GLY B 240 -0.58 -29.06 24.01
N ILE B 241 -1.73 -28.94 24.67
CA ILE B 241 -3.00 -29.40 24.14
C ILE B 241 -3.95 -28.21 24.06
N LEU B 242 -4.65 -28.08 22.93
CA LEU B 242 -5.56 -26.97 22.70
C LEU B 242 -7.01 -27.45 22.63
N LEU B 243 -7.86 -26.78 23.38
CA LEU B 243 -9.29 -27.03 23.40
C LEU B 243 -9.94 -25.93 22.55
N TYR B 244 -10.01 -26.16 21.25
CA TYR B 244 -10.65 -25.22 20.36
C TYR B 244 -12.06 -25.66 20.06
N GLY B 245 -12.90 -24.70 19.67
CA GLY B 245 -14.27 -24.98 19.32
C GLY B 245 -15.20 -23.82 19.57
N PRO B 246 -16.49 -24.11 19.66
CA PRO B 246 -17.48 -23.06 19.91
C PRO B 246 -17.37 -22.51 21.32
N PRO B 247 -17.75 -21.26 21.56
CA PRO B 247 -17.64 -20.68 22.90
C PRO B 247 -18.68 -21.25 23.85
N GLY B 248 -18.34 -21.22 25.14
CA GLY B 248 -19.28 -21.59 26.17
C GLY B 248 -19.58 -23.07 26.28
N THR B 249 -18.68 -23.93 25.79
CA THR B 249 -18.94 -25.35 25.85
C THR B 249 -18.28 -26.03 27.05
N GLY B 250 -17.82 -25.27 28.04
CA GLY B 250 -17.28 -25.85 29.25
C GLY B 250 -15.81 -26.19 29.20
N LYS B 251 -15.02 -25.47 28.40
CA LYS B 251 -13.59 -25.74 28.27
C LYS B 251 -12.84 -25.49 29.57
N THR B 252 -13.20 -24.41 30.27
CA THR B 252 -12.66 -24.15 31.60
C THR B 252 -13.09 -25.25 32.57
N LEU B 253 -14.31 -25.74 32.43
CA LEU B 253 -14.76 -26.87 33.24
C LEU B 253 -14.04 -28.16 32.87
N ILE B 254 -13.68 -28.33 31.59
CA ILE B 254 -12.88 -29.49 31.16
C ILE B 254 -11.52 -29.47 31.84
N ALA B 255 -10.84 -28.32 31.79
CA ALA B 255 -9.50 -28.21 32.38
C ALA B 255 -9.55 -28.33 33.90
N ARG B 256 -10.57 -27.71 34.52
CA ARG B 256 -10.72 -27.80 35.97
C ARG B 256 -11.02 -29.22 36.42
N ALA B 257 -11.86 -29.94 35.67
CA ALA B 257 -12.21 -31.32 36.01
C ALA B 257 -11.00 -32.24 35.87
N VAL B 258 -10.23 -32.08 34.78
CA VAL B 258 -9.06 -32.92 34.54
C VAL B 258 -7.99 -32.65 35.60
N ALA B 259 -7.76 -31.38 35.92
CA ALA B 259 -6.75 -31.02 36.91
C ALA B 259 -7.14 -31.45 38.31
N ASN B 260 -8.39 -31.22 38.71
CA ASN B 260 -8.79 -31.55 40.07
C ASN B 260 -9.15 -33.02 40.25
N GLU B 261 -9.25 -33.80 39.17
CA GLU B 261 -9.45 -35.23 39.32
C GLU B 261 -8.16 -36.02 39.17
N THR B 262 -7.20 -35.53 38.38
CA THR B 262 -5.90 -36.20 38.31
C THR B 262 -4.99 -35.83 39.46
N GLY B 263 -5.34 -34.86 40.29
CA GLY B 263 -4.58 -34.51 41.46
C GLY B 263 -3.35 -33.68 41.21
N ALA B 264 -3.10 -33.26 39.97
CA ALA B 264 -1.93 -32.46 39.67
C ALA B 264 -2.11 -31.03 40.17
N PHE B 265 -1.00 -30.31 40.28
CA PHE B 265 -1.02 -28.95 40.78
C PHE B 265 -1.50 -28.01 39.69
N PHE B 266 -2.64 -27.37 39.92
CA PHE B 266 -3.30 -26.54 38.93
C PHE B 266 -2.94 -25.07 39.17
N PHE B 267 -2.25 -24.47 38.20
CA PHE B 267 -1.72 -23.11 38.29
C PHE B 267 -2.16 -22.30 37.09
N LEU B 268 -3.47 -22.26 36.84
CA LEU B 268 -4.02 -21.60 35.66
C LEU B 268 -3.79 -20.10 35.71
N ILE B 269 -3.65 -19.49 34.54
CA ILE B 269 -3.38 -18.06 34.40
C ILE B 269 -4.46 -17.48 33.49
N ASN B 270 -5.18 -16.49 33.99
CA ASN B 270 -6.21 -15.83 33.19
C ASN B 270 -5.56 -14.92 32.16
N GLY B 271 -6.01 -15.02 30.91
CA GLY B 271 -5.50 -14.22 29.82
C GLY B 271 -5.67 -12.72 29.94
N PRO B 272 -6.90 -12.24 30.20
CA PRO B 272 -7.07 -10.81 30.50
C PRO B 272 -6.33 -10.34 31.74
N GLU B 273 -6.07 -11.21 32.72
CA GLU B 273 -5.30 -10.83 33.89
C GLU B 273 -3.85 -10.51 33.53
N ILE B 274 -3.25 -11.31 32.65
CA ILE B 274 -1.86 -11.04 32.27
C ILE B 274 -1.80 -9.99 31.17
N MET B 275 -2.89 -9.75 30.45
CA MET B 275 -2.93 -8.61 29.53
C MET B 275 -3.13 -7.29 30.24
N SER B 276 -3.78 -7.30 31.41
CA SER B 276 -4.09 -6.07 32.12
C SER B 276 -2.89 -5.43 32.80
N LYS B 277 -1.76 -6.14 32.88
CA LYS B 277 -0.55 -5.55 33.43
C LYS B 277 0.04 -4.53 32.47
N LEU B 278 0.84 -3.63 33.01
CA LEU B 278 1.48 -2.58 32.23
C LEU B 278 2.63 -3.16 31.40
N ALA B 279 3.22 -2.30 30.57
CA ALA B 279 4.38 -2.69 29.78
C ALA B 279 5.59 -2.87 30.70
N GLY B 280 6.29 -3.99 30.54
CA GLY B 280 7.33 -4.38 31.46
C GLY B 280 6.85 -5.17 32.65
N GLU B 281 5.53 -5.30 32.82
CA GLU B 281 4.94 -6.12 33.86
C GLU B 281 4.18 -7.31 33.29
N SER B 282 4.25 -7.51 31.96
CA SER B 282 3.61 -8.66 31.35
C SER B 282 4.38 -9.94 31.62
N GLU B 283 5.72 -9.88 31.53
CA GLU B 283 6.55 -11.01 31.93
C GLU B 283 6.45 -11.26 33.42
N SER B 284 6.24 -10.20 34.21
CA SER B 284 5.89 -10.33 35.62
C SER B 284 4.58 -11.10 35.74
N ASN B 285 4.62 -12.11 36.63
CA ASN B 285 3.65 -13.17 36.93
C ASN B 285 3.56 -14.23 35.85
N LEU B 286 4.08 -13.98 34.64
CA LEU B 286 4.08 -14.98 33.59
C LEU B 286 5.28 -15.92 33.71
N ARG B 287 6.48 -15.33 33.73
CA ARG B 287 7.69 -16.09 34.05
C ARG B 287 7.63 -16.65 35.46
N LYS B 288 6.97 -15.93 36.38
CA LYS B 288 6.77 -16.43 37.74
C LYS B 288 5.85 -17.64 37.75
N ALA B 289 4.80 -17.65 36.91
CA ALA B 289 3.93 -18.81 36.81
C ALA B 289 4.65 -19.99 36.18
N PHE B 290 5.53 -19.73 35.22
CA PHE B 290 6.28 -20.84 34.62
C PHE B 290 7.33 -21.39 35.59
N GLU B 291 7.94 -20.52 36.41
CA GLU B 291 8.84 -21.01 37.46
C GLU B 291 8.08 -21.74 38.55
N GLU B 292 6.83 -21.35 38.81
CA GLU B 292 5.97 -22.10 39.71
C GLU B 292 5.65 -23.48 39.16
N ALA B 293 5.43 -23.56 37.85
CA ALA B 293 5.22 -24.85 37.18
C ALA B 293 6.50 -25.68 37.15
N GLU B 294 7.66 -25.03 37.21
CA GLU B 294 8.94 -25.73 37.27
C GLU B 294 9.19 -26.45 38.59
N LYS B 295 8.37 -26.21 39.62
CA LYS B 295 8.64 -26.78 40.94
C LYS B 295 8.34 -28.28 40.98
N ASN B 296 7.08 -28.64 40.76
CA ASN B 296 6.64 -30.02 40.92
C ASN B 296 6.43 -30.67 39.56
N ALA B 297 6.70 -31.98 39.51
CA ALA B 297 6.57 -32.70 38.25
C ALA B 297 5.10 -33.00 37.91
N PRO B 298 4.20 -33.49 38.84
CA PRO B 298 2.78 -33.41 38.49
C PRO B 298 2.25 -32.00 38.73
N ALA B 299 2.12 -31.24 37.64
CA ALA B 299 1.65 -29.86 37.72
C ALA B 299 1.19 -29.46 36.33
N ILE B 300 -0.10 -29.19 36.19
CA ILE B 300 -0.68 -28.78 34.92
C ILE B 300 -1.07 -27.31 35.00
N ILE B 301 -0.69 -26.53 34.00
CA ILE B 301 -1.11 -25.15 33.92
C ILE B 301 -1.98 -25.01 32.68
N PHE B 302 -2.83 -24.00 32.69
CA PHE B 302 -3.78 -23.81 31.60
C PHE B 302 -4.04 -22.31 31.47
N ILE B 303 -3.46 -21.70 30.45
CA ILE B 303 -3.74 -20.31 30.14
C ILE B 303 -5.02 -20.26 29.34
N ASP B 304 -5.91 -19.34 29.69
CA ASP B 304 -7.24 -19.28 29.13
C ASP B 304 -7.42 -18.03 28.29
N GLU B 305 -8.31 -18.14 27.31
CA GLU B 305 -8.66 -17.09 26.34
C GLU B 305 -7.42 -16.60 25.60
N LEU B 306 -6.84 -17.52 24.80
CA LEU B 306 -5.61 -17.25 24.08
C LEU B 306 -5.83 -16.35 22.87
N ASP B 307 -7.10 -16.10 22.49
CA ASP B 307 -7.42 -15.18 21.40
C ASP B 307 -6.95 -13.76 21.71
N ALA B 308 -7.13 -13.31 22.96
CA ALA B 308 -6.61 -12.01 23.34
C ALA B 308 -5.11 -12.01 23.49
N ILE B 309 -4.52 -13.15 23.85
CA ILE B 309 -3.09 -13.20 24.17
C ILE B 309 -2.25 -13.17 22.90
N ALA B 310 -2.48 -14.14 22.02
CA ALA B 310 -1.62 -14.35 20.85
C ALA B 310 -2.47 -14.34 19.58
N PRO B 311 -2.75 -13.17 19.03
CA PRO B 311 -3.40 -13.10 17.72
C PRO B 311 -2.36 -13.24 16.61
N LYS B 312 -2.84 -13.09 15.37
CA LYS B 312 -1.96 -13.22 14.22
C LYS B 312 -1.06 -11.99 14.08
N ARG B 313 -0.07 -12.11 13.19
CA ARG B 313 0.89 -11.04 12.98
C ARG B 313 0.27 -9.82 12.30
N GLU B 314 -0.85 -9.98 11.60
CA GLU B 314 -1.58 -8.83 11.08
C GLU B 314 -2.22 -8.04 12.21
N LYS B 315 -2.69 -8.73 13.25
CA LYS B 315 -3.34 -8.09 14.38
C LYS B 315 -2.35 -7.60 15.44
N THR B 316 -1.05 -7.80 15.23
CA THR B 316 -0.03 -7.29 16.16
C THR B 316 0.18 -5.81 15.88
N HIS B 317 -0.73 -5.00 16.39
CA HIS B 317 -0.66 -3.56 16.22
C HIS B 317 0.16 -2.87 17.31
N GLY B 318 0.53 -3.60 18.35
CA GLY B 318 1.27 -3.02 19.45
C GLY B 318 2.51 -3.83 19.77
N GLU B 319 3.47 -3.14 20.40
CA GLU B 319 4.73 -3.78 20.77
C GLU B 319 4.54 -4.76 21.93
N VAL B 320 3.54 -4.52 22.78
CA VAL B 320 3.30 -5.37 23.94
C VAL B 320 2.81 -6.75 23.51
N GLU B 321 1.99 -6.81 22.45
CA GLU B 321 1.50 -8.10 21.97
C GLU B 321 2.62 -8.95 21.37
N ARG B 322 3.50 -8.33 20.59
CA ARG B 322 4.65 -9.04 20.05
C ARG B 322 5.61 -9.46 21.15
N ARG B 323 5.79 -8.61 22.17
CA ARG B 323 6.64 -8.93 23.30
C ARG B 323 6.09 -10.10 24.10
N ILE B 324 4.77 -10.14 24.29
CA ILE B 324 4.14 -11.22 25.04
C ILE B 324 4.21 -12.53 24.27
N VAL B 325 3.93 -12.51 22.97
CA VAL B 325 3.97 -13.74 22.19
C VAL B 325 5.40 -14.23 22.01
N SER B 326 6.38 -13.32 21.98
CA SER B 326 7.78 -13.74 21.93
C SER B 326 8.22 -14.35 23.25
N GLN B 327 7.76 -13.78 24.37
CA GLN B 327 8.08 -14.34 25.68
C GLN B 327 7.47 -15.71 25.85
N LEU B 328 6.27 -15.91 25.31
CA LEU B 328 5.64 -17.23 25.40
C LEU B 328 6.35 -18.24 24.50
N LEU B 329 6.73 -17.84 23.28
CA LEU B 329 7.52 -18.70 22.41
C LEU B 329 8.90 -19.02 22.96
N THR B 330 9.45 -18.17 23.83
CA THR B 330 10.71 -18.52 24.47
C THR B 330 10.49 -19.46 25.65
N LEU B 331 9.63 -19.06 26.59
CA LEU B 331 9.44 -19.82 27.81
C LEU B 331 8.70 -21.13 27.62
N MET B 332 8.08 -21.36 26.46
CA MET B 332 7.40 -22.62 26.21
C MET B 332 8.40 -23.75 26.02
N ASP B 333 9.27 -23.64 25.03
CA ASP B 333 10.30 -24.65 24.80
C ASP B 333 11.56 -24.39 25.60
N GLY B 334 11.57 -23.36 26.45
CA GLY B 334 12.65 -23.22 27.41
C GLY B 334 12.70 -24.35 28.42
N LEU B 335 11.54 -24.91 28.76
CA LEU B 335 11.45 -26.06 29.66
C LEU B 335 11.34 -27.32 28.81
N LYS B 336 12.46 -28.02 28.66
CA LYS B 336 12.51 -29.26 27.89
C LYS B 336 12.96 -30.40 28.81
N GLN B 337 12.16 -31.47 28.83
CA GLN B 337 12.32 -32.72 29.62
C GLN B 337 12.58 -32.48 31.12
N ARG B 338 12.23 -31.32 31.66
CA ARG B 338 12.29 -31.08 33.09
C ARG B 338 10.87 -30.97 33.61
N ALA B 339 10.52 -31.84 34.57
CA ALA B 339 9.24 -31.99 35.28
C ALA B 339 8.10 -32.49 34.41
N HIS B 340 8.30 -32.63 33.08
CA HIS B 340 7.34 -33.06 32.05
C HIS B 340 5.92 -32.53 32.27
N VAL B 341 5.82 -31.20 32.44
CA VAL B 341 4.50 -30.59 32.61
C VAL B 341 3.80 -30.49 31.26
N ILE B 342 2.48 -30.37 31.31
CA ILE B 342 1.66 -30.22 30.12
C ILE B 342 0.95 -28.88 30.22
N VAL B 343 1.20 -28.02 29.27
CA VAL B 343 0.50 -26.74 29.20
C VAL B 343 -0.77 -26.95 28.39
N MET B 344 -1.78 -26.12 28.66
CA MET B 344 -3.06 -26.24 27.97
C MET B 344 -3.57 -24.85 27.63
N ALA B 345 -4.39 -24.79 26.58
CA ALA B 345 -4.95 -23.52 26.14
C ALA B 345 -6.33 -23.76 25.56
N ALA B 346 -7.18 -22.73 25.66
CA ALA B 346 -8.50 -22.76 25.09
C ALA B 346 -8.73 -21.48 24.31
N THR B 347 -9.56 -21.58 23.27
CA THR B 347 -9.83 -20.45 22.40
C THR B 347 -11.28 -20.50 21.93
N ASN B 348 -11.64 -19.57 21.07
CA ASN B 348 -12.95 -19.55 20.44
C ASN B 348 -12.85 -19.72 18.92
N ARG B 349 -11.63 -19.84 18.39
CA ARG B 349 -11.37 -20.03 16.98
C ARG B 349 -9.95 -20.57 16.82
N PRO B 350 -9.75 -21.68 16.10
CA PRO B 350 -8.39 -22.19 15.91
C PRO B 350 -7.53 -21.32 15.01
N ASN B 351 -8.11 -20.64 14.02
CA ASN B 351 -7.31 -19.81 13.14
C ASN B 351 -7.08 -18.41 13.70
N SER B 352 -7.69 -18.07 14.83
CA SER B 352 -7.42 -16.78 15.46
C SER B 352 -6.05 -16.76 16.14
N ILE B 353 -5.57 -17.93 16.54
CA ILE B 353 -4.27 -18.07 17.18
C ILE B 353 -3.19 -17.92 16.12
N ASP B 354 -2.05 -17.36 16.51
CA ASP B 354 -0.90 -17.18 15.62
C ASP B 354 -0.38 -18.52 15.12
N PRO B 355 0.03 -18.60 13.85
CA PRO B 355 0.55 -19.87 13.31
C PRO B 355 1.90 -20.27 13.87
N ALA B 356 2.60 -19.37 14.57
CA ALA B 356 3.84 -19.72 15.22
C ALA B 356 3.60 -20.69 16.37
N LEU B 357 2.45 -20.56 17.04
CA LEU B 357 2.11 -21.49 18.11
C LEU B 357 1.68 -22.85 17.55
N ARG B 358 0.88 -22.87 16.51
CA ARG B 358 0.20 -24.08 16.06
C ARG B 358 1.00 -24.89 15.04
N ARG B 359 2.32 -24.80 15.06
CA ARG B 359 3.14 -25.60 14.16
C ARG B 359 3.34 -27.01 14.74
N PHE B 360 4.24 -27.75 14.11
CA PHE B 360 4.46 -29.13 14.53
C PHE B 360 5.30 -29.22 15.80
N GLY B 361 6.02 -28.15 16.15
CA GLY B 361 6.88 -28.21 17.32
C GLY B 361 6.11 -28.19 18.63
N ARG B 362 5.15 -27.27 18.75
CA ARG B 362 4.40 -27.09 19.99
C ARG B 362 2.93 -26.94 19.63
N PHE B 363 2.07 -27.14 20.63
CA PHE B 363 0.64 -26.80 20.57
C PHE B 363 -0.12 -27.48 19.43
N ASP B 364 0.29 -28.70 19.08
CA ASP B 364 -0.27 -29.37 17.91
C ASP B 364 -1.21 -30.52 18.29
N ARG B 365 -1.69 -30.55 19.52
CA ARG B 365 -2.68 -31.56 19.92
C ARG B 365 -4.06 -30.91 19.93
N GLU B 366 -4.59 -30.71 18.72
CA GLU B 366 -5.88 -30.06 18.56
C GLU B 366 -7.01 -31.04 18.83
N VAL B 367 -7.83 -30.74 19.82
CA VAL B 367 -9.06 -31.48 20.08
C VAL B 367 -10.22 -30.50 20.08
N ASP B 368 -11.29 -30.88 19.39
CA ASP B 368 -12.48 -30.04 19.28
C ASP B 368 -13.60 -30.55 20.19
N ILE B 369 -14.28 -29.62 20.85
CA ILE B 369 -15.39 -30.00 21.72
C ILE B 369 -16.68 -30.08 20.93
N GLY B 370 -17.02 -29.03 20.20
CA GLY B 370 -18.18 -29.03 19.34
C GLY B 370 -19.48 -28.85 20.09
N ILE B 371 -20.55 -28.64 19.32
CA ILE B 371 -21.89 -28.56 19.90
C ILE B 371 -22.35 -29.97 20.24
N PRO B 372 -23.00 -30.18 21.37
CA PRO B 372 -23.39 -31.53 21.79
C PRO B 372 -24.58 -32.05 21.00
N ASP B 373 -24.80 -33.36 21.12
CA ASP B 373 -25.92 -34.03 20.51
C ASP B 373 -27.18 -33.87 21.37
N ALA B 374 -28.29 -34.44 20.90
CA ALA B 374 -29.50 -34.49 21.70
C ALA B 374 -29.31 -35.38 22.92
N THR B 375 -28.60 -36.50 22.76
CA THR B 375 -28.18 -37.29 23.91
C THR B 375 -27.22 -36.53 24.79
N GLY B 376 -26.32 -35.76 24.18
CA GLY B 376 -25.43 -34.91 24.96
C GLY B 376 -26.18 -33.80 25.67
N ARG B 377 -27.23 -33.26 25.03
CA ARG B 377 -28.07 -32.26 25.69
C ARG B 377 -28.83 -32.85 26.86
N LEU B 378 -29.32 -34.08 26.70
CA LEU B 378 -30.02 -34.76 27.81
C LEU B 378 -29.06 -35.07 28.95
N GLU B 379 -27.83 -35.46 28.63
CA GLU B 379 -26.82 -35.72 29.66
C GLU B 379 -26.42 -34.44 30.38
N ILE B 380 -26.30 -33.33 29.64
CA ILE B 380 -25.97 -32.04 30.23
C ILE B 380 -27.09 -31.56 31.14
N LEU B 381 -28.35 -31.71 30.70
CA LEU B 381 -29.48 -31.34 31.52
C LEU B 381 -29.62 -32.24 32.74
N GLN B 382 -29.25 -33.52 32.61
CA GLN B 382 -29.30 -34.42 33.76
C GLN B 382 -28.25 -34.06 34.80
N ILE B 383 -27.01 -33.80 34.37
CA ILE B 383 -25.97 -33.45 35.33
C ILE B 383 -26.06 -32.00 35.80
N HIS B 384 -26.85 -31.16 35.13
CA HIS B 384 -27.12 -29.83 35.65
C HIS B 384 -28.34 -29.79 36.54
N THR B 385 -29.26 -30.74 36.37
CA THR B 385 -30.39 -30.91 37.27
C THR B 385 -30.16 -32.02 38.27
N LYS B 386 -28.90 -32.33 38.58
CA LYS B 386 -28.60 -33.24 39.68
C LYS B 386 -28.95 -32.60 41.01
N ASN B 387 -28.51 -31.37 41.23
CA ASN B 387 -28.70 -30.69 42.52
C ASN B 387 -29.93 -29.79 42.51
N MET B 388 -31.06 -30.34 42.10
CA MET B 388 -32.37 -29.69 42.20
C MET B 388 -33.43 -30.79 42.16
N LYS B 389 -34.68 -30.38 42.03
CA LYS B 389 -35.80 -31.33 42.00
C LYS B 389 -36.84 -30.84 41.00
N LEU B 390 -37.38 -31.77 40.23
CA LEU B 390 -38.41 -31.47 39.25
C LEU B 390 -39.79 -31.86 39.80
N ALA B 391 -40.81 -31.62 38.99
CA ALA B 391 -42.17 -32.05 39.32
C ALA B 391 -42.51 -33.41 38.74
N ASP B 392 -41.56 -34.04 38.03
CA ASP B 392 -41.68 -35.37 37.42
C ASP B 392 -42.82 -35.47 36.42
N ASP B 393 -43.18 -34.38 35.76
CA ASP B 393 -44.19 -34.45 34.71
C ASP B 393 -43.57 -34.47 33.32
N VAL B 394 -42.38 -33.89 33.17
CA VAL B 394 -41.65 -33.94 31.91
C VAL B 394 -40.89 -35.26 31.85
N ASP B 395 -40.37 -35.60 30.69
CA ASP B 395 -39.50 -36.76 30.54
C ASP B 395 -38.11 -36.39 30.04
N LEU B 396 -37.89 -35.13 29.64
CA LEU B 396 -36.65 -34.51 29.16
C LEU B 396 -36.16 -35.06 27.82
N GLU B 397 -36.83 -36.06 27.27
CA GLU B 397 -36.51 -36.55 25.93
C GLU B 397 -37.05 -35.60 24.88
N GLN B 398 -38.24 -35.03 25.13
CA GLN B 398 -38.78 -33.99 24.27
C GLN B 398 -37.91 -32.76 24.31
N VAL B 399 -37.35 -32.43 25.48
CA VAL B 399 -36.40 -31.34 25.60
C VAL B 399 -35.12 -31.67 24.85
N ALA B 400 -34.73 -32.95 24.85
CA ALA B 400 -33.50 -33.36 24.17
C ALA B 400 -33.64 -33.25 22.65
N ASN B 401 -34.72 -33.78 22.08
CA ASN B 401 -34.85 -33.74 20.63
C ASN B 401 -35.34 -32.39 20.12
N GLU B 402 -36.05 -31.62 20.95
CA GLU B 402 -36.55 -30.32 20.51
C GLU B 402 -35.41 -29.31 20.41
N THR B 403 -34.55 -29.26 21.43
CA THR B 403 -33.44 -28.33 21.44
C THR B 403 -32.35 -28.79 20.48
N HIS B 404 -31.96 -27.91 19.56
CA HIS B 404 -30.86 -28.19 18.66
C HIS B 404 -30.10 -26.90 18.43
N GLY B 405 -28.79 -27.00 18.26
CA GLY B 405 -27.99 -25.81 18.09
C GLY B 405 -27.84 -24.97 19.34
N HIS B 406 -27.99 -25.57 20.52
CA HIS B 406 -27.78 -24.89 21.78
C HIS B 406 -26.52 -25.43 22.45
N VAL B 407 -25.61 -24.53 22.80
CA VAL B 407 -24.44 -24.92 23.58
C VAL B 407 -24.89 -25.15 25.02
N GLY B 408 -24.06 -25.90 25.77
CA GLY B 408 -24.43 -26.33 27.12
C GLY B 408 -24.62 -25.20 28.11
N ALA B 409 -23.87 -24.11 27.95
CA ALA B 409 -24.08 -22.94 28.78
C ALA B 409 -25.44 -22.30 28.50
N ASP B 410 -25.84 -22.28 27.23
CA ASP B 410 -27.19 -21.80 26.90
C ASP B 410 -28.26 -22.77 27.38
N LEU B 411 -27.92 -24.04 27.51
CA LEU B 411 -28.86 -25.00 28.11
C LEU B 411 -29.01 -24.73 29.60
N ALA B 412 -27.92 -24.36 30.28
CA ALA B 412 -28.01 -23.98 31.68
C ALA B 412 -28.80 -22.68 31.85
N ALA B 413 -28.64 -21.74 30.91
CA ALA B 413 -29.45 -20.53 30.93
C ALA B 413 -30.92 -20.83 30.66
N LEU B 414 -31.21 -21.84 29.84
CA LEU B 414 -32.58 -22.30 29.62
C LEU B 414 -33.17 -22.87 30.91
N CYS B 415 -32.38 -23.63 31.66
CA CYS B 415 -32.81 -24.13 32.96
C CYS B 415 -33.07 -23.00 33.94
N SER B 416 -32.20 -21.97 33.92
CA SER B 416 -32.40 -20.80 34.77
C SER B 416 -33.66 -20.04 34.38
N GLU B 417 -33.96 -19.96 33.09
CA GLU B 417 -35.19 -19.32 32.64
C GLU B 417 -36.42 -20.14 33.03
N ALA B 418 -36.29 -21.47 33.06
CA ALA B 418 -37.37 -22.31 33.56
C ALA B 418 -37.64 -22.05 35.04
N ALA B 419 -36.56 -21.91 35.82
CA ALA B 419 -36.71 -21.57 37.24
C ALA B 419 -37.32 -20.19 37.43
N LEU B 420 -36.92 -19.23 36.58
CA LEU B 420 -37.50 -17.88 36.64
C LEU B 420 -38.98 -17.90 36.29
N GLN B 421 -39.38 -18.71 35.31
CA GLN B 421 -40.79 -18.83 34.94
C GLN B 421 -41.60 -19.50 36.04
N ALA B 422 -40.99 -20.48 36.73
CA ALA B 422 -41.67 -21.10 37.87
C ALA B 422 -41.85 -20.12 39.03
N ILE B 423 -40.84 -19.28 39.27
CA ILE B 423 -40.94 -18.29 40.36
C ILE B 423 -41.96 -17.20 40.02
N ARG B 424 -41.97 -16.73 38.77
CA ARG B 424 -42.74 -15.56 38.37
C ARG B 424 -44.25 -15.75 38.43
N LYS B 425 -44.74 -16.98 38.50
CA LYS B 425 -46.16 -17.22 38.67
C LYS B 425 -46.60 -17.22 40.14
N LYS B 426 -45.65 -17.16 41.07
CA LYS B 426 -45.95 -17.34 42.48
C LYS B 426 -46.15 -16.00 43.19
N MET B 427 -46.68 -16.07 44.40
CA MET B 427 -46.76 -14.91 45.28
C MET B 427 -45.43 -14.72 46.00
N ASP B 428 -45.04 -13.47 46.18
CA ASP B 428 -43.72 -13.11 46.68
C ASP B 428 -43.80 -12.69 48.14
N LEU B 429 -42.97 -13.32 48.98
CA LEU B 429 -42.89 -13.00 50.40
C LEU B 429 -41.56 -13.50 50.93
N ILE B 430 -41.03 -12.79 51.94
CA ILE B 430 -39.77 -13.16 52.57
C ILE B 430 -40.06 -14.01 53.81
N ASP B 431 -40.78 -13.42 54.76
CA ASP B 431 -41.11 -14.00 56.08
C ASP B 431 -39.88 -14.51 56.85
N ASP B 438 -40.24 -17.21 52.54
CA ASP B 438 -40.91 -18.43 52.94
C ASP B 438 -40.26 -19.66 52.31
N ALA B 439 -39.97 -20.65 53.14
CA ALA B 439 -39.37 -21.90 52.69
C ALA B 439 -40.40 -22.94 52.28
N GLU B 440 -41.68 -22.57 52.26
CA GLU B 440 -42.73 -23.54 51.92
C GLU B 440 -42.74 -23.84 50.42
N VAL B 441 -42.26 -22.92 49.59
CA VAL B 441 -42.20 -23.14 48.15
C VAL B 441 -40.78 -23.48 47.70
N MET B 442 -39.77 -23.24 48.55
CA MET B 442 -38.39 -23.56 48.19
C MET B 442 -38.16 -25.06 48.14
N ASN B 443 -38.63 -25.79 49.15
CA ASN B 443 -38.52 -27.24 49.13
C ASN B 443 -39.49 -27.87 48.15
N SER B 444 -40.58 -27.18 47.82
CA SER B 444 -41.58 -27.65 46.87
C SER B 444 -41.35 -27.06 45.49
N LEU B 445 -40.09 -26.91 45.10
CA LEU B 445 -39.73 -26.36 43.79
C LEU B 445 -40.22 -27.29 42.68
N ALA B 446 -40.81 -26.69 41.64
CA ALA B 446 -41.48 -27.47 40.62
C ALA B 446 -41.50 -26.69 39.32
N VAL B 447 -41.22 -27.39 38.22
CA VAL B 447 -41.31 -26.83 36.88
C VAL B 447 -42.15 -27.78 36.03
N THR B 448 -42.71 -27.25 34.96
CA THR B 448 -43.53 -28.04 34.05
C THR B 448 -43.00 -27.90 32.63
N MET B 449 -43.59 -28.67 31.71
CA MET B 449 -43.18 -28.61 30.32
C MET B 449 -43.60 -27.31 29.65
N ASP B 450 -44.69 -26.70 30.13
CA ASP B 450 -45.11 -25.41 29.58
C ASP B 450 -44.12 -24.30 29.94
N ASP B 451 -43.51 -24.38 31.13
CA ASP B 451 -42.44 -23.46 31.48
C ASP B 451 -41.23 -23.67 30.59
N PHE B 452 -40.94 -24.94 30.24
CA PHE B 452 -39.84 -25.23 29.33
C PHE B 452 -40.12 -24.71 27.93
N ARG B 453 -41.36 -24.83 27.46
CA ARG B 453 -41.72 -24.28 26.15
C ARG B 453 -41.66 -22.76 26.16
N TRP B 454 -42.08 -22.12 27.27
CA TRP B 454 -42.00 -20.68 27.38
C TRP B 454 -40.55 -20.20 27.41
N ALA B 455 -39.69 -20.92 28.13
CA ALA B 455 -38.28 -20.57 28.17
C ALA B 455 -37.61 -20.81 26.82
N LEU B 456 -38.05 -21.85 26.10
CA LEU B 456 -37.53 -22.11 24.77
C LEU B 456 -38.01 -21.06 23.76
N SER B 457 -39.17 -20.45 24.02
CA SER B 457 -39.64 -19.36 23.17
C SER B 457 -38.71 -18.16 23.23
N GLN B 458 -38.26 -17.80 24.43
CA GLN B 458 -37.27 -16.74 24.60
C GLN B 458 -35.88 -17.36 24.76
N SER B 459 -35.40 -17.93 23.67
CA SER B 459 -34.07 -18.54 23.63
C SER B 459 -33.20 -17.78 22.64
N ASN B 460 -31.93 -17.58 23.02
CA ASN B 460 -30.97 -16.84 22.22
C ASN B 460 -29.73 -17.71 22.00
N PRO B 461 -29.80 -18.68 21.08
CA PRO B 461 -28.71 -19.64 20.93
C PRO B 461 -27.53 -19.04 20.18
N SER B 462 -26.43 -18.79 20.91
CA SER B 462 -25.23 -18.26 20.29
C SER B 462 -24.49 -19.30 19.47
N ALA B 463 -24.76 -20.58 19.70
CA ALA B 463 -24.08 -21.66 18.99
C ALA B 463 -24.76 -22.02 17.68
N LEU B 464 -25.78 -21.27 17.27
CA LEU B 464 -26.43 -21.51 15.99
C LEU B 464 -25.54 -21.11 14.82
N ARG B 465 -26.01 -21.49 13.62
CA ARG B 465 -25.49 -21.25 12.25
C ARG B 465 -24.08 -21.80 12.02
N GLU B 466 -23.52 -22.50 13.00
CA GLU B 466 -22.35 -23.33 12.80
C GLU B 466 -22.76 -24.64 12.14
N THR B 467 -21.88 -25.18 11.32
CA THR B 467 -22.16 -26.43 10.62
C THR B 467 -22.20 -27.59 11.60
N VAL B 468 -23.29 -28.35 11.59
CA VAL B 468 -23.53 -29.36 12.60
C VAL B 468 -22.78 -30.65 12.26
N VAL B 469 -22.23 -31.29 13.29
CA VAL B 469 -21.52 -32.55 13.15
C VAL B 469 -22.08 -33.55 14.18
N GLU B 470 -23.06 -34.34 13.74
CA GLU B 470 -23.70 -35.32 14.60
C GLU B 470 -24.35 -36.38 13.73
N VAL B 471 -25.04 -37.31 14.39
CA VAL B 471 -25.75 -38.40 13.72
C VAL B 471 -27.19 -37.96 13.51
N PRO B 472 -27.73 -38.05 12.31
CA PRO B 472 -29.15 -37.73 12.09
C PRO B 472 -30.05 -38.85 12.62
N GLN B 473 -31.36 -38.59 12.56
CA GLN B 473 -32.37 -39.48 13.13
C GLN B 473 -33.55 -39.60 12.17
N VAL B 474 -33.25 -39.83 10.89
CA VAL B 474 -34.21 -39.56 9.83
C VAL B 474 -35.07 -40.77 9.48
N THR B 475 -35.10 -41.77 10.36
CA THR B 475 -36.06 -42.88 10.36
C THR B 475 -35.96 -43.70 9.07
N TRP B 476 -34.87 -44.47 9.01
CA TRP B 476 -34.28 -45.17 7.86
C TRP B 476 -35.19 -45.68 6.75
N GLU B 477 -36.30 -46.32 7.10
CA GLU B 477 -37.19 -46.95 6.13
C GLU B 477 -38.00 -45.94 5.32
N ASP B 478 -38.07 -44.68 5.73
CA ASP B 478 -39.07 -43.72 5.24
C ASP B 478 -38.85 -43.23 3.81
N ILE B 479 -37.90 -43.78 3.04
CA ILE B 479 -37.80 -43.42 1.64
C ILE B 479 -38.94 -44.08 0.87
N GLY B 480 -39.26 -43.51 -0.30
CA GLY B 480 -40.40 -43.93 -1.09
C GLY B 480 -40.29 -45.30 -1.72
N GLY B 481 -39.09 -45.89 -1.74
CA GLY B 481 -38.96 -47.23 -2.28
C GLY B 481 -37.97 -47.34 -3.43
N LEU B 482 -36.99 -46.44 -3.48
CA LEU B 482 -35.92 -46.53 -4.47
C LEU B 482 -34.96 -47.63 -4.02
N GLU B 483 -35.32 -48.86 -4.37
CA GLU B 483 -34.56 -50.01 -3.90
C GLU B 483 -33.23 -50.16 -4.64
N ASP B 484 -33.23 -49.93 -5.95
CA ASP B 484 -32.01 -50.10 -6.73
C ASP B 484 -30.99 -49.01 -6.43
N VAL B 485 -31.45 -47.77 -6.24
CA VAL B 485 -30.57 -46.67 -5.87
C VAL B 485 -29.97 -46.90 -4.48
N LYS B 486 -30.79 -47.41 -3.55
CA LYS B 486 -30.31 -47.72 -2.21
C LYS B 486 -29.31 -48.86 -2.24
N ARG B 487 -29.56 -49.88 -3.08
CA ARG B 487 -28.64 -51.00 -3.21
C ARG B 487 -27.32 -50.57 -3.84
N GLU B 488 -27.36 -49.61 -4.76
CA GLU B 488 -26.14 -49.06 -5.35
C GLU B 488 -25.36 -48.24 -4.31
N LEU B 489 -26.05 -47.34 -3.62
CA LEU B 489 -25.37 -46.43 -2.70
C LEU B 489 -24.90 -47.14 -1.43
N GLN B 490 -25.51 -48.27 -1.07
CA GLN B 490 -24.99 -49.08 0.02
C GLN B 490 -23.59 -49.60 -0.29
N GLU B 491 -23.39 -50.11 -1.51
CA GLU B 491 -22.07 -50.56 -1.95
C GLU B 491 -21.11 -49.39 -2.10
N LEU B 492 -21.59 -48.25 -2.59
CA LEU B 492 -20.71 -47.10 -2.73
C LEU B 492 -20.30 -46.49 -1.38
N VAL B 493 -21.11 -46.63 -0.34
CA VAL B 493 -20.73 -46.00 0.92
C VAL B 493 -20.16 -46.99 1.92
N GLN B 494 -20.97 -47.95 2.37
CA GLN B 494 -20.59 -48.67 3.58
C GLN B 494 -19.75 -49.90 3.30
N TYR B 495 -19.72 -50.36 2.06
CA TYR B 495 -18.93 -51.54 1.73
C TYR B 495 -17.41 -51.35 1.85
N PRO B 496 -16.81 -50.18 1.61
CA PRO B 496 -15.44 -50.00 2.12
C PRO B 496 -15.38 -49.84 3.63
N VAL B 497 -16.38 -49.20 4.23
CA VAL B 497 -16.28 -48.81 5.63
C VAL B 497 -16.52 -50.01 6.55
N GLU B 498 -17.63 -50.72 6.34
CA GLU B 498 -17.94 -51.88 7.18
C GLU B 498 -17.07 -53.08 6.86
N HIS B 499 -16.34 -53.05 5.75
CA HIS B 499 -15.39 -54.10 5.40
C HIS B 499 -14.01 -53.48 5.21
N PRO B 500 -13.23 -53.31 6.29
CA PRO B 500 -11.82 -52.94 6.13
C PRO B 500 -10.90 -54.11 5.84
N ASP B 501 -11.46 -55.30 5.65
CA ASP B 501 -10.75 -56.52 5.27
C ASP B 501 -10.81 -56.72 3.77
N LYS B 502 -10.65 -55.63 3.02
CA LYS B 502 -10.69 -55.62 1.58
C LYS B 502 -9.57 -54.73 1.03
N PHE B 503 -8.31 -55.02 1.37
CA PHE B 503 -7.24 -54.15 0.91
C PHE B 503 -6.01 -54.92 0.42
N LEU B 504 -6.19 -55.98 -0.42
CA LEU B 504 -4.94 -56.58 -0.91
C LEU B 504 -4.86 -56.88 -2.41
N LYS B 505 -5.92 -57.41 -3.04
CA LYS B 505 -5.75 -58.18 -4.28
C LYS B 505 -6.78 -58.05 -5.40
N PHE B 506 -7.91 -57.34 -5.27
CA PHE B 506 -8.68 -57.01 -6.49
C PHE B 506 -8.20 -55.71 -7.09
N GLY B 507 -8.23 -55.64 -8.41
CA GLY B 507 -7.92 -54.39 -9.06
C GLY B 507 -9.07 -53.41 -9.01
N MET B 508 -8.97 -52.44 -8.10
CA MET B 508 -9.91 -51.34 -8.02
C MET B 508 -9.19 -50.10 -7.50
N THR B 509 -9.99 -49.13 -7.08
CA THR B 509 -9.64 -47.96 -6.31
C THR B 509 -10.63 -47.87 -5.17
N PRO B 510 -10.28 -47.18 -4.08
CA PRO B 510 -11.31 -46.85 -3.09
C PRO B 510 -12.36 -45.93 -3.68
N SER B 511 -13.58 -46.43 -3.82
CA SER B 511 -14.65 -45.75 -4.55
C SER B 511 -15.15 -44.57 -3.74
N LYS B 512 -14.71 -43.37 -4.12
CA LYS B 512 -15.11 -42.14 -3.44
C LYS B 512 -15.63 -41.14 -4.46
N GLY B 513 -16.80 -40.57 -4.19
CA GLY B 513 -17.38 -39.58 -5.06
C GLY B 513 -18.69 -39.99 -5.68
N VAL B 514 -19.76 -39.26 -5.36
CA VAL B 514 -21.09 -39.55 -5.88
C VAL B 514 -21.88 -38.24 -5.93
N LEU B 515 -22.71 -38.09 -6.96
CA LEU B 515 -23.62 -36.96 -7.04
C LEU B 515 -24.89 -37.42 -7.74
N PHE B 516 -25.96 -36.66 -7.55
CA PHE B 516 -27.29 -37.03 -8.01
C PHE B 516 -27.80 -36.01 -9.01
N TYR B 517 -28.43 -36.50 -10.07
CA TYR B 517 -29.03 -35.66 -11.09
C TYR B 517 -30.45 -36.15 -11.38
N GLY B 518 -31.33 -35.21 -11.68
CA GLY B 518 -32.71 -35.52 -11.97
C GLY B 518 -33.65 -34.38 -11.65
N PRO B 519 -34.89 -34.72 -11.27
CA PRO B 519 -35.84 -33.68 -10.88
C PRO B 519 -35.46 -33.09 -9.53
N PRO B 520 -35.88 -31.84 -9.27
CA PRO B 520 -35.59 -31.25 -7.95
C PRO B 520 -36.39 -31.85 -6.83
N GLY B 521 -37.56 -32.40 -7.11
CA GLY B 521 -38.40 -32.92 -6.05
C GLY B 521 -38.11 -34.37 -5.71
N CYS B 522 -37.31 -34.59 -4.68
CA CYS B 522 -37.01 -35.93 -4.18
C CYS B 522 -36.47 -35.80 -2.76
N GLY B 523 -36.25 -36.95 -2.14
CA GLY B 523 -35.65 -37.00 -0.81
C GLY B 523 -34.17 -37.33 -0.86
N LYS B 524 -33.46 -36.71 -1.81
CA LYS B 524 -32.03 -36.97 -1.96
C LYS B 524 -31.23 -36.48 -0.76
N THR B 525 -31.64 -35.33 -0.19
CA THR B 525 -31.08 -34.89 1.08
C THR B 525 -31.40 -35.89 2.18
N LEU B 526 -32.63 -36.37 2.22
CA LEU B 526 -32.99 -37.41 3.17
C LEU B 526 -32.33 -38.74 2.83
N LEU B 527 -32.01 -38.97 1.55
CA LEU B 527 -31.24 -40.16 1.18
C LEU B 527 -29.82 -40.11 1.75
N ALA B 528 -29.18 -38.95 1.66
CA ALA B 528 -27.84 -38.80 2.25
C ALA B 528 -27.89 -38.88 3.77
N LYS B 529 -28.96 -38.37 4.37
CA LYS B 529 -29.10 -38.49 5.82
C LYS B 529 -29.35 -39.95 6.24
N ALA B 530 -30.06 -40.71 5.41
CA ALA B 530 -30.23 -42.14 5.68
C ALA B 530 -28.92 -42.90 5.51
N ILE B 531 -28.10 -42.47 4.55
CA ILE B 531 -26.74 -42.99 4.42
C ILE B 531 -25.94 -42.73 5.69
N ALA B 532 -26.06 -41.52 6.24
CA ALA B 532 -25.35 -41.17 7.47
C ALA B 532 -25.87 -41.95 8.67
N ASN B 533 -27.16 -42.26 8.70
CA ASN B 533 -27.69 -43.10 9.78
C ASN B 533 -27.22 -44.54 9.67
N GLU B 534 -27.23 -45.11 8.46
CA GLU B 534 -26.83 -46.50 8.34
C GLU B 534 -25.32 -46.68 8.40
N CYS B 535 -24.55 -45.61 8.20
CA CYS B 535 -23.09 -45.70 8.29
C CYS B 535 -22.58 -45.40 9.69
N GLN B 536 -23.44 -44.83 10.54
CA GLN B 536 -23.13 -44.42 11.93
C GLN B 536 -21.94 -43.46 11.96
N ALA B 537 -22.14 -42.32 11.30
CA ALA B 537 -21.09 -41.34 11.13
C ALA B 537 -21.67 -39.95 11.40
N ASN B 538 -20.85 -38.93 11.15
CA ASN B 538 -21.25 -37.54 11.35
C ASN B 538 -21.55 -36.92 9.99
N PHE B 539 -22.71 -36.28 9.88
CA PHE B 539 -23.21 -35.76 8.61
C PHE B 539 -22.96 -34.26 8.57
N ILE B 540 -22.28 -33.79 7.54
CA ILE B 540 -22.08 -32.36 7.31
C ILE B 540 -22.82 -32.00 6.03
N SER B 541 -23.84 -31.17 6.16
CA SER B 541 -24.59 -30.65 5.02
C SER B 541 -24.41 -29.14 4.96
N ILE B 542 -23.95 -28.65 3.81
CA ILE B 542 -23.75 -27.23 3.60
C ILE B 542 -24.52 -26.78 2.37
N LYS B 543 -25.22 -25.67 2.49
CA LYS B 543 -25.97 -25.11 1.38
C LYS B 543 -25.04 -24.33 0.45
N GLY B 544 -25.47 -24.21 -0.80
CA GLY B 544 -24.80 -23.40 -1.78
C GLY B 544 -24.70 -21.92 -1.43
N PRO B 545 -25.83 -21.30 -1.06
CA PRO B 545 -25.75 -19.97 -0.44
C PRO B 545 -24.94 -19.92 0.84
N GLU B 546 -24.95 -20.98 1.65
CA GLU B 546 -24.13 -20.99 2.85
C GLU B 546 -22.65 -21.08 2.52
N LEU B 547 -22.31 -21.75 1.41
CA LEU B 547 -20.93 -21.73 0.93
C LEU B 547 -20.57 -20.37 0.36
N LEU B 548 -21.50 -19.70 -0.30
CA LEU B 548 -21.19 -18.41 -0.92
C LEU B 548 -21.07 -17.30 0.12
N THR B 549 -21.78 -17.41 1.25
CA THR B 549 -21.70 -16.39 2.28
C THR B 549 -20.38 -16.41 3.05
N MET B 550 -19.62 -17.50 2.97
CA MET B 550 -18.32 -17.52 3.64
C MET B 550 -17.31 -16.65 2.89
N TRP B 551 -17.27 -16.76 1.56
CA TRP B 551 -16.44 -15.85 0.77
C TRP B 551 -17.05 -14.45 0.71
N PHE B 552 -18.38 -14.36 0.80
CA PHE B 552 -19.04 -13.06 0.91
C PHE B 552 -18.72 -12.35 2.23
N GLY B 553 -18.32 -13.10 3.25
CA GLY B 553 -17.77 -12.56 4.48
C GLY B 553 -16.28 -12.32 4.43
N GLU B 554 -15.68 -12.34 3.23
CA GLU B 554 -14.28 -12.00 2.96
C GLU B 554 -13.31 -12.92 3.70
N SER B 555 -13.54 -14.24 3.56
CA SER B 555 -12.64 -15.24 4.12
C SER B 555 -12.80 -16.51 3.30
N GLU B 556 -11.80 -16.79 2.46
CA GLU B 556 -11.80 -18.04 1.71
C GLU B 556 -11.37 -19.22 2.58
N ALA B 557 -10.73 -18.95 3.72
CA ALA B 557 -10.20 -20.00 4.58
C ALA B 557 -11.28 -20.78 5.32
N ASN B 558 -12.53 -20.33 5.30
CA ASN B 558 -13.59 -21.07 5.99
C ASN B 558 -13.94 -22.36 5.26
N VAL B 559 -13.78 -22.40 3.94
CA VAL B 559 -13.94 -23.65 3.20
C VAL B 559 -12.84 -24.64 3.56
N ARG B 560 -11.63 -24.13 3.73
CA ARG B 560 -10.51 -24.94 4.21
C ARG B 560 -10.78 -25.46 5.62
N GLU B 561 -11.38 -24.63 6.46
CA GLU B 561 -11.76 -25.07 7.81
C GLU B 561 -12.87 -26.11 7.78
N ILE B 562 -13.80 -26.00 6.83
CA ILE B 562 -14.87 -26.99 6.68
C ILE B 562 -14.29 -28.34 6.29
N PHE B 563 -13.38 -28.34 5.30
CA PHE B 563 -12.74 -29.58 4.89
C PHE B 563 -11.82 -30.15 5.98
N ASP B 564 -11.19 -29.28 6.76
CA ASP B 564 -10.31 -29.75 7.84
C ASP B 564 -11.14 -30.34 8.98
N LYS B 565 -12.32 -29.75 9.26
CA LYS B 565 -13.24 -30.32 10.23
C LYS B 565 -13.78 -31.67 9.76
N ALA B 566 -14.05 -31.79 8.47
CA ALA B 566 -14.50 -33.07 7.90
C ALA B 566 -13.40 -34.13 7.99
N ARG B 567 -12.15 -33.72 7.83
CA ARG B 567 -11.03 -34.64 8.06
C ARG B 567 -10.92 -35.03 9.53
N GLN B 568 -11.15 -34.08 10.43
CA GLN B 568 -11.03 -34.35 11.86
C GLN B 568 -12.18 -35.19 12.40
N ALA B 569 -13.32 -35.22 11.70
CA ALA B 569 -14.48 -35.97 12.16
C ALA B 569 -14.66 -37.29 11.41
N ALA B 570 -13.54 -37.98 11.13
CA ALA B 570 -13.61 -39.25 10.41
C ALA B 570 -14.21 -40.34 11.29
N PRO B 571 -15.11 -41.19 10.74
CA PRO B 571 -15.63 -41.20 9.37
C PRO B 571 -16.74 -40.16 9.15
N CYS B 572 -16.81 -39.62 7.93
CA CYS B 572 -17.70 -38.50 7.67
C CYS B 572 -18.22 -38.58 6.24
N VAL B 573 -19.37 -37.96 6.03
CA VAL B 573 -19.98 -37.85 4.71
C VAL B 573 -20.23 -36.38 4.42
N LEU B 574 -19.59 -35.86 3.38
CA LEU B 574 -19.86 -34.49 2.95
C LEU B 574 -21.16 -34.45 2.17
N PHE B 575 -21.80 -33.28 2.15
CA PHE B 575 -23.02 -33.09 1.39
C PHE B 575 -23.00 -31.69 0.79
N PHE B 576 -22.94 -31.62 -0.54
CA PHE B 576 -22.96 -30.35 -1.24
C PHE B 576 -24.37 -30.08 -1.70
N ASP B 577 -25.17 -29.47 -0.82
CA ASP B 577 -26.54 -29.12 -1.15
C ASP B 577 -26.57 -27.94 -2.10
N GLU B 578 -27.34 -28.08 -3.19
CA GLU B 578 -27.64 -27.02 -4.17
C GLU B 578 -26.37 -26.47 -4.81
N LEU B 579 -25.70 -27.36 -5.55
CA LEU B 579 -24.59 -26.92 -6.40
C LEU B 579 -25.08 -26.09 -7.58
N ASP B 580 -26.35 -26.24 -7.96
CA ASP B 580 -26.95 -25.40 -8.99
C ASP B 580 -27.04 -23.94 -8.55
N SER B 581 -27.19 -23.69 -7.24
CA SER B 581 -27.20 -22.33 -6.74
C SER B 581 -25.83 -21.66 -6.90
N ILE B 582 -24.76 -22.42 -6.69
CA ILE B 582 -23.42 -21.89 -6.95
C ILE B 582 -23.18 -21.72 -8.44
N ALA B 583 -23.72 -22.66 -9.25
CA ALA B 583 -23.54 -22.58 -10.70
C ALA B 583 -24.39 -21.48 -11.33
N LYS B 584 -25.39 -20.96 -10.61
CA LYS B 584 -26.25 -19.90 -11.12
C LYS B 584 -25.52 -18.58 -11.33
N ALA B 585 -24.37 -18.37 -10.67
CA ALA B 585 -23.55 -17.20 -10.96
C ALA B 585 -22.96 -17.25 -12.36
N ARG B 586 -22.51 -18.43 -12.79
CA ARG B 586 -22.02 -18.58 -14.15
C ARG B 586 -23.17 -18.65 -15.15
N GLY B 587 -24.26 -19.33 -14.77
CA GLY B 587 -25.35 -19.57 -15.69
C GLY B 587 -26.46 -18.54 -15.66
N GLY B 588 -26.17 -17.37 -15.12
CA GLY B 588 -27.14 -16.30 -15.05
C GLY B 588 -26.77 -15.10 -15.90
N GLY B 595 -18.45 -9.11 -9.44
CA GLY B 595 -17.52 -10.19 -9.10
C GLY B 595 -17.97 -11.54 -9.59
N ALA B 596 -17.06 -12.50 -9.60
CA ALA B 596 -17.33 -13.86 -10.03
C ALA B 596 -17.28 -14.79 -8.83
N ALA B 597 -18.31 -15.60 -8.66
CA ALA B 597 -18.43 -16.51 -7.52
C ALA B 597 -17.83 -17.89 -7.79
N ASP B 598 -17.16 -18.06 -8.92
CA ASP B 598 -16.58 -19.36 -9.27
C ASP B 598 -15.22 -19.60 -8.62
N ARG B 599 -14.70 -18.64 -7.86
CA ARG B 599 -13.50 -18.92 -7.07
C ARG B 599 -13.81 -19.84 -5.90
N VAL B 600 -15.05 -19.81 -5.41
CA VAL B 600 -15.47 -20.71 -4.34
C VAL B 600 -15.49 -22.15 -4.84
N ILE B 601 -16.03 -22.38 -6.03
CA ILE B 601 -16.06 -23.74 -6.55
C ILE B 601 -14.68 -24.18 -7.04
N ASN B 602 -13.79 -23.23 -7.36
CA ASN B 602 -12.39 -23.59 -7.61
C ASN B 602 -11.70 -24.02 -6.33
N GLN B 603 -12.01 -23.36 -5.21
CA GLN B 603 -11.51 -23.79 -3.91
C GLN B 603 -12.06 -25.16 -3.54
N ILE B 604 -13.32 -25.41 -3.90
CA ILE B 604 -13.95 -26.72 -3.71
C ILE B 604 -13.23 -27.79 -4.54
N LEU B 605 -12.87 -27.45 -5.78
CA LEU B 605 -12.16 -28.38 -6.66
C LEU B 605 -10.76 -28.68 -6.15
N THR B 606 -10.07 -27.69 -5.60
CA THR B 606 -8.75 -27.94 -5.05
C THR B 606 -8.82 -28.73 -3.74
N GLU B 607 -9.85 -28.50 -2.93
CA GLU B 607 -9.98 -29.27 -1.70
C GLU B 607 -10.41 -30.70 -1.98
N MET B 608 -11.23 -30.91 -3.02
CA MET B 608 -11.62 -32.26 -3.40
C MET B 608 -10.45 -33.05 -3.93
N ASP B 609 -9.61 -32.42 -4.77
CA ASP B 609 -8.47 -33.12 -5.35
C ASP B 609 -7.38 -33.34 -4.32
N GLY B 610 -7.30 -32.48 -3.31
CA GLY B 610 -6.31 -32.64 -2.26
C GLY B 610 -6.85 -33.46 -1.10
N MET B 611 -7.46 -34.60 -1.42
CA MET B 611 -8.02 -35.50 -0.42
C MET B 611 -7.45 -36.88 -0.65
N SER B 612 -6.92 -37.49 0.40
CA SER B 612 -6.21 -38.75 0.28
C SER B 612 -7.19 -39.92 0.13
N THR B 613 -6.65 -41.04 -0.35
CA THR B 613 -7.45 -42.25 -0.49
C THR B 613 -7.79 -42.88 0.86
N LYS B 614 -7.04 -42.55 1.90
CA LYS B 614 -7.33 -43.00 3.24
C LYS B 614 -8.22 -41.96 3.94
N LYS B 615 -8.33 -42.08 5.27
CA LYS B 615 -9.07 -41.25 6.22
C LYS B 615 -10.59 -41.38 6.12
N ASN B 616 -11.10 -42.15 5.15
CA ASN B 616 -12.48 -42.63 5.10
C ASN B 616 -13.52 -41.51 5.02
N VAL B 617 -13.15 -40.36 4.45
CA VAL B 617 -14.14 -39.33 4.20
C VAL B 617 -14.97 -39.72 2.99
N PHE B 618 -16.10 -39.05 2.82
CA PHE B 618 -16.97 -39.34 1.70
C PHE B 618 -17.73 -38.07 1.35
N ILE B 619 -18.19 -38.00 0.10
CA ILE B 619 -18.72 -36.74 -0.41
C ILE B 619 -19.90 -37.03 -1.34
N ILE B 620 -21.01 -36.33 -1.11
CA ILE B 620 -22.25 -36.51 -1.85
C ILE B 620 -22.63 -35.17 -2.46
N GLY B 621 -22.83 -35.16 -3.78
CA GLY B 621 -23.28 -33.97 -4.48
C GLY B 621 -24.79 -34.00 -4.71
N ALA B 622 -25.40 -32.82 -4.65
CA ALA B 622 -26.85 -32.69 -4.84
C ALA B 622 -27.12 -31.46 -5.68
N THR B 623 -27.66 -31.67 -6.87
CA THR B 623 -27.99 -30.59 -7.78
C THR B 623 -29.32 -30.89 -8.45
N ASN B 624 -29.88 -29.86 -9.09
CA ASN B 624 -31.15 -29.98 -9.77
C ASN B 624 -31.11 -29.60 -11.24
N ARG B 625 -30.15 -28.78 -11.66
CA ARG B 625 -30.00 -28.38 -13.06
C ARG B 625 -28.66 -28.87 -13.59
N PRO B 626 -28.62 -29.99 -14.31
CA PRO B 626 -27.33 -30.49 -14.81
C PRO B 626 -26.77 -29.72 -16.01
N ASP B 627 -27.55 -28.81 -16.61
CA ASP B 627 -27.08 -28.08 -17.79
C ASP B 627 -25.97 -27.10 -17.42
N ILE B 628 -26.09 -26.44 -16.29
CA ILE B 628 -25.04 -25.60 -15.73
C ILE B 628 -24.52 -26.35 -14.51
N ILE B 629 -23.43 -27.10 -14.70
CA ILE B 629 -22.96 -28.03 -13.69
C ILE B 629 -21.54 -27.73 -13.22
N ASP B 630 -20.81 -26.82 -13.91
CA ASP B 630 -19.39 -26.53 -13.75
C ASP B 630 -18.60 -27.83 -13.87
N PRO B 631 -18.42 -28.35 -15.10
CA PRO B 631 -18.08 -29.76 -15.28
C PRO B 631 -16.63 -30.15 -14.99
N ALA B 632 -15.87 -29.29 -14.32
CA ALA B 632 -14.59 -29.72 -13.79
C ALA B 632 -14.77 -30.66 -12.60
N ILE B 633 -15.92 -30.60 -11.93
CA ILE B 633 -16.22 -31.53 -10.84
C ILE B 633 -16.43 -32.94 -11.37
N LEU B 634 -17.13 -33.09 -12.49
CA LEU B 634 -17.57 -34.38 -12.98
C LEU B 634 -16.47 -35.22 -13.61
N ARG B 635 -15.22 -34.75 -13.61
CA ARG B 635 -14.10 -35.54 -14.07
C ARG B 635 -13.87 -36.73 -13.14
N PRO B 636 -13.39 -37.90 -13.67
CA PRO B 636 -13.20 -39.11 -12.86
C PRO B 636 -11.92 -39.10 -12.02
N GLY B 637 -11.68 -38.00 -11.31
CA GLY B 637 -10.62 -37.93 -10.34
C GLY B 637 -11.16 -37.54 -8.98
N ARG B 638 -12.30 -36.84 -8.97
CA ARG B 638 -12.94 -36.44 -7.74
C ARG B 638 -14.29 -37.11 -7.53
N LEU B 639 -15.24 -36.90 -8.42
CA LEU B 639 -16.57 -37.48 -8.32
C LEU B 639 -16.94 -38.06 -9.68
N ASP B 640 -17.37 -39.32 -9.70
CA ASP B 640 -17.69 -40.00 -10.95
C ASP B 640 -19.00 -40.78 -10.92
N GLN B 641 -19.52 -41.16 -9.76
CA GLN B 641 -20.70 -42.01 -9.68
C GLN B 641 -21.94 -41.15 -9.83
N LEU B 642 -22.33 -40.94 -11.09
CA LEU B 642 -23.54 -40.17 -11.39
C LEU B 642 -24.73 -41.11 -11.41
N ILE B 643 -25.69 -40.90 -10.50
CA ILE B 643 -26.83 -41.77 -10.31
C ILE B 643 -28.09 -40.98 -10.63
N TYR B 644 -28.86 -41.46 -11.60
CA TYR B 644 -30.14 -40.82 -11.91
C TYR B 644 -31.16 -41.14 -10.83
N ILE B 645 -31.86 -40.13 -10.35
CA ILE B 645 -32.83 -40.30 -9.28
C ILE B 645 -34.21 -39.93 -9.83
N PRO B 646 -34.95 -40.88 -10.40
CA PRO B 646 -36.22 -40.51 -11.05
C PRO B 646 -37.35 -40.26 -10.06
N LEU B 647 -38.56 -40.07 -10.59
CA LEU B 647 -39.74 -39.94 -9.75
C LEU B 647 -40.03 -41.28 -9.05
N PRO B 648 -40.40 -41.25 -7.76
CA PRO B 648 -40.46 -42.51 -7.00
C PRO B 648 -41.69 -43.35 -7.30
N ASP B 649 -41.86 -44.42 -6.52
CA ASP B 649 -43.02 -45.29 -6.67
C ASP B 649 -44.26 -44.60 -6.08
N GLU B 650 -45.43 -45.17 -6.40
CA GLU B 650 -46.71 -44.59 -5.99
C GLU B 650 -46.95 -44.71 -4.49
N LYS B 651 -46.22 -45.60 -3.79
CA LYS B 651 -46.37 -45.78 -2.35
C LYS B 651 -45.39 -44.93 -1.56
N SER B 652 -44.98 -43.78 -2.11
CA SER B 652 -44.10 -42.88 -1.37
C SER B 652 -44.84 -42.22 -0.22
N ARG B 653 -46.13 -41.92 -0.41
CA ARG B 653 -46.93 -41.33 0.66
C ARG B 653 -47.22 -42.30 1.78
N VAL B 654 -47.14 -43.61 1.51
CA VAL B 654 -47.22 -44.62 2.57
C VAL B 654 -46.05 -44.47 3.51
N ALA B 655 -44.85 -44.30 2.97
CA ALA B 655 -43.66 -44.09 3.78
C ALA B 655 -43.56 -42.67 4.32
N ILE B 656 -44.32 -41.73 3.76
CA ILE B 656 -44.38 -40.38 4.32
C ILE B 656 -45.03 -40.41 5.70
N LEU B 657 -46.15 -41.12 5.82
CA LEU B 657 -46.86 -41.25 7.10
C LEU B 657 -46.75 -42.65 7.69
N LYS B 658 -45.64 -43.34 7.42
CA LYS B 658 -45.42 -44.65 8.04
C LYS B 658 -45.04 -44.50 9.50
N ALA B 659 -43.90 -43.86 9.76
CA ALA B 659 -43.43 -43.63 11.12
C ALA B 659 -43.34 -42.15 11.45
N ASN B 660 -43.40 -41.27 10.45
CA ASN B 660 -43.48 -39.84 10.68
C ASN B 660 -44.93 -39.51 10.99
N LEU B 661 -45.16 -38.87 12.14
CA LEU B 661 -46.52 -38.58 12.57
C LEU B 661 -47.16 -37.49 11.73
N ARG B 662 -46.41 -36.41 11.47
CA ARG B 662 -46.92 -35.12 10.99
C ARG B 662 -48.10 -34.66 11.85
N LYS B 663 -47.90 -34.80 13.18
CA LYS B 663 -48.74 -34.40 14.31
C LYS B 663 -50.00 -35.26 14.44
N SER B 664 -50.32 -36.07 13.46
CA SER B 664 -51.60 -36.77 13.36
C SER B 664 -51.39 -38.27 13.45
N PRO B 665 -52.43 -39.03 13.81
CA PRO B 665 -52.38 -40.48 13.63
C PRO B 665 -52.39 -40.84 12.15
N VAL B 666 -52.01 -42.09 11.87
CA VAL B 666 -51.89 -42.58 10.50
C VAL B 666 -53.26 -42.72 9.85
N ALA B 667 -53.27 -42.84 8.53
CA ALA B 667 -54.52 -42.89 7.79
C ALA B 667 -55.21 -44.24 7.98
N LYS B 668 -56.48 -44.20 8.36
CA LYS B 668 -57.25 -45.40 8.68
C LYS B 668 -58.59 -45.35 7.96
N ASP B 669 -59.07 -46.55 7.59
CA ASP B 669 -60.34 -46.75 6.88
C ASP B 669 -60.41 -45.97 5.56
N VAL B 670 -59.28 -45.92 4.85
CA VAL B 670 -59.18 -45.23 3.57
C VAL B 670 -58.50 -46.17 2.58
N ASP B 671 -58.74 -45.91 1.30
CA ASP B 671 -58.16 -46.72 0.23
C ASP B 671 -56.86 -46.06 -0.21
N LEU B 672 -55.73 -46.57 0.29
CA LEU B 672 -54.43 -46.04 -0.10
C LEU B 672 -54.10 -46.38 -1.55
N GLU B 673 -54.62 -47.49 -2.06
CA GLU B 673 -54.45 -47.82 -3.46
C GLU B 673 -55.27 -46.91 -4.37
N PHE B 674 -56.27 -46.21 -3.84
CA PHE B 674 -56.96 -45.19 -4.62
C PHE B 674 -56.10 -43.93 -4.75
N LEU B 675 -55.40 -43.56 -3.67
CA LEU B 675 -54.46 -42.45 -3.76
C LEU B 675 -53.26 -42.79 -4.64
N ALA B 676 -52.82 -44.05 -4.62
CA ALA B 676 -51.83 -44.49 -5.58
C ALA B 676 -52.42 -44.52 -6.99
N LYS B 677 -53.71 -44.82 -7.11
CA LYS B 677 -54.44 -44.78 -8.36
C LYS B 677 -54.83 -43.37 -8.77
N MET B 678 -54.72 -42.41 -7.87
CA MET B 678 -55.06 -41.03 -8.18
C MET B 678 -54.01 -40.35 -9.06
N THR B 679 -52.79 -40.91 -9.11
CA THR B 679 -51.58 -40.26 -9.61
C THR B 679 -51.42 -38.88 -8.98
N ASN B 680 -51.50 -38.86 -7.65
CA ASN B 680 -51.68 -37.64 -6.87
C ASN B 680 -50.42 -36.79 -6.86
N GLY B 681 -50.34 -35.84 -7.79
CA GLY B 681 -49.14 -35.04 -7.98
C GLY B 681 -48.00 -35.92 -8.45
N PHE B 682 -48.18 -36.57 -9.59
CA PHE B 682 -47.28 -37.64 -10.03
C PHE B 682 -45.98 -37.10 -10.61
N SER B 683 -45.27 -36.27 -9.85
CA SER B 683 -43.95 -35.78 -10.24
C SER B 683 -43.17 -35.51 -8.96
N GLY B 684 -42.45 -36.53 -8.50
CA GLY B 684 -41.54 -36.43 -7.37
C GLY B 684 -42.13 -36.01 -6.05
N ALA B 685 -41.87 -34.76 -5.65
CA ALA B 685 -42.34 -34.20 -4.40
C ALA B 685 -43.79 -33.75 -4.48
N ASP B 686 -44.20 -32.93 -3.50
CA ASP B 686 -45.52 -32.37 -3.24
C ASP B 686 -46.53 -33.41 -2.78
N LEU B 687 -46.13 -34.67 -2.60
CA LEU B 687 -46.95 -35.60 -1.85
C LEU B 687 -47.01 -35.18 -0.38
N THR B 688 -45.89 -34.68 0.13
CA THR B 688 -45.89 -34.07 1.45
C THR B 688 -46.71 -32.78 1.48
N GLU B 689 -46.85 -32.10 0.35
CA GLU B 689 -47.79 -30.99 0.28
C GLU B 689 -49.23 -31.46 0.35
N ILE B 690 -49.53 -32.62 -0.24
CA ILE B 690 -50.85 -33.23 -0.11
C ILE B 690 -51.13 -33.58 1.35
N CYS B 691 -50.13 -34.14 2.04
CA CYS B 691 -50.27 -34.44 3.46
C CYS B 691 -50.44 -33.18 4.30
N GLN B 692 -49.72 -32.10 3.96
CA GLN B 692 -49.84 -30.86 4.71
C GLN B 692 -51.18 -30.19 4.48
N ARG B 693 -51.71 -30.26 3.25
CA ARG B 693 -53.04 -29.73 2.98
C ARG B 693 -54.12 -30.54 3.69
N ALA B 694 -53.93 -31.86 3.78
CA ALA B 694 -54.86 -32.70 4.55
C ALA B 694 -54.82 -32.36 6.03
N CYS B 695 -53.62 -32.07 6.56
CA CYS B 695 -53.49 -31.62 7.94
C CYS B 695 -54.16 -30.26 8.14
N LYS B 696 -54.06 -29.38 7.14
CA LYS B 696 -54.75 -28.09 7.19
C LYS B 696 -56.26 -28.27 7.23
N LEU B 697 -56.79 -29.20 6.44
CA LEU B 697 -58.23 -29.45 6.42
C LEU B 697 -58.71 -30.08 7.73
N ALA B 698 -57.91 -30.99 8.31
CA ALA B 698 -58.24 -31.57 9.60
C ALA B 698 -58.22 -30.52 10.71
N ILE B 699 -57.26 -29.59 10.65
CA ILE B 699 -57.20 -28.51 11.62
C ILE B 699 -58.38 -27.54 11.44
N ARG B 700 -58.78 -27.30 10.19
CA ARG B 700 -59.95 -26.46 9.92
C ARG B 700 -61.23 -27.08 10.46
N GLU B 701 -61.41 -28.39 10.25
CA GLU B 701 -62.57 -29.08 10.81
C GLU B 701 -62.52 -29.12 12.33
N SER B 702 -61.33 -29.31 12.91
CA SER B 702 -61.19 -29.34 14.36
C SER B 702 -61.45 -27.98 14.97
N ILE B 703 -61.03 -26.90 14.31
CA ILE B 703 -61.28 -25.58 14.86
C ILE B 703 -62.73 -25.17 14.65
N GLU B 704 -63.40 -25.69 13.61
CA GLU B 704 -64.84 -25.49 13.49
C GLU B 704 -65.60 -26.23 14.59
N SER B 705 -65.16 -27.44 14.92
CA SER B 705 -65.75 -28.19 16.02
C SER B 705 -65.50 -27.50 17.36
N GLU B 706 -64.30 -26.91 17.52
CA GLU B 706 -63.98 -26.13 18.70
C GLU B 706 -64.86 -24.89 18.81
N ILE B 707 -65.10 -24.23 17.68
CA ILE B 707 -65.94 -23.03 17.65
C ILE B 707 -67.39 -23.36 18.02
N ARG B 708 -67.94 -24.44 17.46
CA ARG B 708 -69.31 -24.80 17.82
C ARG B 708 -69.41 -25.39 19.23
N ARG B 709 -68.34 -26.04 19.72
CA ARG B 709 -68.34 -26.57 21.08
C ARG B 709 -68.25 -25.43 22.11
N GLU B 710 -67.59 -24.34 21.77
CA GLU B 710 -67.66 -23.16 22.60
C GLU B 710 -68.88 -22.30 22.30
N ARG B 711 -69.58 -22.58 21.20
CA ARG B 711 -70.76 -21.82 20.82
C ARG B 711 -72.08 -22.47 21.26
N GLU B 712 -72.04 -23.69 21.80
CA GLU B 712 -73.28 -24.26 22.34
C GLU B 712 -73.68 -23.54 23.63
N ARG B 713 -72.73 -23.27 24.51
CA ARG B 713 -72.95 -22.39 25.65
C ARG B 713 -72.31 -21.04 25.38
N GLN B 714 -72.96 -20.30 24.47
CA GLN B 714 -72.54 -19.00 23.90
C GLN B 714 -71.05 -18.85 23.60
N ASP B 725 -66.39 -33.76 23.44
CA ASP B 725 -67.11 -34.16 22.24
C ASP B 725 -66.18 -34.86 21.25
N ASP B 726 -66.54 -34.83 19.98
CA ASP B 726 -65.75 -35.45 18.93
C ASP B 726 -65.19 -34.37 18.00
N PRO B 727 -63.88 -34.19 17.93
CA PRO B 727 -63.29 -33.25 16.97
C PRO B 727 -62.82 -33.88 15.66
N VAL B 728 -63.11 -35.16 15.43
CA VAL B 728 -62.66 -35.99 14.31
C VAL B 728 -61.14 -35.92 14.18
N PRO B 729 -60.38 -36.59 15.04
CA PRO B 729 -58.92 -36.47 14.98
C PRO B 729 -58.30 -37.25 13.83
N GLU B 730 -58.94 -38.32 13.37
CA GLU B 730 -58.34 -39.17 12.35
C GLU B 730 -58.52 -38.55 10.97
N ILE B 731 -57.45 -38.61 10.18
CA ILE B 731 -57.46 -38.03 8.84
C ILE B 731 -58.07 -39.03 7.86
N ARG B 732 -58.99 -38.55 7.02
CA ARG B 732 -59.79 -39.47 6.23
C ARG B 732 -59.80 -39.11 4.74
N ARG B 733 -60.70 -39.75 3.98
CA ARG B 733 -60.61 -39.78 2.52
C ARG B 733 -60.95 -38.44 1.89
N ASP B 734 -62.03 -37.79 2.36
CA ASP B 734 -62.53 -36.60 1.68
C ASP B 734 -61.62 -35.39 1.85
N HIS B 735 -60.78 -35.38 2.89
CA HIS B 735 -59.75 -34.36 2.99
C HIS B 735 -58.75 -34.48 1.86
N PHE B 736 -58.32 -35.70 1.53
CA PHE B 736 -57.43 -35.89 0.39
C PHE B 736 -58.15 -35.64 -0.93
N GLU B 737 -59.44 -35.97 -0.99
CA GLU B 737 -60.24 -35.71 -2.18
C GLU B 737 -60.36 -34.23 -2.46
N GLU B 738 -60.56 -33.42 -1.43
CA GLU B 738 -60.59 -31.97 -1.61
C GLU B 738 -59.18 -31.40 -1.80
N ALA B 739 -58.17 -32.05 -1.24
CA ALA B 739 -56.80 -31.56 -1.36
C ALA B 739 -56.26 -31.73 -2.76
N MET B 740 -56.61 -32.84 -3.43
CA MET B 740 -56.14 -33.08 -4.79
C MET B 740 -56.74 -32.11 -5.79
N ARG B 741 -57.93 -31.56 -5.47
CA ARG B 741 -58.48 -30.47 -6.28
C ARG B 741 -57.58 -29.24 -6.19
N PHE B 742 -57.05 -28.94 -5.01
CA PHE B 742 -56.12 -27.83 -4.82
C PHE B 742 -54.67 -28.29 -4.95
N ALA B 743 -54.35 -28.98 -6.05
CA ALA B 743 -53.03 -29.54 -6.22
C ALA B 743 -52.53 -29.30 -7.63
N ARG B 744 -51.26 -28.95 -7.75
CA ARG B 744 -50.61 -28.70 -9.02
C ARG B 744 -49.38 -29.58 -9.13
N ARG B 745 -49.05 -29.96 -10.36
CA ARG B 745 -47.87 -30.78 -10.58
C ARG B 745 -46.61 -29.95 -10.36
N SER B 746 -45.64 -30.56 -9.66
CA SER B 746 -44.44 -29.82 -9.26
C SER B 746 -43.53 -29.53 -10.45
N VAL B 747 -43.47 -30.44 -11.42
CA VAL B 747 -42.60 -30.26 -12.57
C VAL B 747 -43.29 -30.87 -13.79
N SER B 748 -42.98 -30.32 -14.96
CA SER B 748 -43.76 -30.56 -16.17
C SER B 748 -43.29 -31.82 -16.91
N ASP B 749 -44.18 -32.32 -17.77
CA ASP B 749 -43.87 -33.47 -18.61
C ASP B 749 -42.83 -33.13 -19.67
N ASN B 750 -42.83 -31.89 -20.16
CA ASN B 750 -41.73 -31.42 -21.00
C ASN B 750 -40.42 -31.41 -20.23
N ASP B 751 -40.47 -31.03 -18.95
CA ASP B 751 -39.29 -31.11 -18.10
C ASP B 751 -38.92 -32.55 -17.77
N ILE B 752 -39.91 -33.46 -17.75
CA ILE B 752 -39.63 -34.89 -17.63
C ILE B 752 -38.85 -35.38 -18.84
N ARG B 753 -39.26 -34.94 -20.04
CA ARG B 753 -38.52 -35.27 -21.27
C ARG B 753 -37.12 -34.67 -21.27
N LYS B 754 -36.98 -33.46 -20.75
CA LYS B 754 -35.67 -32.82 -20.64
C LYS B 754 -34.78 -33.56 -19.65
N TYR B 755 -35.35 -34.04 -18.55
CA TYR B 755 -34.54 -34.71 -17.54
C TYR B 755 -34.14 -36.12 -17.98
N GLU B 756 -34.98 -36.80 -18.75
CA GLU B 756 -34.53 -38.06 -19.33
C GLU B 756 -33.62 -37.82 -20.54
N MET B 757 -33.66 -36.62 -21.13
CA MET B 757 -32.62 -36.22 -22.08
C MET B 757 -31.29 -36.00 -21.38
N PHE B 758 -31.32 -35.59 -20.11
CA PHE B 758 -30.12 -35.57 -19.28
C PHE B 758 -29.85 -36.88 -18.57
N ALA B 759 -30.21 -38.01 -19.15
CA ALA B 759 -29.61 -39.28 -18.77
C ALA B 759 -28.18 -39.42 -19.30
N GLN B 760 -27.72 -38.51 -20.18
CA GLN B 760 -26.40 -38.55 -20.78
C GLN B 760 -25.50 -37.41 -20.28
N THR B 761 -25.58 -37.08 -18.99
CA THR B 761 -24.73 -36.02 -18.45
C THR B 761 -23.28 -36.46 -18.27
N LEU B 762 -23.02 -37.77 -18.29
CA LEU B 762 -21.64 -38.24 -18.28
C LEU B 762 -20.96 -38.09 -19.64
N GLN B 763 -21.73 -37.81 -20.69
CA GLN B 763 -21.17 -37.38 -21.99
C GLN B 763 -21.12 -35.85 -22.02
N GLN B 764 -20.23 -35.32 -21.19
CA GLN B 764 -20.20 -33.88 -20.91
C GLN B 764 -19.46 -33.12 -22.01
N SER B 765 -19.17 -31.85 -21.71
CA SER B 765 -18.51 -30.89 -22.61
C SER B 765 -19.27 -30.73 -23.92
N ARG B 766 -20.60 -30.70 -23.83
CA ARG B 766 -21.44 -30.54 -25.00
C ARG B 766 -21.48 -29.08 -25.44
N GLY B 767 -21.72 -28.89 -26.74
CA GLY B 767 -21.79 -27.56 -27.31
C GLY B 767 -22.66 -27.49 -28.54
N PHE B 768 -24.87 -28.92 -26.59
CA PHE B 768 -26.04 -28.71 -25.75
C PHE B 768 -27.31 -29.16 -26.45
N GLY B 769 -27.15 -29.94 -27.52
CA GLY B 769 -28.29 -30.40 -28.28
C GLY B 769 -29.03 -31.55 -27.62
N SER B 770 -28.37 -32.69 -27.48
CA SER B 770 -28.98 -33.87 -26.87
C SER B 770 -27.93 -34.77 -26.25
N ASN C 199 -36.33 16.45 41.49
CA ASN C 199 -34.99 15.94 41.78
C ASN C 199 -34.80 14.55 41.19
N GLU C 200 -34.63 13.55 42.07
CA GLU C 200 -34.47 12.18 41.62
C GLU C 200 -35.79 11.63 41.10
N VAL C 201 -35.70 10.60 40.27
CA VAL C 201 -36.85 10.07 39.53
C VAL C 201 -37.07 8.62 39.91
N GLY C 202 -38.30 8.16 39.71
CA GLY C 202 -38.67 6.81 40.07
C GLY C 202 -39.25 6.00 38.94
N TYR C 203 -40.06 5.00 39.29
CA TYR C 203 -40.57 4.01 38.34
C TYR C 203 -41.64 4.56 37.41
N ASP C 204 -42.26 5.68 37.76
CA ASP C 204 -43.41 6.19 37.02
C ASP C 204 -43.01 7.10 35.85
N ASP C 205 -41.72 7.30 35.61
CA ASP C 205 -41.26 8.21 34.57
C ASP C 205 -40.76 7.48 33.33
N ILE C 206 -41.12 6.21 33.18
CA ILE C 206 -40.80 5.42 31.99
C ILE C 206 -42.10 4.96 31.36
N GLY C 207 -42.23 5.18 30.06
CA GLY C 207 -43.44 4.80 29.35
C GLY C 207 -43.13 4.25 27.98
N GLY C 208 -44.01 3.35 27.53
CA GLY C 208 -43.90 2.76 26.21
C GLY C 208 -43.08 1.49 26.13
N CYS C 209 -42.33 1.17 27.16
CA CYS C 209 -41.51 -0.03 27.22
C CYS C 209 -41.70 -0.72 28.57
N ARG C 210 -42.97 -0.91 28.95
CA ARG C 210 -43.30 -1.52 30.23
C ARG C 210 -42.92 -2.99 30.29
N LYS C 211 -42.89 -3.68 29.15
CA LYS C 211 -42.46 -5.07 29.11
C LYS C 211 -40.97 -5.20 29.40
N GLN C 212 -40.16 -4.34 28.77
CA GLN C 212 -38.73 -4.36 29.02
C GLN C 212 -38.39 -3.87 30.42
N LEU C 213 -39.16 -2.91 30.93
CA LEU C 213 -38.99 -2.43 32.29
C LEU C 213 -39.34 -3.51 33.31
N ALA C 214 -40.39 -4.29 33.02
CA ALA C 214 -40.72 -5.44 33.86
C ALA C 214 -39.65 -6.51 33.79
N GLN C 215 -39.01 -6.68 32.62
CA GLN C 215 -37.88 -7.61 32.52
C GLN C 215 -36.70 -7.16 33.37
N ILE C 216 -36.42 -5.85 33.37
CA ILE C 216 -35.35 -5.31 34.21
C ILE C 216 -35.69 -5.47 35.70
N LYS C 217 -36.95 -5.26 36.07
CA LYS C 217 -37.37 -5.45 37.45
C LYS C 217 -37.30 -6.91 37.88
N GLU C 218 -37.62 -7.83 36.96
CA GLU C 218 -37.43 -9.25 37.25
C GLU C 218 -35.96 -9.61 37.38
N MET C 219 -35.09 -8.96 36.60
CA MET C 219 -33.67 -9.22 36.72
C MET C 219 -33.08 -8.67 38.01
N VAL C 220 -33.61 -7.56 38.50
CA VAL C 220 -33.12 -6.98 39.75
C VAL C 220 -34.01 -7.41 40.93
N GLU C 221 -34.89 -8.39 40.72
CA GLU C 221 -35.68 -8.95 41.80
C GLU C 221 -34.82 -9.78 42.76
N LEU C 222 -33.68 -10.29 42.30
CA LEU C 222 -32.77 -11.02 43.18
C LEU C 222 -31.96 -10.12 44.13
N PRO C 223 -31.61 -8.84 43.76
CA PRO C 223 -31.23 -7.88 44.82
C PRO C 223 -32.39 -7.23 45.56
N LEU C 224 -33.55 -7.89 45.56
CA LEU C 224 -34.83 -7.39 46.04
C LEU C 224 -35.50 -8.57 46.72
N ARG C 225 -36.84 -8.62 46.73
CA ARG C 225 -37.72 -9.50 47.50
C ARG C 225 -37.31 -10.96 47.62
N HIS C 226 -36.56 -11.50 46.65
CA HIS C 226 -35.88 -12.77 46.85
C HIS C 226 -34.37 -12.55 46.93
N PRO C 227 -33.82 -12.18 48.09
CA PRO C 227 -32.37 -11.93 48.17
C PRO C 227 -31.54 -13.20 48.17
N ALA C 228 -31.98 -14.21 48.93
CA ALA C 228 -31.25 -15.46 49.10
C ALA C 228 -31.82 -16.57 48.24
N LEU C 229 -32.27 -16.26 47.03
CA LEU C 229 -32.90 -17.25 46.14
C LEU C 229 -31.84 -18.14 45.51
N PHE C 230 -31.30 -19.05 46.34
CA PHE C 230 -30.33 -20.04 45.87
C PHE C 230 -30.82 -21.47 46.01
N LYS C 231 -31.80 -21.73 46.87
CA LYS C 231 -32.35 -23.08 46.96
C LYS C 231 -33.23 -23.39 45.74
N ALA C 232 -33.90 -22.37 45.20
CA ALA C 232 -34.75 -22.58 44.02
C ALA C 232 -33.91 -22.82 42.78
N ILE C 233 -32.87 -22.01 42.57
CA ILE C 233 -31.97 -22.20 41.45
C ILE C 233 -30.54 -21.95 41.91
N GLY C 234 -29.63 -22.83 41.50
CA GLY C 234 -28.23 -22.70 41.82
C GLY C 234 -27.40 -21.97 40.79
N VAL C 235 -28.02 -21.55 39.68
CA VAL C 235 -27.29 -20.88 38.61
C VAL C 235 -26.85 -19.47 39.00
N LYS C 236 -27.63 -18.78 39.86
CA LYS C 236 -27.56 -17.33 40.08
C LYS C 236 -27.71 -16.63 38.73
N PRO C 237 -28.96 -16.46 38.27
CA PRO C 237 -29.24 -16.03 36.88
C PRO C 237 -28.57 -14.71 36.52
N PRO C 238 -28.10 -14.58 35.27
CA PRO C 238 -26.76 -14.02 35.03
C PRO C 238 -26.60 -12.56 35.41
N ARG C 239 -25.41 -12.25 35.91
CA ARG C 239 -24.97 -10.88 36.06
C ARG C 239 -24.68 -10.29 34.69
N GLY C 240 -24.72 -8.97 34.59
CA GLY C 240 -24.40 -8.35 33.32
C GLY C 240 -25.58 -8.08 32.43
N ILE C 241 -26.54 -7.31 32.93
CA ILE C 241 -27.68 -6.91 32.11
C ILE C 241 -27.20 -5.89 31.08
N LEU C 242 -27.46 -6.19 29.81
CA LEU C 242 -27.00 -5.34 28.70
C LEU C 242 -28.19 -4.64 28.09
N LEU C 243 -28.15 -3.31 28.07
CA LEU C 243 -29.18 -2.47 27.47
C LEU C 243 -28.66 -1.90 26.17
N TYR C 244 -29.36 -2.17 25.08
CA TYR C 244 -28.95 -1.67 23.78
C TYR C 244 -30.16 -1.15 23.02
N GLY C 245 -29.90 -0.39 21.97
CA GLY C 245 -30.93 0.16 21.14
C GLY C 245 -30.61 1.53 20.61
N PRO C 246 -31.62 2.36 20.42
CA PRO C 246 -31.41 3.71 19.87
C PRO C 246 -30.79 4.63 20.90
N PRO C 247 -30.12 5.70 20.46
CA PRO C 247 -29.56 6.66 21.42
C PRO C 247 -30.64 7.56 22.01
N GLY C 248 -30.37 8.02 23.23
CA GLY C 248 -31.21 9.00 23.88
C GLY C 248 -32.55 8.47 24.36
N THR C 249 -32.68 7.15 24.48
CA THR C 249 -33.99 6.55 24.73
C THR C 249 -34.28 6.39 26.22
N GLY C 250 -33.38 6.87 27.07
CA GLY C 250 -33.56 6.77 28.50
C GLY C 250 -32.72 5.71 29.17
N LYS C 251 -31.53 5.41 28.64
CA LYS C 251 -30.69 4.35 29.20
C LYS C 251 -30.13 4.75 30.56
N THR C 252 -29.85 6.04 30.78
CA THR C 252 -29.46 6.50 32.10
C THR C 252 -30.67 6.51 33.04
N LEU C 253 -31.83 6.90 32.50
CA LEU C 253 -33.03 7.10 33.31
C LEU C 253 -33.55 5.78 33.88
N ILE C 254 -33.56 4.73 33.06
CA ILE C 254 -34.04 3.41 33.50
C ILE C 254 -33.15 2.86 34.60
N ALA C 255 -31.83 2.99 34.44
CA ALA C 255 -30.89 2.51 35.45
C ALA C 255 -31.00 3.29 36.75
N ARG C 256 -31.15 4.61 36.66
CA ARG C 256 -31.29 5.42 37.87
C ARG C 256 -32.61 5.15 38.58
N ALA C 257 -33.69 4.95 37.82
CA ALA C 257 -34.99 4.64 38.42
C ALA C 257 -35.00 3.26 39.07
N VAL C 258 -34.34 2.28 38.45
CA VAL C 258 -34.25 0.94 39.03
C VAL C 258 -33.42 0.97 40.30
N ALA C 259 -32.34 1.76 40.30
CA ALA C 259 -31.51 1.91 41.48
C ALA C 259 -32.26 2.60 42.62
N ASN C 260 -33.14 3.56 42.29
CA ASN C 260 -33.89 4.23 43.35
C ASN C 260 -35.07 3.40 43.84
N GLU C 261 -35.67 2.57 42.99
CA GLU C 261 -36.72 1.67 43.47
C GLU C 261 -36.15 0.56 44.33
N THR C 262 -35.02 -0.01 43.94
CA THR C 262 -34.44 -1.10 44.73
C THR C 262 -33.82 -0.60 46.03
N GLY C 263 -33.34 0.63 46.06
CA GLY C 263 -32.73 1.16 47.26
C GLY C 263 -31.29 0.74 47.47
N ALA C 264 -30.71 -0.01 46.53
CA ALA C 264 -29.33 -0.43 46.64
C ALA C 264 -28.40 0.75 46.36
N PHE C 265 -27.14 0.61 46.79
CA PHE C 265 -26.17 1.69 46.66
C PHE C 265 -25.64 1.72 45.22
N PHE C 266 -25.79 2.87 44.57
CA PHE C 266 -25.52 3.04 43.15
C PHE C 266 -24.22 3.78 42.96
N PHE C 267 -23.32 3.20 42.17
CA PHE C 267 -21.96 3.70 41.98
C PHE C 267 -21.62 3.77 40.49
N LEU C 268 -22.49 4.42 39.73
CA LEU C 268 -22.38 4.42 38.27
C LEU C 268 -21.18 5.26 37.80
N ILE C 269 -20.63 4.86 36.66
CA ILE C 269 -19.57 5.59 36.00
C ILE C 269 -19.90 5.68 34.51
N ASN C 270 -19.27 6.63 33.84
CA ASN C 270 -19.51 6.87 32.42
C ASN C 270 -18.34 6.37 31.60
N GLY C 271 -18.57 6.28 30.29
CA GLY C 271 -17.57 5.81 29.36
C GLY C 271 -16.43 6.79 29.12
N PRO C 272 -16.72 7.92 28.46
CA PRO C 272 -15.66 8.92 28.22
C PRO C 272 -15.12 9.57 29.48
N GLU C 273 -15.88 9.54 30.59
CA GLU C 273 -15.33 10.01 31.86
C GLU C 273 -14.18 9.12 32.34
N ILE C 274 -14.33 7.79 32.19
CA ILE C 274 -13.25 6.89 32.52
C ILE C 274 -12.13 6.99 31.49
N MET C 275 -12.48 7.12 30.22
CA MET C 275 -11.46 7.22 29.17
C MET C 275 -10.73 8.56 29.19
N SER C 276 -11.25 9.57 29.89
CA SER C 276 -10.58 10.86 29.98
C SER C 276 -9.33 10.82 30.87
N LYS C 277 -9.19 9.79 31.70
CA LYS C 277 -7.99 9.66 32.52
C LYS C 277 -6.80 9.27 31.65
N LEU C 278 -5.60 9.61 32.14
CA LEU C 278 -4.37 9.41 31.39
C LEU C 278 -3.88 7.97 31.57
N ALA C 279 -2.66 7.71 31.13
CA ALA C 279 -2.05 6.41 31.36
C ALA C 279 -1.67 6.28 32.83
N GLY C 280 -2.02 5.14 33.43
CA GLY C 280 -1.82 4.91 34.84
C GLY C 280 -3.00 5.27 35.70
N GLU C 281 -3.93 6.08 35.19
CA GLU C 281 -5.17 6.39 35.89
C GLU C 281 -6.37 5.69 35.27
N SER C 282 -6.15 4.78 34.32
CA SER C 282 -7.24 3.96 33.82
C SER C 282 -7.72 2.99 34.89
N GLU C 283 -6.79 2.46 35.68
CA GLU C 283 -7.17 1.64 36.83
C GLU C 283 -7.86 2.46 37.90
N SER C 284 -7.52 3.75 37.98
CA SER C 284 -8.17 4.66 38.92
C SER C 284 -9.64 4.81 38.55
N ASN C 285 -10.48 4.62 39.56
CA ASN C 285 -11.95 4.60 39.62
C ASN C 285 -12.56 3.36 38.94
N LEU C 286 -11.80 2.65 38.12
CA LEU C 286 -12.33 1.43 37.52
C LEU C 286 -12.17 0.26 38.48
N ARG C 287 -11.01 0.18 39.14
CA ARG C 287 -10.89 -0.74 40.26
C ARG C 287 -11.72 -0.28 41.45
N LYS C 288 -11.83 1.04 41.65
CA LYS C 288 -12.44 1.58 42.85
C LYS C 288 -13.96 1.46 42.84
N ALA C 289 -14.60 1.50 41.67
CA ALA C 289 -16.04 1.28 41.61
C ALA C 289 -16.39 -0.15 42.02
N PHE C 290 -15.61 -1.12 41.54
CA PHE C 290 -15.83 -2.50 41.94
C PHE C 290 -15.41 -2.73 43.39
N GLU C 291 -14.43 -1.97 43.88
CA GLU C 291 -14.08 -2.03 45.31
C GLU C 291 -15.21 -1.53 46.19
N GLU C 292 -15.88 -0.45 45.77
CA GLU C 292 -17.02 0.06 46.52
C GLU C 292 -18.22 -0.87 46.39
N ALA C 293 -18.35 -1.56 45.26
CA ALA C 293 -19.36 -2.61 45.15
C ALA C 293 -19.03 -3.81 46.04
N GLU C 294 -17.75 -4.04 46.30
CA GLU C 294 -17.36 -5.09 47.23
C GLU C 294 -17.63 -4.68 48.67
N LYS C 295 -17.40 -3.41 49.00
CA LYS C 295 -17.43 -2.95 50.39
C LYS C 295 -18.84 -2.84 50.95
N ASN C 296 -19.88 -2.83 50.11
CA ASN C 296 -21.26 -2.92 50.57
C ASN C 296 -21.98 -3.94 49.71
N ALA C 297 -22.66 -4.89 50.37
CA ALA C 297 -23.19 -6.05 49.64
C ALA C 297 -24.36 -5.71 48.72
N PRO C 298 -25.55 -5.22 49.21
CA PRO C 298 -26.65 -5.05 48.26
C PRO C 298 -26.47 -3.80 47.43
N ALA C 299 -26.02 -3.97 46.18
CA ALA C 299 -25.57 -2.84 45.39
C ALA C 299 -25.69 -3.17 43.91
N ILE C 300 -25.66 -2.13 43.10
CA ILE C 300 -25.70 -2.24 41.65
C ILE C 300 -24.83 -1.13 41.08
N ILE C 301 -24.07 -1.45 40.02
CA ILE C 301 -23.27 -0.46 39.33
C ILE C 301 -23.63 -0.50 37.85
N PHE C 302 -23.24 0.55 37.14
CA PHE C 302 -23.67 0.75 35.77
C PHE C 302 -22.60 1.52 35.00
N ILE C 303 -22.35 1.10 33.77
CA ILE C 303 -21.44 1.81 32.88
C ILE C 303 -22.23 2.26 31.65
N ASP C 304 -22.08 3.53 31.30
CA ASP C 304 -22.72 4.09 30.13
C ASP C 304 -21.70 4.24 29.00
N GLU C 305 -22.21 4.18 27.76
CA GLU C 305 -21.45 4.35 26.52
C GLU C 305 -20.32 3.34 26.43
N LEU C 306 -20.72 2.07 26.28
CA LEU C 306 -19.77 0.96 26.27
C LEU C 306 -18.88 0.99 25.02
N ASP C 307 -19.38 1.61 23.94
CA ASP C 307 -18.56 1.75 22.74
C ASP C 307 -17.39 2.69 22.96
N ALA C 308 -17.53 3.66 23.86
CA ALA C 308 -16.41 4.52 24.21
C ALA C 308 -15.36 3.76 24.99
N ILE C 309 -15.77 2.90 25.91
CA ILE C 309 -14.82 2.11 26.67
C ILE C 309 -14.29 0.96 25.83
N ALA C 310 -15.18 0.13 25.28
CA ALA C 310 -14.80 -1.14 24.67
C ALA C 310 -15.38 -1.27 23.26
N PRO C 311 -14.71 -0.74 22.26
CA PRO C 311 -15.07 -1.09 20.88
C PRO C 311 -14.42 -2.39 20.47
N LYS C 312 -14.53 -2.75 19.19
CA LYS C 312 -13.84 -3.93 18.68
C LYS C 312 -12.35 -3.70 18.64
N ARG C 313 -11.58 -4.79 18.80
CA ARG C 313 -10.13 -4.69 18.93
C ARG C 313 -9.46 -4.27 17.62
N GLU C 314 -10.08 -4.61 16.49
CA GLU C 314 -9.61 -4.11 15.20
C GLU C 314 -9.80 -2.60 15.09
N LYS C 315 -10.89 -2.07 15.67
CA LYS C 315 -11.15 -0.64 15.62
C LYS C 315 -10.25 0.16 16.57
N THR C 316 -9.64 -0.51 17.54
CA THR C 316 -8.73 0.17 18.45
C THR C 316 -7.44 0.55 17.74
N HIS C 317 -6.81 1.62 18.22
CA HIS C 317 -5.49 2.03 17.74
C HIS C 317 -4.45 2.02 18.84
N GLY C 318 -4.71 2.69 19.95
CA GLY C 318 -3.76 2.73 21.05
C GLY C 318 -3.81 1.47 21.90
N GLU C 319 -2.70 1.21 22.59
CA GLU C 319 -2.61 0.03 23.44
C GLU C 319 -3.35 0.20 24.76
N VAL C 320 -3.61 1.44 25.18
CA VAL C 320 -4.31 1.64 26.45
C VAL C 320 -5.77 1.25 26.34
N GLU C 321 -6.33 1.29 25.13
CA GLU C 321 -7.70 0.80 24.93
C GLU C 321 -7.76 -0.71 25.09
N ARG C 322 -6.74 -1.42 24.59
CA ARG C 322 -6.63 -2.86 24.82
C ARG C 322 -6.41 -3.17 26.29
N ARG C 323 -5.62 -2.35 26.98
CA ARG C 323 -5.40 -2.50 28.41
C ARG C 323 -6.70 -2.30 29.19
N ILE C 324 -7.50 -1.31 28.79
CA ILE C 324 -8.76 -1.02 29.46
C ILE C 324 -9.78 -2.14 29.23
N VAL C 325 -9.86 -2.65 28.00
CA VAL C 325 -10.81 -3.73 27.74
C VAL C 325 -10.37 -5.03 28.41
N SER C 326 -9.05 -5.25 28.57
CA SER C 326 -8.62 -6.42 29.32
C SER C 326 -8.86 -6.26 30.81
N GLN C 327 -8.76 -5.03 31.33
CA GLN C 327 -9.07 -4.78 32.73
C GLN C 327 -10.54 -5.00 33.02
N LEU C 328 -11.41 -4.59 32.09
CA LEU C 328 -12.84 -4.84 32.22
C LEU C 328 -13.13 -6.33 32.13
N LEU C 329 -12.48 -7.03 31.21
CA LEU C 329 -12.67 -8.46 31.06
C LEU C 329 -12.13 -9.25 32.24
N THR C 330 -11.19 -8.68 33.00
CA THR C 330 -10.78 -9.32 34.24
C THR C 330 -11.76 -9.04 35.36
N LEU C 331 -12.12 -7.77 35.58
CA LEU C 331 -12.95 -7.42 36.72
C LEU C 331 -14.43 -7.76 36.53
N MET C 332 -14.86 -8.19 35.35
CA MET C 332 -16.25 -8.60 35.21
C MET C 332 -16.51 -9.96 35.87
N ASP C 333 -15.87 -11.01 35.36
CA ASP C 333 -16.08 -12.35 35.90
C ASP C 333 -15.04 -12.72 36.95
N GLY C 334 -14.07 -11.85 37.21
CA GLY C 334 -13.21 -12.05 38.37
C GLY C 334 -13.95 -11.87 39.67
N LEU C 335 -14.89 -10.92 39.69
CA LEU C 335 -15.75 -10.70 40.85
C LEU C 335 -17.00 -11.55 40.67
N LYS C 336 -16.82 -12.86 40.82
CA LYS C 336 -17.89 -13.83 40.66
C LYS C 336 -18.36 -14.30 42.03
N GLN C 337 -19.66 -14.18 42.27
CA GLN C 337 -20.34 -14.60 43.52
C GLN C 337 -19.76 -13.92 44.75
N ARG C 338 -19.45 -12.63 44.62
CA ARG C 338 -18.98 -11.81 45.73
C ARG C 338 -19.99 -10.71 45.96
N ALA C 339 -20.71 -10.81 47.09
CA ALA C 339 -21.65 -9.82 47.63
C ALA C 339 -22.87 -9.54 46.76
N HIS C 340 -23.06 -10.31 45.68
CA HIS C 340 -24.22 -10.23 44.78
C HIS C 340 -24.40 -8.83 44.18
N VAL C 341 -23.41 -8.40 43.40
CA VAL C 341 -23.52 -7.15 42.67
C VAL C 341 -23.91 -7.44 41.22
N ILE C 342 -24.67 -6.52 40.63
CA ILE C 342 -25.08 -6.62 39.24
C ILE C 342 -24.51 -5.42 38.50
N VAL C 343 -23.95 -5.66 37.32
CA VAL C 343 -23.47 -4.57 36.49
C VAL C 343 -24.48 -4.33 35.38
N MET C 344 -24.47 -3.12 34.84
CA MET C 344 -25.35 -2.76 33.75
C MET C 344 -24.58 -1.96 32.71
N ALA C 345 -24.88 -2.20 31.44
CA ALA C 345 -24.15 -1.57 30.36
C ALA C 345 -25.12 -1.01 29.33
N ALA C 346 -24.82 0.17 28.84
CA ALA C 346 -25.65 0.86 27.85
C ALA C 346 -24.79 1.24 26.66
N THR C 347 -25.39 1.21 25.47
CA THR C 347 -24.70 1.57 24.24
C THR C 347 -25.68 2.24 23.29
N ASN C 348 -25.23 2.43 22.06
CA ASN C 348 -26.08 2.89 20.98
C ASN C 348 -26.12 1.93 19.81
N ARG C 349 -25.30 0.88 19.82
CA ARG C 349 -25.27 -0.11 18.76
C ARG C 349 -24.67 -1.41 19.30
N PRO C 350 -25.31 -2.57 19.08
CA PRO C 350 -24.84 -3.80 19.74
C PRO C 350 -23.64 -4.47 19.09
N ASN C 351 -23.53 -4.43 17.76
CA ASN C 351 -22.44 -5.14 17.12
C ASN C 351 -21.13 -4.35 17.14
N SER C 352 -21.18 -3.07 17.48
CA SER C 352 -19.97 -2.28 17.66
C SER C 352 -19.28 -2.58 18.98
N ILE C 353 -19.96 -3.25 19.91
CA ILE C 353 -19.31 -3.74 21.12
C ILE C 353 -18.36 -4.88 20.73
N ASP C 354 -17.27 -5.01 21.50
CA ASP C 354 -16.36 -6.13 21.33
C ASP C 354 -17.09 -7.45 21.60
N PRO C 355 -17.03 -8.41 20.67
CA PRO C 355 -17.79 -9.67 20.87
C PRO C 355 -17.22 -10.57 21.95
N ALA C 356 -16.01 -10.31 22.44
CA ALA C 356 -15.51 -11.03 23.60
C ALA C 356 -16.26 -10.64 24.86
N LEU C 357 -16.87 -9.45 24.86
CA LEU C 357 -17.69 -8.99 25.97
C LEU C 357 -19.11 -9.53 25.92
N ARG C 358 -19.47 -10.28 24.88
CA ARG C 358 -20.80 -10.85 24.76
C ARG C 358 -20.80 -12.37 24.81
N ARG C 359 -20.00 -12.96 25.70
CA ARG C 359 -20.01 -14.40 25.88
C ARG C 359 -21.13 -14.81 26.81
N PHE C 360 -21.08 -16.06 27.27
CA PHE C 360 -22.07 -16.53 28.23
C PHE C 360 -21.89 -15.87 29.59
N GLY C 361 -20.65 -15.77 30.05
CA GLY C 361 -20.41 -15.22 31.37
C GLY C 361 -20.47 -13.70 31.40
N ARG C 362 -20.41 -13.07 30.23
CA ARG C 362 -20.35 -11.62 30.14
C ARG C 362 -21.43 -11.10 29.20
N PHE C 363 -22.39 -10.37 29.77
CA PHE C 363 -23.36 -9.52 29.05
C PHE C 363 -24.19 -10.31 28.06
N ASP C 364 -25.00 -11.23 28.57
CA ASP C 364 -25.77 -12.13 27.72
C ASP C 364 -27.22 -11.72 27.56
N ARG C 365 -27.86 -11.26 28.62
CA ARG C 365 -29.27 -10.90 28.54
C ARG C 365 -29.47 -9.56 27.85
N GLU C 366 -29.35 -9.55 26.52
CA GLU C 366 -29.56 -8.34 25.74
C GLU C 366 -31.04 -7.97 25.72
N VAL C 367 -31.39 -6.85 26.32
CA VAL C 367 -32.74 -6.31 26.24
C VAL C 367 -32.70 -5.03 25.42
N ASP C 368 -33.61 -4.92 24.47
CA ASP C 368 -33.67 -3.75 23.59
C ASP C 368 -34.76 -2.77 24.03
N ILE C 369 -34.37 -1.51 24.21
CA ILE C 369 -35.35 -0.49 24.58
C ILE C 369 -36.21 -0.14 23.37
N GLY C 370 -35.58 0.05 22.22
CA GLY C 370 -36.29 0.29 20.98
C GLY C 370 -36.90 1.68 20.92
N ILE C 371 -37.65 1.91 19.85
CA ILE C 371 -38.41 3.14 19.72
C ILE C 371 -39.70 2.97 20.50
N PRO C 372 -40.27 4.03 21.07
CA PRO C 372 -41.57 3.91 21.72
C PRO C 372 -42.69 3.75 20.70
N ASP C 373 -43.84 3.29 21.19
CA ASP C 373 -45.01 3.11 20.35
C ASP C 373 -45.74 4.44 20.19
N ALA C 374 -46.79 4.45 19.36
CA ALA C 374 -47.67 5.60 19.28
C ALA C 374 -48.41 5.82 20.59
N THR C 375 -48.91 4.74 21.19
CA THR C 375 -49.39 4.81 22.56
C THR C 375 -48.25 5.07 23.54
N GLY C 376 -47.05 4.57 23.21
CA GLY C 376 -45.88 4.92 23.98
C GLY C 376 -45.51 6.40 23.87
N ARG C 377 -45.68 6.96 22.68
CA ARG C 377 -45.51 8.40 22.50
C ARG C 377 -46.55 9.19 23.29
N LEU C 378 -47.78 8.68 23.32
CA LEU C 378 -48.84 9.27 24.14
C LEU C 378 -48.49 9.24 25.63
N GLU C 379 -47.95 8.11 26.09
CA GLU C 379 -47.55 7.99 27.49
C GLU C 379 -46.37 8.89 27.82
N ILE C 380 -45.43 9.03 26.88
CA ILE C 380 -44.27 9.90 27.08
C ILE C 380 -44.73 11.36 27.17
N LEU C 381 -45.66 11.76 26.31
CA LEU C 381 -46.19 13.11 26.39
C LEU C 381 -47.03 13.32 27.66
N GLN C 382 -47.75 12.28 28.10
CA GLN C 382 -48.54 12.37 29.32
C GLN C 382 -47.65 12.56 30.55
N ILE C 383 -46.54 11.83 30.63
CA ILE C 383 -45.62 12.00 31.75
C ILE C 383 -44.73 13.22 31.57
N HIS C 384 -44.66 13.80 30.37
CA HIS C 384 -43.85 14.99 30.18
C HIS C 384 -44.63 16.29 30.35
N THR C 385 -45.95 16.26 30.28
CA THR C 385 -46.77 17.44 30.54
C THR C 385 -47.16 17.56 32.02
N LYS C 386 -46.46 16.89 32.92
CA LYS C 386 -46.75 17.08 34.35
C LYS C 386 -46.26 18.43 34.84
N ASN C 387 -45.05 18.81 34.47
CA ASN C 387 -44.48 20.10 34.90
C ASN C 387 -44.73 21.19 33.86
N MET C 388 -45.99 21.30 33.41
CA MET C 388 -46.37 22.28 32.40
C MET C 388 -47.89 22.41 32.46
N LYS C 389 -48.37 23.62 32.68
CA LYS C 389 -49.82 23.89 32.70
C LYS C 389 -50.25 24.19 31.27
N LEU C 390 -50.91 23.24 30.64
CA LEU C 390 -51.38 23.42 29.28
C LEU C 390 -52.65 24.25 29.24
N ALA C 391 -53.08 24.60 28.04
CA ALA C 391 -54.28 25.40 27.83
C ALA C 391 -55.54 24.57 27.74
N ASP C 392 -55.43 23.24 27.92
CA ASP C 392 -56.53 22.27 27.90
C ASP C 392 -57.29 22.29 26.58
N ASP C 393 -56.58 22.55 25.48
CA ASP C 393 -57.17 22.59 24.16
C ASP C 393 -56.60 21.56 23.20
N VAL C 394 -55.40 21.05 23.44
CA VAL C 394 -54.81 20.02 22.59
C VAL C 394 -55.41 18.68 22.98
N ASP C 395 -55.19 17.66 22.15
CA ASP C 395 -55.64 16.31 22.44
C ASP C 395 -54.51 15.35 22.79
N LEU C 396 -53.27 15.69 22.41
CA LEU C 396 -52.05 14.89 22.61
C LEU C 396 -52.11 13.53 21.92
N GLU C 397 -53.03 13.34 20.98
CA GLU C 397 -53.22 12.05 20.33
C GLU C 397 -53.01 12.14 18.83
N GLN C 398 -53.63 13.13 18.17
CA GLN C 398 -53.40 13.37 16.76
C GLN C 398 -51.95 13.79 16.51
N VAL C 399 -51.39 14.56 17.45
CA VAL C 399 -49.97 14.90 17.41
C VAL C 399 -49.12 13.64 17.59
N ALA C 400 -49.56 12.73 18.47
CA ALA C 400 -48.79 11.53 18.77
C ALA C 400 -48.75 10.58 17.59
N ASN C 401 -49.90 10.32 16.96
CA ASN C 401 -49.90 9.45 15.79
C ASN C 401 -49.39 10.16 14.55
N GLU C 402 -49.41 11.50 14.52
CA GLU C 402 -48.82 12.22 13.40
C GLU C 402 -47.30 12.26 13.50
N THR C 403 -46.76 12.28 14.71
CA THR C 403 -45.33 12.08 14.88
C THR C 403 -44.97 10.64 14.61
N HIS C 404 -43.90 10.43 13.85
CA HIS C 404 -43.43 9.10 13.54
C HIS C 404 -41.92 9.06 13.64
N GLY C 405 -41.40 8.05 14.34
CA GLY C 405 -39.97 7.88 14.48
C GLY C 405 -39.27 8.95 15.31
N HIS C 406 -39.88 9.36 16.42
CA HIS C 406 -39.25 10.26 17.37
C HIS C 406 -39.04 9.53 18.68
N VAL C 407 -37.83 9.63 19.22
CA VAL C 407 -37.46 8.99 20.48
C VAL C 407 -37.96 9.92 21.58
N GLY C 408 -37.98 9.44 22.84
CA GLY C 408 -38.54 10.22 23.94
C GLY C 408 -37.79 11.52 24.21
N ALA C 409 -36.49 11.54 23.93
CA ALA C 409 -35.75 12.80 23.95
C ALA C 409 -36.24 13.76 22.88
N ASP C 410 -36.63 13.23 21.72
CA ASP C 410 -37.16 14.10 20.67
C ASP C 410 -38.56 14.61 21.00
N LEU C 411 -39.38 13.83 21.72
CA LEU C 411 -40.65 14.37 22.19
C LEU C 411 -40.44 15.41 23.27
N ALA C 412 -39.42 15.24 24.11
CA ALA C 412 -39.07 16.29 25.08
C ALA C 412 -38.62 17.56 24.38
N ALA C 413 -37.83 17.42 23.31
CA ALA C 413 -37.42 18.57 22.51
C ALA C 413 -38.60 19.19 21.76
N LEU C 414 -39.57 18.38 21.35
CA LEU C 414 -40.77 18.89 20.71
C LEU C 414 -41.62 19.70 21.69
N CYS C 415 -41.72 19.23 22.94
CA CYS C 415 -42.39 19.99 23.98
C CYS C 415 -41.67 21.30 24.26
N SER C 416 -40.33 21.26 24.27
CA SER C 416 -39.53 22.48 24.43
C SER C 416 -39.75 23.45 23.28
N GLU C 417 -39.83 22.95 22.05
CA GLU C 417 -40.01 23.80 20.88
C GLU C 417 -41.40 24.43 20.85
N ALA C 418 -42.42 23.67 21.25
CA ALA C 418 -43.78 24.22 21.33
C ALA C 418 -43.89 25.27 22.42
N ALA C 419 -43.24 25.03 23.57
CA ALA C 419 -43.27 26.02 24.65
C ALA C 419 -42.48 27.26 24.29
N LEU C 420 -41.39 27.11 23.55
CA LEU C 420 -40.62 28.27 23.12
C LEU C 420 -41.37 29.04 22.03
N GLN C 421 -42.14 28.36 21.18
CA GLN C 421 -43.00 29.05 20.23
C GLN C 421 -44.09 29.87 20.95
N ALA C 422 -44.70 29.27 21.97
CA ALA C 422 -45.72 29.98 22.74
C ALA C 422 -45.14 31.14 23.53
N ILE C 423 -43.89 31.03 23.98
CA ILE C 423 -43.21 32.16 24.60
C ILE C 423 -42.89 33.23 23.56
N ARG C 424 -42.48 32.81 22.36
CA ARG C 424 -42.03 33.73 21.31
C ARG C 424 -43.19 34.56 20.76
N LYS C 425 -44.38 33.97 20.65
CA LYS C 425 -45.51 34.74 20.15
C LYS C 425 -46.02 35.75 21.17
N LYS C 426 -45.71 35.57 22.45
CA LYS C 426 -46.08 36.54 23.47
C LYS C 426 -45.14 37.73 23.45
N MET C 427 -45.67 38.90 23.76
CA MET C 427 -44.84 40.07 23.96
C MET C 427 -44.11 39.96 25.29
N ASP C 428 -42.79 40.18 25.27
CA ASP C 428 -41.96 39.94 26.44
C ASP C 428 -42.09 41.08 27.44
N LEU C 429 -42.31 40.72 28.70
CA LEU C 429 -42.38 41.70 29.79
C LEU C 429 -41.88 41.02 31.05
N ILE C 430 -41.08 41.73 31.84
CA ILE C 430 -40.36 41.12 32.97
C ILE C 430 -41.30 41.20 34.17
N ASP C 438 -42.21 40.24 34.25
CA ASP C 438 -43.09 40.04 35.39
C ASP C 438 -43.49 38.57 35.45
N ALA C 439 -44.34 38.25 36.42
CA ALA C 439 -44.91 36.92 36.54
C ALA C 439 -46.26 36.79 35.86
N GLU C 440 -46.72 37.85 35.19
CA GLU C 440 -47.99 37.81 34.47
C GLU C 440 -47.92 36.94 33.22
N VAL C 441 -46.73 36.71 32.68
CA VAL C 441 -46.54 35.72 31.64
C VAL C 441 -46.09 34.37 32.20
N MET C 442 -45.68 34.32 33.47
CA MET C 442 -45.28 33.05 34.07
C MET C 442 -46.49 32.17 34.35
N ASN C 443 -47.55 32.74 34.94
CA ASN C 443 -48.73 31.95 35.26
C ASN C 443 -49.58 31.63 34.04
N SER C 444 -49.43 32.40 32.97
CA SER C 444 -50.20 32.21 31.74
C SER C 444 -49.43 31.41 30.70
N LEU C 445 -48.64 30.44 31.16
CA LEU C 445 -48.01 29.50 30.25
C LEU C 445 -49.08 28.60 29.63
N ALA C 446 -48.94 28.34 28.34
CA ALA C 446 -49.95 27.56 27.62
C ALA C 446 -49.30 26.95 26.38
N VAL C 447 -49.97 25.96 25.83
CA VAL C 447 -49.64 25.40 24.53
C VAL C 447 -50.93 25.28 23.72
N THR C 448 -50.84 25.54 22.43
CA THR C 448 -51.97 25.40 21.53
C THR C 448 -51.75 24.21 20.61
N MET C 449 -52.81 23.80 19.93
CA MET C 449 -52.69 22.75 18.93
C MET C 449 -51.85 23.20 17.75
N ASP C 450 -51.96 24.48 17.37
CA ASP C 450 -51.12 25.02 16.32
C ASP C 450 -49.67 25.10 16.76
N ASP C 451 -49.41 25.27 18.06
CA ASP C 451 -48.05 25.22 18.58
C ASP C 451 -47.46 23.83 18.45
N PHE C 452 -48.27 22.79 18.70
CA PHE C 452 -47.81 21.42 18.48
C PHE C 452 -47.62 21.12 17.00
N ARG C 453 -48.46 21.66 16.12
CA ARG C 453 -48.25 21.46 14.68
C ARG C 453 -47.00 22.21 14.20
N TRP C 454 -46.72 23.37 14.79
CA TRP C 454 -45.50 24.09 14.47
C TRP C 454 -44.26 23.34 14.96
N ALA C 455 -44.33 22.77 16.16
CA ALA C 455 -43.22 21.98 16.68
C ALA C 455 -43.04 20.68 15.91
N LEU C 456 -44.14 20.11 15.42
CA LEU C 456 -44.05 18.93 14.57
C LEU C 456 -43.50 19.28 13.19
N SER C 457 -43.69 20.52 12.74
CA SER C 457 -43.21 20.90 11.42
C SER C 457 -41.70 21.11 11.43
N GLN C 458 -41.21 22.08 12.20
CA GLN C 458 -39.77 22.36 12.24
C GLN C 458 -39.05 21.43 13.21
N SER C 459 -39.04 20.14 12.85
CA SER C 459 -38.28 19.14 13.58
C SER C 459 -38.01 17.99 12.61
N ASN C 460 -37.06 17.13 13.00
CA ASN C 460 -36.74 15.98 12.17
C ASN C 460 -36.76 14.70 12.99
N PRO C 461 -37.27 13.59 12.43
CA PRO C 461 -37.31 12.32 13.17
C PRO C 461 -35.93 11.68 13.18
N SER C 462 -35.26 11.75 14.34
CA SER C 462 -33.92 11.18 14.44
C SER C 462 -33.96 9.67 14.48
N ALA C 463 -35.03 9.08 14.99
CA ALA C 463 -35.18 7.63 15.05
C ALA C 463 -35.76 7.06 13.76
N LEU C 464 -36.02 7.90 12.76
CA LEU C 464 -36.37 7.40 11.44
C LEU C 464 -35.14 6.75 10.80
N ARG C 465 -35.40 5.86 9.84
CA ARG C 465 -34.54 4.94 9.10
C ARG C 465 -34.16 3.72 9.95
N GLU C 466 -34.48 3.69 11.23
CA GLU C 466 -34.44 2.44 11.97
C GLU C 466 -35.61 1.57 11.56
N THR C 467 -35.36 0.26 11.45
CA THR C 467 -36.41 -0.67 11.05
C THR C 467 -37.42 -0.81 12.18
N VAL C 468 -38.65 -0.40 11.92
CA VAL C 468 -39.63 -0.18 12.97
C VAL C 468 -40.25 -1.51 13.39
N VAL C 469 -40.54 -1.62 14.68
CA VAL C 469 -41.12 -2.83 15.28
C VAL C 469 -42.37 -2.46 16.09
N GLU C 470 -43.53 -2.55 15.45
CA GLU C 470 -44.80 -2.30 16.13
C GLU C 470 -45.91 -3.05 15.39
N VAL C 471 -47.13 -2.84 15.86
CA VAL C 471 -48.33 -3.34 15.19
C VAL C 471 -48.98 -2.18 14.46
N PRO C 472 -49.31 -2.30 13.18
CA PRO C 472 -50.07 -1.27 12.47
C PRO C 472 -51.55 -1.26 12.86
N GLN C 473 -52.36 -0.48 12.16
CA GLN C 473 -53.76 -0.29 12.52
C GLN C 473 -54.69 -0.34 11.29
N VAL C 474 -54.53 -1.37 10.46
CA VAL C 474 -55.20 -1.34 9.17
C VAL C 474 -56.55 -2.06 9.10
N THR C 475 -56.86 -2.96 10.06
CA THR C 475 -58.24 -3.35 10.40
C THR C 475 -59.02 -4.03 9.25
N TRP C 476 -58.87 -5.35 9.10
CA TRP C 476 -59.27 -6.21 7.96
C TRP C 476 -60.46 -5.82 7.07
N GLU C 477 -61.48 -5.18 7.66
CA GLU C 477 -62.73 -4.86 6.96
C GLU C 477 -62.52 -3.96 5.74
N ASP C 478 -61.42 -3.20 5.69
CA ASP C 478 -61.12 -2.36 4.53
C ASP C 478 -60.56 -3.14 3.34
N ILE C 479 -60.54 -4.48 3.38
CA ILE C 479 -60.12 -5.25 2.21
C ILE C 479 -61.23 -5.19 1.16
N GLY C 480 -60.86 -5.39 -0.10
CA GLY C 480 -61.79 -5.23 -1.20
C GLY C 480 -62.71 -6.40 -1.48
N GLY C 481 -62.48 -7.55 -0.85
CA GLY C 481 -63.31 -8.70 -1.11
C GLY C 481 -62.54 -9.97 -1.35
N LEU C 482 -61.23 -9.94 -1.09
CA LEU C 482 -60.39 -11.13 -1.16
C LEU C 482 -60.69 -11.98 0.06
N GLU C 483 -61.56 -12.99 -0.09
CA GLU C 483 -61.97 -13.83 1.03
C GLU C 483 -61.15 -15.09 1.17
N ASP C 484 -60.86 -15.77 0.05
CA ASP C 484 -60.10 -17.01 0.09
C ASP C 484 -58.65 -16.77 0.52
N VAL C 485 -58.04 -15.70 0.03
CA VAL C 485 -56.69 -15.34 0.42
C VAL C 485 -56.64 -14.95 1.89
N LYS C 486 -57.66 -14.22 2.35
CA LYS C 486 -57.75 -13.85 3.76
C LYS C 486 -57.90 -15.08 4.65
N ARG C 487 -58.75 -16.03 4.25
CA ARG C 487 -58.95 -17.23 5.05
C ARG C 487 -57.71 -18.12 5.09
N GLU C 488 -57.04 -18.26 3.94
CA GLU C 488 -55.84 -19.09 3.90
C GLU C 488 -54.69 -18.47 4.69
N LEU C 489 -54.50 -17.15 4.57
CA LEU C 489 -53.47 -16.48 5.36
C LEU C 489 -53.81 -16.50 6.85
N GLN C 490 -55.10 -16.42 7.17
CA GLN C 490 -55.54 -16.47 8.57
C GLN C 490 -55.24 -17.83 9.18
N GLU C 491 -55.53 -18.90 8.45
CA GLU C 491 -55.27 -20.25 8.92
C GLU C 491 -53.78 -20.55 9.01
N LEU C 492 -52.98 -20.06 8.05
CA LEU C 492 -51.55 -20.30 8.12
C LEU C 492 -50.83 -19.39 9.10
N VAL C 493 -51.46 -18.31 9.60
CA VAL C 493 -50.71 -17.44 10.50
C VAL C 493 -51.25 -17.46 11.93
N GLN C 494 -52.52 -17.10 12.13
CA GLN C 494 -52.97 -16.86 13.51
C GLN C 494 -53.21 -18.15 14.27
N TYR C 495 -53.60 -19.22 13.58
CA TYR C 495 -53.99 -20.47 14.23
C TYR C 495 -52.92 -21.14 15.11
N PRO C 496 -51.62 -21.18 14.78
CA PRO C 496 -50.66 -21.67 15.79
C PRO C 496 -50.43 -20.72 16.95
N VAL C 497 -50.77 -19.44 16.82
CA VAL C 497 -50.36 -18.46 17.82
C VAL C 497 -51.29 -18.49 19.03
N GLU C 498 -52.56 -18.16 18.83
CA GLU C 498 -53.50 -18.02 19.94
C GLU C 498 -54.14 -19.34 20.36
N HIS C 499 -53.87 -20.43 19.65
CA HIS C 499 -54.33 -21.75 20.06
C HIS C 499 -53.15 -22.70 20.10
N PRO C 500 -52.29 -22.61 21.14
CA PRO C 500 -51.13 -23.51 21.19
C PRO C 500 -51.48 -24.93 21.62
N ASP C 501 -52.52 -25.07 22.47
CA ASP C 501 -52.97 -26.39 22.87
C ASP C 501 -53.65 -27.11 21.72
N LYS C 502 -54.40 -26.39 20.88
CA LYS C 502 -54.89 -26.97 19.65
C LYS C 502 -53.79 -27.17 18.63
N PHE C 503 -52.66 -26.47 18.78
CA PHE C 503 -51.50 -26.70 17.95
C PHE C 503 -50.49 -27.65 18.61
N LEU C 504 -50.97 -28.59 19.43
CA LEU C 504 -50.07 -29.58 20.02
C LEU C 504 -50.69 -30.97 20.12
N LYS C 505 -51.87 -31.22 19.57
CA LYS C 505 -52.56 -32.49 19.78
C LYS C 505 -52.61 -33.36 18.53
N PHE C 506 -53.20 -32.87 17.45
CA PHE C 506 -53.30 -33.61 16.20
C PHE C 506 -53.57 -32.62 15.07
N GLY C 507 -52.93 -32.84 13.93
CA GLY C 507 -53.17 -31.97 12.79
C GLY C 507 -51.94 -31.41 12.11
N MET C 508 -51.82 -30.09 12.12
CA MET C 508 -50.91 -29.35 11.26
C MET C 508 -49.53 -29.19 11.91
N THR C 509 -48.54 -29.91 11.39
CA THR C 509 -47.16 -29.55 11.65
C THR C 509 -46.79 -28.42 10.70
N PRO C 510 -46.39 -27.25 11.21
CA PRO C 510 -46.46 -26.02 10.41
C PRO C 510 -45.42 -25.95 9.30
N SER C 511 -45.82 -25.30 8.21
CA SER C 511 -44.96 -25.00 7.07
C SER C 511 -45.05 -23.49 6.84
N LYS C 512 -44.15 -22.74 7.48
CA LYS C 512 -44.15 -21.30 7.39
C LYS C 512 -43.64 -20.85 6.01
N GLY C 513 -43.82 -19.57 5.73
CA GLY C 513 -43.29 -19.01 4.50
C GLY C 513 -44.27 -19.02 3.36
N VAL C 514 -44.54 -17.83 2.80
CA VAL C 514 -45.45 -17.69 1.68
C VAL C 514 -45.04 -16.43 0.93
N LEU C 515 -45.37 -16.38 -0.36
CA LEU C 515 -45.07 -15.20 -1.16
C LEU C 515 -46.28 -14.83 -2.01
N PHE C 516 -46.45 -13.53 -2.21
CA PHE C 516 -47.56 -12.99 -2.99
C PHE C 516 -47.04 -12.59 -4.37
N TYR C 517 -47.88 -12.78 -5.38
CA TYR C 517 -47.54 -12.39 -6.74
C TYR C 517 -48.81 -12.09 -7.52
N GLY C 518 -48.64 -11.36 -8.61
CA GLY C 518 -49.74 -11.01 -9.49
C GLY C 518 -49.40 -9.85 -10.39
N PRO C 519 -50.38 -8.97 -10.62
CA PRO C 519 -50.09 -7.74 -11.34
C PRO C 519 -49.18 -6.83 -10.53
N PRO C 520 -48.39 -5.97 -11.18
CA PRO C 520 -47.46 -5.14 -10.41
C PRO C 520 -48.14 -4.02 -9.64
N GLY C 521 -49.28 -3.53 -10.11
CA GLY C 521 -49.99 -2.50 -9.39
C GLY C 521 -51.13 -3.07 -8.58
N CYS C 522 -50.90 -4.20 -7.91
CA CYS C 522 -51.96 -4.92 -7.22
C CYS C 522 -51.86 -4.70 -5.71
N GLY C 523 -52.96 -5.01 -5.04
CA GLY C 523 -53.06 -4.84 -3.60
C GLY C 523 -52.53 -6.01 -2.78
N LYS C 524 -51.21 -6.10 -2.65
CA LYS C 524 -50.61 -7.19 -1.89
C LYS C 524 -49.93 -6.74 -0.62
N THR C 525 -49.70 -5.44 -0.43
CA THR C 525 -48.92 -4.98 0.71
C THR C 525 -49.72 -5.00 2.02
N LEU C 526 -51.03 -4.70 1.96
CA LEU C 526 -51.80 -4.41 3.17
C LEU C 526 -52.14 -5.68 3.96
N LEU C 527 -52.07 -6.86 3.35
CA LEU C 527 -52.50 -8.07 4.04
C LEU C 527 -51.53 -8.50 5.14
N ALA C 528 -50.25 -8.19 4.98
CA ALA C 528 -49.29 -8.42 6.06
C ALA C 528 -49.59 -7.55 7.26
N LYS C 529 -49.95 -6.29 7.02
CA LYS C 529 -50.40 -5.42 8.10
C LYS C 529 -51.72 -5.91 8.70
N ALA C 530 -52.57 -6.51 7.89
CA ALA C 530 -53.86 -7.02 8.37
C ALA C 530 -53.67 -8.21 9.32
N ILE C 531 -52.80 -9.16 8.95
CA ILE C 531 -52.52 -10.25 9.88
C ILE C 531 -51.65 -9.79 11.04
N ALA C 532 -50.92 -8.68 10.90
CA ALA C 532 -50.24 -8.10 12.06
C ALA C 532 -51.24 -7.53 13.05
N ASN C 533 -52.32 -6.91 12.54
CA ASN C 533 -53.36 -6.40 13.43
C ASN C 533 -54.15 -7.53 14.08
N GLU C 534 -54.60 -8.50 13.30
CA GLU C 534 -55.40 -9.61 13.82
C GLU C 534 -54.59 -10.89 13.97
N CYS C 535 -53.34 -10.76 14.41
CA CYS C 535 -52.57 -11.87 14.97
C CYS C 535 -51.99 -11.50 16.32
N GLN C 536 -52.09 -10.23 16.73
CA GLN C 536 -51.41 -9.65 17.90
C GLN C 536 -49.90 -9.91 17.83
N ALA C 537 -49.31 -9.60 16.68
CA ALA C 537 -47.89 -9.73 16.45
C ALA C 537 -47.34 -8.45 15.86
N ASN C 538 -46.13 -8.08 16.28
CA ASN C 538 -45.50 -6.89 15.72
C ASN C 538 -45.06 -7.16 14.29
N PHE C 539 -44.95 -6.08 13.52
CA PHE C 539 -44.73 -6.16 12.08
C PHE C 539 -43.36 -5.60 11.75
N ILE C 540 -42.54 -6.41 11.09
CA ILE C 540 -41.24 -5.98 10.59
C ILE C 540 -41.27 -6.07 9.07
N SER C 541 -41.13 -4.92 8.42
CA SER C 541 -41.18 -4.85 6.95
C SER C 541 -39.93 -4.12 6.47
N ILE C 542 -38.90 -4.88 6.14
CA ILE C 542 -37.76 -4.29 5.45
C ILE C 542 -38.07 -4.23 3.96
N LYS C 543 -37.38 -3.32 3.28
CA LYS C 543 -37.59 -3.12 1.85
C LYS C 543 -36.47 -3.80 1.07
N GLY C 544 -36.83 -4.39 -0.07
CA GLY C 544 -35.87 -4.86 -1.04
C GLY C 544 -34.92 -3.81 -1.57
N PRO C 545 -35.38 -2.61 -1.90
CA PRO C 545 -34.45 -1.49 -2.11
C PRO C 545 -33.55 -1.17 -0.92
N GLU C 546 -34.01 -1.39 0.31
CA GLU C 546 -33.19 -1.10 1.47
C GLU C 546 -32.05 -2.10 1.67
N LEU C 547 -32.18 -3.31 1.11
CA LEU C 547 -31.13 -4.31 1.27
C LEU C 547 -29.88 -3.96 0.45
N LEU C 548 -30.05 -3.34 -0.71
CA LEU C 548 -28.88 -3.02 -1.53
C LEU C 548 -28.09 -1.84 -0.99
N THR C 549 -28.67 -1.05 -0.07
CA THR C 549 -27.93 0.01 0.61
C THR C 549 -26.80 -0.57 1.45
N MET C 550 -27.06 -1.67 2.16
CA MET C 550 -26.02 -2.36 2.91
C MET C 550 -25.31 -3.44 2.10
N TRP C 551 -25.86 -3.84 0.94
CA TRP C 551 -25.08 -4.65 0.03
C TRP C 551 -23.94 -3.85 -0.58
N PHE C 552 -24.19 -2.56 -0.87
CA PHE C 552 -23.11 -1.67 -1.30
C PHE C 552 -22.19 -1.42 -0.12
N GLY C 553 -20.99 -1.99 -0.16
CA GLY C 553 -20.05 -1.92 0.94
C GLY C 553 -19.76 -3.24 1.61
N GLU C 554 -20.29 -4.35 1.06
CA GLU C 554 -20.04 -5.73 1.52
C GLU C 554 -20.46 -5.95 2.97
N SER C 555 -21.51 -5.26 3.41
CA SER C 555 -21.99 -5.34 4.79
C SER C 555 -23.10 -6.38 4.85
N GLU C 556 -22.71 -7.63 5.09
CA GLU C 556 -23.65 -8.72 5.24
C GLU C 556 -24.29 -8.78 6.63
N ALA C 557 -23.74 -8.04 7.60
CA ALA C 557 -24.21 -8.12 8.98
C ALA C 557 -25.54 -7.42 9.20
N ASN C 558 -26.01 -6.61 8.26
CA ASN C 558 -27.29 -5.92 8.44
C ASN C 558 -28.46 -6.90 8.38
N VAL C 559 -28.38 -7.89 7.49
CA VAL C 559 -29.41 -8.93 7.41
C VAL C 559 -29.38 -9.79 8.67
N ARG C 560 -28.18 -10.02 9.22
CA ARG C 560 -28.04 -10.70 10.51
C ARG C 560 -28.69 -9.90 11.63
N GLU C 561 -28.53 -8.58 11.61
CA GLU C 561 -29.17 -7.72 12.61
C GLU C 561 -30.69 -7.74 12.47
N ILE C 562 -31.19 -7.78 11.23
CA ILE C 562 -32.62 -7.83 10.99
C ILE C 562 -33.21 -9.14 11.51
N PHE C 563 -32.55 -10.26 11.24
CA PHE C 563 -33.05 -11.54 11.73
C PHE C 563 -32.87 -11.68 13.24
N ASP C 564 -31.86 -11.03 13.81
CA ASP C 564 -31.71 -11.01 15.27
C ASP C 564 -32.81 -10.19 15.92
N LYS C 565 -33.22 -9.09 15.27
CA LYS C 565 -34.37 -8.33 15.74
C LYS C 565 -35.66 -9.14 15.63
N ALA C 566 -35.76 -9.97 14.58
CA ALA C 566 -36.90 -10.86 14.44
C ALA C 566 -36.93 -11.90 15.55
N ARG C 567 -35.75 -12.41 15.95
CA ARG C 567 -35.68 -13.29 17.11
C ARG C 567 -36.07 -12.57 18.39
N GLN C 568 -35.64 -11.32 18.54
CA GLN C 568 -35.85 -10.59 19.78
C GLN C 568 -37.30 -10.14 19.93
N ALA C 569 -38.01 -9.95 18.82
CA ALA C 569 -39.38 -9.43 18.83
C ALA C 569 -40.41 -10.53 18.58
N ALA C 570 -40.19 -11.72 19.12
CA ALA C 570 -41.15 -12.80 18.94
C ALA C 570 -42.41 -12.52 19.77
N PRO C 571 -43.61 -12.76 19.20
CA PRO C 571 -43.92 -13.24 17.85
C PRO C 571 -43.87 -12.14 16.80
N CYS C 572 -43.53 -12.49 15.56
CA CYS C 572 -43.33 -11.48 14.52
C CYS C 572 -43.69 -12.05 13.16
N VAL C 573 -43.93 -11.14 12.21
CA VAL C 573 -44.18 -11.47 10.81
C VAL C 573 -43.21 -10.66 9.97
N LEU C 574 -42.38 -11.34 9.20
CA LEU C 574 -41.47 -10.64 8.31
C LEU C 574 -42.17 -10.30 7.00
N PHE C 575 -41.61 -9.32 6.30
CA PHE C 575 -42.15 -8.91 5.01
C PHE C 575 -40.99 -8.36 4.17
N PHE C 576 -40.46 -9.20 3.28
CA PHE C 576 -39.43 -8.76 2.33
C PHE C 576 -40.17 -8.20 1.13
N ASP C 577 -40.37 -6.89 1.12
CA ASP C 577 -41.11 -6.26 0.05
C ASP C 577 -40.21 -6.00 -1.14
N GLU C 578 -40.77 -6.18 -2.34
CA GLU C 578 -40.18 -5.81 -3.63
C GLU C 578 -38.85 -6.53 -3.88
N LEU C 579 -38.96 -7.86 -4.03
CA LEU C 579 -37.83 -8.65 -4.52
C LEU C 579 -37.56 -8.45 -6.00
N ASP C 580 -38.49 -7.83 -6.74
CA ASP C 580 -38.27 -7.53 -8.14
C ASP C 580 -37.18 -6.49 -8.35
N SER C 581 -36.88 -5.65 -7.35
CA SER C 581 -35.73 -4.76 -7.45
C SER C 581 -34.42 -5.54 -7.43
N ILE C 582 -34.33 -6.57 -6.57
CA ILE C 582 -33.17 -7.46 -6.56
C ILE C 582 -33.10 -8.22 -7.87
N ALA C 583 -34.26 -8.62 -8.41
CA ALA C 583 -34.30 -9.29 -9.71
C ALA C 583 -33.85 -8.36 -10.84
N LYS C 584 -34.17 -7.07 -10.73
CA LYS C 584 -33.68 -6.09 -11.70
C LYS C 584 -32.18 -5.90 -11.59
N ALA C 585 -31.66 -5.86 -10.36
CA ALA C 585 -30.23 -5.69 -10.16
C ALA C 585 -29.44 -6.91 -10.62
N ARG C 586 -30.03 -8.09 -10.56
CA ARG C 586 -29.38 -9.30 -11.06
C ARG C 586 -29.72 -9.61 -12.51
N GLY C 587 -30.65 -8.89 -13.12
CA GLY C 587 -31.03 -9.15 -14.49
C GLY C 587 -30.55 -8.09 -15.46
N GLY C 588 -30.52 -6.83 -15.02
CA GLY C 588 -30.04 -5.76 -15.88
C GLY C 588 -28.54 -5.76 -16.07
N ASN C 589 -27.79 -6.36 -15.15
CA ASN C 589 -26.33 -6.38 -15.20
C ASN C 589 -25.84 -7.60 -14.42
N ILE C 590 -24.52 -7.80 -14.45
CA ILE C 590 -23.92 -8.92 -13.72
C ILE C 590 -23.82 -8.54 -12.24
N GLY C 591 -23.86 -9.55 -11.38
CA GLY C 591 -23.73 -9.32 -9.94
C GLY C 591 -23.14 -10.53 -9.23
N ALA C 597 -27.41 -6.63 -5.11
CA ALA C 597 -27.75 -7.52 -6.23
C ALA C 597 -28.13 -8.91 -5.73
N ASP C 598 -27.64 -9.94 -6.41
CA ASP C 598 -28.00 -11.32 -6.11
C ASP C 598 -27.08 -11.97 -5.09
N ARG C 599 -26.41 -11.19 -4.26
CA ARG C 599 -25.56 -11.76 -3.22
C ARG C 599 -26.18 -11.68 -1.83
N VAL C 600 -27.03 -10.67 -1.57
CA VAL C 600 -27.79 -10.67 -0.34
C VAL C 600 -28.97 -11.63 -0.40
N ILE C 601 -29.38 -12.05 -1.60
CA ILE C 601 -30.42 -13.06 -1.71
C ILE C 601 -29.89 -14.42 -1.29
N ASN C 602 -28.57 -14.64 -1.32
CA ASN C 602 -27.98 -15.81 -0.69
C ASN C 602 -27.88 -15.64 0.82
N GLN C 603 -27.71 -14.40 1.28
CA GLN C 603 -27.76 -14.13 2.71
C GLN C 603 -29.15 -14.32 3.28
N ILE C 604 -30.18 -14.12 2.45
CA ILE C 604 -31.56 -14.34 2.88
C ILE C 604 -31.82 -15.82 3.09
N LEU C 605 -31.37 -16.66 2.14
CA LEU C 605 -31.63 -18.09 2.21
C LEU C 605 -30.87 -18.75 3.36
N THR C 606 -29.65 -18.29 3.63
CA THR C 606 -28.86 -18.85 4.72
C THR C 606 -29.44 -18.45 6.07
N GLU C 607 -29.86 -17.20 6.22
CA GLU C 607 -30.33 -16.72 7.51
C GLU C 607 -31.72 -17.25 7.85
N MET C 608 -32.55 -17.52 6.83
CA MET C 608 -33.91 -17.96 7.10
C MET C 608 -33.97 -19.41 7.57
N ASP C 609 -32.93 -20.21 7.33
CA ASP C 609 -32.89 -21.54 7.90
C ASP C 609 -32.46 -21.52 9.36
N GLY C 610 -31.90 -20.40 9.83
CA GLY C 610 -31.74 -20.22 11.26
C GLY C 610 -33.04 -19.99 11.98
N MET C 611 -34.08 -19.53 11.27
CA MET C 611 -35.41 -19.42 11.85
C MET C 611 -36.00 -20.81 11.99
N SER C 612 -36.11 -21.28 13.23
CA SER C 612 -36.66 -22.61 13.47
C SER C 612 -38.17 -22.60 13.27
N THR C 613 -38.74 -23.80 13.28
CA THR C 613 -40.19 -23.95 13.14
C THR C 613 -40.93 -23.42 14.36
N LYS C 614 -40.27 -23.37 15.51
CA LYS C 614 -40.79 -22.76 16.72
C LYS C 614 -40.45 -21.27 16.71
N LYS C 615 -40.54 -20.63 17.89
CA LYS C 615 -40.22 -19.22 18.19
C LYS C 615 -41.19 -18.23 17.56
N ASN C 616 -42.27 -18.72 16.95
CA ASN C 616 -43.43 -17.95 16.50
C ASN C 616 -43.05 -16.87 15.48
N VAL C 617 -42.49 -17.33 14.36
CA VAL C 617 -42.07 -16.42 13.29
C VAL C 617 -42.74 -16.84 11.98
N PHE C 618 -42.82 -15.88 11.08
CA PHE C 618 -43.36 -16.11 9.74
C PHE C 618 -42.63 -15.21 8.76
N ILE C 619 -42.56 -15.65 7.50
CA ILE C 619 -41.86 -14.94 6.45
C ILE C 619 -42.81 -14.75 5.27
N ILE C 620 -43.00 -13.51 4.83
CA ILE C 620 -43.88 -13.18 3.73
C ILE C 620 -43.05 -12.51 2.64
N GLY C 621 -43.06 -13.09 1.44
CA GLY C 621 -42.40 -12.49 0.30
C GLY C 621 -43.31 -11.58 -0.49
N ALA C 622 -42.71 -10.91 -1.48
CA ALA C 622 -43.46 -10.04 -2.38
C ALA C 622 -42.69 -9.91 -3.68
N THR C 623 -43.42 -9.98 -4.80
CA THR C 623 -42.82 -9.87 -6.12
C THR C 623 -43.86 -9.40 -7.11
N ASN C 624 -43.38 -8.97 -8.28
CA ASN C 624 -44.23 -8.53 -9.37
C ASN C 624 -44.08 -9.40 -10.61
N ARG C 625 -42.86 -9.76 -10.98
CA ARG C 625 -42.59 -10.56 -12.18
C ARG C 625 -41.90 -11.85 -11.77
N PRO C 626 -42.64 -12.96 -11.65
CA PRO C 626 -42.14 -14.13 -10.92
C PRO C 626 -41.13 -14.99 -11.68
N ASP C 627 -40.70 -14.59 -12.88
CA ASP C 627 -39.82 -15.44 -13.66
C ASP C 627 -38.38 -15.43 -13.16
N ILE C 628 -37.92 -14.32 -12.60
CA ILE C 628 -36.49 -14.08 -12.35
C ILE C 628 -36.19 -13.86 -10.87
N ILE C 629 -36.91 -14.57 -10.00
CA ILE C 629 -36.81 -14.35 -8.55
C ILE C 629 -36.00 -15.51 -7.97
N ASP C 630 -35.03 -16.03 -8.75
CA ASP C 630 -34.03 -17.03 -8.36
C ASP C 630 -34.68 -18.31 -7.84
N PRO C 631 -35.13 -19.21 -8.73
CA PRO C 631 -36.09 -20.27 -8.37
C PRO C 631 -35.71 -21.27 -7.28
N ALA C 632 -34.50 -21.16 -6.70
CA ALA C 632 -34.16 -21.89 -5.49
C ALA C 632 -34.80 -21.28 -4.24
N ILE C 633 -35.45 -20.12 -4.38
CA ILE C 633 -36.17 -19.50 -3.27
C ILE C 633 -37.35 -20.35 -2.83
N LEU C 634 -38.11 -20.87 -3.81
CA LEU C 634 -39.45 -21.38 -3.55
C LEU C 634 -39.62 -22.89 -3.72
N ARG C 635 -38.75 -23.55 -4.49
CA ARG C 635 -38.90 -24.99 -4.70
C ARG C 635 -38.64 -25.91 -3.50
N PRO C 636 -37.78 -25.59 -2.46
CA PRO C 636 -37.76 -26.49 -1.29
C PRO C 636 -38.87 -26.17 -0.31
N GLY C 637 -38.80 -26.78 0.88
CA GLY C 637 -39.73 -26.45 1.95
C GLY C 637 -39.64 -25.01 2.44
N ARG C 638 -38.51 -24.36 2.20
CA ARG C 638 -38.42 -22.91 2.37
C ARG C 638 -39.29 -22.21 1.34
N LEU C 639 -40.27 -21.44 1.83
CA LEU C 639 -41.16 -20.59 1.02
C LEU C 639 -41.90 -21.40 -0.05
N ASP C 640 -42.47 -22.53 0.37
CA ASP C 640 -43.04 -23.46 -0.59
C ASP C 640 -44.40 -23.02 -1.12
N GLN C 641 -45.17 -22.26 -0.34
CA GLN C 641 -46.53 -21.92 -0.73
C GLN C 641 -46.55 -20.67 -1.60
N LEU C 642 -47.49 -20.66 -2.55
CA LEU C 642 -47.66 -19.55 -3.48
C LEU C 642 -49.11 -19.12 -3.47
N ILE C 643 -49.35 -17.83 -3.36
CA ILE C 643 -50.70 -17.26 -3.34
C ILE C 643 -50.81 -16.24 -4.46
N TYR C 644 -51.76 -16.44 -5.35
CA TYR C 644 -52.05 -15.45 -6.39
C TYR C 644 -52.88 -14.32 -5.81
N ILE C 645 -52.54 -13.10 -6.17
CA ILE C 645 -53.33 -11.94 -5.77
C ILE C 645 -53.92 -11.34 -7.04
N PRO C 646 -55.16 -11.65 -7.39
CA PRO C 646 -55.70 -11.27 -8.69
C PRO C 646 -56.16 -9.81 -8.69
N LEU C 647 -56.76 -9.42 -9.81
CA LEU C 647 -57.45 -8.13 -9.88
C LEU C 647 -58.64 -8.17 -8.93
N PRO C 648 -58.86 -7.13 -8.13
CA PRO C 648 -59.62 -7.28 -6.89
C PRO C 648 -61.12 -7.38 -7.12
N ASP C 649 -61.84 -7.62 -6.02
CA ASP C 649 -63.28 -7.73 -6.03
C ASP C 649 -63.90 -6.33 -6.13
N GLU C 650 -65.21 -6.30 -6.34
CA GLU C 650 -65.89 -5.09 -6.77
C GLU C 650 -66.06 -4.04 -5.68
N LYS C 651 -66.03 -4.42 -4.40
CA LYS C 651 -66.35 -3.51 -3.32
C LYS C 651 -65.11 -2.96 -2.62
N SER C 652 -64.05 -2.69 -3.37
CA SER C 652 -62.87 -2.06 -2.79
C SER C 652 -63.03 -0.55 -2.67
N ARG C 653 -63.88 0.04 -3.50
CA ARG C 653 -63.99 1.50 -3.55
C ARG C 653 -64.72 2.04 -2.32
N VAL C 654 -65.66 1.27 -1.76
CA VAL C 654 -66.33 1.68 -0.54
C VAL C 654 -65.40 1.50 0.65
N ALA C 655 -64.60 0.43 0.62
CA ALA C 655 -63.66 0.14 1.70
C ALA C 655 -62.54 1.16 1.78
N ILE C 656 -62.09 1.68 0.63
CA ILE C 656 -61.17 2.81 0.64
C ILE C 656 -61.86 4.05 1.19
N LEU C 657 -63.12 4.27 0.79
CA LEU C 657 -63.89 5.41 1.27
C LEU C 657 -64.31 5.28 2.73
N LYS C 658 -64.38 4.05 3.25
CA LYS C 658 -64.79 3.85 4.64
C LYS C 658 -63.65 4.16 5.60
N ALA C 659 -62.55 3.41 5.48
CA ALA C 659 -61.47 3.48 6.48
C ALA C 659 -60.72 4.80 6.39
N ASN C 660 -60.39 5.24 5.19
CA ASN C 660 -59.75 6.53 5.00
C ASN C 660 -60.84 7.59 5.02
N LEU C 661 -61.06 8.22 6.18
CA LEU C 661 -62.08 9.25 6.28
C LEU C 661 -61.59 10.50 5.56
N ARG C 662 -60.56 11.13 6.13
CA ARG C 662 -59.67 12.09 5.46
C ARG C 662 -60.43 13.29 4.87
N LYS C 663 -60.97 14.11 5.77
CA LYS C 663 -61.56 15.43 5.51
C LYS C 663 -62.83 15.40 4.68
N SER C 664 -63.42 14.22 4.44
CA SER C 664 -64.60 14.16 3.60
C SER C 664 -65.39 12.91 3.97
N PRO C 665 -66.72 12.98 3.97
CA PRO C 665 -67.51 11.77 4.24
C PRO C 665 -67.65 10.90 3.01
N VAL C 666 -68.46 9.85 3.12
CA VAL C 666 -68.84 9.07 1.95
C VAL C 666 -69.63 9.95 1.01
N ALA C 667 -69.41 9.78 -0.30
CA ALA C 667 -70.11 10.56 -1.31
C ALA C 667 -71.60 10.26 -1.29
N LYS C 668 -72.39 11.29 -0.99
CA LYS C 668 -73.80 11.12 -0.66
C LYS C 668 -74.63 11.05 -1.94
N ASP C 669 -75.52 10.04 -1.99
CA ASP C 669 -76.52 9.86 -3.06
C ASP C 669 -75.87 9.73 -4.44
N VAL C 670 -74.75 9.02 -4.50
CA VAL C 670 -74.03 8.83 -5.75
C VAL C 670 -74.24 7.40 -6.23
N ASP C 671 -73.84 7.15 -7.47
CA ASP C 671 -73.91 5.82 -8.08
C ASP C 671 -72.68 5.02 -7.67
N LEU C 672 -72.79 4.32 -6.55
CA LEU C 672 -71.71 3.45 -6.08
C LEU C 672 -71.49 2.28 -7.02
N GLU C 673 -72.58 1.73 -7.57
CA GLU C 673 -72.49 0.58 -8.45
C GLU C 673 -71.98 0.93 -9.84
N PHE C 674 -71.85 2.22 -10.16
CA PHE C 674 -71.32 2.61 -11.47
C PHE C 674 -69.84 2.28 -11.61
N LEU C 675 -69.12 2.20 -10.49
CA LEU C 675 -67.73 1.76 -10.55
C LEU C 675 -67.64 0.27 -10.82
N ALA C 676 -68.68 -0.49 -10.49
CA ALA C 676 -68.78 -1.87 -10.93
C ALA C 676 -69.42 -1.99 -12.31
N LYS C 677 -70.04 -0.91 -12.80
CA LYS C 677 -70.73 -0.93 -14.09
C LYS C 677 -69.81 -0.49 -15.23
N MET C 678 -69.31 0.75 -15.17
CA MET C 678 -68.39 1.22 -16.20
C MET C 678 -67.01 0.61 -16.04
N THR C 679 -66.69 0.13 -14.84
CA THR C 679 -65.42 -0.53 -14.48
C THR C 679 -64.23 0.40 -14.76
N ASN C 680 -64.16 1.47 -13.97
CA ASN C 680 -63.00 2.35 -14.03
C ASN C 680 -61.77 1.73 -13.39
N GLY C 681 -60.62 1.92 -14.05
CA GLY C 681 -59.36 1.32 -13.64
C GLY C 681 -59.37 -0.20 -13.68
N PHE C 682 -59.96 -0.79 -14.72
CA PHE C 682 -60.28 -2.21 -14.73
C PHE C 682 -59.09 -3.02 -15.25
N SER C 683 -57.96 -2.86 -14.56
CA SER C 683 -56.79 -3.70 -14.74
C SER C 683 -56.06 -3.71 -13.41
N GLY C 684 -56.37 -4.70 -12.58
CA GLY C 684 -55.76 -4.79 -11.28
C GLY C 684 -56.24 -3.71 -10.32
N ALA C 685 -55.48 -3.56 -9.25
CA ALA C 685 -55.72 -2.57 -8.20
C ALA C 685 -55.20 -1.20 -8.62
N ASP C 686 -54.99 -0.34 -7.61
CA ASP C 686 -54.81 1.11 -7.78
C ASP C 686 -56.03 1.72 -8.46
N LEU C 687 -57.20 1.31 -7.99
CA LEU C 687 -58.42 2.01 -8.32
C LEU C 687 -58.52 3.33 -7.58
N THR C 688 -57.74 3.52 -6.50
CA THR C 688 -57.76 4.72 -5.67
C THR C 688 -57.24 5.98 -6.38
N GLU C 689 -56.73 5.85 -7.60
CA GLU C 689 -56.50 7.00 -8.46
C GLU C 689 -57.80 7.76 -8.74
N ILE C 690 -58.94 7.05 -8.82
CA ILE C 690 -60.20 7.74 -9.06
C ILE C 690 -60.58 8.54 -7.81
N CYS C 691 -60.19 8.05 -6.63
CA CYS C 691 -60.43 8.76 -5.37
C CYS C 691 -59.52 9.98 -5.25
N GLN C 692 -58.28 9.85 -5.70
CA GLN C 692 -57.36 10.98 -5.73
C GLN C 692 -57.81 12.05 -6.71
N ARG C 693 -58.37 11.64 -7.85
CA ARG C 693 -58.89 12.61 -8.81
C ARG C 693 -60.14 13.30 -8.27
N ALA C 694 -60.97 12.56 -7.52
CA ALA C 694 -62.10 13.17 -6.83
C ALA C 694 -61.65 14.16 -5.77
N CYS C 695 -60.55 13.86 -5.07
CA CYS C 695 -59.93 14.82 -4.15
C CYS C 695 -59.49 16.08 -4.86
N LYS C 696 -58.83 15.93 -6.02
CA LYS C 696 -58.34 17.11 -6.75
C LYS C 696 -59.49 17.96 -7.28
N LEU C 697 -60.56 17.31 -7.73
CA LEU C 697 -61.73 18.07 -8.20
C LEU C 697 -62.47 18.73 -7.05
N ALA C 698 -62.50 18.09 -5.88
CA ALA C 698 -63.09 18.72 -4.70
C ALA C 698 -62.27 19.92 -4.24
N ILE C 699 -60.94 19.81 -4.32
CA ILE C 699 -60.06 20.92 -3.98
C ILE C 699 -60.24 22.07 -4.97
N ARG C 700 -60.43 21.75 -6.25
CA ARG C 700 -60.69 22.77 -7.26
C ARG C 700 -62.02 23.48 -7.02
N GLU C 701 -63.06 22.74 -6.62
CA GLU C 701 -64.34 23.36 -6.27
C GLU C 701 -64.21 24.25 -5.04
N SER C 702 -63.44 23.79 -4.04
CA SER C 702 -63.25 24.55 -2.81
C SER C 702 -62.51 25.86 -3.07
N ILE C 703 -61.46 25.81 -3.89
CA ILE C 703 -60.74 27.06 -4.19
C ILE C 703 -61.55 27.94 -5.13
N GLU C 704 -62.43 27.35 -5.95
CA GLU C 704 -63.34 28.15 -6.76
C GLU C 704 -64.29 28.97 -5.90
N SER C 705 -64.90 28.30 -4.92
CA SER C 705 -65.82 28.99 -4.00
C SER C 705 -65.07 30.00 -3.13
N GLU C 706 -63.85 29.66 -2.70
CA GLU C 706 -63.04 30.57 -1.91
C GLU C 706 -62.64 31.82 -2.68
N ILE C 707 -62.25 31.66 -3.95
CA ILE C 707 -61.85 32.79 -4.78
C ILE C 707 -63.06 33.67 -5.10
N ARG C 708 -64.22 33.05 -5.38
CA ARG C 708 -65.42 33.81 -5.68
C ARG C 708 -65.91 34.59 -4.45
N ARG C 709 -65.86 33.99 -3.26
CA ARG C 709 -66.25 34.74 -2.07
C ARG C 709 -65.16 35.71 -1.61
N GLU C 710 -63.92 35.53 -2.07
CA GLU C 710 -62.90 36.54 -1.82
C GLU C 710 -63.13 37.79 -2.68
N ARG C 711 -63.43 37.60 -3.97
CA ARG C 711 -63.65 38.73 -4.84
C ARG C 711 -65.02 39.38 -4.61
N GLU C 712 -65.98 38.61 -4.09
CA GLU C 712 -67.31 39.17 -3.82
C GLU C 712 -67.28 40.10 -2.62
N ARG C 713 -66.62 39.69 -1.54
CA ARG C 713 -66.52 40.51 -0.34
C ARG C 713 -65.08 40.93 -0.09
N ASP C 726 -70.62 28.88 2.70
CA ASP C 726 -70.94 27.72 1.88
C ASP C 726 -69.71 27.21 1.12
N PRO C 727 -68.90 26.36 1.77
CA PRO C 727 -67.72 25.81 1.08
C PRO C 727 -67.99 24.58 0.23
N VAL C 728 -69.21 24.03 0.28
CA VAL C 728 -69.69 22.83 -0.42
C VAL C 728 -68.76 21.66 -0.10
N PRO C 729 -68.88 21.04 1.08
CA PRO C 729 -67.99 19.93 1.42
C PRO C 729 -68.49 18.57 0.95
N GLU C 730 -69.45 18.55 0.03
CA GLU C 730 -70.02 17.31 -0.49
C GLU C 730 -69.52 17.08 -1.91
N ILE C 731 -69.04 15.87 -2.17
CA ILE C 731 -68.55 15.47 -3.49
C ILE C 731 -69.68 14.75 -4.21
N ARG C 732 -70.00 15.21 -5.41
CA ARG C 732 -71.18 14.77 -6.14
C ARG C 732 -70.83 13.72 -7.19
N ARG C 733 -71.82 13.34 -7.99
CA ARG C 733 -71.65 12.33 -9.02
C ARG C 733 -70.83 12.84 -10.20
N ASP C 734 -71.02 14.12 -10.56
CA ASP C 734 -70.31 14.69 -11.71
C ASP C 734 -68.83 14.86 -11.44
N HIS C 735 -68.42 14.93 -10.17
CA HIS C 735 -66.99 14.90 -9.83
C HIS C 735 -66.36 13.58 -10.25
N PHE C 736 -67.03 12.46 -9.94
CA PHE C 736 -66.55 11.17 -10.40
C PHE C 736 -66.67 11.00 -11.91
N GLU C 737 -67.70 11.60 -12.51
CA GLU C 737 -67.87 11.50 -13.96
C GLU C 737 -66.77 12.27 -14.70
N GLU C 738 -66.37 13.42 -14.18
CA GLU C 738 -65.24 14.15 -14.74
C GLU C 738 -63.92 13.47 -14.41
N ALA C 739 -63.84 12.84 -13.24
CA ALA C 739 -62.63 12.12 -12.86
C ALA C 739 -62.42 10.85 -13.68
N MET C 740 -63.51 10.30 -14.24
CA MET C 740 -63.43 9.16 -15.16
C MET C 740 -62.56 9.44 -16.38
N ARG C 741 -62.61 10.66 -16.91
CA ARG C 741 -61.91 10.97 -18.15
C ARG C 741 -60.39 10.97 -17.97
N PHE C 742 -59.90 11.36 -16.80
CA PHE C 742 -58.47 11.39 -16.53
C PHE C 742 -58.04 10.10 -15.83
N ALA C 743 -58.36 8.97 -16.48
CA ALA C 743 -58.09 7.67 -15.90
C ALA C 743 -57.86 6.65 -17.00
N ARG C 744 -56.87 5.79 -16.80
CA ARG C 744 -56.57 4.70 -17.72
C ARG C 744 -56.39 3.42 -16.92
N ARG C 745 -55.95 2.36 -17.58
CA ARG C 745 -55.67 1.10 -16.92
C ARG C 745 -54.29 1.12 -16.27
N SER C 746 -54.04 0.11 -15.44
CA SER C 746 -52.81 0.06 -14.65
C SER C 746 -51.79 -0.95 -15.16
N VAL C 747 -52.18 -1.85 -16.06
CA VAL C 747 -51.28 -2.86 -16.60
C VAL C 747 -51.80 -3.26 -17.97
N SER C 748 -50.88 -3.47 -18.91
CA SER C 748 -51.23 -3.88 -20.26
C SER C 748 -51.83 -5.29 -20.25
N ASP C 749 -52.70 -5.55 -21.24
CA ASP C 749 -53.49 -6.77 -21.23
C ASP C 749 -52.64 -8.01 -21.52
N ASN C 750 -51.54 -7.85 -22.25
CA ASN C 750 -50.66 -8.98 -22.52
C ASN C 750 -49.97 -9.47 -21.25
N ASP C 751 -49.60 -8.53 -20.37
CA ASP C 751 -49.06 -8.91 -19.06
C ASP C 751 -50.12 -9.58 -18.19
N ILE C 752 -51.39 -9.19 -18.33
CA ILE C 752 -52.47 -9.87 -17.62
C ILE C 752 -52.64 -11.30 -18.12
N ARG C 753 -52.59 -11.49 -19.45
CA ARG C 753 -52.70 -12.84 -20.01
C ARG C 753 -51.51 -13.70 -19.57
N LYS C 754 -50.32 -13.10 -19.48
CA LYS C 754 -49.17 -13.84 -18.97
C LYS C 754 -49.29 -14.13 -17.48
N TYR C 755 -49.93 -13.25 -16.70
CA TYR C 755 -50.01 -13.47 -15.26
C TYR C 755 -51.05 -14.53 -14.88
N GLU C 756 -52.20 -14.57 -15.57
CA GLU C 756 -53.03 -15.76 -15.40
C GLU C 756 -52.61 -16.94 -16.28
N MET C 757 -51.59 -16.79 -17.13
CA MET C 757 -50.88 -17.97 -17.61
C MET C 757 -49.93 -18.50 -16.56
N PHE C 758 -49.41 -17.63 -15.70
CA PHE C 758 -48.65 -18.02 -14.52
C PHE C 758 -49.52 -18.17 -13.28
N ALA C 759 -50.79 -18.54 -13.43
CA ALA C 759 -51.60 -18.89 -12.27
C ALA C 759 -51.06 -20.16 -11.61
N GLN C 760 -50.49 -21.07 -12.40
CA GLN C 760 -49.81 -22.25 -11.90
C GLN C 760 -48.33 -22.06 -12.27
N THR C 761 -47.61 -21.35 -11.40
CA THR C 761 -46.22 -21.00 -11.66
C THR C 761 -45.27 -21.62 -10.65
N LEU C 762 -45.69 -22.66 -9.94
CA LEU C 762 -44.82 -23.36 -9.00
C LEU C 762 -43.90 -24.36 -9.69
N GLN C 763 -44.01 -24.50 -11.01
CA GLN C 763 -43.14 -25.36 -11.81
C GLN C 763 -41.87 -24.63 -12.24
N GLN C 764 -41.12 -24.11 -11.26
CA GLN C 764 -39.89 -23.40 -11.54
C GLN C 764 -38.73 -24.40 -11.52
N SER C 765 -37.50 -23.87 -11.48
CA SER C 765 -36.24 -24.59 -11.74
C SER C 765 -36.30 -25.30 -13.09
N ARG C 766 -36.38 -24.49 -14.14
CA ARG C 766 -36.58 -24.95 -15.51
C ARG C 766 -35.26 -25.37 -16.15
N GLY C 767 -34.67 -26.44 -15.61
CA GLY C 767 -33.49 -26.99 -16.20
C GLY C 767 -33.81 -27.78 -17.45
N PHE C 768 -32.82 -27.87 -18.34
CA PHE C 768 -32.99 -28.63 -19.57
C PHE C 768 -32.75 -30.11 -19.34
N ASN D 21 -44.20 50.46 22.83
CA ASN D 21 -43.49 50.62 24.09
C ASN D 21 -42.13 51.26 23.85
N ARG D 22 -41.19 50.97 24.77
CA ARG D 22 -39.80 51.44 24.86
C ARG D 22 -39.66 52.93 24.56
N PRO D 23 -40.02 53.79 25.52
CA PRO D 23 -40.11 55.24 25.26
C PRO D 23 -38.78 55.96 25.19
N ASN D 24 -37.65 55.27 25.07
CA ASN D 24 -36.33 55.90 24.94
C ASN D 24 -35.80 55.86 23.51
N ARG D 25 -36.69 55.71 22.53
CA ARG D 25 -36.25 55.62 21.14
C ARG D 25 -35.87 56.99 20.60
N LEU D 26 -34.68 57.08 20.02
CA LEU D 26 -34.17 58.34 19.49
C LEU D 26 -33.36 58.08 18.23
N ILE D 27 -33.27 59.10 17.37
CA ILE D 27 -32.52 59.05 16.11
C ILE D 27 -31.43 60.10 16.18
N VAL D 28 -30.19 59.70 15.88
CA VAL D 28 -29.07 60.63 15.89
C VAL D 28 -29.15 61.55 14.67
N ASP D 29 -28.68 62.77 14.83
CA ASP D 29 -28.76 63.78 13.78
C ASP D 29 -27.68 64.82 14.03
N GLU D 30 -27.59 65.82 13.16
CA GLU D 30 -26.65 66.91 13.32
C GLU D 30 -27.04 67.79 14.50
N ALA D 31 -26.03 68.36 15.16
CA ALA D 31 -26.23 69.15 16.37
C ALA D 31 -26.20 70.64 16.05
N ILE D 32 -27.00 71.38 16.81
CA ILE D 32 -26.97 72.84 16.74
C ILE D 32 -25.90 73.42 17.68
N ASN D 33 -25.82 72.90 18.90
CA ASN D 33 -24.80 73.32 19.84
C ASN D 33 -23.50 72.55 19.59
N GLU D 34 -22.38 73.26 19.70
CA GLU D 34 -21.07 72.70 19.45
C GLU D 34 -20.35 72.23 20.70
N ASP D 35 -21.07 72.09 21.82
CA ASP D 35 -20.46 71.62 23.05
C ASP D 35 -20.14 70.12 22.96
N ASN D 36 -18.97 69.74 23.47
CA ASN D 36 -18.49 68.38 23.29
C ASN D 36 -19.21 67.38 24.19
N SER D 37 -19.51 67.76 25.43
CA SER D 37 -20.15 66.85 26.38
C SER D 37 -21.59 67.23 26.68
N VAL D 38 -22.24 67.95 25.76
CA VAL D 38 -23.63 68.37 25.91
C VAL D 38 -24.35 68.12 24.60
N VAL D 39 -25.49 67.41 24.66
CA VAL D 39 -26.29 67.13 23.48
C VAL D 39 -27.60 67.91 23.59
N SER D 40 -28.46 67.79 22.58
CA SER D 40 -29.70 68.55 22.52
C SER D 40 -30.88 67.59 22.35
N LEU D 41 -32.02 67.99 22.90
CA LEU D 41 -33.25 67.22 22.82
C LEU D 41 -34.43 68.17 22.73
N SER D 42 -35.64 67.64 22.93
CA SER D 42 -36.87 68.41 22.87
C SER D 42 -37.54 68.44 24.24
N GLN D 43 -38.10 69.61 24.60
CA GLN D 43 -38.64 69.82 25.94
C GLN D 43 -39.86 68.97 26.30
N PRO D 44 -40.91 68.80 25.45
CA PRO D 44 -42.00 67.91 25.87
C PRO D 44 -41.62 66.45 25.98
N LYS D 45 -40.69 65.96 25.15
CA LYS D 45 -40.18 64.60 25.35
C LYS D 45 -39.22 64.51 26.53
N MET D 46 -38.58 65.62 26.91
CA MET D 46 -37.81 65.66 28.14
C MET D 46 -38.73 65.56 29.35
N ASP D 47 -39.89 66.21 29.29
CA ASP D 47 -40.87 66.09 30.37
C ASP D 47 -41.59 64.76 30.34
N GLU D 48 -41.64 64.09 29.18
CA GLU D 48 -42.15 62.72 29.11
C GLU D 48 -41.20 61.75 29.82
N LEU D 49 -39.89 61.95 29.66
CA LEU D 49 -38.88 61.13 30.30
C LEU D 49 -38.48 61.65 31.67
N GLN D 50 -39.16 62.71 32.15
CA GLN D 50 -38.84 63.42 33.41
C GLN D 50 -37.40 63.91 33.44
N LEU D 51 -36.93 64.43 32.31
CA LEU D 51 -35.59 64.97 32.22
C LEU D 51 -35.55 66.41 32.71
N PHE D 52 -34.34 66.93 32.88
CA PHE D 52 -34.12 68.27 33.38
C PHE D 52 -33.09 68.98 32.49
N ARG D 53 -32.86 70.26 32.79
CA ARG D 53 -31.96 71.06 31.96
C ARG D 53 -30.49 70.71 32.18
N GLY D 54 -30.13 70.19 33.34
CA GLY D 54 -28.73 69.93 33.62
C GLY D 54 -28.45 68.54 34.17
N ASP D 55 -29.37 67.61 33.96
CA ASP D 55 -29.19 66.25 34.43
C ASP D 55 -28.31 65.46 33.46
N THR D 56 -27.90 64.28 33.92
CA THR D 56 -26.99 63.42 33.16
C THR D 56 -27.72 62.18 32.67
N VAL D 57 -27.40 61.75 31.46
CA VAL D 57 -28.05 60.61 30.83
C VAL D 57 -26.98 59.58 30.47
N LEU D 58 -27.46 58.39 30.10
CA LEU D 58 -26.61 57.30 29.63
C LEU D 58 -27.13 56.89 28.24
N LEU D 59 -26.53 57.46 27.20
CA LEU D 59 -26.94 57.18 25.83
C LEU D 59 -26.34 55.85 25.39
N LYS D 60 -27.19 54.84 25.22
CA LYS D 60 -26.77 53.53 24.75
C LYS D 60 -27.20 53.38 23.30
N GLY D 61 -26.22 53.20 22.41
CA GLY D 61 -26.51 53.04 21.00
C GLY D 61 -26.11 51.67 20.48
N LYS D 62 -25.69 51.61 19.22
CA LYS D 62 -25.21 50.36 18.65
C LYS D 62 -23.81 50.05 19.18
N LYS D 63 -23.37 48.81 18.90
CA LYS D 63 -22.08 48.26 19.33
C LYS D 63 -21.90 48.26 20.85
N ARG D 64 -23.03 48.18 21.58
CA ARG D 64 -23.22 48.31 23.03
C ARG D 64 -22.35 49.38 23.69
N ARG D 65 -22.19 50.53 23.02
CA ARG D 65 -21.41 51.62 23.55
C ARG D 65 -22.28 52.54 24.39
N GLU D 66 -21.65 53.24 25.33
CA GLU D 66 -22.35 54.10 26.26
C GLU D 66 -21.70 55.47 26.28
N ALA D 67 -22.53 56.51 26.35
CA ALA D 67 -22.06 57.89 26.43
C ALA D 67 -22.81 58.62 27.54
N VAL D 68 -22.08 59.42 28.31
CA VAL D 68 -22.65 60.22 29.38
C VAL D 68 -22.45 61.69 29.04
N CYS D 69 -23.53 62.44 29.03
CA CYS D 69 -23.49 63.87 28.68
C CYS D 69 -24.54 64.59 29.53
N ILE D 70 -24.77 65.86 29.21
CA ILE D 70 -25.81 66.66 29.84
C ILE D 70 -26.76 67.13 28.74
N VAL D 71 -28.05 66.82 28.90
CA VAL D 71 -29.04 67.11 27.87
C VAL D 71 -29.54 68.54 28.06
N LEU D 72 -29.43 69.34 27.01
CA LEU D 72 -30.01 70.67 26.97
C LEU D 72 -31.25 70.67 26.09
N SER D 73 -32.19 71.56 26.42
CA SER D 73 -33.44 71.64 25.67
C SER D 73 -33.25 72.47 24.41
N ASP D 74 -33.78 71.98 23.30
CA ASP D 74 -33.73 72.69 22.03
C ASP D 74 -35.12 72.69 21.42
N ASP D 75 -35.61 73.88 21.06
CA ASP D 75 -36.95 73.99 20.51
C ASP D 75 -37.02 73.53 19.06
N THR D 76 -35.97 73.76 18.28
CA THR D 76 -35.95 73.32 16.89
C THR D 76 -35.66 71.84 16.73
N CYS D 77 -35.26 71.16 17.80
CA CYS D 77 -34.99 69.73 17.73
C CYS D 77 -36.29 68.93 17.63
N SER D 78 -36.23 67.80 16.95
CA SER D 78 -37.39 66.96 16.77
C SER D 78 -37.72 66.19 18.05
N ASP D 79 -38.94 65.68 18.11
CA ASP D 79 -39.38 64.95 19.30
C ASP D 79 -38.75 63.56 19.37
N GLU D 80 -38.67 62.87 18.22
CA GLU D 80 -38.14 61.51 18.17
C GLU D 80 -36.67 61.46 17.77
N LYS D 81 -36.02 62.61 17.65
CA LYS D 81 -34.63 62.67 17.22
C LYS D 81 -33.77 63.35 18.28
N ILE D 82 -32.48 63.01 18.30
CA ILE D 82 -31.51 63.57 19.22
C ILE D 82 -30.38 64.17 18.40
N ARG D 83 -29.87 65.32 18.84
CA ARG D 83 -28.80 66.03 18.17
C ARG D 83 -27.51 65.88 18.98
N MET D 84 -26.48 65.36 18.35
CA MET D 84 -25.17 65.20 18.98
C MET D 84 -24.08 65.53 17.97
N ASN D 85 -22.97 66.08 18.47
CA ASN D 85 -21.89 66.55 17.63
C ASN D 85 -20.92 65.42 17.33
N ARG D 86 -19.74 65.76 16.80
CA ARG D 86 -18.76 64.75 16.39
C ARG D 86 -18.08 64.07 17.57
N VAL D 87 -18.18 64.62 18.77
CA VAL D 87 -17.61 63.97 19.94
C VAL D 87 -18.50 62.83 20.41
N VAL D 88 -19.80 63.10 20.56
CA VAL D 88 -20.73 62.11 21.11
C VAL D 88 -21.04 61.04 20.08
N ARG D 89 -21.17 61.43 18.81
CA ARG D 89 -21.53 60.47 17.76
C ARG D 89 -20.40 59.48 17.49
N ASN D 90 -19.15 59.94 17.57
CA ASN D 90 -18.03 59.02 17.48
C ASN D 90 -17.76 58.29 18.78
N ASN D 91 -18.36 58.74 19.90
CA ASN D 91 -18.23 58.01 21.15
C ASN D 91 -19.06 56.72 21.13
N LEU D 92 -20.17 56.72 20.39
CA LEU D 92 -21.03 55.55 20.31
C LEU D 92 -20.70 54.64 19.12
N ARG D 93 -19.69 55.02 18.31
CA ARG D 93 -19.29 54.33 17.09
C ARG D 93 -20.46 54.15 16.12
N VAL D 94 -21.25 55.21 15.96
CA VAL D 94 -22.42 55.19 15.09
C VAL D 94 -22.25 56.26 14.02
N ARG D 95 -22.92 56.06 12.90
CA ARG D 95 -22.96 57.02 11.82
C ARG D 95 -24.25 57.84 11.92
N LEU D 96 -24.49 58.68 10.93
CA LEU D 96 -25.70 59.49 10.90
C LEU D 96 -26.88 58.64 10.46
N GLY D 97 -27.84 58.43 11.37
CA GLY D 97 -29.04 57.66 11.07
C GLY D 97 -29.24 56.43 11.93
N ASP D 98 -28.37 56.13 12.89
CA ASP D 98 -28.55 54.96 13.74
C ASP D 98 -29.56 55.25 14.85
N VAL D 99 -29.86 54.23 15.64
CA VAL D 99 -30.84 54.32 16.72
C VAL D 99 -30.12 54.12 18.05
N ILE D 100 -30.48 54.94 19.05
CA ILE D 100 -29.90 54.89 20.38
C ILE D 100 -31.03 54.77 21.39
N SER D 101 -30.64 54.52 22.64
CA SER D 101 -31.56 54.53 23.77
C SER D 101 -31.00 55.39 24.88
N ILE D 102 -31.87 56.08 25.60
CA ILE D 102 -31.48 57.08 26.58
C ILE D 102 -31.98 56.64 27.96
N GLN D 103 -31.06 56.63 28.94
CA GLN D 103 -31.43 56.38 30.33
C GLN D 103 -30.80 57.45 31.19
N PRO D 104 -31.59 58.26 31.90
CA PRO D 104 -31.02 59.29 32.77
C PRO D 104 -30.32 58.69 33.98
N CYS D 105 -29.23 59.32 34.38
CA CYS D 105 -28.36 58.82 35.45
C CYS D 105 -28.34 59.84 36.57
N PRO D 106 -29.19 59.66 37.60
CA PRO D 106 -29.29 60.64 38.69
C PRO D 106 -28.43 60.35 39.92
N ASP D 107 -27.70 59.24 39.96
CA ASP D 107 -26.93 58.83 41.13
C ASP D 107 -25.45 59.09 40.96
N VAL D 108 -25.08 60.24 40.40
CA VAL D 108 -23.70 60.51 40.04
C VAL D 108 -22.92 60.96 41.27
N LYS D 109 -21.78 60.32 41.50
CA LYS D 109 -20.80 60.72 42.50
C LYS D 109 -19.72 61.59 41.86
N TYR D 110 -18.91 62.20 42.71
CA TYR D 110 -17.90 63.14 42.27
C TYR D 110 -16.56 62.46 42.06
N GLY D 111 -15.79 62.99 41.11
CA GLY D 111 -14.52 62.38 40.77
C GLY D 111 -13.43 62.69 41.78
N LYS D 112 -12.53 61.72 41.96
CA LYS D 112 -11.37 61.87 42.84
C LYS D 112 -10.07 61.81 42.05
N ARG D 113 -9.85 60.75 41.28
CA ARG D 113 -8.68 60.63 40.41
C ARG D 113 -9.17 60.38 38.98
N ILE D 114 -8.59 61.09 38.02
CA ILE D 114 -8.96 60.98 36.62
C ILE D 114 -7.68 60.77 35.81
N HIS D 115 -7.66 59.72 34.99
CA HIS D 115 -6.54 59.46 34.08
C HIS D 115 -7.05 59.44 32.65
N VAL D 116 -6.38 60.20 31.79
CA VAL D 116 -6.71 60.30 30.38
C VAL D 116 -5.47 59.96 29.57
N LEU D 117 -5.68 59.63 28.29
CA LEU D 117 -4.58 59.23 27.41
C LEU D 117 -4.70 59.93 26.07
N PRO D 118 -3.56 60.30 25.46
CA PRO D 118 -3.61 60.87 24.10
C PRO D 118 -3.48 59.83 23.01
N ILE D 119 -3.46 60.29 21.76
CA ILE D 119 -3.32 59.45 20.58
C ILE D 119 -2.01 59.82 19.89
N ASP D 120 -1.28 58.80 19.42
CA ASP D 120 0.12 58.97 19.03
C ASP D 120 0.28 59.81 17.77
N ASP D 121 -0.66 59.72 16.83
CA ASP D 121 -0.49 60.45 15.58
C ASP D 121 -0.98 61.89 15.65
N THR D 122 -1.50 62.34 16.79
CA THR D 122 -2.04 63.68 16.94
C THR D 122 -1.28 64.51 17.98
N VAL D 123 -0.09 64.07 18.40
CA VAL D 123 0.66 64.78 19.43
C VAL D 123 2.00 65.30 18.95
N GLU D 124 2.41 64.97 17.72
CA GLU D 124 3.67 65.49 17.22
C GLU D 124 3.52 66.94 16.78
N GLY D 125 4.62 67.68 16.83
CA GLY D 125 4.63 69.10 16.58
C GLY D 125 4.48 69.96 17.83
N ILE D 126 4.01 69.38 18.93
CA ILE D 126 3.86 70.09 20.20
C ILE D 126 4.42 69.21 21.31
N THR D 127 5.10 69.85 22.26
CA THR D 127 5.66 69.16 23.42
C THR D 127 5.20 69.86 24.68
N GLY D 128 5.17 69.11 25.77
CA GLY D 128 4.81 69.62 27.08
C GLY D 128 3.69 68.83 27.71
N ASN D 129 3.39 69.22 28.95
CA ASN D 129 2.32 68.57 29.70
C ASN D 129 0.95 68.99 29.16
N LEU D 130 0.02 68.04 29.14
CA LEU D 130 -1.34 68.28 28.68
C LEU D 130 -2.32 68.49 29.83
N PHE D 131 -1.85 68.44 31.07
CA PHE D 131 -2.72 68.58 32.22
C PHE D 131 -3.11 70.03 32.46
N GLU D 132 -2.13 70.89 32.72
CA GLU D 132 -2.39 72.29 32.99
C GLU D 132 -2.64 73.12 31.73
N VAL D 133 -2.31 72.58 30.56
CA VAL D 133 -2.39 73.34 29.32
C VAL D 133 -3.58 72.92 28.47
N TYR D 134 -3.90 71.63 28.44
CA TYR D 134 -5.01 71.12 27.65
C TYR D 134 -6.17 70.62 28.50
N LEU D 135 -5.89 69.81 29.53
CA LEU D 135 -6.96 69.28 30.36
C LEU D 135 -7.55 70.33 31.30
N LYS D 136 -6.72 71.28 31.76
CA LYS D 136 -7.22 72.33 32.64
C LYS D 136 -8.23 73.29 31.98
N PRO D 137 -7.98 73.91 30.80
CA PRO D 137 -8.99 74.83 30.27
C PRO D 137 -10.20 74.14 29.68
N TYR D 138 -10.09 72.87 29.29
CA TYR D 138 -11.27 72.14 28.86
C TYR D 138 -12.18 71.82 30.04
N PHE D 139 -11.59 71.54 31.20
CA PHE D 139 -12.34 71.24 32.41
C PHE D 139 -12.27 72.40 33.41
N LEU D 140 -12.30 73.64 32.91
CA LEU D 140 -12.28 74.83 33.75
C LEU D 140 -13.70 75.08 34.25
N GLU D 141 -14.07 74.32 35.30
CA GLU D 141 -15.40 74.31 35.93
C GLU D 141 -16.51 74.03 34.91
N ALA D 142 -16.25 73.08 34.01
CA ALA D 142 -17.17 72.82 32.90
C ALA D 142 -18.33 71.91 33.29
N TYR D 143 -18.19 71.17 34.40
CA TYR D 143 -19.19 70.21 34.90
C TYR D 143 -19.58 69.16 33.86
N ARG D 144 -18.57 68.63 33.16
CA ARG D 144 -18.82 67.62 32.14
C ARG D 144 -18.74 66.22 32.76
N PRO D 145 -19.83 65.45 32.77
CA PRO D 145 -19.74 64.06 33.22
C PRO D 145 -19.11 63.19 32.13
N ILE D 146 -18.19 62.32 32.55
CA ILE D 146 -17.42 61.53 31.60
C ILE D 146 -17.70 60.05 31.84
N ARG D 147 -17.44 59.25 30.80
CA ARG D 147 -17.61 57.81 30.82
C ARG D 147 -16.27 57.15 30.49
N LYS D 148 -15.96 56.06 31.18
CA LYS D 148 -14.79 55.26 30.87
C LYS D 148 -14.88 54.70 29.46
N GLY D 149 -13.80 54.87 28.70
CA GLY D 149 -13.77 54.45 27.31
C GLY D 149 -14.27 55.47 26.31
N ASP D 150 -14.71 56.64 26.78
CA ASP D 150 -15.20 57.66 25.87
C ASP D 150 -14.08 58.61 25.45
N ILE D 151 -14.25 59.21 24.27
CA ILE D 151 -13.26 60.10 23.68
C ILE D 151 -13.80 61.52 23.76
N PHE D 152 -12.99 62.43 24.27
CA PHE D 152 -13.34 63.85 24.37
C PHE D 152 -12.33 64.68 23.60
N LEU D 153 -12.82 65.68 22.88
CA LEU D 153 -11.99 66.52 22.02
C LEU D 153 -11.64 67.81 22.77
N VAL D 154 -10.37 68.15 22.78
CA VAL D 154 -9.87 69.37 23.41
C VAL D 154 -9.21 70.23 22.33
N HIS D 155 -9.68 71.45 22.17
CA HIS D 155 -9.10 72.38 21.21
C HIS D 155 -8.03 73.22 21.90
N GLY D 156 -6.84 73.26 21.31
CA GLY D 156 -5.74 74.01 21.86
C GLY D 156 -4.49 73.96 21.00
N GLY D 157 -3.71 75.03 21.00
CA GLY D 157 -2.53 75.12 20.16
C GLY D 157 -2.83 75.18 18.68
N MET D 158 -3.92 75.88 18.30
CA MET D 158 -4.41 75.99 16.92
C MET D 158 -4.69 74.62 16.29
N ARG D 159 -5.19 73.69 17.11
CA ARG D 159 -5.40 72.31 16.68
C ARG D 159 -6.64 71.77 17.38
N ALA D 160 -6.92 70.49 17.13
CA ALA D 160 -8.01 69.79 17.79
C ALA D 160 -7.56 68.35 18.01
N VAL D 161 -7.14 68.05 19.25
CA VAL D 161 -6.55 66.76 19.60
C VAL D 161 -7.53 65.99 20.45
N GLU D 162 -7.75 64.72 20.10
CA GLU D 162 -8.68 63.87 20.82
C GLU D 162 -7.96 63.12 21.93
N PHE D 163 -8.64 63.01 23.08
CA PHE D 163 -8.11 62.27 24.23
C PHE D 163 -9.22 61.38 24.77
N LYS D 164 -8.82 60.30 25.44
CA LYS D 164 -9.75 59.27 25.87
C LYS D 164 -9.58 59.01 27.36
N VAL D 165 -10.70 59.00 28.09
CA VAL D 165 -10.68 58.62 29.50
C VAL D 165 -10.53 57.11 29.60
N VAL D 166 -9.44 56.66 30.22
CA VAL D 166 -9.14 55.25 30.33
C VAL D 166 -9.44 54.71 31.72
N GLU D 167 -9.07 55.44 32.77
CA GLU D 167 -9.33 54.99 34.13
C GLU D 167 -9.64 56.18 35.01
N THR D 168 -10.67 56.04 35.84
CA THR D 168 -10.98 57.00 36.89
C THR D 168 -11.13 56.26 38.21
N ASP D 169 -11.02 57.00 39.32
CA ASP D 169 -11.23 56.37 40.62
C ASP D 169 -12.72 56.09 40.87
N PRO D 170 -13.67 56.98 40.45
CA PRO D 170 -15.02 56.46 40.17
C PRO D 170 -15.05 55.87 38.77
N SER D 171 -14.70 54.59 38.67
CA SER D 171 -14.34 53.99 37.38
C SER D 171 -15.45 53.94 36.33
N PRO D 172 -16.76 53.63 36.63
CA PRO D 172 -17.76 53.78 35.58
C PRO D 172 -18.04 55.23 35.19
N TYR D 173 -18.40 56.08 36.16
CA TYR D 173 -18.90 57.40 35.82
C TYR D 173 -18.60 58.37 36.95
N CYS D 174 -18.31 59.63 36.58
CA CYS D 174 -17.98 60.68 37.52
C CYS D 174 -18.18 62.04 36.86
N ILE D 175 -18.18 63.07 37.70
CA ILE D 175 -18.24 64.47 37.27
C ILE D 175 -16.91 65.14 37.57
N VAL D 176 -16.32 65.80 36.58
CA VAL D 176 -15.04 66.48 36.73
C VAL D 176 -15.22 67.73 37.58
N ALA D 177 -14.93 67.61 38.87
CA ALA D 177 -14.93 68.74 39.80
C ALA D 177 -13.60 69.49 39.71
N PRO D 178 -13.58 70.78 40.09
CA PRO D 178 -12.29 71.48 40.23
C PRO D 178 -11.40 70.91 41.33
N ASP D 179 -11.97 70.24 42.33
CA ASP D 179 -11.17 69.58 43.36
C ASP D 179 -10.63 68.23 42.92
N THR D 180 -11.07 67.71 41.77
CA THR D 180 -10.64 66.40 41.30
C THR D 180 -9.23 66.49 40.74
N VAL D 181 -8.28 65.84 41.40
CA VAL D 181 -6.90 65.79 40.92
C VAL D 181 -6.83 64.82 39.75
N ILE D 182 -6.33 65.28 38.62
CA ILE D 182 -6.35 64.54 37.36
C ILE D 182 -4.93 64.09 37.04
N HIS D 183 -4.77 62.79 36.79
CA HIS D 183 -3.47 62.23 36.44
C HIS D 183 -3.05 62.68 35.05
N CYS D 184 -1.73 62.70 34.83
CA CYS D 184 -1.17 63.15 33.57
C CYS D 184 -0.06 62.22 33.06
N GLU D 185 -0.20 60.92 33.32
CA GLU D 185 0.78 59.96 32.83
C GLU D 185 0.56 59.73 31.33
N GLY D 186 1.57 60.06 30.53
CA GLY D 186 1.42 60.02 29.10
C GLY D 186 1.85 58.72 28.46
N GLU D 187 0.88 57.94 27.97
CA GLU D 187 1.13 56.71 27.22
C GLU D 187 0.32 56.71 25.94
N PRO D 188 0.81 57.37 24.88
CA PRO D 188 0.12 57.29 23.58
C PRO D 188 0.36 55.93 22.95
N ILE D 189 -0.72 55.30 22.47
CA ILE D 189 -0.61 53.93 21.96
C ILE D 189 -0.90 53.88 20.47
N LYS D 190 -2.13 54.18 20.07
CA LYS D 190 -2.58 53.94 18.71
C LYS D 190 -3.89 54.67 18.46
N ARG D 191 -4.27 54.73 17.18
CA ARG D 191 -5.62 55.14 16.77
C ARG D 191 -6.62 54.00 16.88
N GLU D 192 -6.16 52.78 17.05
CA GLU D 192 -6.99 51.57 17.06
C GLU D 192 -7.20 51.04 18.47
N ASP D 193 -7.48 51.96 19.41
CA ASP D 193 -7.57 51.63 20.83
C ASP D 193 -8.69 50.64 21.14
N GLU D 194 -9.75 50.63 20.33
CA GLU D 194 -10.80 49.62 20.46
C GLU D 194 -10.78 48.76 19.19
N GLU D 195 -9.87 47.78 19.17
CA GLU D 195 -9.89 46.74 18.15
C GLU D 195 -9.58 45.35 18.70
N GLU D 196 -9.08 45.23 19.92
CA GLU D 196 -8.66 43.95 20.48
C GLU D 196 -9.39 43.60 21.76
N SER D 197 -9.72 44.59 22.59
CA SER D 197 -10.37 44.31 23.88
C SER D 197 -11.82 43.89 23.69
N LEU D 198 -12.54 44.54 22.78
CA LEU D 198 -13.94 44.23 22.53
C LEU D 198 -14.18 43.67 21.13
N ASN D 199 -13.76 44.41 20.09
CA ASN D 199 -14.17 44.20 18.69
C ASN D 199 -15.69 44.07 18.59
N GLU D 200 -16.35 45.19 18.91
CA GLU D 200 -17.72 45.23 19.39
C GLU D 200 -18.76 45.31 18.27
N VAL D 201 -18.46 44.76 17.09
CA VAL D 201 -19.39 44.77 15.98
C VAL D 201 -20.61 43.93 16.30
N GLY D 202 -21.80 44.46 16.00
CA GLY D 202 -23.04 43.82 16.41
C GLY D 202 -23.82 43.22 15.26
N TYR D 203 -25.14 43.37 15.30
CA TYR D 203 -26.00 42.80 14.27
C TYR D 203 -26.03 43.64 13.00
N ASP D 204 -25.47 44.85 13.03
CA ASP D 204 -25.36 45.64 11.82
C ASP D 204 -24.31 45.08 10.87
N ASP D 205 -23.34 44.34 11.41
CA ASP D 205 -22.24 43.79 10.62
C ASP D 205 -22.58 42.44 10.00
N ILE D 206 -23.79 41.94 10.19
CA ILE D 206 -24.20 40.64 9.67
C ILE D 206 -25.49 40.82 8.89
N GLY D 207 -25.49 40.35 7.64
CA GLY D 207 -26.69 40.34 6.84
C GLY D 207 -26.80 39.05 6.05
N GLY D 208 -27.98 38.87 5.43
CA GLY D 208 -28.23 37.73 4.58
C GLY D 208 -28.75 36.50 5.29
N CYS D 209 -28.64 36.44 6.62
CA CYS D 209 -29.12 35.34 7.43
C CYS D 209 -29.93 35.87 8.60
N ARG D 210 -30.86 36.78 8.29
CA ARG D 210 -31.68 37.44 9.30
C ARG D 210 -32.60 36.44 10.01
N LYS D 211 -33.10 35.45 9.27
CA LYS D 211 -33.88 34.38 9.88
C LYS D 211 -33.01 33.53 10.81
N GLN D 212 -31.80 33.21 10.38
CA GLN D 212 -30.90 32.41 11.20
C GLN D 212 -30.38 33.20 12.40
N LEU D 213 -30.11 34.49 12.21
CA LEU D 213 -29.70 35.34 13.32
C LEU D 213 -30.83 35.53 14.32
N ALA D 214 -32.07 35.65 13.83
CA ALA D 214 -33.23 35.73 14.71
C ALA D 214 -33.44 34.43 15.47
N GLN D 215 -33.22 33.29 14.81
CA GLN D 215 -33.32 31.99 15.48
C GLN D 215 -32.25 31.85 16.57
N ILE D 216 -31.03 32.30 16.28
CA ILE D 216 -29.94 32.23 17.25
C ILE D 216 -30.21 33.14 18.44
N LYS D 217 -30.74 34.35 18.18
CA LYS D 217 -31.09 35.27 19.26
C LYS D 217 -32.24 34.72 20.11
N GLU D 218 -33.22 34.08 19.48
CA GLU D 218 -34.30 33.47 20.23
C GLU D 218 -33.86 32.22 20.98
N MET D 219 -32.79 31.57 20.54
CA MET D 219 -32.22 30.49 21.33
C MET D 219 -31.46 31.02 22.55
N VAL D 220 -30.72 32.11 22.38
CA VAL D 220 -29.88 32.64 23.45
C VAL D 220 -30.61 33.72 24.26
N GLU D 221 -31.91 33.87 24.07
CA GLU D 221 -32.66 34.82 24.87
C GLU D 221 -33.01 34.29 26.25
N LEU D 222 -32.72 33.03 26.55
CA LEU D 222 -32.77 32.61 27.95
C LEU D 222 -31.52 33.02 28.73
N PRO D 223 -30.30 33.03 28.15
CA PRO D 223 -29.23 33.79 28.82
C PRO D 223 -29.50 35.27 29.01
N LEU D 224 -30.17 35.94 28.07
CA LEU D 224 -30.28 37.40 28.09
C LEU D 224 -31.75 37.80 28.18
N ARG D 225 -32.10 38.43 29.32
CA ARG D 225 -33.39 38.99 29.76
C ARG D 225 -34.43 37.94 30.14
N HIS D 226 -34.09 36.66 30.18
CA HIS D 226 -34.95 35.64 30.79
C HIS D 226 -34.13 34.75 31.72
N PRO D 227 -33.60 35.31 32.83
CA PRO D 227 -32.58 34.59 33.61
C PRO D 227 -33.11 33.41 34.40
N ALA D 228 -34.22 33.61 35.11
CA ALA D 228 -34.81 32.58 35.95
C ALA D 228 -36.10 32.03 35.36
N LEU D 229 -36.30 32.21 34.05
CA LEU D 229 -37.51 31.72 33.39
C LEU D 229 -37.32 30.25 33.00
N PHE D 230 -37.30 29.40 34.03
CA PHE D 230 -37.27 27.96 33.84
C PHE D 230 -38.47 27.28 34.49
N LYS D 231 -39.30 28.02 35.23
CA LYS D 231 -40.58 27.48 35.68
C LYS D 231 -41.51 27.25 34.50
N ALA D 232 -41.54 28.19 33.55
CA ALA D 232 -42.39 28.04 32.38
C ALA D 232 -41.84 27.00 31.41
N ILE D 233 -40.52 26.99 31.23
CA ILE D 233 -39.83 25.99 30.43
C ILE D 233 -38.85 25.20 31.31
N GLY D 234 -39.31 24.06 31.81
CA GLY D 234 -38.48 23.18 32.59
C GLY D 234 -37.68 22.20 31.79
N VAL D 235 -37.76 22.27 30.46
CA VAL D 235 -37.02 21.33 29.61
C VAL D 235 -35.59 21.81 29.40
N LYS D 236 -35.28 23.07 29.77
CA LYS D 236 -34.03 23.84 29.59
C LYS D 236 -33.50 23.64 28.18
N PRO D 237 -34.03 24.38 27.21
CA PRO D 237 -33.78 24.09 25.79
C PRO D 237 -32.31 24.21 25.44
N PRO D 238 -31.83 23.38 24.51
CA PRO D 238 -30.58 22.62 24.74
C PRO D 238 -29.32 23.46 24.92
N ARG D 239 -28.47 22.97 25.81
CA ARG D 239 -27.12 23.50 25.98
C ARG D 239 -26.26 22.96 24.85
N GLY D 240 -25.88 23.83 23.92
CA GLY D 240 -25.10 23.40 22.78
C GLY D 240 -25.77 23.61 21.45
N ILE D 241 -25.27 24.57 20.68
CA ILE D 241 -25.77 24.89 19.34
C ILE D 241 -24.63 24.71 18.36
N LEU D 242 -24.92 24.10 17.22
CA LEU D 242 -23.95 23.97 16.14
C LEU D 242 -24.20 25.03 15.08
N LEU D 243 -23.12 25.64 14.60
CA LEU D 243 -23.17 26.57 13.48
C LEU D 243 -22.28 25.98 12.39
N TYR D 244 -22.85 25.09 11.59
CA TYR D 244 -22.12 24.48 10.49
C TYR D 244 -22.46 25.17 9.18
N GLY D 245 -21.78 24.75 8.12
CA GLY D 245 -21.98 25.32 6.81
C GLY D 245 -20.69 25.41 6.03
N PRO D 246 -20.65 26.27 5.02
CA PRO D 246 -19.43 26.44 4.23
C PRO D 246 -18.38 27.20 5.02
N PRO D 247 -17.10 27.05 4.68
CA PRO D 247 -16.08 27.88 5.32
C PRO D 247 -16.15 29.32 4.85
N GLY D 248 -15.76 30.23 5.74
CA GLY D 248 -15.70 31.63 5.38
C GLY D 248 -17.02 32.35 5.30
N THR D 249 -18.05 31.87 5.98
CA THR D 249 -19.36 32.53 5.96
C THR D 249 -19.62 33.37 7.20
N GLY D 250 -18.61 33.56 8.04
CA GLY D 250 -18.78 34.38 9.23
C GLY D 250 -19.25 33.62 10.45
N LYS D 251 -18.92 32.33 10.55
CA LYS D 251 -19.29 31.54 11.72
C LYS D 251 -18.60 32.04 12.98
N THR D 252 -17.36 32.51 12.85
CA THR D 252 -16.71 33.19 13.97
C THR D 252 -17.37 34.52 14.26
N LEU D 253 -17.72 35.27 13.20
CA LEU D 253 -18.27 36.61 13.37
C LEU D 253 -19.67 36.59 13.94
N ILE D 254 -20.44 35.54 13.64
CA ILE D 254 -21.76 35.36 14.26
C ILE D 254 -21.62 35.20 15.78
N ALA D 255 -20.66 34.37 16.20
CA ALA D 255 -20.40 34.16 17.63
C ALA D 255 -19.90 35.42 18.30
N ARG D 256 -19.03 36.18 17.60
CA ARG D 256 -18.54 37.44 18.14
C ARG D 256 -19.64 38.47 18.30
N ALA D 257 -20.55 38.56 17.32
CA ALA D 257 -21.65 39.51 17.39
C ALA D 257 -22.65 39.13 18.49
N VAL D 258 -22.92 37.83 18.62
CA VAL D 258 -23.81 37.35 19.67
C VAL D 258 -23.21 37.60 21.05
N ALA D 259 -21.91 37.36 21.21
CA ALA D 259 -21.25 37.59 22.50
C ALA D 259 -21.17 39.07 22.84
N ASN D 260 -20.99 39.92 21.82
CA ASN D 260 -21.01 41.37 22.05
C ASN D 260 -22.41 41.84 22.44
N GLU D 261 -23.44 41.24 21.84
CA GLU D 261 -24.80 41.67 22.14
C GLU D 261 -25.26 41.20 23.51
N THR D 262 -24.89 39.98 23.90
CA THR D 262 -25.37 39.42 25.16
C THR D 262 -24.70 40.03 26.38
N GLY D 263 -23.44 40.42 26.28
CA GLY D 263 -22.76 41.06 27.39
C GLY D 263 -22.26 40.13 28.47
N ALA D 264 -22.40 38.83 28.29
CA ALA D 264 -21.87 37.88 29.26
C ALA D 264 -20.37 37.74 29.09
N PHE D 265 -19.71 37.20 30.12
CA PHE D 265 -18.28 36.92 30.06
C PHE D 265 -18.01 35.81 29.06
N PHE D 266 -17.31 36.17 27.99
CA PHE D 266 -17.08 35.32 26.84
C PHE D 266 -15.65 34.80 26.87
N PHE D 267 -15.50 33.50 26.70
CA PHE D 267 -14.22 32.82 26.92
C PHE D 267 -13.92 31.88 25.77
N LEU D 268 -13.96 32.40 24.54
CA LEU D 268 -13.76 31.57 23.36
C LEU D 268 -12.34 31.03 23.28
N ILE D 269 -12.21 29.80 22.81
CA ILE D 269 -10.92 29.19 22.55
C ILE D 269 -10.96 28.60 21.15
N ASN D 270 -9.78 28.38 20.59
CA ASN D 270 -9.66 27.79 19.26
C ASN D 270 -9.16 26.36 19.38
N GLY D 271 -9.56 25.53 18.43
CA GLY D 271 -9.18 24.14 18.38
C GLY D 271 -7.69 23.88 18.22
N PRO D 272 -7.07 24.46 17.18
CA PRO D 272 -5.60 24.40 17.10
C PRO D 272 -4.88 25.10 18.25
N GLU D 273 -5.51 26.07 18.90
CA GLU D 273 -4.89 26.75 20.05
C GLU D 273 -4.72 25.79 21.22
N ILE D 274 -5.64 24.83 21.37
CA ILE D 274 -5.48 23.84 22.43
C ILE D 274 -4.80 22.57 21.92
N MET D 275 -4.77 22.34 20.60
CA MET D 275 -3.93 21.27 20.08
C MET D 275 -2.45 21.62 20.10
N SER D 276 -2.12 22.91 20.13
CA SER D 276 -0.72 23.30 20.26
C SER D 276 -0.14 22.98 21.63
N LYS D 277 -1.00 22.87 22.64
CA LYS D 277 -0.54 22.47 23.97
C LYS D 277 -0.19 21.00 23.99
N LEU D 278 0.72 20.63 24.89
CA LEU D 278 1.26 19.27 24.93
C LEU D 278 0.35 18.37 25.75
N ALA D 279 0.82 17.14 26.01
CA ALA D 279 0.09 16.20 26.85
C ALA D 279 0.25 16.61 28.31
N GLY D 280 -0.86 16.73 29.02
CA GLY D 280 -0.90 17.33 30.35
C GLY D 280 -1.23 18.80 30.27
N GLU D 281 -0.63 19.51 29.30
CA GLU D 281 -1.05 20.84 28.92
C GLU D 281 -2.34 20.83 28.11
N SER D 282 -2.75 19.66 27.62
CA SER D 282 -4.01 19.54 26.89
C SER D 282 -5.21 19.75 27.79
N GLU D 283 -5.22 19.07 28.95
CA GLU D 283 -6.28 19.28 29.94
C GLU D 283 -6.19 20.67 30.54
N SER D 284 -4.98 21.23 30.61
CA SER D 284 -4.80 22.63 30.93
C SER D 284 -5.47 23.49 29.86
N ASN D 285 -6.21 24.49 30.35
CA ASN D 285 -7.08 25.46 29.68
C ASN D 285 -8.38 24.85 29.17
N LEU D 286 -8.44 23.53 28.99
CA LEU D 286 -9.73 22.90 28.71
C LEU D 286 -10.57 22.79 29.97
N ARG D 287 -9.95 22.42 31.09
CA ARG D 287 -10.66 22.48 32.36
C ARG D 287 -10.83 23.92 32.81
N LYS D 288 -9.86 24.78 32.50
CA LYS D 288 -9.85 26.15 33.02
C LYS D 288 -10.91 27.02 32.35
N ALA D 289 -11.18 26.82 31.05
CA ALA D 289 -12.22 27.60 30.38
C ALA D 289 -13.60 27.26 30.93
N PHE D 290 -13.88 25.97 31.11
CA PHE D 290 -15.16 25.55 31.68
C PHE D 290 -15.28 25.92 33.15
N GLU D 291 -14.16 25.99 33.88
CA GLU D 291 -14.23 26.43 35.27
C GLU D 291 -14.45 27.93 35.37
N GLU D 292 -13.80 28.71 34.50
CA GLU D 292 -13.97 30.15 34.50
C GLU D 292 -15.31 30.57 33.94
N ALA D 293 -15.95 29.71 33.13
CA ALA D 293 -17.30 30.02 32.67
C ALA D 293 -18.35 29.86 33.77
N GLU D 294 -18.01 29.20 34.88
CA GLU D 294 -18.98 29.02 35.96
C GLU D 294 -19.24 30.30 36.75
N LYS D 295 -18.27 31.22 36.79
CA LYS D 295 -18.29 32.30 37.76
C LYS D 295 -19.29 33.40 37.45
N ASN D 296 -19.92 33.38 36.28
CA ASN D 296 -20.94 34.37 35.94
C ASN D 296 -22.28 33.69 35.75
N ALA D 297 -23.30 34.24 36.41
CA ALA D 297 -24.67 33.74 36.21
C ALA D 297 -25.19 33.95 34.79
N PRO D 298 -24.96 35.11 34.08
CA PRO D 298 -25.07 35.04 32.62
C PRO D 298 -23.75 34.63 32.00
N ALA D 299 -23.73 33.54 31.24
CA ALA D 299 -22.47 33.02 30.72
C ALA D 299 -22.72 32.27 29.42
N ILE D 300 -22.00 32.66 28.38
CA ILE D 300 -21.98 31.97 27.10
C ILE D 300 -20.54 31.81 26.65
N ILE D 301 -20.18 30.60 26.22
CA ILE D 301 -18.85 30.31 25.72
C ILE D 301 -18.98 29.63 24.36
N PHE D 302 -17.85 29.44 23.71
CA PHE D 302 -17.85 28.96 22.34
C PHE D 302 -16.49 28.34 22.05
N ILE D 303 -16.50 27.22 21.34
CA ILE D 303 -15.27 26.54 20.93
C ILE D 303 -15.26 26.45 19.40
N ASP D 304 -14.08 26.69 18.83
CA ASP D 304 -13.94 26.92 17.39
C ASP D 304 -13.24 25.74 16.72
N GLU D 305 -13.67 25.46 15.48
CA GLU D 305 -13.07 24.49 14.56
C GLU D 305 -13.06 23.09 15.18
N LEU D 306 -14.27 22.54 15.32
CA LEU D 306 -14.48 21.27 15.98
C LEU D 306 -13.89 20.08 15.22
N ASP D 307 -13.58 20.23 13.93
CA ASP D 307 -12.98 19.12 13.19
C ASP D 307 -11.55 18.87 13.64
N ALA D 308 -10.87 19.90 14.14
CA ALA D 308 -9.55 19.69 14.72
C ALA D 308 -9.62 18.91 16.03
N ILE D 309 -10.71 19.06 16.78
CA ILE D 309 -10.86 18.45 18.08
C ILE D 309 -11.63 17.14 18.01
N ALA D 310 -12.70 17.08 17.21
CA ALA D 310 -13.60 15.93 17.18
C ALA D 310 -13.73 15.38 15.76
N PRO D 311 -12.76 14.58 15.30
CA PRO D 311 -12.94 13.85 14.05
C PRO D 311 -13.56 12.49 14.31
N LYS D 312 -13.69 11.66 13.28
CA LYS D 312 -14.10 10.28 13.49
C LYS D 312 -12.94 9.47 14.07
N ARG D 313 -13.25 8.24 14.49
CA ARG D 313 -12.22 7.34 14.99
C ARG D 313 -11.28 6.89 13.87
N GLU D 314 -11.79 6.79 12.65
CA GLU D 314 -10.97 6.38 11.51
C GLU D 314 -10.03 7.50 11.05
N LYS D 315 -10.45 8.76 11.20
CA LYS D 315 -9.60 9.87 10.77
C LYS D 315 -8.41 10.05 11.70
N THR D 316 -8.62 10.00 13.01
CA THR D 316 -7.54 10.21 13.96
C THR D 316 -6.62 9.00 14.01
N HIS D 317 -5.38 9.24 14.41
CA HIS D 317 -4.40 8.16 14.55
C HIS D 317 -3.56 8.33 15.81
N GLY D 318 -4.03 9.11 16.78
CA GLY D 318 -3.27 9.34 17.98
C GLY D 318 -4.16 9.23 19.21
N GLU D 319 -3.55 8.76 20.30
CA GLU D 319 -4.28 8.60 21.55
C GLU D 319 -4.51 9.95 22.23
N VAL D 320 -3.67 10.95 21.96
CA VAL D 320 -3.75 12.22 22.67
C VAL D 320 -4.99 13.00 22.23
N GLU D 321 -5.27 13.03 20.93
CA GLU D 321 -6.46 13.72 20.44
C GLU D 321 -7.74 13.00 20.86
N ARG D 322 -7.69 11.67 20.94
CA ARG D 322 -8.87 10.91 21.37
C ARG D 322 -9.11 11.09 22.86
N ARG D 323 -8.04 11.21 23.65
CA ARG D 323 -8.18 11.56 25.06
C ARG D 323 -8.70 12.99 25.23
N ILE D 324 -8.30 13.90 24.33
CA ILE D 324 -8.80 15.28 24.37
C ILE D 324 -10.29 15.33 24.09
N VAL D 325 -10.74 14.59 23.08
CA VAL D 325 -12.17 14.61 22.75
C VAL D 325 -12.97 13.83 23.79
N SER D 326 -12.34 12.85 24.46
CA SER D 326 -13.00 12.17 25.57
C SER D 326 -13.16 13.11 26.78
N GLN D 327 -12.15 13.93 27.05
CA GLN D 327 -12.26 14.92 28.12
C GLN D 327 -13.28 15.99 27.77
N LEU D 328 -13.39 16.34 26.49
CA LEU D 328 -14.43 17.28 26.06
C LEU D 328 -15.82 16.68 26.23
N LEU D 329 -15.98 15.38 25.90
CA LEU D 329 -17.25 14.70 26.12
C LEU D 329 -17.59 14.59 27.61
N THR D 330 -16.57 14.46 28.46
CA THR D 330 -16.80 14.48 29.90
C THR D 330 -17.24 15.85 30.38
N LEU D 331 -16.52 16.90 29.96
CA LEU D 331 -16.77 18.25 30.44
C LEU D 331 -17.99 18.89 29.81
N MET D 332 -18.55 18.28 28.76
CA MET D 332 -19.79 18.82 28.18
C MET D 332 -20.97 18.68 29.13
N ASP D 333 -21.16 17.48 29.70
CA ASP D 333 -22.24 17.25 30.64
C ASP D 333 -21.74 17.06 32.07
N GLY D 334 -20.46 17.35 32.33
CA GLY D 334 -19.98 17.33 33.70
C GLY D 334 -20.59 18.44 34.54
N LEU D 335 -20.84 19.58 33.92
CA LEU D 335 -21.63 20.64 34.52
C LEU D 335 -23.03 20.60 33.95
N LYS D 336 -24.03 20.76 34.81
CA LYS D 336 -25.42 20.76 34.36
C LYS D 336 -26.20 21.72 35.25
N GLN D 337 -27.19 22.38 34.63
CA GLN D 337 -28.13 23.36 35.22
C GLN D 337 -27.44 24.49 36.01
N ARG D 338 -26.17 24.76 35.72
CA ARG D 338 -25.36 25.67 36.50
C ARG D 338 -25.13 26.94 35.68
N ALA D 339 -25.82 28.01 36.08
CA ALA D 339 -25.75 29.36 35.48
C ALA D 339 -26.13 29.39 34.00
N HIS D 340 -26.93 28.41 33.57
CA HIS D 340 -27.47 28.20 32.21
C HIS D 340 -26.46 28.52 31.09
N VAL D 341 -25.31 27.86 31.16
CA VAL D 341 -24.25 28.12 30.19
C VAL D 341 -24.62 27.51 28.85
N ILE D 342 -24.17 28.16 27.78
CA ILE D 342 -24.44 27.71 26.41
C ILE D 342 -23.09 27.62 25.71
N VAL D 343 -22.78 26.44 25.18
CA VAL D 343 -21.59 26.26 24.37
C VAL D 343 -21.99 26.35 22.90
N MET D 344 -21.06 26.80 22.07
CA MET D 344 -21.31 26.98 20.65
C MET D 344 -20.21 26.34 19.83
N ALA D 345 -20.57 25.85 18.65
CA ALA D 345 -19.65 25.08 17.82
C ALA D 345 -19.59 25.66 16.42
N ALA D 346 -18.45 25.47 15.78
CA ALA D 346 -18.24 25.92 14.41
C ALA D 346 -17.42 24.89 13.66
N THR D 347 -17.81 24.62 12.42
CA THR D 347 -17.13 23.66 11.57
C THR D 347 -17.44 23.97 10.13
N ASN D 348 -16.81 23.23 9.22
CA ASN D 348 -17.06 23.37 7.80
C ASN D 348 -17.74 22.17 7.17
N ARG D 349 -17.92 21.06 7.91
CA ARG D 349 -18.61 19.89 7.40
C ARG D 349 -19.50 19.35 8.50
N PRO D 350 -20.74 18.96 8.19
CA PRO D 350 -21.67 18.50 9.25
C PRO D 350 -21.38 17.09 9.74
N ASN D 351 -20.99 16.19 8.85
CA ASN D 351 -20.74 14.80 9.23
C ASN D 351 -19.34 14.57 9.75
N SER D 352 -18.50 15.61 9.76
CA SER D 352 -17.12 15.44 10.20
C SER D 352 -17.02 15.34 11.72
N ILE D 353 -17.96 15.94 12.44
CA ILE D 353 -17.95 15.89 13.90
C ILE D 353 -18.33 14.48 14.34
N ASP D 354 -17.75 14.03 15.46
CA ASP D 354 -18.05 12.72 16.02
C ASP D 354 -19.52 12.62 16.40
N PRO D 355 -20.19 11.49 16.13
CA PRO D 355 -21.61 11.37 16.48
C PRO D 355 -21.87 11.24 17.97
N ALA D 356 -20.84 11.06 18.81
CA ALA D 356 -21.03 11.06 20.25
C ALA D 356 -21.40 12.43 20.77
N LEU D 357 -21.03 13.48 20.04
CA LEU D 357 -21.46 14.84 20.36
C LEU D 357 -22.69 15.26 19.57
N ARG D 358 -23.30 14.35 18.80
CA ARG D 358 -24.55 14.64 18.12
C ARG D 358 -25.74 14.00 18.82
N ARG D 359 -25.56 13.49 20.04
CA ARG D 359 -26.67 12.93 20.79
C ARG D 359 -27.55 14.05 21.34
N PHE D 360 -28.68 13.64 21.91
CA PHE D 360 -29.68 14.62 22.34
C PHE D 360 -29.30 15.23 23.69
N GLY D 361 -28.36 14.62 24.41
CA GLY D 361 -27.89 15.20 25.65
C GLY D 361 -26.96 16.37 25.42
N ARG D 362 -26.03 16.24 24.48
CA ARG D 362 -24.93 17.17 24.31
C ARG D 362 -24.90 17.66 22.87
N PHE D 363 -24.87 18.99 22.71
CA PHE D 363 -24.81 19.68 21.41
C PHE D 363 -25.97 19.25 20.50
N ASP D 364 -27.20 19.53 20.94
CA ASP D 364 -28.36 18.95 20.28
C ASP D 364 -28.72 19.72 19.02
N ARG D 365 -28.95 21.03 19.14
CA ARG D 365 -29.48 21.81 18.04
C ARG D 365 -28.42 22.05 16.98
N GLU D 366 -28.85 22.03 15.72
CA GLU D 366 -27.96 22.27 14.58
C GLU D 366 -28.65 23.24 13.64
N VAL D 367 -28.00 24.38 13.39
CA VAL D 367 -28.46 25.33 12.39
C VAL D 367 -27.30 25.59 11.44
N ASP D 368 -27.63 25.95 10.21
CA ASP D 368 -26.64 26.18 9.18
C ASP D 368 -26.74 27.61 8.66
N ILE D 369 -25.59 28.27 8.56
CA ILE D 369 -25.55 29.62 8.00
C ILE D 369 -25.80 29.58 6.50
N GLY D 370 -25.14 28.65 5.80
CA GLY D 370 -25.24 28.59 4.36
C GLY D 370 -24.51 29.75 3.70
N ILE D 371 -24.85 30.00 2.44
CA ILE D 371 -24.36 31.17 1.75
C ILE D 371 -25.52 32.13 1.54
N PRO D 372 -25.28 33.44 1.50
CA PRO D 372 -26.37 34.37 1.17
C PRO D 372 -26.73 34.29 -0.31
N ASP D 373 -27.93 34.74 -0.62
CA ASP D 373 -28.43 34.85 -1.98
C ASP D 373 -28.12 36.26 -2.51
N ALA D 374 -28.75 36.61 -3.63
CA ALA D 374 -28.51 37.91 -4.26
C ALA D 374 -28.96 39.06 -3.38
N THR D 375 -30.10 38.90 -2.71
CA THR D 375 -30.52 39.88 -1.71
C THR D 375 -29.57 39.88 -0.52
N GLY D 376 -29.12 38.69 -0.10
CA GLY D 376 -28.19 38.60 1.00
C GLY D 376 -26.83 39.19 0.67
N ARG D 377 -26.32 38.91 -0.53
CA ARG D 377 -25.06 39.50 -0.94
C ARG D 377 -25.19 40.99 -1.18
N LEU D 378 -26.38 41.45 -1.59
CA LEU D 378 -26.64 42.88 -1.70
C LEU D 378 -26.57 43.56 -0.33
N GLU D 379 -27.14 42.90 0.69
CA GLU D 379 -27.05 43.42 2.05
C GLU D 379 -25.61 43.42 2.57
N ILE D 380 -24.85 42.37 2.25
CA ILE D 380 -23.45 42.28 2.67
C ILE D 380 -22.61 43.36 2.00
N LEU D 381 -22.82 43.58 0.70
CA LEU D 381 -22.11 44.64 -0.02
C LEU D 381 -22.51 46.02 0.49
N GLN D 382 -23.78 46.20 0.84
CA GLN D 382 -24.25 47.49 1.33
C GLN D 382 -23.70 47.81 2.71
N ILE D 383 -23.58 46.81 3.58
CA ILE D 383 -22.97 47.05 4.89
C ILE D 383 -21.46 46.97 4.86
N HIS D 384 -20.87 46.51 3.75
CA HIS D 384 -19.43 46.40 3.64
C HIS D 384 -18.77 47.57 2.94
N THR D 385 -19.46 48.21 1.99
CA THR D 385 -18.91 49.35 1.29
C THR D 385 -19.17 50.67 2.02
N LYS D 386 -19.62 50.61 3.27
CA LYS D 386 -19.80 51.83 4.06
C LYS D 386 -18.46 52.49 4.38
N ASN D 387 -17.48 51.70 4.80
CA ASN D 387 -16.18 52.23 5.22
C ASN D 387 -15.20 52.29 4.06
N MET D 388 -15.65 52.89 2.96
CA MET D 388 -14.84 53.04 1.74
C MET D 388 -15.50 54.13 0.91
N LYS D 389 -14.75 55.18 0.61
CA LYS D 389 -15.32 56.33 -0.09
C LYS D 389 -15.39 56.00 -1.58
N LEU D 390 -16.55 55.55 -2.02
CA LEU D 390 -16.81 55.32 -3.44
C LEU D 390 -17.03 56.66 -4.15
N ALA D 391 -17.10 56.59 -5.47
CA ALA D 391 -17.29 57.78 -6.29
C ALA D 391 -18.76 58.13 -6.50
N ASP D 392 -19.67 57.39 -5.85
CA ASP D 392 -21.13 57.49 -6.02
C ASP D 392 -21.53 57.35 -7.48
N ASP D 393 -20.90 56.40 -8.17
CA ASP D 393 -21.15 56.13 -9.58
C ASP D 393 -21.62 54.71 -9.85
N VAL D 394 -21.30 53.77 -8.97
CA VAL D 394 -21.62 52.36 -9.19
C VAL D 394 -23.09 52.11 -8.85
N ASP D 395 -23.61 50.95 -9.25
CA ASP D 395 -24.98 50.59 -8.92
C ASP D 395 -25.08 49.65 -7.73
N LEU D 396 -24.02 48.87 -7.48
CA LEU D 396 -23.95 47.86 -6.41
C LEU D 396 -25.06 46.82 -6.52
N GLU D 397 -25.55 46.57 -7.71
CA GLU D 397 -26.69 45.67 -7.86
C GLU D 397 -26.42 44.57 -8.88
N GLN D 398 -25.75 44.89 -9.99
CA GLN D 398 -25.32 43.85 -10.92
C GLN D 398 -24.26 42.97 -10.30
N VAL D 399 -23.37 43.57 -9.50
CA VAL D 399 -22.40 42.79 -8.73
C VAL D 399 -23.09 41.97 -7.65
N ALA D 400 -24.20 42.49 -7.11
CA ALA D 400 -24.94 41.76 -6.09
C ALA D 400 -25.62 40.52 -6.67
N ASN D 401 -26.28 40.66 -7.81
CA ASN D 401 -26.96 39.50 -8.39
C ASN D 401 -26.03 38.60 -9.18
N GLU D 402 -24.84 39.07 -9.55
CA GLU D 402 -23.97 38.28 -10.41
C GLU D 402 -23.22 37.21 -9.61
N THR D 403 -22.83 37.52 -8.37
CA THR D 403 -21.82 36.75 -7.65
C THR D 403 -22.39 35.47 -7.03
N HIS D 404 -22.90 34.59 -7.88
CA HIS D 404 -23.35 33.29 -7.41
C HIS D 404 -22.14 32.42 -7.07
N GLY D 405 -22.25 31.67 -5.98
CA GLY D 405 -21.11 30.92 -5.47
C GLY D 405 -20.01 31.80 -4.92
N HIS D 406 -20.37 32.88 -4.24
CA HIS D 406 -19.42 33.78 -3.60
C HIS D 406 -19.83 33.94 -2.15
N VAL D 407 -18.96 33.53 -1.23
CA VAL D 407 -19.28 33.55 0.19
C VAL D 407 -18.89 34.95 0.69
N GLY D 408 -19.32 35.30 1.91
CA GLY D 408 -19.18 36.68 2.38
C GLY D 408 -17.75 37.14 2.58
N ALA D 409 -16.88 36.24 3.04
CA ALA D 409 -15.46 36.59 3.13
C ALA D 409 -14.83 36.72 1.75
N ASP D 410 -15.29 35.91 0.79
CA ASP D 410 -14.89 36.11 -0.60
C ASP D 410 -15.42 37.43 -1.15
N LEU D 411 -16.59 37.86 -0.70
CA LEU D 411 -17.12 39.17 -1.09
C LEU D 411 -16.26 40.30 -0.51
N ALA D 412 -15.78 40.14 0.73
CA ALA D 412 -14.85 41.10 1.30
C ALA D 412 -13.53 41.11 0.55
N ALA D 413 -13.08 39.93 0.12
CA ALA D 413 -11.87 39.83 -0.69
C ALA D 413 -12.04 40.50 -2.05
N LEU D 414 -13.24 40.37 -2.64
CA LEU D 414 -13.55 41.05 -3.88
C LEU D 414 -13.55 42.56 -3.70
N CYS D 415 -14.08 43.04 -2.57
CA CYS D 415 -14.05 44.47 -2.27
C CYS D 415 -12.62 44.97 -2.11
N SER D 416 -11.76 44.20 -1.43
CA SER D 416 -10.37 44.58 -1.27
C SER D 416 -9.62 44.56 -2.61
N GLU D 417 -9.93 43.60 -3.48
CA GLU D 417 -9.30 43.53 -4.79
C GLU D 417 -9.75 44.69 -5.67
N ALA D 418 -11.02 45.08 -5.56
CA ALA D 418 -11.51 46.24 -6.31
C ALA D 418 -10.88 47.53 -5.80
N ALA D 419 -10.65 47.62 -4.50
CA ALA D 419 -9.93 48.77 -3.93
C ALA D 419 -8.49 48.81 -4.43
N LEU D 420 -7.84 47.64 -4.49
CA LEU D 420 -6.47 47.59 -5.00
C LEU D 420 -6.39 47.93 -6.48
N GLN D 421 -7.38 47.50 -7.26
CA GLN D 421 -7.43 47.82 -8.69
C GLN D 421 -7.68 49.32 -8.89
N ALA D 422 -8.50 49.93 -8.03
CA ALA D 422 -8.72 51.37 -8.12
C ALA D 422 -7.49 52.17 -7.69
N ILE D 423 -6.73 51.65 -6.71
CA ILE D 423 -5.51 52.34 -6.29
C ILE D 423 -4.42 52.22 -7.36
N ARG D 424 -4.32 51.05 -8.01
CA ARG D 424 -3.17 50.71 -8.85
C ARG D 424 -3.06 51.53 -10.13
N LYS D 425 -4.07 52.33 -10.49
CA LYS D 425 -3.97 53.22 -11.63
C LYS D 425 -3.47 54.61 -11.24
N LYS D 426 -2.64 54.71 -10.20
CA LYS D 426 -2.12 56.00 -9.74
C LYS D 426 -0.60 55.97 -9.64
N MET D 427 -0.02 56.98 -9.00
CA MET D 427 1.43 57.12 -8.92
C MET D 427 1.97 56.54 -7.62
N ASP D 428 3.21 56.03 -7.68
CA ASP D 428 3.85 55.44 -6.50
C ASP D 428 4.23 56.50 -5.47
N LEU D 429 4.74 57.65 -5.92
CA LEU D 429 4.70 58.84 -5.09
C LEU D 429 3.24 59.19 -4.88
N ILE D 430 2.77 59.06 -3.63
CA ILE D 430 1.41 58.62 -3.27
C ILE D 430 0.33 59.44 -3.94
N ASP D 438 0.20 60.70 -3.50
CA ASP D 438 -0.24 61.91 -4.20
C ASP D 438 -0.26 63.02 -3.17
N ALA D 439 -0.58 64.24 -3.58
CA ALA D 439 -1.08 65.23 -2.66
C ALA D 439 -2.60 65.17 -2.49
N GLU D 440 -3.27 64.29 -3.25
CA GLU D 440 -4.73 64.30 -3.28
C GLU D 440 -5.40 62.93 -3.37
N VAL D 441 -4.66 61.82 -3.28
CA VAL D 441 -5.32 60.53 -3.47
C VAL D 441 -5.95 60.03 -2.16
N MET D 442 -5.44 60.47 -1.00
CA MET D 442 -5.96 60.00 0.26
C MET D 442 -7.32 60.60 0.58
N ASN D 443 -7.49 61.89 0.33
CA ASN D 443 -8.75 62.58 0.62
C ASN D 443 -9.72 62.58 -0.55
N SER D 444 -9.34 62.02 -1.70
CA SER D 444 -10.22 61.95 -2.86
C SER D 444 -10.12 60.59 -3.52
N LEU D 445 -10.10 59.53 -2.71
CA LEU D 445 -10.07 58.18 -3.25
C LEU D 445 -11.44 57.81 -3.82
N ALA D 446 -11.43 56.98 -4.86
CA ALA D 446 -12.65 56.64 -5.57
C ALA D 446 -12.52 55.26 -6.19
N VAL D 447 -13.67 54.63 -6.44
CA VAL D 447 -13.75 53.37 -7.17
C VAL D 447 -14.77 53.55 -8.28
N THR D 448 -14.62 52.74 -9.33
CA THR D 448 -15.54 52.82 -10.46
C THR D 448 -16.29 51.50 -10.62
N MET D 449 -17.31 51.57 -11.48
CA MET D 449 -18.08 50.40 -11.87
C MET D 449 -17.24 49.40 -12.67
N ASP D 450 -16.37 49.92 -13.54
CA ASP D 450 -15.47 49.06 -14.31
C ASP D 450 -14.43 48.39 -13.43
N ASP D 451 -14.08 49.02 -12.30
CA ASP D 451 -13.22 48.37 -11.31
C ASP D 451 -13.90 47.16 -10.70
N PHE D 452 -15.21 47.26 -10.43
CA PHE D 452 -15.95 46.09 -9.95
C PHE D 452 -16.02 44.99 -11.01
N ARG D 453 -16.17 45.37 -12.29
CA ARG D 453 -16.16 44.33 -13.33
C ARG D 453 -14.80 43.66 -13.48
N TRP D 454 -13.71 44.43 -13.37
CA TRP D 454 -12.40 43.81 -13.48
C TRP D 454 -12.05 42.98 -12.25
N ALA D 455 -12.49 43.41 -11.07
CA ALA D 455 -12.31 42.58 -9.89
C ALA D 455 -13.18 41.33 -9.95
N LEU D 456 -14.34 41.42 -10.59
CA LEU D 456 -15.23 40.28 -10.73
C LEU D 456 -14.69 39.26 -11.73
N SER D 457 -14.04 39.73 -12.79
CA SER D 457 -13.51 38.83 -13.80
C SER D 457 -12.33 38.03 -13.28
N GLN D 458 -11.39 38.71 -12.62
CA GLN D 458 -10.19 38.07 -12.10
C GLN D 458 -10.38 37.64 -10.65
N SER D 459 -11.41 36.82 -10.43
CA SER D 459 -11.72 36.32 -9.10
C SER D 459 -12.00 34.82 -9.18
N ASN D 460 -11.38 34.05 -8.31
CA ASN D 460 -11.56 32.60 -8.22
C ASN D 460 -12.03 32.27 -6.80
N PRO D 461 -13.33 32.17 -6.58
CA PRO D 461 -13.85 31.83 -5.25
C PRO D 461 -13.91 30.32 -5.03
N SER D 462 -13.90 29.95 -3.76
CA SER D 462 -14.00 28.55 -3.34
C SER D 462 -15.40 28.20 -2.87
N ALA D 463 -16.37 29.08 -3.05
CA ALA D 463 -17.72 28.87 -2.56
C ALA D 463 -18.62 28.19 -3.58
N LEU D 464 -18.05 27.66 -4.66
CA LEU D 464 -18.83 26.92 -5.63
C LEU D 464 -18.89 25.45 -5.23
N ARG D 465 -19.38 24.60 -6.14
CA ARG D 465 -19.46 23.13 -6.12
C ARG D 465 -20.45 22.58 -5.09
N GLU D 466 -21.04 23.42 -4.25
CA GLU D 466 -22.04 23.00 -3.28
C GLU D 466 -23.43 23.19 -3.85
N THR D 467 -24.32 22.22 -3.60
CA THR D 467 -25.71 22.30 -4.03
C THR D 467 -26.46 23.22 -3.07
N VAL D 468 -26.28 24.53 -3.29
CA VAL D 468 -26.76 25.54 -2.34
C VAL D 468 -28.23 25.81 -2.57
N VAL D 469 -28.84 26.55 -1.64
CA VAL D 469 -30.25 26.88 -1.69
C VAL D 469 -30.43 28.24 -2.33
N GLU D 470 -31.51 28.39 -3.11
CA GLU D 470 -31.84 29.66 -3.74
C GLU D 470 -33.33 29.64 -4.10
N VAL D 471 -33.86 30.82 -4.39
CA VAL D 471 -35.22 30.99 -4.88
C VAL D 471 -35.13 31.59 -6.27
N PRO D 472 -35.75 31.00 -7.28
CA PRO D 472 -35.65 31.52 -8.65
C PRO D 472 -36.51 32.77 -8.83
N GLN D 473 -36.34 33.40 -10.01
CA GLN D 473 -36.95 34.69 -10.34
C GLN D 473 -37.53 34.64 -11.75
N VAL D 474 -38.24 33.57 -12.07
CA VAL D 474 -38.34 33.12 -13.47
C VAL D 474 -39.67 33.43 -14.12
N THR D 475 -40.31 34.54 -13.70
CA THR D 475 -41.31 35.38 -14.41
C THR D 475 -42.32 34.64 -15.29
N TRP D 476 -43.20 33.86 -14.64
CA TRP D 476 -43.90 32.68 -15.17
C TRP D 476 -44.61 32.87 -16.52
N GLU D 477 -44.85 34.10 -16.96
CA GLU D 477 -45.35 34.36 -18.30
C GLU D 477 -44.25 34.38 -19.35
N ASP D 478 -42.98 34.18 -18.95
CA ASP D 478 -41.89 34.04 -19.91
C ASP D 478 -41.94 32.74 -20.69
N ILE D 479 -42.71 31.77 -20.23
CA ILE D 479 -42.94 30.54 -20.97
C ILE D 479 -44.10 30.79 -21.95
N GLY D 480 -44.18 29.97 -23.02
CA GLY D 480 -45.33 30.00 -23.91
C GLY D 480 -46.65 29.72 -23.22
N GLY D 481 -46.61 28.96 -22.14
CA GLY D 481 -47.62 29.02 -21.10
C GLY D 481 -48.15 27.69 -20.64
N LEU D 482 -48.47 26.81 -21.60
CA LEU D 482 -48.99 25.44 -21.42
C LEU D 482 -50.00 25.33 -20.26
N GLU D 483 -51.07 26.12 -20.40
CA GLU D 483 -51.88 26.60 -19.28
C GLU D 483 -52.55 25.46 -18.50
N ASP D 484 -52.93 24.40 -19.21
CA ASP D 484 -53.46 23.22 -18.54
C ASP D 484 -52.40 22.55 -17.67
N VAL D 485 -51.18 22.41 -18.20
CA VAL D 485 -50.09 21.78 -17.46
C VAL D 485 -49.64 22.68 -16.31
N LYS D 486 -49.63 24.00 -16.52
CA LYS D 486 -49.25 24.92 -15.47
C LYS D 486 -50.28 24.92 -14.34
N ARG D 487 -51.57 24.84 -14.69
CA ARG D 487 -52.61 24.73 -13.66
C ARG D 487 -52.55 23.36 -12.96
N GLU D 488 -52.15 22.31 -13.67
CA GLU D 488 -51.95 21.01 -13.05
C GLU D 488 -50.80 21.04 -12.05
N LEU D 489 -49.70 21.72 -12.40
CA LEU D 489 -48.58 21.88 -11.48
C LEU D 489 -48.98 22.74 -10.29
N GLN D 490 -49.79 23.78 -10.54
CA GLN D 490 -50.37 24.61 -9.48
C GLN D 490 -51.17 23.77 -8.49
N GLU D 491 -52.01 22.87 -9.00
CA GLU D 491 -52.87 22.06 -8.14
C GLU D 491 -52.08 20.98 -7.40
N LEU D 492 -51.07 20.40 -8.04
CA LEU D 492 -50.25 19.41 -7.35
C LEU D 492 -49.29 20.02 -6.34
N VAL D 493 -48.92 21.29 -6.47
CA VAL D 493 -47.97 21.83 -5.51
C VAL D 493 -48.63 22.72 -4.48
N GLN D 494 -49.16 23.87 -4.92
CA GLN D 494 -49.28 24.99 -3.99
C GLN D 494 -50.57 25.01 -3.18
N TYR D 495 -51.59 24.28 -3.60
CA TYR D 495 -52.82 24.30 -2.83
C TYR D 495 -52.73 23.48 -1.53
N PRO D 496 -52.00 22.35 -1.46
CA PRO D 496 -51.58 21.88 -0.13
C PRO D 496 -50.64 22.84 0.60
N VAL D 497 -49.85 23.63 -0.13
CA VAL D 497 -48.90 24.52 0.51
C VAL D 497 -49.59 25.73 1.14
N GLU D 498 -50.31 26.49 0.32
CA GLU D 498 -50.86 27.76 0.79
C GLU D 498 -52.15 27.60 1.57
N HIS D 499 -52.72 26.40 1.64
CA HIS D 499 -53.92 26.12 2.43
C HIS D 499 -53.62 25.00 3.41
N PRO D 500 -53.06 25.30 4.58
CA PRO D 500 -52.96 24.27 5.62
C PRO D 500 -54.30 23.89 6.23
N ASP D 501 -55.31 24.77 6.12
CA ASP D 501 -56.65 24.41 6.56
C ASP D 501 -57.28 23.35 5.65
N LYS D 502 -56.93 23.36 4.36
CA LYS D 502 -57.36 22.30 3.45
C LYS D 502 -56.57 21.01 3.62
N PHE D 503 -55.54 21.02 4.46
CA PHE D 503 -54.96 19.77 4.96
C PHE D 503 -55.73 19.21 6.15
N LEU D 504 -56.75 19.92 6.63
CA LEU D 504 -57.56 19.43 7.75
C LEU D 504 -59.06 19.57 7.57
N LYS D 505 -59.56 20.34 6.60
CA LYS D 505 -61.00 20.56 6.46
C LYS D 505 -61.60 19.80 5.29
N PHE D 506 -61.08 20.02 4.07
CA PHE D 506 -61.71 19.51 2.87
C PHE D 506 -60.63 18.98 1.93
N GLY D 507 -61.00 17.96 1.16
CA GLY D 507 -60.04 17.26 0.33
C GLY D 507 -59.85 15.85 0.87
N MET D 508 -58.75 15.20 0.49
CA MET D 508 -58.39 13.84 0.92
C MET D 508 -56.87 13.78 0.97
N THR D 509 -56.31 12.57 0.91
CA THR D 509 -54.87 12.36 0.96
C THR D 509 -54.18 13.06 -0.21
N PRO D 510 -53.01 13.65 0.01
CA PRO D 510 -52.29 14.31 -1.08
C PRO D 510 -51.36 13.35 -1.79
N SER D 511 -50.73 13.85 -2.86
CA SER D 511 -49.74 13.12 -3.63
C SER D 511 -48.47 13.96 -3.70
N LYS D 512 -47.55 13.72 -2.77
CA LYS D 512 -46.35 14.55 -2.66
C LYS D 512 -45.32 14.06 -3.66
N GLY D 513 -45.29 14.71 -4.82
CA GLY D 513 -44.31 14.40 -5.85
C GLY D 513 -44.95 14.36 -7.24
N VAL D 514 -44.13 14.63 -8.25
CA VAL D 514 -44.58 14.62 -9.64
C VAL D 514 -43.38 14.27 -10.52
N LEU D 515 -43.63 13.46 -11.55
CA LEU D 515 -42.62 13.11 -12.53
C LEU D 515 -42.90 13.80 -13.85
N PHE D 516 -41.85 14.03 -14.61
CA PHE D 516 -41.95 14.68 -15.91
C PHE D 516 -41.32 13.78 -16.98
N TYR D 517 -41.99 13.69 -18.12
CA TYR D 517 -41.43 12.95 -19.24
C TYR D 517 -41.99 13.54 -20.53
N GLY D 518 -41.33 13.21 -21.63
CA GLY D 518 -41.69 13.74 -22.93
C GLY D 518 -40.47 13.95 -23.78
N PRO D 519 -40.41 15.09 -24.48
CA PRO D 519 -39.25 15.37 -25.32
C PRO D 519 -38.04 15.69 -24.45
N PRO D 520 -36.82 15.40 -24.93
CA PRO D 520 -35.62 15.74 -24.16
C PRO D 520 -35.40 17.23 -24.04
N GLY D 521 -35.45 17.93 -25.17
CA GLY D 521 -35.33 19.37 -25.14
C GLY D 521 -36.68 20.02 -24.99
N CYS D 522 -37.03 20.41 -23.76
CA CYS D 522 -38.24 21.16 -23.49
C CYS D 522 -38.01 21.98 -22.22
N GLY D 523 -39.10 22.48 -21.65
CA GLY D 523 -38.97 23.31 -20.46
C GLY D 523 -39.25 22.61 -19.16
N LYS D 524 -38.78 21.36 -19.01
CA LYS D 524 -39.05 20.59 -17.79
C LYS D 524 -38.34 21.18 -16.58
N THR D 525 -37.06 21.53 -16.74
CA THR D 525 -36.36 22.30 -15.73
C THR D 525 -36.99 23.67 -15.55
N LEU D 526 -37.47 24.26 -16.65
CA LEU D 526 -38.12 25.55 -16.61
C LEU D 526 -39.45 25.48 -15.86
N LEU D 527 -40.23 24.41 -16.07
CA LEU D 527 -41.48 24.25 -15.31
C LEU D 527 -41.20 23.98 -13.83
N ALA D 528 -40.14 23.22 -13.54
CA ALA D 528 -39.80 22.96 -12.14
C ALA D 528 -39.40 24.23 -11.40
N LYS D 529 -38.56 25.06 -12.03
CA LYS D 529 -38.20 26.31 -11.38
C LYS D 529 -39.34 27.33 -11.42
N ALA D 530 -40.26 27.20 -12.39
CA ALA D 530 -41.42 28.07 -12.43
C ALA D 530 -42.37 27.79 -11.27
N ILE D 531 -42.65 26.51 -11.00
CA ILE D 531 -43.50 26.19 -9.85
C ILE D 531 -42.75 26.39 -8.54
N ALA D 532 -41.42 26.35 -8.56
CA ALA D 532 -40.65 26.69 -7.36
C ALA D 532 -40.78 28.18 -7.04
N ASN D 533 -40.74 29.02 -8.07
CA ASN D 533 -40.92 30.45 -7.87
C ASN D 533 -42.36 30.81 -7.51
N GLU D 534 -43.33 30.17 -8.15
CA GLU D 534 -44.74 30.51 -7.91
C GLU D 534 -45.20 29.98 -6.55
N CYS D 535 -44.64 28.87 -6.09
CA CYS D 535 -44.88 28.43 -4.73
C CYS D 535 -44.14 29.29 -3.71
N GLN D 536 -43.14 30.06 -4.15
CA GLN D 536 -42.22 30.83 -3.30
C GLN D 536 -41.55 29.94 -2.26
N ALA D 537 -41.17 28.74 -2.69
CA ALA D 537 -40.48 27.76 -1.86
C ALA D 537 -39.04 27.65 -2.30
N ASN D 538 -38.23 27.01 -1.46
CA ASN D 538 -36.83 26.83 -1.77
C ASN D 538 -36.65 25.78 -2.87
N PHE D 539 -35.66 26.00 -3.71
CA PHE D 539 -35.44 25.20 -4.91
C PHE D 539 -34.05 24.58 -4.85
N ILE D 540 -33.98 23.29 -4.56
CA ILE D 540 -32.72 22.54 -4.58
C ILE D 540 -32.76 21.61 -5.78
N SER D 541 -31.85 21.84 -6.73
CA SER D 541 -31.84 21.12 -7.99
C SER D 541 -30.48 20.45 -8.16
N ILE D 542 -30.37 19.22 -7.65
CA ILE D 542 -29.15 18.46 -7.82
C ILE D 542 -29.16 17.82 -9.21
N LYS D 543 -28.01 17.34 -9.66
CA LYS D 543 -27.87 16.76 -10.98
C LYS D 543 -27.50 15.29 -10.87
N GLY D 544 -27.99 14.51 -11.83
CA GLY D 544 -27.63 13.11 -11.97
C GLY D 544 -26.16 12.84 -12.17
N PRO D 545 -25.52 13.54 -13.12
CA PRO D 545 -24.04 13.50 -13.17
C PRO D 545 -23.36 13.99 -11.90
N GLU D 546 -23.95 14.96 -11.19
CA GLU D 546 -23.40 15.37 -9.90
C GLU D 546 -23.57 14.27 -8.86
N LEU D 547 -24.69 13.53 -8.94
CA LEU D 547 -24.90 12.39 -8.06
C LEU D 547 -23.88 11.28 -8.31
N LEU D 548 -23.60 10.99 -9.58
CA LEU D 548 -22.58 9.99 -9.89
C LEU D 548 -21.18 10.51 -9.62
N THR D 549 -20.98 11.84 -9.62
CA THR D 549 -19.71 12.41 -9.17
C THR D 549 -19.51 12.18 -7.68
N MET D 550 -20.55 12.41 -6.87
CA MET D 550 -20.43 12.15 -5.45
C MET D 550 -20.35 10.65 -5.15
N TRP D 551 -20.95 9.82 -5.99
CA TRP D 551 -20.80 8.37 -5.85
C TRP D 551 -19.43 7.90 -6.31
N PHE D 552 -18.78 8.65 -7.20
CA PHE D 552 -17.44 8.32 -7.68
C PHE D 552 -16.39 8.43 -6.59
N GLY D 553 -16.65 9.20 -5.54
CA GLY D 553 -15.83 9.22 -4.35
C GLY D 553 -16.20 8.17 -3.32
N GLU D 554 -17.07 7.22 -3.69
CA GLU D 554 -17.52 6.09 -2.86
C GLU D 554 -18.19 6.58 -1.57
N SER D 555 -19.30 7.28 -1.74
CA SER D 555 -20.05 7.82 -0.61
C SER D 555 -21.51 7.95 -1.02
N GLU D 556 -22.34 6.99 -0.59
CA GLU D 556 -23.78 7.05 -0.82
C GLU D 556 -24.54 7.61 0.37
N ALA D 557 -23.85 8.05 1.42
CA ALA D 557 -24.46 8.83 2.49
C ALA D 557 -24.68 10.28 2.10
N ASN D 558 -24.11 10.70 0.96
CA ASN D 558 -24.33 12.06 0.46
C ASN D 558 -25.78 12.27 0.04
N VAL D 559 -26.46 11.21 -0.43
CA VAL D 559 -27.89 11.30 -0.72
C VAL D 559 -28.67 11.55 0.55
N ARG D 560 -28.27 10.86 1.64
CA ARG D 560 -28.88 11.09 2.95
C ARG D 560 -28.63 12.51 3.44
N GLU D 561 -27.44 13.05 3.18
CA GLU D 561 -27.19 14.43 3.58
C GLU D 561 -27.94 15.44 2.71
N ILE D 562 -28.17 15.12 1.44
CA ILE D 562 -29.03 15.96 0.59
C ILE D 562 -30.45 15.97 1.13
N PHE D 563 -30.97 14.81 1.51
CA PHE D 563 -32.32 14.75 2.07
C PHE D 563 -32.40 15.42 3.45
N ASP D 564 -31.31 15.38 4.22
CA ASP D 564 -31.29 16.07 5.51
C ASP D 564 -31.22 17.59 5.32
N LYS D 565 -30.49 18.05 4.30
CA LYS D 565 -30.52 19.46 3.95
C LYS D 565 -31.90 19.88 3.47
N ALA D 566 -32.59 18.99 2.76
CA ALA D 566 -33.96 19.24 2.33
C ALA D 566 -34.91 19.37 3.52
N ARG D 567 -34.76 18.48 4.51
CA ARG D 567 -35.61 18.55 5.69
C ARG D 567 -35.28 19.76 6.56
N GLN D 568 -34.01 20.14 6.63
CA GLN D 568 -33.63 21.35 7.35
C GLN D 568 -34.04 22.61 6.60
N ALA D 569 -34.24 22.52 5.28
CA ALA D 569 -34.69 23.64 4.48
C ALA D 569 -36.20 23.61 4.26
N ALA D 570 -36.95 23.14 5.24
CA ALA D 570 -38.40 23.01 5.10
C ALA D 570 -39.06 24.38 5.17
N PRO D 571 -39.98 24.71 4.24
CA PRO D 571 -40.43 23.94 3.08
C PRO D 571 -39.52 24.09 1.87
N CYS D 572 -39.44 23.07 1.02
CA CYS D 572 -38.52 23.11 -0.11
C CYS D 572 -39.06 22.28 -1.27
N VAL D 573 -38.52 22.55 -2.46
CA VAL D 573 -38.87 21.84 -3.68
C VAL D 573 -37.60 21.19 -4.21
N LEU D 574 -37.65 19.88 -4.46
CA LEU D 574 -36.48 19.11 -4.87
C LEU D 574 -36.59 18.76 -6.34
N PHE D 575 -35.44 18.72 -7.01
CA PHE D 575 -35.41 18.47 -8.45
C PHE D 575 -34.29 17.49 -8.75
N PHE D 576 -34.64 16.35 -9.35
CA PHE D 576 -33.66 15.34 -9.77
C PHE D 576 -33.68 15.32 -11.30
N ASP D 577 -32.92 16.21 -11.91
CA ASP D 577 -32.92 16.29 -13.36
C ASP D 577 -31.98 15.26 -13.96
N GLU D 578 -32.18 15.02 -15.26
CA GLU D 578 -31.37 14.13 -16.10
C GLU D 578 -31.35 12.70 -15.56
N LEU D 579 -32.54 12.12 -15.45
CA LEU D 579 -32.65 10.71 -15.07
C LEU D 579 -32.22 9.77 -16.18
N ASP D 580 -32.12 10.27 -17.42
CA ASP D 580 -31.57 9.46 -18.50
C ASP D 580 -30.07 9.21 -18.29
N SER D 581 -29.39 10.10 -17.58
CA SER D 581 -27.99 9.87 -17.21
C SER D 581 -27.86 8.69 -16.27
N ILE D 582 -28.79 8.55 -15.32
CA ILE D 582 -28.82 7.36 -14.47
C ILE D 582 -29.24 6.14 -15.29
N ALA D 583 -30.17 6.33 -16.22
CA ALA D 583 -30.70 5.24 -17.03
C ALA D 583 -29.66 4.66 -17.99
N LYS D 584 -28.71 5.48 -18.45
CA LYS D 584 -27.71 5.02 -19.41
C LYS D 584 -26.57 4.24 -18.77
N ALA D 585 -26.52 4.15 -17.44
CA ALA D 585 -25.53 3.35 -16.75
C ALA D 585 -26.08 1.98 -16.34
N ARG D 586 -26.99 1.43 -17.13
CA ARG D 586 -27.60 0.14 -16.80
C ARG D 586 -26.62 -1.00 -17.01
N GLY D 587 -25.82 -0.94 -18.07
CA GLY D 587 -24.86 -1.99 -18.39
C GLY D 587 -25.16 -2.60 -19.75
N GLY D 588 -25.04 -3.93 -19.83
CA GLY D 588 -25.30 -4.65 -21.06
C GLY D 588 -26.77 -4.74 -21.42
N ALA D 596 -20.85 0.69 -14.40
CA ALA D 596 -21.16 0.93 -13.00
C ALA D 596 -22.39 0.14 -12.57
N ALA D 597 -23.19 0.72 -11.67
CA ALA D 597 -24.39 0.08 -11.18
C ALA D 597 -25.41 1.16 -10.86
N ASP D 598 -26.66 0.72 -10.68
CA ASP D 598 -27.77 1.62 -10.37
C ASP D 598 -28.10 1.63 -8.89
N ARG D 599 -27.08 1.56 -8.04
CA ARG D 599 -27.30 1.63 -6.60
C ARG D 599 -27.67 3.04 -6.15
N VAL D 600 -27.35 4.06 -6.94
CA VAL D 600 -27.70 5.43 -6.55
C VAL D 600 -29.20 5.67 -6.68
N ILE D 601 -29.82 5.16 -7.74
CA ILE D 601 -31.27 5.31 -7.85
C ILE D 601 -31.99 4.38 -6.87
N ASN D 602 -31.34 3.30 -6.44
CA ASN D 602 -31.93 2.44 -5.43
C ASN D 602 -31.87 3.12 -4.06
N GLN D 603 -30.77 3.84 -3.79
CA GLN D 603 -30.69 4.65 -2.57
C GLN D 603 -31.72 5.76 -2.58
N ILE D 604 -31.91 6.41 -3.74
CA ILE D 604 -32.92 7.46 -3.87
C ILE D 604 -34.32 6.90 -3.63
N LEU D 605 -34.62 5.73 -4.20
CA LEU D 605 -35.92 5.10 -4.03
C LEU D 605 -36.13 4.62 -2.59
N THR D 606 -35.06 4.21 -1.92
CA THR D 606 -35.18 3.82 -0.51
C THR D 606 -35.46 5.03 0.38
N GLU D 607 -34.76 6.14 0.16
CA GLU D 607 -35.06 7.37 0.88
C GLU D 607 -35.93 8.34 0.09
N MET D 608 -36.85 7.83 -0.73
CA MET D 608 -37.95 8.63 -1.27
C MET D 608 -39.21 8.46 -0.45
N ASP D 609 -39.64 7.21 -0.25
CA ASP D 609 -40.80 6.90 0.58
C ASP D 609 -40.49 7.00 2.07
N GLY D 610 -39.23 7.14 2.46
CA GLY D 610 -38.86 7.36 3.84
C GLY D 610 -38.83 8.84 4.21
N MET D 611 -39.81 9.58 3.71
CA MET D 611 -39.95 11.00 4.01
C MET D 611 -41.36 11.25 4.54
N SER D 612 -41.47 12.22 5.43
CA SER D 612 -42.76 12.53 6.03
C SER D 612 -43.66 13.26 5.04
N THR D 613 -44.97 13.06 5.19
CA THR D 613 -45.95 13.84 4.45
C THR D 613 -46.11 15.24 5.01
N LYS D 614 -45.57 15.50 6.20
CA LYS D 614 -45.48 16.84 6.75
C LYS D 614 -44.19 17.51 6.24
N LYS D 615 -43.82 18.63 6.89
CA LYS D 615 -42.69 19.53 6.62
C LYS D 615 -42.82 20.31 5.32
N ASN D 616 -43.87 20.07 4.52
CA ASN D 616 -44.16 20.74 3.25
C ASN D 616 -43.00 20.64 2.26
N VAL D 617 -42.33 19.50 2.26
CA VAL D 617 -41.30 19.22 1.27
C VAL D 617 -41.98 18.68 0.01
N PHE D 618 -41.30 18.78 -1.12
CA PHE D 618 -41.89 18.36 -2.38
C PHE D 618 -40.77 18.00 -3.34
N ILE D 619 -40.96 16.97 -4.15
CA ILE D 619 -39.90 16.40 -4.98
C ILE D 619 -40.36 16.33 -6.43
N ILE D 620 -39.53 16.79 -7.36
CA ILE D 620 -39.84 16.76 -8.80
C ILE D 620 -38.80 15.90 -9.50
N GLY D 621 -39.26 14.98 -10.36
CA GLY D 621 -38.36 14.20 -11.18
C GLY D 621 -38.61 14.43 -12.66
N ALA D 622 -37.61 14.21 -13.51
CA ALA D 622 -37.75 14.47 -14.93
C ALA D 622 -36.79 13.60 -15.72
N THR D 623 -37.24 13.11 -16.87
CA THR D 623 -36.44 12.28 -17.75
C THR D 623 -36.60 12.74 -19.19
N ASN D 624 -35.87 12.10 -20.09
CA ASN D 624 -35.92 12.40 -21.52
C ASN D 624 -36.52 11.28 -22.35
N ARG D 625 -36.35 10.03 -21.94
CA ARG D 625 -36.92 8.90 -22.63
C ARG D 625 -37.52 7.93 -21.63
N PRO D 626 -38.62 7.24 -21.98
CA PRO D 626 -39.25 6.31 -21.03
C PRO D 626 -38.67 4.90 -21.09
N ASP D 627 -37.48 4.75 -21.68
CA ASP D 627 -36.96 3.43 -22.00
C ASP D 627 -36.42 2.68 -20.77
N ILE D 628 -35.45 3.28 -20.07
CA ILE D 628 -34.68 2.57 -19.06
C ILE D 628 -34.99 3.24 -17.72
N ILE D 629 -36.24 3.64 -17.54
CA ILE D 629 -36.65 4.51 -16.43
C ILE D 629 -36.75 3.79 -15.08
N ASP D 630 -36.37 2.49 -15.03
CA ASP D 630 -36.36 1.64 -13.83
C ASP D 630 -37.73 1.63 -13.14
N PRO D 631 -38.70 0.86 -13.67
CA PRO D 631 -40.12 1.01 -13.26
C PRO D 631 -40.48 0.70 -11.81
N ALA D 632 -39.50 0.39 -10.97
CA ALA D 632 -39.72 0.38 -9.52
C ALA D 632 -39.92 1.78 -8.97
N ILE D 633 -39.50 2.83 -9.70
CA ILE D 633 -39.67 4.20 -9.22
C ILE D 633 -41.01 4.81 -9.62
N LEU D 634 -41.81 4.14 -10.43
CA LEU D 634 -43.12 4.63 -10.82
C LEU D 634 -44.23 4.18 -9.88
N ARG D 635 -43.88 3.57 -8.75
CA ARG D 635 -44.89 3.05 -7.84
C ARG D 635 -45.59 4.20 -7.10
N PRO D 636 -46.88 4.06 -6.82
CA PRO D 636 -47.56 5.04 -5.96
C PRO D 636 -47.07 4.96 -4.53
N GLY D 637 -47.30 6.05 -3.81
CA GLY D 637 -46.57 6.32 -2.59
C GLY D 637 -45.25 7.00 -2.81
N ARG D 638 -44.87 7.18 -4.07
CA ARG D 638 -43.65 7.86 -4.48
C ARG D 638 -44.11 8.92 -5.47
N LEU D 639 -43.17 9.45 -6.24
CA LEU D 639 -43.49 10.30 -7.39
C LEU D 639 -44.31 9.51 -8.40
N ASP D 640 -45.57 9.90 -8.59
CA ASP D 640 -46.53 9.09 -9.32
C ASP D 640 -47.11 9.74 -10.56
N GLN D 641 -47.31 11.06 -10.56
CA GLN D 641 -48.00 11.73 -11.65
C GLN D 641 -47.08 11.83 -12.86
N LEU D 642 -47.48 11.19 -13.96
CA LEU D 642 -46.73 11.21 -15.21
C LEU D 642 -47.38 12.22 -16.15
N ILE D 643 -46.65 13.28 -16.47
CA ILE D 643 -47.16 14.35 -17.32
C ILE D 643 -46.33 14.36 -18.60
N TYR D 644 -47.01 14.16 -19.74
CA TYR D 644 -46.35 14.23 -21.04
C TYR D 644 -46.47 15.66 -21.55
N ILE D 645 -45.33 16.33 -21.65
CA ILE D 645 -45.31 17.70 -22.15
C ILE D 645 -45.38 17.68 -23.67
N PRO D 646 -46.34 18.37 -24.28
CA PRO D 646 -46.36 18.45 -25.75
C PRO D 646 -45.46 19.57 -26.25
N LEU D 647 -45.47 19.81 -27.56
CA LEU D 647 -44.85 21.02 -28.08
C LEU D 647 -45.65 22.25 -27.61
N PRO D 648 -45.00 23.34 -27.28
CA PRO D 648 -45.72 24.55 -26.85
C PRO D 648 -46.35 25.27 -28.03
N ASP D 649 -47.08 26.33 -27.74
CA ASP D 649 -47.80 27.06 -28.76
C ASP D 649 -46.86 28.00 -29.52
N GLU D 650 -47.42 28.84 -30.39
CA GLU D 650 -46.65 29.73 -31.23
C GLU D 650 -46.02 30.89 -30.47
N LYS D 651 -46.44 31.13 -29.24
CA LYS D 651 -45.96 32.27 -28.45
C LYS D 651 -44.96 31.84 -27.38
N SER D 652 -44.08 30.89 -27.71
CA SER D 652 -42.99 30.54 -26.81
C SER D 652 -41.81 31.47 -26.99
N ARG D 653 -41.27 31.54 -28.21
CA ARG D 653 -40.16 32.46 -28.44
C ARG D 653 -40.65 33.89 -28.51
N VAL D 654 -41.95 34.10 -28.73
CA VAL D 654 -42.54 35.41 -28.51
C VAL D 654 -42.42 35.78 -27.04
N ALA D 655 -42.65 34.80 -26.15
CA ALA D 655 -42.60 35.07 -24.72
C ALA D 655 -41.17 35.29 -24.21
N ILE D 656 -40.18 34.65 -24.83
CA ILE D 656 -38.81 35.01 -24.44
C ILE D 656 -38.39 36.32 -25.13
N LEU D 657 -39.02 36.67 -26.26
CA LEU D 657 -38.84 38.00 -26.81
C LEU D 657 -39.77 39.03 -26.17
N LYS D 658 -40.80 38.59 -25.46
CA LYS D 658 -41.58 39.53 -24.63
C LYS D 658 -40.75 39.96 -23.43
N ALA D 659 -40.07 39.02 -22.78
CA ALA D 659 -39.14 39.31 -21.69
C ALA D 659 -37.71 39.42 -22.18
N ASN D 660 -37.49 39.90 -23.41
CA ASN D 660 -36.16 40.02 -23.99
C ASN D 660 -35.44 41.19 -23.32
N LEU D 661 -34.90 40.93 -22.13
CA LEU D 661 -33.97 41.91 -21.57
C LEU D 661 -32.59 41.66 -22.16
N ARG D 662 -31.96 40.53 -21.83
CA ARG D 662 -30.95 39.73 -22.54
C ARG D 662 -29.96 40.51 -23.40
N LYS D 663 -29.43 41.62 -22.85
CA LYS D 663 -28.40 42.46 -23.48
C LYS D 663 -28.83 42.97 -24.87
N SER D 664 -30.14 43.18 -25.07
CA SER D 664 -30.64 43.37 -26.42
C SER D 664 -31.99 44.06 -26.41
N PRO D 665 -32.30 44.90 -27.39
CA PRO D 665 -33.65 45.43 -27.52
C PRO D 665 -34.59 44.39 -28.13
N VAL D 666 -35.88 44.66 -27.97
CA VAL D 666 -36.92 43.79 -28.50
C VAL D 666 -37.04 44.02 -30.00
N ALA D 667 -37.19 42.94 -30.76
CA ALA D 667 -37.44 43.02 -32.20
C ALA D 667 -38.77 43.71 -32.47
N LYS D 668 -38.76 44.63 -33.43
CA LYS D 668 -39.92 45.45 -33.72
C LYS D 668 -40.16 45.52 -35.23
N ASP D 669 -41.42 45.78 -35.58
CA ASP D 669 -41.89 45.93 -36.97
C ASP D 669 -41.64 44.67 -37.79
N VAL D 670 -41.84 43.51 -37.17
CA VAL D 670 -41.61 42.23 -37.81
C VAL D 670 -42.85 41.35 -37.61
N ASP D 671 -43.04 40.41 -38.53
CA ASP D 671 -44.16 39.49 -38.50
C ASP D 671 -43.78 38.16 -37.80
N LEU D 672 -44.14 38.08 -36.52
CA LEU D 672 -43.64 36.99 -35.66
C LEU D 672 -44.34 35.66 -35.96
N GLU D 673 -45.66 35.68 -36.13
CA GLU D 673 -46.43 34.47 -36.40
C GLU D 673 -46.23 33.94 -37.82
N PHE D 674 -45.67 34.74 -38.72
CA PHE D 674 -45.32 34.29 -40.05
C PHE D 674 -44.22 33.21 -40.00
N LEU D 675 -43.28 33.34 -39.06
CA LEU D 675 -42.29 32.29 -38.87
C LEU D 675 -42.91 31.06 -38.21
N ALA D 676 -43.95 31.24 -37.40
CA ALA D 676 -44.65 30.10 -36.81
C ALA D 676 -45.45 29.35 -37.84
N LYS D 677 -45.87 30.04 -38.90
CA LYS D 677 -46.47 29.37 -40.05
C LYS D 677 -45.48 28.42 -40.72
N MET D 678 -44.22 28.85 -40.84
CA MET D 678 -43.20 28.03 -41.48
C MET D 678 -42.66 26.92 -40.59
N THR D 679 -43.04 26.90 -39.30
CA THR D 679 -42.60 25.94 -38.28
C THR D 679 -41.08 25.90 -38.16
N ASN D 680 -40.53 27.03 -37.70
CA ASN D 680 -39.09 27.26 -37.64
C ASN D 680 -38.46 26.42 -36.53
N GLY D 681 -38.27 25.14 -36.83
CA GLY D 681 -37.85 24.20 -35.82
C GLY D 681 -38.89 23.99 -34.75
N PHE D 682 -40.17 24.00 -35.13
CA PHE D 682 -41.28 23.98 -34.17
C PHE D 682 -41.45 22.56 -33.62
N SER D 683 -40.52 22.20 -32.72
CA SER D 683 -40.54 20.90 -32.07
C SER D 683 -39.92 21.07 -30.68
N GLY D 684 -40.77 21.31 -29.69
CA GLY D 684 -40.30 21.44 -28.32
C GLY D 684 -39.51 22.72 -28.12
N ALA D 685 -38.34 22.58 -27.49
CA ALA D 685 -37.49 23.71 -27.16
C ALA D 685 -36.60 24.12 -28.33
N ASP D 686 -35.57 24.89 -28.01
CA ASP D 686 -34.53 25.36 -28.94
C ASP D 686 -35.09 26.28 -30.00
N LEU D 687 -36.19 26.97 -29.69
CA LEU D 687 -36.52 28.21 -30.39
C LEU D 687 -35.62 29.35 -29.93
N THR D 688 -35.10 29.23 -28.71
CA THR D 688 -34.04 30.12 -28.26
C THR D 688 -32.74 29.90 -29.04
N GLU D 689 -32.57 28.74 -29.68
CA GLU D 689 -31.48 28.57 -30.64
C GLU D 689 -31.66 29.49 -31.85
N ILE D 690 -32.89 29.62 -32.35
CA ILE D 690 -33.17 30.57 -33.43
C ILE D 690 -32.97 32.00 -32.94
N CYS D 691 -33.35 32.28 -31.69
CA CYS D 691 -33.10 33.60 -31.10
C CYS D 691 -31.60 33.90 -31.00
N GLN D 692 -30.82 32.89 -30.58
CA GLN D 692 -29.36 33.01 -30.51
C GLN D 692 -28.76 33.25 -31.89
N ARG D 693 -29.23 32.53 -32.90
CA ARG D 693 -28.69 32.64 -34.25
C ARG D 693 -29.01 34.00 -34.87
N ALA D 694 -30.25 34.46 -34.71
CA ALA D 694 -30.64 35.76 -35.26
C ALA D 694 -29.96 36.92 -34.54
N CYS D 695 -29.81 36.83 -33.21
CA CYS D 695 -29.12 37.89 -32.51
C CYS D 695 -27.61 37.85 -32.73
N LYS D 696 -27.06 36.67 -33.05
CA LYS D 696 -25.67 36.61 -33.46
C LYS D 696 -25.48 37.19 -34.87
N LEU D 697 -26.50 37.05 -35.72
CA LEU D 697 -26.48 37.74 -37.01
C LEU D 697 -26.54 39.25 -36.82
N ALA D 698 -27.33 39.71 -35.84
CA ALA D 698 -27.35 41.13 -35.51
C ALA D 698 -26.01 41.58 -34.92
N ILE D 699 -25.34 40.69 -34.19
CA ILE D 699 -24.00 40.97 -33.68
C ILE D 699 -23.01 41.13 -34.83
N ARG D 700 -23.10 40.24 -35.83
CA ARG D 700 -22.28 40.35 -37.04
C ARG D 700 -22.54 41.65 -37.78
N GLU D 701 -23.81 42.02 -37.92
CA GLU D 701 -24.18 43.26 -38.60
C GLU D 701 -23.66 44.50 -37.87
N SER D 702 -23.80 44.52 -36.54
CA SER D 702 -23.35 45.66 -35.76
C SER D 702 -21.83 45.79 -35.75
N ILE D 703 -21.13 44.66 -35.66
CA ILE D 703 -19.67 44.68 -35.65
C ILE D 703 -19.14 45.09 -37.03
N GLU D 704 -19.77 44.61 -38.10
CA GLU D 704 -19.36 45.01 -39.45
C GLU D 704 -19.65 46.49 -39.71
N SER D 705 -20.78 47.00 -39.19
CA SER D 705 -21.10 48.42 -39.28
C SER D 705 -20.07 49.27 -38.55
N GLU D 706 -19.69 48.84 -37.34
CA GLU D 706 -18.64 49.53 -36.60
C GLU D 706 -17.28 49.44 -37.30
N ILE D 707 -17.03 48.32 -37.98
CA ILE D 707 -15.73 48.11 -38.62
C ILE D 707 -15.57 49.03 -39.84
N ARG D 708 -16.61 49.12 -40.68
CA ARG D 708 -16.40 50.06 -41.79
C ARG D 708 -16.67 51.50 -41.39
N ARG D 709 -17.30 51.75 -40.23
CA ARG D 709 -17.32 53.10 -39.67
C ARG D 709 -15.92 53.51 -39.23
N GLU D 710 -15.17 52.60 -38.59
CA GLU D 710 -13.79 52.88 -38.23
C GLU D 710 -12.90 52.97 -39.47
N ARG D 711 -13.22 52.20 -40.50
CA ARG D 711 -12.45 52.25 -41.75
C ARG D 711 -12.76 53.50 -42.55
N GLU D 712 -13.93 54.13 -42.34
CA GLU D 712 -14.29 55.33 -43.08
C GLU D 712 -13.39 56.51 -42.73
N ARG D 713 -13.03 56.65 -41.46
CA ARG D 713 -12.17 57.75 -41.04
C ARG D 713 -10.71 57.32 -40.99
N ASP D 726 -25.56 55.07 -35.65
CA ASP D 726 -26.60 54.05 -35.48
C ASP D 726 -26.14 52.67 -35.94
N PRO D 727 -25.79 51.81 -35.00
CA PRO D 727 -25.35 50.44 -35.34
C PRO D 727 -26.47 49.43 -35.48
N VAL D 728 -27.73 49.88 -35.53
CA VAL D 728 -28.96 49.08 -35.57
C VAL D 728 -28.97 48.10 -34.40
N PRO D 729 -29.25 48.55 -33.17
CA PRO D 729 -29.31 47.61 -32.04
C PRO D 729 -30.51 46.69 -32.11
N GLU D 730 -31.60 47.10 -32.76
CA GLU D 730 -32.77 46.26 -32.88
C GLU D 730 -32.54 45.16 -33.91
N ILE D 731 -33.40 44.13 -33.87
CA ILE D 731 -33.30 42.97 -34.73
C ILE D 731 -34.51 42.98 -35.67
N ARG D 732 -34.24 42.83 -36.96
CA ARG D 732 -35.27 42.92 -37.98
C ARG D 732 -35.50 41.55 -38.63
N ARG D 733 -36.31 41.56 -39.70
CA ARG D 733 -36.90 40.32 -40.22
C ARG D 733 -35.88 39.43 -40.93
N ASP D 734 -34.86 40.02 -41.56
CA ASP D 734 -33.96 39.22 -42.39
C ASP D 734 -33.04 38.34 -41.54
N HIS D 735 -32.71 38.77 -40.32
CA HIS D 735 -31.93 37.94 -39.41
C HIS D 735 -32.72 36.72 -38.96
N PHE D 736 -34.00 36.90 -38.67
CA PHE D 736 -34.87 35.77 -38.31
C PHE D 736 -35.09 34.85 -39.51
N GLU D 737 -35.21 35.43 -40.71
CA GLU D 737 -35.38 34.61 -41.91
C GLU D 737 -34.12 33.82 -42.25
N GLU D 738 -32.95 34.41 -42.04
CA GLU D 738 -31.71 33.70 -42.31
C GLU D 738 -31.43 32.66 -41.24
N ALA D 739 -31.86 32.91 -40.00
CA ALA D 739 -31.79 31.90 -38.96
C ALA D 739 -32.76 30.75 -39.24
N MET D 740 -33.89 31.05 -39.87
CA MET D 740 -34.75 30.00 -40.40
C MET D 740 -34.06 29.22 -41.52
N ARG D 741 -33.30 29.93 -42.37
CA ARG D 741 -32.56 29.28 -43.44
C ARG D 741 -31.50 28.32 -42.90
N PHE D 742 -30.77 28.75 -41.87
CA PHE D 742 -29.81 27.87 -41.20
C PHE D 742 -30.41 27.31 -39.92
N ALA D 743 -31.46 26.50 -40.08
CA ALA D 743 -32.15 25.88 -38.96
C ALA D 743 -32.33 24.40 -39.22
N ARG D 744 -32.35 23.62 -38.14
CA ARG D 744 -32.64 22.20 -38.20
C ARG D 744 -33.58 21.85 -37.07
N ARG D 745 -34.34 20.77 -37.26
CA ARG D 745 -35.24 20.28 -36.22
C ARG D 745 -34.43 19.71 -35.06
N SER D 746 -34.89 19.97 -33.83
CA SER D 746 -34.19 19.52 -32.64
C SER D 746 -34.54 18.08 -32.27
N VAL D 747 -35.82 17.71 -32.38
CA VAL D 747 -36.26 16.35 -32.11
C VAL D 747 -37.04 15.85 -33.31
N SER D 748 -36.84 14.59 -33.66
CA SER D 748 -37.42 14.01 -34.87
C SER D 748 -38.90 13.73 -34.68
N ASP D 749 -39.57 13.46 -35.80
CA ASP D 749 -40.98 13.09 -35.75
C ASP D 749 -41.18 11.66 -35.24
N ASN D 750 -40.16 10.81 -35.41
CA ASN D 750 -40.27 9.42 -34.95
C ASN D 750 -40.24 9.36 -33.43
N ASP D 751 -39.46 10.24 -32.80
CA ASP D 751 -39.47 10.34 -31.34
C ASP D 751 -40.80 10.86 -30.83
N ILE D 752 -41.43 11.79 -31.57
CA ILE D 752 -42.75 12.28 -31.24
C ILE D 752 -43.79 11.17 -31.36
N ARG D 753 -43.63 10.32 -32.37
CA ARG D 753 -44.49 9.14 -32.52
C ARG D 753 -44.29 8.16 -31.36
N LYS D 754 -43.05 8.00 -30.91
CA LYS D 754 -42.77 7.12 -29.77
C LYS D 754 -43.35 7.67 -28.49
N TYR D 755 -43.32 9.00 -28.30
CA TYR D 755 -43.91 9.58 -27.09
C TYR D 755 -45.43 9.59 -27.16
N GLU D 756 -46.00 9.67 -28.35
CA GLU D 756 -47.44 9.51 -28.51
C GLU D 756 -47.86 8.09 -28.20
N MET D 757 -47.05 7.11 -28.59
CA MET D 757 -47.28 5.73 -28.18
C MET D 757 -47.07 5.55 -26.68
N PHE D 758 -46.21 6.36 -26.07
CA PHE D 758 -45.96 6.34 -24.64
C PHE D 758 -46.78 7.39 -23.90
N ALA D 759 -47.93 7.79 -24.45
CA ALA D 759 -48.80 8.73 -23.75
C ALA D 759 -49.43 8.10 -22.52
N GLN D 760 -49.62 6.78 -22.51
CA GLN D 760 -50.08 6.04 -21.35
C GLN D 760 -48.97 5.06 -20.98
N THR D 761 -48.01 5.54 -20.21
CA THR D 761 -46.85 4.75 -19.82
C THR D 761 -46.81 4.48 -18.32
N LEU D 762 -47.95 4.61 -17.66
CA LEU D 762 -48.06 4.30 -16.23
C LEU D 762 -48.33 2.83 -15.99
N GLN D 763 -48.38 2.01 -17.04
CA GLN D 763 -48.68 0.59 -16.97
C GLN D 763 -47.42 -0.26 -17.10
N GLN D 764 -46.32 0.17 -16.48
CA GLN D 764 -45.03 -0.47 -16.63
C GLN D 764 -44.93 -1.72 -15.76
N SER D 765 -43.69 -2.23 -15.62
CA SER D 765 -43.35 -3.50 -14.97
C SER D 765 -44.08 -4.67 -15.63
N ARG D 766 -43.77 -4.88 -16.90
CA ARG D 766 -44.33 -5.97 -17.67
C ARG D 766 -43.56 -7.26 -17.39
N GLY D 767 -44.28 -8.31 -17.02
CA GLY D 767 -43.65 -9.59 -16.72
C GLY D 767 -44.03 -10.69 -17.68
N ARG E 22 9.66 59.17 -9.39
CA ARG E 22 10.84 59.79 -8.79
C ARG E 22 11.81 60.26 -9.88
N PRO E 23 11.93 61.59 -10.05
CA PRO E 23 12.83 62.14 -11.09
C PRO E 23 14.26 62.32 -10.61
N ASN E 24 14.86 61.23 -10.12
CA ASN E 24 16.25 61.25 -9.71
C ASN E 24 16.99 59.98 -10.15
N ARG E 25 16.76 59.54 -11.38
CA ARG E 25 17.37 58.32 -11.89
C ARG E 25 18.59 58.67 -12.73
N LEU E 26 19.72 58.02 -12.41
CA LEU E 26 20.97 58.26 -13.11
C LEU E 26 21.47 56.96 -13.72
N ILE E 27 22.20 57.08 -14.83
CA ILE E 27 22.68 55.93 -15.59
C ILE E 27 24.17 55.75 -15.32
N VAL E 28 24.55 54.54 -14.92
CA VAL E 28 25.93 54.26 -14.52
C VAL E 28 26.81 54.18 -15.76
N ASP E 29 27.90 54.94 -15.75
CA ASP E 29 28.84 54.96 -16.86
C ASP E 29 30.23 55.23 -16.30
N GLU E 30 31.24 55.01 -17.14
CA GLU E 30 32.63 55.14 -16.71
C GLU E 30 33.03 56.59 -16.56
N ALA E 31 34.01 56.84 -15.69
CA ALA E 31 34.45 58.18 -15.32
C ALA E 31 35.83 58.47 -15.90
N ILE E 32 36.22 59.74 -15.78
CA ILE E 32 37.55 60.19 -16.18
C ILE E 32 38.52 60.16 -15.01
N ASN E 33 38.11 60.72 -13.88
CA ASN E 33 38.95 60.72 -12.69
C ASN E 33 39.01 59.33 -12.08
N GLU E 34 40.21 58.91 -11.68
CA GLU E 34 40.43 57.60 -11.11
C GLU E 34 40.35 57.61 -9.59
N ASP E 35 39.97 58.73 -8.99
CA ASP E 35 39.84 58.81 -7.53
C ASP E 35 38.64 58.02 -7.06
N ASN E 36 38.80 57.39 -5.89
CA ASN E 36 37.78 56.48 -5.37
C ASN E 36 36.57 57.21 -4.80
N SER E 37 36.70 58.49 -4.48
CA SER E 37 35.61 59.27 -3.90
C SER E 37 35.15 60.40 -4.82
N VAL E 38 35.44 60.31 -6.11
CA VAL E 38 35.14 61.38 -7.06
C VAL E 38 34.28 60.80 -8.18
N VAL E 39 33.12 61.41 -8.41
CA VAL E 39 32.28 61.11 -9.55
C VAL E 39 32.09 62.39 -10.35
N SER E 40 31.72 62.23 -11.62
CA SER E 40 31.55 63.35 -12.54
C SER E 40 30.08 63.48 -12.89
N LEU E 41 29.45 64.55 -12.42
CA LEU E 41 28.05 64.85 -12.72
C LEU E 41 27.97 66.18 -13.46
N SER E 42 27.02 66.27 -14.39
CA SER E 42 26.91 67.46 -15.21
C SER E 42 26.30 68.62 -14.42
N GLN E 43 26.66 69.84 -14.85
CA GLN E 43 26.25 71.04 -14.11
C GLN E 43 24.73 71.33 -14.14
N PRO E 44 24.01 71.30 -15.28
CA PRO E 44 22.57 71.61 -15.17
C PRO E 44 21.73 70.52 -14.52
N LYS E 45 22.18 69.26 -14.57
CA LYS E 45 21.48 68.22 -13.83
C LYS E 45 21.76 68.33 -12.34
N MET E 46 22.95 68.81 -11.97
CA MET E 46 23.21 69.15 -10.57
C MET E 46 22.34 70.33 -10.12
N ASP E 47 22.14 71.31 -11.02
CA ASP E 47 21.28 72.43 -10.69
C ASP E 47 19.80 72.05 -10.70
N GLU E 48 19.44 70.94 -11.34
CA GLU E 48 18.06 70.45 -11.28
C GLU E 48 17.72 69.96 -9.87
N LEU E 49 18.67 69.28 -9.21
CA LEU E 49 18.51 68.88 -7.83
C LEU E 49 19.00 69.93 -6.84
N GLN E 50 19.63 71.00 -7.35
CA GLN E 50 20.17 72.12 -6.56
C GLN E 50 21.19 71.65 -5.52
N LEU E 51 22.29 71.09 -6.02
CA LEU E 51 23.40 70.66 -5.18
C LEU E 51 24.70 71.22 -5.75
N PHE E 52 25.61 71.57 -4.85
CA PHE E 52 26.84 72.26 -5.22
C PHE E 52 27.95 71.26 -5.55
N ARG E 53 29.15 71.80 -5.79
CA ARG E 53 30.32 70.97 -6.05
C ARG E 53 30.96 70.44 -4.77
N GLY E 54 30.61 71.00 -3.61
CA GLY E 54 31.22 70.58 -2.36
C GLY E 54 30.32 69.70 -1.51
N ASP E 55 29.03 69.66 -1.84
CA ASP E 55 28.09 68.82 -1.12
C ASP E 55 28.22 67.37 -1.54
N THR E 56 27.88 66.47 -0.62
CA THR E 56 27.90 65.03 -0.85
C THR E 56 26.47 64.49 -0.82
N VAL E 57 26.23 63.45 -1.61
CA VAL E 57 24.89 62.90 -1.79
C VAL E 57 24.85 61.48 -1.24
N LEU E 58 23.63 61.04 -0.94
CA LEU E 58 23.37 59.68 -0.45
C LEU E 58 22.84 58.86 -1.62
N LEU E 59 23.77 58.26 -2.36
CA LEU E 59 23.44 57.51 -3.57
C LEU E 59 22.87 56.15 -3.19
N LYS E 60 21.57 55.97 -3.42
CA LYS E 60 20.91 54.69 -3.12
C LYS E 60 20.89 53.85 -4.39
N GLY E 61 21.80 52.87 -4.46
CA GLY E 61 21.92 52.00 -5.61
C GLY E 61 21.01 50.79 -5.51
N LYS E 62 21.29 49.82 -6.38
CA LYS E 62 20.50 48.60 -6.44
C LYS E 62 20.79 47.70 -5.25
N LYS E 63 19.86 46.76 -5.03
CA LYS E 63 19.90 45.76 -3.94
C LYS E 63 20.01 46.42 -2.56
N ARG E 64 19.27 47.53 -2.40
CA ARG E 64 19.31 48.47 -1.25
C ARG E 64 20.71 48.73 -0.71
N ARG E 65 21.61 49.07 -1.63
CA ARG E 65 22.99 49.41 -1.30
C ARG E 65 23.19 50.92 -1.44
N GLU E 66 23.82 51.52 -0.44
CA GLU E 66 24.03 52.96 -0.41
C GLU E 66 25.52 53.28 -0.48
N ALA E 67 25.80 54.51 -0.94
CA ALA E 67 27.17 54.99 -1.06
C ALA E 67 27.18 56.50 -1.00
N VAL E 68 28.20 57.07 -0.36
CA VAL E 68 28.39 58.51 -0.26
C VAL E 68 29.71 58.87 -0.94
N CYS E 69 29.66 59.81 -1.88
CA CYS E 69 30.84 60.24 -2.61
C CYS E 69 30.80 61.75 -2.78
N ILE E 70 31.87 62.30 -3.33
CA ILE E 70 32.01 63.74 -3.56
C ILE E 70 31.80 63.99 -5.05
N VAL E 71 30.83 64.85 -5.37
CA VAL E 71 30.41 65.08 -6.75
C VAL E 71 31.24 66.21 -7.33
N LEU E 72 31.88 65.94 -8.48
CA LEU E 72 32.56 66.95 -9.26
C LEU E 72 31.80 67.19 -10.57
N SER E 73 32.37 68.04 -11.42
CA SER E 73 31.78 68.37 -12.70
C SER E 73 32.71 67.95 -13.83
N ASP E 74 32.11 67.73 -15.00
CA ASP E 74 32.85 67.34 -16.19
C ASP E 74 32.36 68.16 -17.38
N ASP E 75 33.23 68.34 -18.38
CA ASP E 75 32.90 69.18 -19.52
C ASP E 75 31.96 68.47 -20.50
N THR E 76 32.16 67.17 -20.73
CA THR E 76 31.41 66.43 -21.73
C THR E 76 30.50 65.37 -21.13
N CYS E 77 30.20 65.45 -19.83
CA CYS E 77 29.34 64.47 -19.20
C CYS E 77 27.89 64.65 -19.62
N SER E 78 27.15 63.54 -19.64
CA SER E 78 25.75 63.55 -20.03
C SER E 78 24.89 64.17 -18.93
N ASP E 79 23.72 64.65 -19.32
CA ASP E 79 22.79 65.29 -18.41
C ASP E 79 21.85 64.30 -17.72
N GLU E 80 22.04 63.00 -17.95
CA GLU E 80 21.21 61.98 -17.32
C GLU E 80 22.03 60.87 -16.67
N LYS E 81 23.34 60.87 -16.83
CA LYS E 81 24.19 59.76 -16.42
C LYS E 81 25.09 60.15 -15.26
N ILE E 82 25.60 59.13 -14.57
CA ILE E 82 26.59 59.30 -13.50
C ILE E 82 27.88 58.62 -13.96
N ARG E 83 29.00 59.33 -13.83
CA ARG E 83 30.30 58.83 -14.23
C ARG E 83 31.02 58.31 -12.99
N MET E 84 31.16 56.99 -12.89
CA MET E 84 31.89 56.37 -11.79
C MET E 84 32.80 55.28 -12.35
N ASN E 85 33.89 55.02 -11.63
CA ASN E 85 34.82 53.97 -12.03
C ASN E 85 34.40 52.65 -11.41
N ARG E 86 35.28 51.64 -11.47
CA ARG E 86 34.94 50.31 -10.98
C ARG E 86 34.94 50.23 -9.46
N VAL E 87 35.59 51.17 -8.77
CA VAL E 87 35.62 51.16 -7.32
C VAL E 87 34.25 51.53 -6.75
N VAL E 88 33.63 52.59 -7.31
CA VAL E 88 32.30 53.00 -6.88
C VAL E 88 31.25 52.00 -7.36
N ARG E 89 31.43 51.47 -8.57
CA ARG E 89 30.45 50.56 -9.17
C ARG E 89 30.38 49.23 -8.42
N ASN E 90 31.53 48.67 -8.02
CA ASN E 90 31.52 47.45 -7.25
C ASN E 90 31.07 47.69 -5.81
N ASN E 91 31.29 48.91 -5.30
CA ASN E 91 30.76 49.26 -3.99
C ASN E 91 29.25 49.44 -4.03
N LEU E 92 28.73 50.02 -5.11
CA LEU E 92 27.30 50.18 -5.23
C LEU E 92 26.59 48.93 -5.74
N ARG E 93 27.35 47.91 -6.15
CA ARG E 93 26.85 46.61 -6.63
C ARG E 93 25.90 46.77 -7.82
N VAL E 94 26.29 47.60 -8.77
CA VAL E 94 25.45 47.91 -9.92
C VAL E 94 26.21 47.61 -11.20
N ARG E 95 25.45 47.37 -12.27
CA ARG E 95 26.00 47.12 -13.59
C ARG E 95 25.92 48.38 -14.45
N LEU E 96 26.63 48.36 -15.57
CA LEU E 96 26.64 49.50 -16.47
C LEU E 96 25.34 49.58 -17.26
N GLY E 97 24.86 50.81 -17.46
CA GLY E 97 23.64 51.04 -18.20
C GLY E 97 22.35 50.91 -17.41
N ASP E 98 22.44 50.62 -16.11
CA ASP E 98 21.26 50.47 -15.27
C ASP E 98 20.83 51.82 -14.72
N VAL E 99 19.89 51.81 -13.78
CA VAL E 99 19.41 53.02 -13.12
C VAL E 99 19.75 52.94 -11.64
N ILE E 100 20.17 54.08 -11.08
CA ILE E 100 20.36 54.23 -9.65
C ILE E 100 19.63 55.48 -9.19
N SER E 101 19.33 55.53 -7.90
CA SER E 101 18.58 56.63 -7.32
C SER E 101 19.48 57.49 -6.45
N ILE E 102 19.31 58.80 -6.54
CA ILE E 102 20.10 59.76 -5.77
C ILE E 102 19.15 60.54 -4.88
N GLN E 103 19.48 60.60 -3.58
CA GLN E 103 18.77 61.43 -2.63
C GLN E 103 19.69 62.53 -2.15
N PRO E 104 19.26 63.80 -2.20
CA PRO E 104 20.14 64.89 -1.75
C PRO E 104 20.32 64.87 -0.24
N CYS E 105 21.57 65.00 0.20
CA CYS E 105 21.91 64.88 1.61
C CYS E 105 22.69 66.11 2.06
N PRO E 106 22.00 67.18 2.48
CA PRO E 106 22.69 68.31 3.12
C PRO E 106 22.88 68.17 4.62
N ASP E 107 22.47 67.03 5.19
CA ASP E 107 22.52 66.80 6.63
C ASP E 107 23.61 65.80 7.01
N VAL E 108 24.76 65.86 6.33
CA VAL E 108 25.86 64.95 6.62
C VAL E 108 26.55 65.41 7.90
N LYS E 109 26.70 64.50 8.85
CA LYS E 109 27.34 64.79 10.12
C LYS E 109 28.76 64.24 10.14
N TYR E 110 29.59 64.84 10.99
CA TYR E 110 30.98 64.43 11.09
C TYR E 110 31.10 63.09 11.82
N GLY E 111 32.09 62.31 11.41
CA GLY E 111 32.29 61.01 12.03
C GLY E 111 32.85 61.14 13.43
N LYS E 112 32.33 60.31 14.34
CA LYS E 112 32.75 60.31 15.73
C LYS E 112 33.62 59.10 16.06
N ARG E 113 33.14 57.90 15.79
CA ARG E 113 33.91 56.68 16.02
C ARG E 113 33.88 55.85 14.74
N ILE E 114 35.07 55.45 14.27
CA ILE E 114 35.22 54.68 13.05
C ILE E 114 35.93 53.38 13.38
N HIS E 115 35.29 52.27 13.08
CA HIS E 115 35.86 50.93 13.27
C HIS E 115 35.78 50.18 11.95
N VAL E 116 36.95 49.84 11.40
CA VAL E 116 37.04 49.16 10.11
C VAL E 116 37.91 47.92 10.25
N LEU E 117 37.72 46.97 9.35
CA LEU E 117 38.46 45.71 9.33
C LEU E 117 38.86 45.39 7.90
N PRO E 118 40.01 44.74 7.70
CA PRO E 118 40.40 44.34 6.35
C PRO E 118 39.92 42.93 6.00
N ILE E 119 39.98 42.63 4.71
CA ILE E 119 39.50 41.36 4.16
C ILE E 119 40.72 40.48 3.95
N ASP E 120 40.53 39.16 4.12
CA ASP E 120 41.63 38.20 4.18
C ASP E 120 42.40 38.04 2.88
N ASP E 121 41.83 38.45 1.73
CA ASP E 121 42.53 38.26 0.47
C ASP E 121 43.62 39.29 0.22
N THR E 122 43.66 40.37 1.00
CA THR E 122 44.62 41.44 0.78
C THR E 122 45.59 41.60 1.95
N VAL E 123 45.49 40.75 2.97
CA VAL E 123 46.47 40.74 4.06
C VAL E 123 47.60 39.76 3.80
N GLU E 124 47.65 39.17 2.60
CA GLU E 124 48.72 38.28 2.20
C GLU E 124 49.63 39.01 1.21
N GLY E 125 50.93 38.91 1.43
CA GLY E 125 51.89 39.63 0.60
C GLY E 125 52.51 40.80 1.35
N ILE E 126 51.70 41.48 2.15
CA ILE E 126 52.16 42.54 3.04
C ILE E 126 51.60 42.30 4.42
N THR E 127 52.41 42.53 5.45
CA THR E 127 52.01 42.31 6.82
C THR E 127 52.12 43.62 7.61
N GLY E 128 51.77 43.55 8.88
CA GLY E 128 51.82 44.71 9.75
C GLY E 128 50.62 45.61 9.58
N ASN E 129 50.67 46.73 10.30
CA ASN E 129 49.61 47.73 10.20
C ASN E 129 49.71 48.48 8.89
N LEU E 130 48.59 48.58 8.19
CA LEU E 130 48.52 49.34 6.95
C LEU E 130 47.84 50.70 7.14
N PHE E 131 47.64 51.13 8.39
CA PHE E 131 47.01 52.42 8.64
C PHE E 131 47.97 53.55 8.31
N GLU E 132 49.12 53.59 8.98
CA GLU E 132 50.14 54.59 8.63
C GLU E 132 50.78 54.30 7.28
N VAL E 133 50.72 53.05 6.82
CA VAL E 133 51.26 52.72 5.51
C VAL E 133 50.32 53.21 4.41
N TYR E 134 49.04 52.83 4.48
CA TYR E 134 48.13 53.08 3.37
C TYR E 134 46.99 54.02 3.70
N LEU E 135 46.42 53.93 4.91
CA LEU E 135 45.25 54.74 5.23
C LEU E 135 45.61 56.21 5.45
N LYS E 136 46.81 56.48 5.98
CA LYS E 136 47.24 57.86 6.16
C LYS E 136 47.45 58.61 4.83
N PRO E 137 48.11 58.06 3.79
CA PRO E 137 48.08 58.78 2.50
C PRO E 137 46.73 58.75 1.81
N TYR E 138 45.88 57.75 2.07
CA TYR E 138 44.57 57.71 1.45
C TYR E 138 43.66 58.78 2.02
N PHE E 139 43.70 58.99 3.34
CA PHE E 139 42.92 60.03 4.00
C PHE E 139 43.76 61.26 4.30
N LEU E 140 44.69 61.59 3.41
CA LEU E 140 45.60 62.72 3.63
C LEU E 140 44.86 63.99 3.24
N GLU E 141 44.09 64.51 4.21
CA GLU E 141 43.42 65.82 4.14
C GLU E 141 42.43 65.92 2.98
N ALA E 142 41.84 64.81 2.58
CA ALA E 142 40.87 64.82 1.49
C ALA E 142 39.42 64.88 1.97
N TYR E 143 39.19 64.57 3.27
CA TYR E 143 37.86 64.53 3.89
C TYR E 143 36.91 63.59 3.13
N ARG E 144 37.36 62.36 2.94
CA ARG E 144 36.60 61.41 2.14
C ARG E 144 35.43 60.86 2.95
N PRO E 145 34.19 60.98 2.47
CA PRO E 145 33.07 60.33 3.14
C PRO E 145 33.03 58.85 2.80
N ILE E 146 32.63 58.05 3.79
CA ILE E 146 32.51 56.60 3.62
C ILE E 146 31.12 56.18 4.10
N ARG E 147 30.71 55.00 3.63
CA ARG E 147 29.45 54.38 3.99
C ARG E 147 29.74 53.01 4.61
N LYS E 148 29.03 52.69 5.69
CA LYS E 148 29.19 51.41 6.36
C LYS E 148 28.75 50.26 5.46
N GLY E 149 29.67 49.32 5.24
CA GLY E 149 29.46 48.25 4.29
C GLY E 149 30.20 48.41 2.97
N ASP E 150 30.76 49.59 2.70
CA ASP E 150 31.51 49.84 1.48
C ASP E 150 32.97 49.47 1.65
N ILE E 151 33.56 48.93 0.58
CA ILE E 151 34.93 48.47 0.58
C ILE E 151 35.75 49.41 -0.31
N PHE E 152 36.32 50.45 0.30
CA PHE E 152 37.16 51.39 -0.43
C PHE E 152 38.50 50.75 -0.75
N LEU E 153 39.03 51.07 -1.93
CA LEU E 153 40.27 50.49 -2.42
C LEU E 153 41.39 51.52 -2.37
N VAL E 154 42.53 51.11 -1.81
CA VAL E 154 43.73 51.96 -1.72
C VAL E 154 44.80 51.34 -2.59
N HIS E 155 45.34 52.13 -3.51
CA HIS E 155 46.37 51.67 -4.44
C HIS E 155 47.72 52.23 -4.04
N GLY E 156 48.73 51.37 -4.04
CA GLY E 156 50.08 51.77 -3.69
C GLY E 156 50.96 50.56 -3.39
N GLY E 157 52.26 50.70 -3.61
CA GLY E 157 53.19 49.61 -3.39
C GLY E 157 53.00 48.44 -4.35
N MET E 158 52.76 48.74 -5.64
CA MET E 158 52.57 47.78 -6.73
C MET E 158 51.37 46.86 -6.52
N ARG E 159 50.40 47.27 -5.71
CA ARG E 159 49.24 46.44 -5.40
C ARG E 159 48.11 47.33 -4.91
N ALA E 160 46.93 46.73 -4.76
CA ALA E 160 45.75 47.41 -4.24
C ALA E 160 45.20 46.59 -3.08
N VAL E 161 44.92 47.26 -1.96
CA VAL E 161 44.52 46.61 -0.72
C VAL E 161 43.07 46.97 -0.44
N GLU E 162 42.27 45.96 -0.09
CA GLU E 162 40.85 46.14 0.17
C GLU E 162 40.59 46.35 1.66
N PHE E 163 39.85 47.40 1.99
CA PHE E 163 39.44 47.68 3.36
C PHE E 163 37.94 47.93 3.37
N LYS E 164 37.22 47.15 4.16
CA LYS E 164 35.76 47.22 4.24
C LYS E 164 35.35 47.89 5.53
N VAL E 165 34.42 48.85 5.44
CA VAL E 165 33.86 49.46 6.63
C VAL E 165 32.84 48.52 7.25
N VAL E 166 33.00 48.22 8.53
CA VAL E 166 32.20 47.20 9.22
C VAL E 166 31.11 47.84 10.08
N GLU E 167 31.52 48.63 11.09
CA GLU E 167 30.56 49.23 12.00
C GLU E 167 31.09 50.59 12.46
N THR E 168 30.24 51.61 12.37
CA THR E 168 30.57 52.94 12.85
C THR E 168 29.49 53.42 13.81
N ASP E 169 29.91 54.22 14.79
CA ASP E 169 28.93 54.91 15.63
C ASP E 169 28.07 55.90 14.84
N PRO E 170 28.59 56.70 13.86
CA PRO E 170 27.66 57.25 12.87
C PRO E 170 27.27 56.18 11.85
N SER E 171 26.24 55.41 12.19
CA SER E 171 25.87 54.24 11.39
C SER E 171 25.42 54.51 9.96
N PRO E 172 24.58 55.56 9.61
CA PRO E 172 24.27 55.78 8.19
C PRO E 172 25.47 56.18 7.33
N TYR E 173 26.15 57.26 7.69
CA TYR E 173 27.29 57.73 6.91
C TYR E 173 28.21 58.55 7.82
N CYS E 174 29.50 58.51 7.50
CA CYS E 174 30.47 59.30 8.23
C CYS E 174 31.62 59.67 7.33
N ILE E 175 32.32 60.74 7.69
CA ILE E 175 33.46 61.26 6.96
C ILE E 175 34.69 61.08 7.85
N VAL E 176 35.74 60.47 7.30
CA VAL E 176 36.94 60.22 8.08
C VAL E 176 37.74 61.51 8.20
N ALA E 177 37.49 62.25 9.27
CA ALA E 177 38.20 63.49 9.53
C ALA E 177 39.58 63.18 10.12
N PRO E 178 40.53 64.11 10.00
CA PRO E 178 41.80 63.96 10.76
C PRO E 178 41.64 64.01 12.27
N ASP E 179 40.55 64.58 12.79
CA ASP E 179 40.30 64.60 14.22
C ASP E 179 39.64 63.34 14.73
N THR E 180 39.14 62.47 13.85
CA THR E 180 38.41 61.28 14.25
C THR E 180 39.38 60.14 14.55
N VAL E 181 39.18 59.50 15.70
CA VAL E 181 39.99 58.33 16.04
C VAL E 181 39.54 57.14 15.20
N ILE E 182 40.51 56.46 14.59
CA ILE E 182 40.24 55.35 13.69
C ILE E 182 40.68 54.06 14.39
N HIS E 183 39.75 53.13 14.53
CA HIS E 183 40.05 51.85 15.14
C HIS E 183 40.69 50.91 14.12
N CYS E 184 41.87 50.39 14.45
CA CYS E 184 42.67 49.61 13.53
C CYS E 184 43.09 48.28 14.17
N GLU E 185 42.12 47.60 14.78
CA GLU E 185 42.35 46.24 15.27
C GLU E 185 42.49 45.30 14.08
N GLY E 186 43.73 44.91 13.78
CA GLY E 186 44.00 44.11 12.60
C GLY E 186 43.59 42.66 12.73
N GLU E 187 42.51 42.28 12.03
CA GLU E 187 42.05 40.90 11.97
C GLU E 187 41.26 40.71 10.68
N PRO E 188 41.40 39.58 9.99
CA PRO E 188 40.73 39.41 8.71
C PRO E 188 39.25 39.07 8.88
N ILE E 189 38.50 39.31 7.80
CA ILE E 189 37.10 38.92 7.70
C ILE E 189 36.93 38.07 6.45
N LYS E 190 35.85 37.29 6.44
CA LYS E 190 35.59 36.37 5.33
C LYS E 190 35.09 37.12 4.11
N ARG E 191 35.50 36.66 2.93
CA ARG E 191 35.01 37.23 1.68
C ARG E 191 33.61 36.72 1.35
N GLU E 192 33.34 35.45 1.59
CA GLU E 192 32.17 34.77 1.05
C GLU E 192 30.87 35.08 1.79
N ASP E 193 30.94 35.85 2.88
CA ASP E 193 29.73 36.13 3.68
C ASP E 193 28.75 37.04 2.94
N GLU E 194 29.25 37.94 2.10
CA GLU E 194 28.40 38.90 1.40
C GLU E 194 27.51 38.24 0.34
N GLU E 195 27.91 37.07 -0.17
CA GLU E 195 27.04 36.32 -1.06
C GLU E 195 26.42 35.11 -0.40
N GLU E 196 26.95 34.66 0.74
CA GLU E 196 26.31 33.58 1.49
C GLU E 196 25.10 34.07 2.27
N SER E 197 25.12 35.32 2.74
CA SER E 197 24.05 35.87 3.56
C SER E 197 23.10 36.77 2.78
N LEU E 198 23.63 37.75 2.06
CA LEU E 198 22.77 38.72 1.37
C LEU E 198 22.15 38.10 0.12
N ASN E 199 22.99 37.53 -0.77
CA ASN E 199 22.59 36.92 -2.03
C ASN E 199 21.80 37.89 -2.91
N GLU E 200 22.49 38.96 -3.33
CA GLU E 200 21.86 40.14 -3.91
C GLU E 200 21.31 39.95 -5.33
N VAL E 201 20.33 39.04 -5.45
CA VAL E 201 19.63 38.82 -6.70
C VAL E 201 18.46 39.79 -6.80
N GLY E 202 17.96 39.97 -8.01
CA GLY E 202 16.85 40.89 -8.22
C GLY E 202 15.97 40.51 -9.40
N TYR E 203 15.23 41.48 -9.93
CA TYR E 203 14.38 41.25 -11.08
C TYR E 203 15.17 41.11 -12.38
N ASP E 204 16.44 41.51 -12.38
CA ASP E 204 17.32 41.20 -13.50
C ASP E 204 17.61 39.70 -13.59
N ASP E 205 17.59 39.01 -12.46
CA ASP E 205 17.77 37.57 -12.42
C ASP E 205 16.45 36.81 -12.42
N ILE E 206 15.34 37.47 -12.76
CA ILE E 206 14.03 36.85 -12.87
C ILE E 206 13.47 37.15 -14.26
N GLY E 207 13.09 36.11 -14.98
CA GLY E 207 12.55 36.28 -16.32
C GLY E 207 11.43 35.31 -16.59
N GLY E 208 10.63 35.64 -17.61
CA GLY E 208 9.61 34.75 -18.12
C GLY E 208 8.28 34.80 -17.40
N CYS E 209 8.20 35.43 -16.23
CA CYS E 209 7.00 35.46 -15.41
C CYS E 209 6.72 36.88 -14.95
N ARG E 210 6.74 37.83 -15.88
CA ARG E 210 6.59 39.24 -15.54
C ARG E 210 5.19 39.58 -15.03
N LYS E 211 4.16 38.86 -15.49
CA LYS E 211 2.83 39.03 -14.94
C LYS E 211 2.78 38.60 -13.48
N GLN E 212 3.34 37.42 -13.19
CA GLN E 212 3.36 36.92 -11.82
C GLN E 212 4.29 37.75 -10.93
N LEU E 213 5.41 38.24 -11.51
CA LEU E 213 6.31 39.11 -10.75
C LEU E 213 5.65 40.44 -10.41
N ALA E 214 4.89 41.01 -11.36
CA ALA E 214 4.15 42.23 -11.07
C ALA E 214 3.03 41.98 -10.06
N GLN E 215 2.41 40.80 -10.12
CA GLN E 215 1.40 40.44 -9.13
C GLN E 215 2.00 40.31 -7.74
N ILE E 216 3.19 39.72 -7.64
CA ILE E 216 3.89 39.59 -6.35
C ILE E 216 4.27 40.96 -5.81
N LYS E 217 4.77 41.85 -6.69
CA LYS E 217 5.15 43.20 -6.29
C LYS E 217 3.94 44.01 -5.82
N GLU E 218 2.81 43.89 -6.52
CA GLU E 218 1.60 44.58 -6.11
C GLU E 218 0.95 43.91 -4.91
N MET E 219 1.32 42.66 -4.60
CA MET E 219 0.92 42.08 -3.33
C MET E 219 1.74 42.67 -2.18
N VAL E 220 3.05 42.83 -2.40
CA VAL E 220 3.96 43.12 -1.29
C VAL E 220 4.35 44.60 -1.48
N GLU E 221 3.43 45.39 -2.02
CA GLU E 221 3.63 46.83 -2.04
C GLU E 221 3.39 47.50 -0.69
N LEU E 222 2.83 46.76 0.28
CA LEU E 222 2.52 47.34 1.59
C LEU E 222 3.71 47.85 2.40
N PRO E 223 4.77 47.06 2.71
CA PRO E 223 5.70 47.51 3.75
C PRO E 223 6.66 48.61 3.33
N LEU E 224 6.79 48.89 2.04
CA LEU E 224 7.67 49.96 1.57
C LEU E 224 6.86 51.06 0.91
N ARG E 225 7.10 52.30 1.35
CA ARG E 225 6.65 53.55 0.76
C ARG E 225 5.14 53.79 0.85
N HIS E 226 4.36 52.85 1.38
CA HIS E 226 2.93 53.04 1.61
C HIS E 226 2.56 52.56 3.00
N PRO E 227 2.90 53.32 4.04
CA PRO E 227 2.53 52.90 5.40
C PRO E 227 1.06 53.19 5.70
N ALA E 228 0.56 54.31 5.18
CA ALA E 228 -0.81 54.74 5.41
C ALA E 228 -1.74 54.31 4.28
N LEU E 229 -1.39 53.26 3.54
CA LEU E 229 -2.29 52.70 2.54
C LEU E 229 -3.14 51.59 3.14
N PHE E 230 -3.75 51.92 4.29
CA PHE E 230 -4.74 51.09 4.95
C PHE E 230 -5.96 51.89 5.34
N LYS E 231 -5.91 53.22 5.25
CA LYS E 231 -7.14 54.01 5.26
C LYS E 231 -7.90 53.82 3.95
N ALA E 232 -7.18 53.49 2.86
CA ALA E 232 -7.84 53.18 1.59
C ALA E 232 -8.57 51.85 1.66
N ILE E 233 -7.96 50.84 2.27
CA ILE E 233 -8.62 49.55 2.49
C ILE E 233 -8.31 49.06 3.91
N GLY E 234 -9.35 48.92 4.72
CA GLY E 234 -9.19 48.48 6.09
C GLY E 234 -9.71 47.07 6.29
N VAL E 235 -9.76 46.29 5.21
CA VAL E 235 -10.34 44.96 5.22
C VAL E 235 -9.19 43.94 5.11
N LYS E 236 -8.00 44.36 5.58
CA LYS E 236 -6.71 43.67 5.68
C LYS E 236 -6.29 43.09 4.32
N PRO E 237 -5.62 43.90 3.49
CA PRO E 237 -5.01 43.38 2.25
C PRO E 237 -4.08 42.22 2.53
N PRO E 238 -4.07 41.21 1.66
CA PRO E 238 -4.00 39.81 2.13
C PRO E 238 -2.66 39.42 2.73
N ARG E 239 -2.72 38.87 3.94
CA ARG E 239 -1.58 38.22 4.56
C ARG E 239 -1.63 36.75 4.22
N GLY E 240 -0.62 36.26 3.53
CA GLY E 240 -0.59 34.86 3.14
C GLY E 240 -0.66 34.66 1.64
N ILE E 241 0.45 34.25 1.04
CA ILE E 241 0.54 34.02 -0.41
C ILE E 241 1.14 32.64 -0.62
N LEU E 242 0.49 31.82 -1.43
CA LEU E 242 1.02 30.52 -1.83
C LEU E 242 1.76 30.66 -3.15
N LEU E 243 2.92 30.01 -3.23
CA LEU E 243 3.67 29.91 -4.49
C LEU E 243 3.67 28.44 -4.90
N TYR E 244 2.61 28.03 -5.58
CA TYR E 244 2.48 26.66 -6.03
C TYR E 244 2.93 26.55 -7.49
N GLY E 245 2.76 25.36 -8.05
CA GLY E 245 3.21 25.10 -9.40
C GLY E 245 4.25 24.00 -9.43
N PRO E 246 4.97 23.87 -10.55
CA PRO E 246 6.01 22.87 -10.63
C PRO E 246 7.21 23.25 -9.79
N PRO E 247 7.96 22.28 -9.28
CA PRO E 247 9.16 22.60 -8.51
C PRO E 247 10.32 22.99 -9.41
N GLY E 248 11.32 23.61 -8.79
CA GLY E 248 12.52 23.98 -9.51
C GLY E 248 12.40 25.16 -10.42
N THR E 249 11.36 25.97 -10.27
CA THR E 249 11.16 27.17 -11.08
C THR E 249 11.64 28.42 -10.38
N GLY E 250 12.55 28.29 -9.43
CA GLY E 250 13.08 29.42 -8.70
C GLY E 250 12.10 30.08 -7.76
N LYS E 251 11.28 29.29 -7.06
CA LYS E 251 10.37 29.86 -6.07
C LYS E 251 11.13 30.38 -4.85
N THR E 252 12.29 29.80 -4.55
CA THR E 252 13.19 30.43 -3.59
C THR E 252 13.74 31.73 -4.13
N LEU E 253 14.03 31.76 -5.44
CA LEU E 253 14.66 32.93 -6.05
C LEU E 253 13.72 34.13 -6.10
N ILE E 254 12.41 33.89 -6.26
CA ILE E 254 11.43 34.97 -6.26
C ILE E 254 11.40 35.66 -4.90
N ALA E 255 11.35 34.86 -3.83
CA ALA E 255 11.35 35.41 -2.48
C ALA E 255 12.67 36.09 -2.14
N ARG E 256 13.79 35.54 -2.63
CA ARG E 256 15.09 36.18 -2.38
C ARG E 256 15.20 37.52 -3.09
N ALA E 257 14.71 37.60 -4.34
CA ALA E 257 14.74 38.87 -5.07
C ALA E 257 13.81 39.90 -4.44
N VAL E 258 12.63 39.47 -3.99
CA VAL E 258 11.69 40.36 -3.32
C VAL E 258 12.27 40.87 -2.00
N ALA E 259 12.92 39.97 -1.26
CA ALA E 259 13.54 40.35 0.01
C ALA E 259 14.69 41.32 -0.18
N ASN E 260 15.53 41.10 -1.19
CA ASN E 260 16.68 41.96 -1.39
C ASN E 260 16.37 43.20 -2.22
N GLU E 261 15.15 43.33 -2.74
CA GLU E 261 14.76 44.53 -3.47
C GLU E 261 13.81 45.44 -2.70
N THR E 262 12.83 44.86 -1.99
CA THR E 262 11.74 45.66 -1.43
C THR E 262 12.09 46.42 -0.16
N GLY E 263 13.30 46.24 0.38
CA GLY E 263 13.69 46.94 1.58
C GLY E 263 12.95 46.52 2.84
N ALA E 264 12.73 45.22 3.02
CA ALA E 264 12.10 44.69 4.21
C ALA E 264 13.03 43.68 4.87
N PHE E 265 13.08 43.72 6.20
CA PHE E 265 13.93 42.80 6.96
C PHE E 265 13.34 41.40 6.92
N PHE E 266 14.15 40.46 6.44
CA PHE E 266 13.67 39.16 5.97
C PHE E 266 14.15 38.07 6.90
N PHE E 267 13.22 37.23 7.36
CA PHE E 267 13.44 36.31 8.48
C PHE E 267 12.93 34.91 8.14
N LEU E 268 13.37 34.36 7.01
CA LEU E 268 12.86 33.07 6.53
C LEU E 268 13.30 31.92 7.44
N ILE E 269 12.52 30.85 7.41
CA ILE E 269 12.85 29.60 8.09
C ILE E 269 12.59 28.45 7.13
N ASN E 270 13.27 27.34 7.35
CA ASN E 270 13.20 26.19 6.47
C ASN E 270 12.29 25.12 7.06
N GLY E 271 11.59 24.42 6.17
CA GLY E 271 10.67 23.37 6.56
C GLY E 271 11.31 22.14 7.19
N PRO E 272 12.14 21.43 6.42
CA PRO E 272 12.83 20.25 7.00
C PRO E 272 13.77 20.56 8.14
N GLU E 273 14.29 21.80 8.22
CA GLU E 273 15.13 22.18 9.36
C GLU E 273 14.35 22.17 10.66
N ILE E 274 13.11 22.67 10.64
CA ILE E 274 12.32 22.67 11.86
C ILE E 274 11.59 21.34 12.05
N MET E 275 11.41 20.56 10.98
CA MET E 275 10.98 19.18 11.16
C MET E 275 12.07 18.30 11.75
N SER E 276 13.33 18.68 11.57
CA SER E 276 14.45 17.90 12.08
C SER E 276 14.56 17.97 13.60
N LYS E 277 13.94 18.96 14.23
CA LYS E 277 14.04 19.13 15.67
C LYS E 277 13.21 18.07 16.39
N LEU E 278 13.58 17.81 17.64
CA LEU E 278 12.97 16.74 18.42
C LEU E 278 11.65 17.20 19.03
N ALA E 279 11.07 16.34 19.86
CA ALA E 279 9.84 16.68 20.56
C ALA E 279 10.15 17.60 21.72
N GLY E 280 9.38 18.70 21.82
CA GLY E 280 9.61 19.70 22.85
C GLY E 280 10.37 20.90 22.32
N GLU E 281 11.35 20.63 21.47
CA GLU E 281 12.13 21.67 20.80
C GLU E 281 11.52 22.00 19.42
N SER E 282 10.44 21.31 19.05
CA SER E 282 9.75 21.60 17.80
C SER E 282 9.06 22.95 17.84
N GLU E 283 8.46 23.32 18.98
CA GLU E 283 7.91 24.66 19.13
C GLU E 283 9.01 25.71 19.20
N SER E 284 10.18 25.31 19.73
CA SER E 284 11.34 26.20 19.73
C SER E 284 11.79 26.45 18.30
N ASN E 285 12.05 27.74 18.02
CA ASN E 285 12.30 28.44 16.76
C ASN E 285 11.05 28.60 15.91
N LEU E 286 9.99 27.82 16.19
CA LEU E 286 8.71 28.05 15.54
C LEU E 286 8.01 29.26 16.14
N ARG E 287 8.04 29.38 17.47
CA ARG E 287 7.59 30.61 18.09
C ARG E 287 8.58 31.74 17.86
N LYS E 288 9.87 31.42 17.79
CA LYS E 288 10.89 32.46 17.70
C LYS E 288 10.94 33.11 16.32
N ALA E 289 10.51 32.39 15.27
CA ALA E 289 10.43 33.01 13.94
C ALA E 289 9.36 34.08 13.90
N PHE E 290 8.20 33.82 14.50
CA PHE E 290 7.15 34.83 14.53
C PHE E 290 7.50 35.94 15.53
N GLU E 291 8.25 35.60 16.58
CA GLU E 291 8.77 36.63 17.48
C GLU E 291 9.75 37.56 16.76
N GLU E 292 10.61 36.99 15.92
CA GLU E 292 11.57 37.78 15.15
C GLU E 292 10.87 38.60 14.07
N ALA E 293 9.74 38.10 13.56
CA ALA E 293 8.88 38.91 12.71
C ALA E 293 8.29 40.08 13.49
N GLU E 294 7.90 39.84 14.74
CA GLU E 294 7.38 40.90 15.59
C GLU E 294 8.46 41.88 16.04
N LYS E 295 9.73 41.49 15.94
CA LYS E 295 10.83 42.35 16.41
C LYS E 295 10.97 43.61 15.56
N ASN E 296 10.81 43.48 14.25
CA ASN E 296 10.90 44.61 13.35
C ASN E 296 9.51 45.04 12.90
N ALA E 297 9.29 46.35 12.82
CA ALA E 297 7.96 46.86 12.49
C ALA E 297 7.61 46.68 11.01
N PRO E 298 8.55 46.85 10.03
CA PRO E 298 8.34 46.12 8.77
C PRO E 298 9.09 44.80 8.75
N ALA E 299 8.41 43.73 8.34
CA ALA E 299 9.03 42.41 8.37
C ALA E 299 8.29 41.49 7.41
N ILE E 300 9.04 40.61 6.77
CA ILE E 300 8.49 39.55 5.95
C ILE E 300 9.26 38.27 6.22
N ILE E 301 8.54 37.16 6.34
CA ILE E 301 9.15 35.85 6.41
C ILE E 301 8.68 35.04 5.20
N PHE E 302 9.34 33.92 4.96
CA PHE E 302 8.97 33.05 3.86
C PHE E 302 9.30 31.62 4.27
N ILE E 303 8.28 30.85 4.61
CA ILE E 303 8.47 29.44 4.92
C ILE E 303 8.60 28.67 3.62
N ASP E 304 9.55 27.74 3.59
CA ASP E 304 9.84 26.97 2.40
C ASP E 304 9.45 25.52 2.62
N GLU E 305 8.89 24.91 1.57
CA GLU E 305 8.40 23.53 1.54
C GLU E 305 7.38 23.27 2.63
N LEU E 306 6.23 23.95 2.51
CA LEU E 306 5.13 23.73 3.45
C LEU E 306 4.47 22.37 3.23
N ASP E 307 4.67 21.78 2.06
CA ASP E 307 4.21 20.43 1.73
C ASP E 307 4.82 19.40 2.66
N ALA E 308 6.08 19.62 3.04
CA ALA E 308 6.70 18.77 4.06
C ALA E 308 6.11 19.07 5.44
N ILE E 309 5.76 20.32 5.70
CA ILE E 309 5.29 20.72 7.02
C ILE E 309 3.85 20.24 7.25
N ALA E 310 2.94 20.58 6.35
CA ALA E 310 1.50 20.45 6.59
C ALA E 310 0.82 19.61 5.52
N PRO E 311 0.74 18.31 5.70
CA PRO E 311 -0.12 17.50 4.83
C PRO E 311 -1.53 17.41 5.38
N LYS E 312 -2.39 16.63 4.75
CA LYS E 312 -3.74 16.42 5.25
C LYS E 312 -3.71 15.55 6.51
N ARG E 313 -4.86 15.52 7.21
CA ARG E 313 -4.92 14.84 8.51
C ARG E 313 -4.78 13.33 8.40
N GLU E 314 -5.10 12.74 7.26
CA GLU E 314 -4.91 11.30 7.08
C GLU E 314 -3.44 10.94 7.02
N LYS E 315 -2.63 11.77 6.36
CA LYS E 315 -1.20 11.50 6.23
C LYS E 315 -0.43 11.79 7.52
N THR E 316 -1.04 12.49 8.47
CA THR E 316 -0.38 12.82 9.74
C THR E 316 -0.64 11.68 10.73
N HIS E 317 0.12 10.60 10.57
CA HIS E 317 0.07 9.50 11.53
C HIS E 317 0.91 9.77 12.77
N GLY E 318 1.75 10.78 12.75
CA GLY E 318 2.55 11.16 13.91
C GLY E 318 1.90 12.33 14.63
N GLU E 319 1.99 12.30 15.97
CA GLU E 319 1.35 13.34 16.76
C GLU E 319 2.09 14.66 16.67
N VAL E 320 3.42 14.61 16.54
CA VAL E 320 4.21 15.84 16.57
C VAL E 320 4.04 16.65 15.29
N GLU E 321 3.69 16.00 14.18
CA GLU E 321 3.36 16.75 12.97
C GLU E 321 2.08 17.54 13.14
N ARG E 322 1.06 16.93 13.76
CA ARG E 322 -0.17 17.64 14.06
C ARG E 322 0.07 18.76 15.07
N ARG E 323 0.96 18.52 16.04
CA ARG E 323 1.30 19.57 17.00
C ARG E 323 2.03 20.73 16.32
N ILE E 324 2.91 20.44 15.36
CA ILE E 324 3.64 21.47 14.64
C ILE E 324 2.71 22.30 13.77
N VAL E 325 1.80 21.64 13.05
CA VAL E 325 0.88 22.41 12.21
C VAL E 325 -0.17 23.13 13.06
N SER E 326 -0.49 22.63 14.26
CA SER E 326 -1.36 23.36 15.15
C SER E 326 -0.67 24.60 15.71
N GLN E 327 0.63 24.49 16.02
CA GLN E 327 1.41 25.65 16.44
C GLN E 327 1.51 26.68 15.33
N LEU E 328 1.72 26.23 14.10
CA LEU E 328 1.79 27.13 12.95
C LEU E 328 0.46 27.84 12.71
N LEU E 329 -0.65 27.09 12.78
CA LEU E 329 -1.96 27.69 12.57
C LEU E 329 -2.33 28.64 13.70
N THR E 330 -1.96 28.29 14.94
CA THR E 330 -2.23 29.16 16.09
C THR E 330 -1.45 30.45 16.02
N LEU E 331 -0.17 30.36 15.64
CA LEU E 331 0.62 31.59 15.50
C LEU E 331 0.20 32.39 14.27
N MET E 332 -0.36 31.72 13.26
CA MET E 332 -0.80 32.46 12.08
C MET E 332 -2.10 33.22 12.35
N ASP E 333 -3.08 32.60 12.99
CA ASP E 333 -4.34 33.30 13.19
C ASP E 333 -4.38 34.13 14.46
N GLY E 334 -3.49 33.87 15.43
CA GLY E 334 -3.38 34.75 16.58
C GLY E 334 -2.82 36.10 16.22
N LEU E 335 -1.90 36.13 15.26
CA LEU E 335 -1.31 37.38 14.79
C LEU E 335 -2.10 37.87 13.58
N LYS E 336 -2.96 38.85 13.80
CA LYS E 336 -3.71 39.48 12.72
C LYS E 336 -3.36 40.96 12.68
N GLN E 337 -2.98 41.43 11.48
CA GLN E 337 -2.60 42.82 11.13
C GLN E 337 -1.63 43.46 12.14
N ARG E 338 -0.74 42.65 12.71
CA ARG E 338 0.24 43.13 13.69
C ARG E 338 1.52 43.46 12.95
N ALA E 339 1.84 44.76 12.91
CA ALA E 339 3.02 45.33 12.24
C ALA E 339 3.10 44.93 10.76
N HIS E 340 1.93 44.87 10.11
CA HIS E 340 1.68 44.60 8.68
C HIS E 340 2.56 43.52 8.06
N VAL E 341 2.82 42.43 8.78
CA VAL E 341 3.73 41.41 8.32
C VAL E 341 3.04 40.56 7.25
N ILE E 342 3.84 40.04 6.32
CA ILE E 342 3.36 39.20 5.23
C ILE E 342 4.06 37.85 5.33
N VAL E 343 3.29 36.78 5.21
CA VAL E 343 3.84 35.43 5.18
C VAL E 343 3.67 34.88 3.78
N MET E 344 4.65 34.09 3.34
CA MET E 344 4.62 33.49 2.01
C MET E 344 5.12 32.06 2.10
N ALA E 345 4.60 31.21 1.22
CA ALA E 345 4.94 29.79 1.22
C ALA E 345 5.09 29.30 -0.21
N ALA E 346 5.93 28.29 -0.38
CA ALA E 346 6.17 27.67 -1.67
C ALA E 346 5.92 26.18 -1.58
N THR E 347 5.28 25.62 -2.59
CA THR E 347 4.99 24.20 -2.64
C THR E 347 5.04 23.72 -4.08
N ASN E 348 5.14 22.40 -4.23
CA ASN E 348 5.12 21.76 -5.54
C ASN E 348 3.75 21.20 -5.89
N ARG E 349 2.85 21.10 -4.91
CA ARG E 349 1.48 20.63 -5.14
C ARG E 349 0.51 21.42 -4.29
N PRO E 350 -0.57 21.95 -4.88
CA PRO E 350 -1.51 22.77 -4.10
C PRO E 350 -2.44 21.93 -3.24
N ASN E 351 -2.84 20.76 -3.73
CA ASN E 351 -3.80 19.93 -3.01
C ASN E 351 -3.16 19.02 -1.98
N SER E 352 -1.83 18.92 -1.95
CA SER E 352 -1.17 18.10 -0.94
C SER E 352 -1.09 18.80 0.42
N ILE E 353 -1.29 20.11 0.46
CA ILE E 353 -1.37 20.82 1.72
C ILE E 353 -2.76 20.59 2.32
N ASP E 354 -2.85 20.70 3.65
CA ASP E 354 -4.12 20.59 4.35
C ASP E 354 -5.08 21.68 3.91
N PRO E 355 -6.33 21.34 3.57
CA PRO E 355 -7.30 22.37 3.17
C PRO E 355 -7.70 23.31 4.30
N ALA E 356 -7.47 22.94 5.56
CA ALA E 356 -7.78 23.83 6.68
C ALA E 356 -6.85 25.03 6.73
N LEU E 357 -5.67 24.95 6.10
CA LEU E 357 -4.77 26.09 6.01
C LEU E 357 -5.08 27.00 4.83
N ARG E 358 -6.01 26.61 3.96
CA ARG E 358 -6.39 27.41 2.81
C ARG E 358 -7.79 27.99 2.95
N ARG E 359 -8.18 28.36 4.17
CA ARG E 359 -9.48 28.99 4.38
C ARG E 359 -9.37 30.50 4.14
N PHE E 360 -10.43 31.22 4.48
CA PHE E 360 -10.48 32.63 4.15
C PHE E 360 -9.80 33.51 5.20
N GLY E 361 -9.30 32.93 6.28
CA GLY E 361 -8.55 33.70 7.25
C GLY E 361 -7.06 33.64 7.00
N ARG E 362 -6.59 32.52 6.45
CA ARG E 362 -5.16 32.27 6.29
C ARG E 362 -4.89 31.73 4.90
N PHE E 363 -3.84 32.26 4.26
CA PHE E 363 -3.27 31.76 3.00
C PHE E 363 -4.31 31.78 1.87
N ASP E 364 -4.73 32.99 1.52
CA ASP E 364 -5.83 33.13 0.57
C ASP E 364 -5.36 33.26 -0.87
N ARG E 365 -4.37 34.12 -1.13
CA ARG E 365 -3.96 34.43 -2.50
C ARG E 365 -3.12 33.29 -3.06
N GLU E 366 -3.56 32.71 -4.16
CA GLU E 366 -2.84 31.65 -4.85
C GLU E 366 -2.25 32.19 -6.13
N VAL E 367 -0.94 32.12 -6.27
CA VAL E 367 -0.24 32.43 -7.51
C VAL E 367 0.69 31.28 -7.86
N ASP E 368 0.79 30.98 -9.14
CA ASP E 368 1.66 29.92 -9.64
C ASP E 368 2.72 30.52 -10.54
N ILE E 369 3.98 30.15 -10.31
CA ILE E 369 5.06 30.62 -11.16
C ILE E 369 4.98 29.97 -12.54
N GLY E 370 4.75 28.66 -12.58
CA GLY E 370 4.60 27.95 -13.83
C GLY E 370 5.92 27.81 -14.59
N ILE E 371 5.79 27.49 -15.87
CA ILE E 371 6.93 27.36 -16.77
C ILE E 371 6.94 28.56 -17.71
N PRO E 372 8.10 29.06 -18.13
CA PRO E 372 8.13 30.22 -19.02
C PRO E 372 7.79 29.84 -20.46
N ASP E 373 7.66 30.87 -21.28
CA ASP E 373 7.36 30.71 -22.70
C ASP E 373 8.66 30.44 -23.45
N ALA E 374 8.58 30.29 -24.78
CA ALA E 374 9.76 30.12 -25.61
C ALA E 374 10.63 31.38 -25.60
N THR E 375 10.00 32.54 -25.77
CA THR E 375 10.71 33.80 -25.54
C THR E 375 11.06 33.97 -24.06
N GLY E 376 10.22 33.42 -23.18
CA GLY E 376 10.57 33.36 -21.77
C GLY E 376 11.80 32.54 -21.49
N ARG E 377 11.92 31.38 -22.14
CA ARG E 377 13.10 30.54 -21.97
C ARG E 377 14.32 31.18 -22.64
N LEU E 378 14.12 31.94 -23.72
CA LEU E 378 15.21 32.74 -24.29
C LEU E 378 15.69 33.79 -23.30
N GLU E 379 14.76 34.42 -22.58
CA GLU E 379 15.12 35.37 -21.53
C GLU E 379 15.86 34.69 -20.38
N ILE E 380 15.46 33.46 -20.04
CA ILE E 380 16.15 32.69 -19.00
C ILE E 380 17.59 32.39 -19.43
N LEU E 381 17.76 31.98 -20.69
CA LEU E 381 19.10 31.69 -21.21
C LEU E 381 19.96 32.96 -21.27
N GLN E 382 19.35 34.09 -21.63
CA GLN E 382 20.07 35.36 -21.69
C GLN E 382 20.53 35.80 -20.31
N ILE E 383 19.66 35.70 -19.30
CA ILE E 383 20.07 36.14 -17.96
C ILE E 383 20.84 35.08 -17.18
N HIS E 384 20.91 33.85 -17.69
CA HIS E 384 21.70 32.83 -17.02
C HIS E 384 23.10 32.71 -17.60
N THR E 385 23.26 32.88 -18.92
CA THR E 385 24.55 32.77 -19.57
C THR E 385 25.27 34.12 -19.69
N LYS E 386 25.01 35.05 -18.78
CA LYS E 386 25.71 36.33 -18.80
C LYS E 386 27.17 36.17 -18.41
N ASN E 387 27.45 35.44 -17.35
CA ASN E 387 28.82 35.24 -16.87
C ASN E 387 29.40 33.93 -17.44
N MET E 388 29.38 33.85 -18.77
CA MET E 388 29.92 32.72 -19.50
C MET E 388 30.24 33.18 -20.91
N LYS E 389 31.41 32.79 -21.41
CA LYS E 389 31.83 33.20 -22.75
C LYS E 389 31.16 32.30 -23.78
N LEU E 390 30.20 32.86 -24.51
CA LEU E 390 29.66 32.21 -25.69
C LEU E 390 30.69 32.24 -26.82
N ALA E 391 30.51 31.35 -27.79
CA ALA E 391 31.38 31.28 -28.95
C ALA E 391 30.88 32.13 -30.10
N ASP E 392 29.86 32.96 -29.88
CA ASP E 392 29.28 33.97 -30.76
C ASP E 392 28.56 33.39 -31.98
N ASP E 393 28.50 32.07 -32.12
CA ASP E 393 27.72 31.42 -33.17
C ASP E 393 26.40 30.86 -32.66
N VAL E 394 26.20 30.82 -31.35
CA VAL E 394 24.97 30.29 -30.79
C VAL E 394 23.83 31.29 -31.00
N ASP E 395 22.63 30.76 -31.18
CA ASP E 395 21.45 31.58 -31.39
C ASP E 395 20.68 31.83 -30.11
N LEU E 396 20.51 30.78 -29.29
CA LEU E 396 19.80 30.72 -27.99
C LEU E 396 18.29 30.91 -28.11
N GLU E 397 17.79 31.20 -29.31
CA GLU E 397 16.35 31.20 -29.58
C GLU E 397 15.92 29.96 -30.34
N GLN E 398 16.79 29.44 -31.22
CA GLN E 398 16.58 28.09 -31.74
C GLN E 398 16.69 27.08 -30.62
N VAL E 399 17.60 27.31 -29.67
CA VAL E 399 17.71 26.49 -28.47
C VAL E 399 16.46 26.62 -27.62
N ALA E 400 15.90 27.84 -27.54
CA ALA E 400 14.69 28.06 -26.76
C ALA E 400 13.47 27.40 -27.40
N ASN E 401 13.38 27.43 -28.72
CA ASN E 401 12.27 26.77 -29.40
C ASN E 401 12.44 25.26 -29.39
N GLU E 402 13.67 24.77 -29.31
CA GLU E 402 13.91 23.33 -29.19
C GLU E 402 13.56 22.81 -27.80
N THR E 403 13.42 23.69 -26.81
CA THR E 403 13.12 23.29 -25.44
C THR E 403 11.67 23.66 -25.16
N HIS E 404 10.79 22.66 -25.22
CA HIS E 404 9.38 22.84 -24.87
C HIS E 404 9.07 22.01 -23.63
N GLY E 405 8.37 22.61 -22.68
CA GLY E 405 8.14 21.97 -21.40
C GLY E 405 9.39 21.83 -20.55
N HIS E 406 10.20 22.87 -20.46
CA HIS E 406 11.45 22.85 -19.71
C HIS E 406 11.38 23.89 -18.59
N VAL E 407 11.84 23.50 -17.40
CA VAL E 407 11.83 24.40 -16.25
C VAL E 407 13.17 25.12 -16.25
N GLY E 408 13.29 26.23 -15.52
CA GLY E 408 14.50 27.03 -15.54
C GLY E 408 15.71 26.34 -14.95
N ALA E 409 15.51 25.51 -13.92
CA ALA E 409 16.61 24.72 -13.39
C ALA E 409 17.11 23.68 -14.38
N ASP E 410 16.21 23.18 -15.23
CA ASP E 410 16.62 22.32 -16.33
C ASP E 410 17.45 23.08 -17.34
N LEU E 411 17.13 24.36 -17.57
CA LEU E 411 17.97 25.19 -18.44
C LEU E 411 19.33 25.44 -17.83
N ALA E 412 19.40 25.59 -16.50
CA ALA E 412 20.68 25.68 -15.81
C ALA E 412 21.48 24.38 -15.95
N ALA E 413 20.79 23.24 -15.88
CA ALA E 413 21.43 21.95 -16.08
C ALA E 413 21.97 21.80 -17.50
N LEU E 414 21.21 22.24 -18.50
CA LEU E 414 21.68 22.23 -19.88
C LEU E 414 22.87 23.15 -20.10
N CYS E 415 22.88 24.32 -19.45
CA CYS E 415 24.04 25.20 -19.55
C CYS E 415 25.27 24.58 -18.89
N SER E 416 25.08 23.90 -17.76
CA SER E 416 26.19 23.23 -17.08
C SER E 416 26.72 22.06 -17.91
N GLU E 417 25.83 21.31 -18.57
CA GLU E 417 26.29 20.23 -19.43
C GLU E 417 26.95 20.75 -20.69
N ALA E 418 26.53 21.92 -21.19
CA ALA E 418 27.23 22.53 -22.32
C ALA E 418 28.63 22.97 -21.94
N ALA E 419 28.78 23.52 -20.72
CA ALA E 419 30.11 23.88 -20.24
C ALA E 419 30.98 22.64 -20.01
N LEU E 420 30.36 21.54 -19.55
CA LEU E 420 31.10 20.30 -19.41
C LEU E 420 31.48 19.70 -20.75
N GLN E 421 30.65 19.89 -21.78
CA GLN E 421 31.01 19.46 -23.13
C GLN E 421 32.18 20.28 -23.68
N ALA E 422 32.19 21.59 -23.40
CA ALA E 422 33.32 22.42 -23.78
C ALA E 422 34.59 22.04 -23.02
N ILE E 423 34.45 21.59 -21.77
CA ILE E 423 35.61 21.10 -21.02
C ILE E 423 36.12 19.79 -21.61
N ARG E 424 35.21 18.87 -21.93
CA ARG E 424 35.59 17.53 -22.38
C ARG E 424 36.18 17.55 -23.78
N LYS E 425 35.55 18.30 -24.70
CA LYS E 425 36.00 18.30 -26.09
C LYS E 425 37.35 18.99 -26.25
N LYS E 426 37.56 20.09 -25.53
CA LYS E 426 38.87 20.75 -25.50
C LYS E 426 39.62 20.29 -24.26
N MET E 427 40.01 19.02 -24.27
CA MET E 427 40.76 18.44 -23.17
C MET E 427 42.19 18.98 -23.16
N ASP E 428 42.81 18.92 -21.99
CA ASP E 428 44.19 19.36 -21.82
C ASP E 428 44.88 18.46 -20.80
N LEU E 429 46.04 18.89 -20.34
CA LEU E 429 46.90 18.07 -19.51
C LEU E 429 46.59 18.31 -18.04
N ILE E 430 47.45 17.79 -17.16
CA ILE E 430 47.25 17.86 -15.72
C ILE E 430 48.13 18.98 -15.16
N ASP E 431 47.82 19.43 -13.95
CA ASP E 431 48.57 20.50 -13.30
C ASP E 431 49.94 20.02 -12.82
N ILE E 437 48.36 24.62 -13.49
CA ILE E 437 47.09 25.30 -13.64
C ILE E 437 46.57 25.12 -15.08
N ASP E 438 47.50 25.09 -16.05
CA ASP E 438 47.24 24.96 -17.48
C ASP E 438 46.28 26.05 -17.98
N ALA E 439 46.78 27.28 -17.94
CA ALA E 439 46.01 28.49 -18.21
C ALA E 439 45.69 28.70 -19.69
N GLU E 440 46.11 27.80 -20.58
CA GLU E 440 45.75 27.92 -21.99
C GLU E 440 44.27 27.61 -22.25
N VAL E 441 43.60 26.91 -21.34
CA VAL E 441 42.19 26.59 -21.49
C VAL E 441 41.30 27.65 -20.86
N MET E 442 41.86 28.54 -20.03
CA MET E 442 41.06 29.55 -19.35
C MET E 442 40.53 30.60 -20.32
N ASN E 443 41.32 30.94 -21.34
CA ASN E 443 40.98 32.00 -22.28
C ASN E 443 40.44 31.46 -23.60
N SER E 444 40.05 30.19 -23.66
CA SER E 444 39.61 29.59 -24.90
C SER E 444 38.35 28.75 -24.71
N LEU E 445 37.54 29.09 -23.71
CA LEU E 445 36.27 28.41 -23.52
C LEU E 445 35.27 28.83 -24.59
N ALA E 446 34.54 27.85 -25.12
CA ALA E 446 33.63 28.09 -26.22
C ALA E 446 32.59 26.98 -26.26
N VAL E 447 31.30 27.36 -26.24
CA VAL E 447 30.21 26.42 -26.38
C VAL E 447 29.52 26.69 -27.72
N THR E 448 29.26 25.64 -28.47
CA THR E 448 28.66 25.76 -29.79
C THR E 448 27.19 25.41 -29.73
N MET E 449 26.47 25.80 -30.80
CA MET E 449 25.06 25.45 -30.90
C MET E 449 24.89 23.95 -31.13
N ASP E 450 25.85 23.33 -31.82
CA ASP E 450 25.86 21.87 -31.91
C ASP E 450 26.16 21.23 -30.56
N ASP E 451 26.97 21.87 -29.73
CA ASP E 451 27.19 21.37 -28.37
C ASP E 451 25.94 21.51 -27.52
N PHE E 452 25.16 22.57 -27.76
CA PHE E 452 23.86 22.70 -27.10
C PHE E 452 22.88 21.64 -27.58
N ARG E 453 22.95 21.29 -28.88
CA ARG E 453 22.12 20.21 -29.41
C ARG E 453 22.51 18.86 -28.81
N TRP E 454 23.82 18.63 -28.65
CA TRP E 454 24.29 17.40 -28.03
C TRP E 454 23.88 17.31 -26.57
N ALA E 455 23.94 18.45 -25.85
CA ALA E 455 23.50 18.47 -24.46
C ALA E 455 21.99 18.27 -24.37
N LEU E 456 21.25 18.80 -25.34
CA LEU E 456 19.80 18.64 -25.37
C LEU E 456 19.43 17.20 -25.73
N SER E 457 20.32 16.47 -26.40
CA SER E 457 20.07 15.06 -26.67
C SER E 457 20.10 14.24 -25.38
N GLN E 458 21.09 14.45 -24.52
CA GLN E 458 21.11 13.84 -23.20
C GLN E 458 20.56 14.81 -22.15
N SER E 459 19.28 15.15 -22.31
CA SER E 459 18.60 16.06 -21.40
C SER E 459 17.42 15.33 -20.75
N ASN E 460 17.14 15.70 -19.50
CA ASN E 460 16.06 15.10 -18.73
C ASN E 460 15.15 16.19 -18.18
N PRO E 461 14.21 16.69 -19.00
CA PRO E 461 13.25 17.67 -18.49
C PRO E 461 12.19 17.01 -17.63
N SER E 462 12.28 17.19 -16.32
CA SER E 462 11.37 16.52 -15.41
C SER E 462 10.10 17.32 -15.15
N ALA E 463 9.93 18.46 -15.81
CA ALA E 463 8.67 19.21 -15.76
C ALA E 463 7.70 18.74 -16.82
N LEU E 464 8.05 17.71 -17.59
CA LEU E 464 7.22 17.22 -18.68
C LEU E 464 6.10 16.33 -18.16
N ARG E 465 5.37 15.72 -19.11
CA ARG E 465 4.04 15.10 -18.98
C ARG E 465 3.13 15.87 -18.01
N GLU E 466 3.05 17.17 -18.25
CA GLU E 466 2.23 18.08 -17.48
C GLU E 466 1.44 18.96 -18.44
N THR E 467 0.23 19.34 -18.03
CA THR E 467 -0.67 20.12 -18.88
C THR E 467 -0.13 21.53 -19.03
N VAL E 468 0.45 21.81 -20.19
CA VAL E 468 1.11 23.08 -20.44
C VAL E 468 0.08 24.16 -20.78
N VAL E 469 0.36 25.39 -20.39
CA VAL E 469 -0.52 26.53 -20.62
C VAL E 469 0.27 27.59 -21.41
N GLU E 470 0.15 27.52 -22.74
CA GLU E 470 0.79 28.52 -23.60
C GLU E 470 0.01 28.62 -24.90
N VAL E 471 0.16 29.76 -25.55
CA VAL E 471 -0.41 29.99 -26.88
C VAL E 471 0.47 29.26 -27.89
N PRO E 472 -0.11 28.57 -28.88
CA PRO E 472 0.73 27.95 -29.93
C PRO E 472 1.23 28.95 -30.96
N GLN E 473 1.89 28.44 -32.00
CA GLN E 473 2.54 29.26 -33.02
C GLN E 473 2.26 28.70 -34.41
N VAL E 474 0.98 28.40 -34.67
CA VAL E 474 0.60 27.49 -35.74
C VAL E 474 0.55 28.11 -37.14
N THR E 475 1.01 29.37 -37.28
CA THR E 475 1.44 29.95 -38.55
C THR E 475 0.34 29.99 -39.61
N TRP E 476 -0.58 30.96 -39.51
CA TRP E 476 -1.92 31.01 -40.10
C TRP E 476 -2.12 30.50 -41.52
N GLU E 477 -1.06 30.57 -42.34
CA GLU E 477 -1.10 29.91 -43.65
C GLU E 477 -1.21 28.40 -43.53
N ASP E 478 -0.80 27.81 -42.40
CA ASP E 478 -0.85 26.36 -42.22
C ASP E 478 -2.27 25.81 -42.08
N ILE E 479 -3.29 26.66 -41.94
CA ILE E 479 -4.66 26.16 -41.93
C ILE E 479 -5.03 25.73 -43.35
N GLY E 480 -5.99 24.82 -43.45
CA GLY E 480 -6.25 24.14 -44.70
C GLY E 480 -7.12 24.87 -45.71
N GLY E 481 -7.37 26.16 -45.52
CA GLY E 481 -8.22 26.90 -46.43
C GLY E 481 -9.68 26.94 -46.04
N LEU E 482 -10.01 26.59 -44.80
CA LEU E 482 -11.38 26.72 -44.34
C LEU E 482 -11.74 28.18 -44.16
N GLU E 483 -12.88 28.58 -44.72
CA GLU E 483 -13.35 29.95 -44.63
C GLU E 483 -14.65 30.07 -43.85
N ASP E 484 -15.64 29.22 -44.14
CA ASP E 484 -16.92 29.30 -43.45
C ASP E 484 -16.80 28.84 -42.01
N VAL E 485 -16.09 27.73 -41.77
CA VAL E 485 -15.89 27.23 -40.41
C VAL E 485 -15.01 28.18 -39.62
N LYS E 486 -13.96 28.71 -40.25
CA LYS E 486 -13.08 29.67 -39.60
C LYS E 486 -13.81 30.96 -39.25
N ARG E 487 -14.70 31.40 -40.15
CA ARG E 487 -15.47 32.62 -39.89
C ARG E 487 -16.51 32.41 -38.79
N GLU E 488 -17.18 31.26 -38.80
CA GLU E 488 -18.19 30.98 -37.78
C GLU E 488 -17.56 30.83 -36.39
N LEU E 489 -16.43 30.11 -36.31
CA LEU E 489 -15.74 29.98 -35.04
C LEU E 489 -15.08 31.30 -34.62
N GLN E 490 -14.70 32.13 -35.60
CA GLN E 490 -14.22 33.48 -35.34
C GLN E 490 -15.28 34.32 -34.65
N GLU E 491 -16.52 34.24 -35.13
CA GLU E 491 -17.61 34.96 -34.49
C GLU E 491 -17.99 34.38 -33.14
N LEU E 492 -17.90 33.05 -32.97
CA LEU E 492 -18.18 32.47 -31.66
C LEU E 492 -17.09 32.75 -30.64
N VAL E 493 -15.86 33.06 -31.07
CA VAL E 493 -14.82 33.29 -30.08
C VAL E 493 -14.45 34.76 -29.91
N GLN E 494 -13.90 35.40 -30.96
CA GLN E 494 -13.19 36.64 -30.70
C GLN E 494 -14.14 37.83 -30.59
N TYR E 495 -15.27 37.82 -31.31
CA TYR E 495 -16.24 38.92 -31.25
C TYR E 495 -16.87 39.14 -29.87
N PRO E 496 -17.07 38.11 -29.02
CA PRO E 496 -17.26 38.45 -27.59
C PRO E 496 -16.00 38.91 -26.89
N VAL E 497 -14.83 38.43 -27.31
CA VAL E 497 -13.60 38.67 -26.55
C VAL E 497 -13.02 40.04 -26.88
N GLU E 498 -12.82 40.35 -28.16
CA GLU E 498 -12.11 41.57 -28.52
C GLU E 498 -12.98 42.81 -28.42
N HIS E 499 -14.29 42.67 -28.26
CA HIS E 499 -15.18 43.82 -28.31
C HIS E 499 -15.78 44.13 -26.94
N PRO E 500 -15.42 45.25 -26.31
CA PRO E 500 -16.04 45.61 -25.03
C PRO E 500 -17.51 45.98 -25.13
N ASP E 501 -17.96 46.47 -26.28
CA ASP E 501 -19.39 46.73 -26.48
C ASP E 501 -20.17 45.43 -26.66
N LYS E 502 -19.49 44.32 -26.92
CA LYS E 502 -20.10 43.00 -26.89
C LYS E 502 -19.88 42.30 -25.55
N PHE E 503 -19.25 42.97 -24.58
CA PHE E 503 -19.27 42.51 -23.21
C PHE E 503 -20.47 43.03 -22.42
N LEU E 504 -20.91 44.25 -22.68
CA LEU E 504 -21.98 44.81 -21.85
C LEU E 504 -23.14 45.38 -22.64
N LYS E 505 -22.88 46.03 -23.78
CA LYS E 505 -23.89 46.90 -24.39
C LYS E 505 -24.92 46.09 -25.18
N PHE E 506 -24.49 45.44 -26.25
CA PHE E 506 -25.37 44.63 -27.07
C PHE E 506 -24.85 43.21 -27.15
N GLY E 507 -25.76 42.26 -27.21
CA GLY E 507 -25.41 40.86 -27.31
C GLY E 507 -26.45 40.03 -26.58
N MET E 508 -25.97 38.96 -25.95
CA MET E 508 -26.79 38.04 -25.18
C MET E 508 -25.95 37.46 -24.07
N THR E 509 -26.47 36.41 -23.44
CA THR E 509 -25.63 35.54 -22.63
C THR E 509 -24.71 34.74 -23.55
N PRO E 510 -23.49 34.43 -23.11
CA PRO E 510 -22.56 33.69 -23.98
C PRO E 510 -22.97 32.24 -24.14
N SER E 511 -22.90 31.75 -25.37
CA SER E 511 -23.14 30.33 -25.68
C SER E 511 -21.78 29.67 -25.79
N LYS E 512 -21.15 29.45 -24.64
CA LYS E 512 -19.78 28.95 -24.59
C LYS E 512 -19.77 27.45 -24.83
N GLY E 513 -19.02 27.03 -25.84
CA GLY E 513 -18.88 25.62 -26.12
C GLY E 513 -19.32 25.21 -27.51
N VAL E 514 -18.38 24.66 -28.28
CA VAL E 514 -18.66 24.05 -29.57
C VAL E 514 -17.95 22.71 -29.61
N LEU E 515 -18.32 21.88 -30.57
CA LEU E 515 -17.65 20.61 -30.76
C LEU E 515 -17.42 20.36 -32.24
N PHE E 516 -16.49 19.45 -32.53
CA PHE E 516 -16.13 19.08 -33.88
C PHE E 516 -16.33 17.59 -34.07
N TYR E 517 -16.74 17.20 -35.28
CA TYR E 517 -16.94 15.79 -35.60
C TYR E 517 -16.81 15.61 -37.10
N GLY E 518 -16.65 14.36 -37.51
CA GLY E 518 -16.56 14.02 -38.91
C GLY E 518 -15.45 13.03 -39.20
N PRO E 519 -14.70 13.27 -40.27
CA PRO E 519 -13.56 12.40 -40.61
C PRO E 519 -12.44 12.54 -39.61
N PRO E 520 -11.58 11.53 -39.47
CA PRO E 520 -10.32 11.73 -38.74
C PRO E 520 -9.40 12.76 -39.39
N GLY E 521 -9.43 12.85 -40.72
CA GLY E 521 -8.64 13.83 -41.42
C GLY E 521 -9.29 15.20 -41.40
N CYS E 522 -9.18 15.89 -40.28
CA CYS E 522 -9.72 17.24 -40.14
C CYS E 522 -8.69 18.12 -39.43
N GLY E 523 -8.91 19.42 -39.51
CA GLY E 523 -8.03 20.35 -38.84
C GLY E 523 -8.55 20.76 -37.48
N LYS E 524 -9.21 19.83 -36.78
CA LYS E 524 -9.88 20.15 -35.53
C LYS E 524 -8.88 20.50 -34.42
N THR E 525 -7.66 19.98 -34.50
CA THR E 525 -6.60 20.49 -33.64
C THR E 525 -6.17 21.88 -34.09
N LEU E 526 -5.93 22.06 -35.39
CA LEU E 526 -5.33 23.29 -35.87
C LEU E 526 -6.31 24.45 -35.87
N LEU E 527 -7.61 24.18 -36.02
CA LEU E 527 -8.61 25.25 -35.93
C LEU E 527 -8.65 25.85 -34.53
N ALA E 528 -8.67 24.99 -33.50
CA ALA E 528 -8.65 25.46 -32.13
C ALA E 528 -7.33 26.13 -31.79
N LYS E 529 -6.22 25.63 -32.35
CA LYS E 529 -4.92 26.25 -32.08
C LYS E 529 -4.81 27.63 -32.74
N ALA E 530 -5.36 27.79 -33.94
CA ALA E 530 -5.34 29.10 -34.60
C ALA E 530 -6.28 30.08 -33.89
N ILE E 531 -7.40 29.58 -33.36
CA ILE E 531 -8.28 30.41 -32.56
C ILE E 531 -7.60 30.87 -31.28
N ALA E 532 -6.85 29.97 -30.62
CA ALA E 532 -6.07 30.36 -29.46
C ALA E 532 -4.93 31.31 -29.82
N ASN E 533 -4.43 31.23 -31.06
CA ASN E 533 -3.47 32.23 -31.53
C ASN E 533 -4.13 33.59 -31.66
N GLU E 534 -5.34 33.65 -32.20
CA GLU E 534 -5.99 34.93 -32.42
C GLU E 534 -6.52 35.54 -31.12
N CYS E 535 -6.85 34.71 -30.13
CA CYS E 535 -7.56 35.18 -28.95
C CYS E 535 -6.66 35.88 -27.93
N GLN E 536 -5.34 35.81 -28.10
CA GLN E 536 -4.35 36.20 -27.08
C GLN E 536 -4.63 35.50 -25.75
N ALA E 537 -4.92 34.20 -25.85
CA ALA E 537 -5.42 33.42 -24.72
C ALA E 537 -4.65 32.12 -24.62
N ASN E 538 -4.64 31.56 -23.41
CA ASN E 538 -3.97 30.30 -23.17
C ASN E 538 -4.72 29.15 -23.82
N PHE E 539 -4.02 28.03 -24.00
CA PHE E 539 -4.53 26.87 -24.73
C PHE E 539 -4.17 25.61 -23.95
N ILE E 540 -5.08 25.15 -23.11
CA ILE E 540 -4.88 23.95 -22.31
C ILE E 540 -5.26 22.75 -23.16
N SER E 541 -4.27 22.05 -23.69
CA SER E 541 -4.51 20.89 -24.55
C SER E 541 -4.38 19.64 -23.70
N ILE E 542 -5.52 19.12 -23.23
CA ILE E 542 -5.58 17.86 -22.52
C ILE E 542 -6.27 16.84 -23.42
N LYS E 543 -5.89 15.58 -23.29
CA LYS E 543 -6.37 14.54 -24.17
C LYS E 543 -7.30 13.58 -23.42
N GLY E 544 -8.01 12.79 -24.21
CA GLY E 544 -8.86 11.72 -23.70
C GLY E 544 -8.15 10.64 -22.88
N PRO E 545 -7.03 10.10 -23.38
CA PRO E 545 -6.23 9.18 -22.55
C PRO E 545 -5.65 9.79 -21.28
N GLU E 546 -5.48 11.12 -21.21
CA GLU E 546 -4.96 11.71 -19.98
C GLU E 546 -5.98 11.64 -18.85
N LEU E 547 -7.28 11.69 -19.19
CA LEU E 547 -8.33 11.52 -18.19
C LEU E 547 -8.29 10.12 -17.59
N LEU E 548 -8.09 9.10 -18.42
CA LEU E 548 -7.98 7.74 -17.91
C LEU E 548 -6.67 7.51 -17.19
N THR E 549 -5.62 8.26 -17.57
CA THR E 549 -4.36 8.21 -16.84
C THR E 549 -4.53 8.76 -15.43
N MET E 550 -5.29 9.85 -15.29
CA MET E 550 -5.65 10.33 -13.96
C MET E 550 -6.60 9.37 -13.25
N TRP E 551 -7.41 8.64 -14.00
CA TRP E 551 -8.28 7.62 -13.42
C TRP E 551 -7.51 6.42 -12.88
N PHE E 552 -6.29 6.16 -13.41
CA PHE E 552 -5.46 5.09 -12.87
C PHE E 552 -5.07 5.35 -11.42
N GLY E 553 -4.83 6.61 -11.06
CA GLY E 553 -4.55 6.95 -9.68
C GLY E 553 -5.78 7.17 -8.82
N GLU E 554 -6.97 6.89 -9.37
CA GLU E 554 -8.28 7.17 -8.75
C GLU E 554 -8.38 8.64 -8.35
N SER E 555 -7.94 9.52 -9.25
CA SER E 555 -7.81 10.95 -8.96
C SER E 555 -9.04 11.66 -9.53
N GLU E 556 -10.05 11.79 -8.67
CA GLU E 556 -11.26 12.52 -9.05
C GLU E 556 -11.03 14.02 -9.05
N ALA E 557 -10.33 14.54 -8.05
CA ALA E 557 -10.21 15.97 -7.83
C ALA E 557 -9.25 16.65 -8.79
N ASN E 558 -8.44 15.90 -9.55
CA ASN E 558 -7.54 16.55 -10.50
C ASN E 558 -8.26 17.07 -11.74
N VAL E 559 -9.46 16.57 -12.05
CA VAL E 559 -10.29 17.22 -13.06
C VAL E 559 -10.70 18.61 -12.58
N ARG E 560 -11.04 18.72 -11.29
CA ARG E 560 -11.28 20.01 -10.68
C ARG E 560 -10.02 20.86 -10.64
N GLU E 561 -8.85 20.23 -10.54
CA GLU E 561 -7.59 20.99 -10.61
C GLU E 561 -7.35 21.53 -12.02
N ILE E 562 -7.70 20.75 -13.05
CA ILE E 562 -7.56 21.20 -14.44
C ILE E 562 -8.50 22.38 -14.70
N PHE E 563 -9.74 22.28 -14.24
CA PHE E 563 -10.65 23.42 -14.42
C PHE E 563 -10.30 24.59 -13.50
N ASP E 564 -9.62 24.35 -12.37
CA ASP E 564 -9.13 25.44 -11.53
C ASP E 564 -8.00 26.19 -12.21
N LYS E 565 -7.08 25.46 -12.86
CA LYS E 565 -6.05 26.10 -13.67
C LYS E 565 -6.65 26.81 -14.86
N ALA E 566 -7.76 26.29 -15.40
CA ALA E 566 -8.48 26.99 -16.47
C ALA E 566 -9.08 28.30 -15.97
N ARG E 567 -9.64 28.30 -14.76
CA ARG E 567 -10.18 29.53 -14.18
C ARG E 567 -9.07 30.51 -13.86
N GLN E 568 -7.91 30.02 -13.44
CA GLN E 568 -6.77 30.89 -13.19
C GLN E 568 -6.19 31.44 -14.47
N ALA E 569 -6.29 30.70 -15.57
CA ALA E 569 -5.74 31.11 -16.86
C ALA E 569 -6.80 31.70 -17.77
N ALA E 570 -7.75 32.44 -17.22
CA ALA E 570 -8.79 33.06 -18.01
C ALA E 570 -8.24 34.28 -18.74
N PRO E 571 -8.57 34.47 -20.03
CA PRO E 571 -9.39 33.60 -20.88
C PRO E 571 -8.59 32.45 -21.49
N CYS E 572 -9.27 31.37 -21.88
CA CYS E 572 -8.60 30.21 -22.42
C CYS E 572 -9.54 29.43 -23.31
N VAL E 573 -8.95 28.60 -24.17
CA VAL E 573 -9.70 27.72 -25.06
C VAL E 573 -9.34 26.29 -24.66
N LEU E 574 -10.22 25.64 -23.92
CA LEU E 574 -10.03 24.24 -23.58
C LEU E 574 -10.23 23.38 -24.82
N PHE E 575 -9.28 22.50 -25.10
CA PHE E 575 -9.37 21.60 -26.22
C PHE E 575 -9.46 20.17 -25.74
N PHE E 576 -10.40 19.42 -26.29
CA PHE E 576 -10.57 18.01 -25.97
C PHE E 576 -10.43 17.21 -27.25
N ASP E 577 -9.60 16.17 -27.20
CA ASP E 577 -9.32 15.35 -28.37
C ASP E 577 -9.74 13.93 -28.11
N GLU E 578 -10.40 13.33 -29.12
CA GLU E 578 -10.82 11.92 -29.16
C GLU E 578 -11.74 11.57 -27.99
N LEU E 579 -12.92 12.19 -28.01
CA LEU E 579 -14.00 11.78 -27.11
C LEU E 579 -14.53 10.39 -27.48
N ASP E 580 -14.31 9.97 -28.73
CA ASP E 580 -14.67 8.62 -29.16
C ASP E 580 -13.88 7.55 -28.41
N SER E 581 -12.68 7.89 -27.91
CA SER E 581 -11.91 6.94 -27.13
C SER E 581 -12.60 6.61 -25.80
N ILE E 582 -13.00 7.63 -25.05
CA ILE E 582 -13.70 7.37 -23.80
C ILE E 582 -15.15 6.98 -24.03
N ALA E 583 -15.68 7.21 -25.23
CA ALA E 583 -16.97 6.61 -25.57
C ALA E 583 -16.84 5.12 -25.85
N LYS E 584 -15.79 4.72 -26.56
CA LYS E 584 -15.58 3.33 -26.93
C LYS E 584 -15.08 2.50 -25.76
N ALA E 585 -14.48 3.13 -24.75
CA ALA E 585 -13.95 2.41 -23.61
C ALA E 585 -15.06 1.81 -22.73
N ARG E 586 -16.29 2.32 -22.83
CA ARG E 586 -17.40 1.75 -22.08
C ARG E 586 -18.68 1.66 -22.89
N GLY E 587 -18.65 1.92 -24.19
CA GLY E 587 -19.87 1.93 -24.98
C GLY E 587 -20.37 0.55 -25.35
N GLY E 588 -21.62 0.52 -25.76
CA GLY E 588 -22.27 -0.73 -26.15
C GLY E 588 -23.78 -0.66 -26.11
N ALA E 596 -17.91 -1.15 -11.58
CA ALA E 596 -16.85 -0.17 -11.72
C ALA E 596 -16.61 0.16 -13.19
N ALA E 597 -16.65 1.45 -13.51
CA ALA E 597 -16.46 1.93 -14.88
C ALA E 597 -15.83 3.31 -14.81
N ASP E 598 -15.85 4.03 -15.93
CA ASP E 598 -15.26 5.36 -16.02
C ASP E 598 -16.36 6.40 -15.87
N ARG E 599 -16.37 7.06 -14.72
CA ARG E 599 -17.30 8.15 -14.45
C ARG E 599 -16.65 9.52 -14.64
N VAL E 600 -15.47 9.56 -15.26
CA VAL E 600 -14.80 10.83 -15.52
C VAL E 600 -15.54 11.65 -16.58
N ILE E 601 -16.29 11.00 -17.47
CA ILE E 601 -17.14 11.73 -18.39
C ILE E 601 -18.28 12.42 -17.65
N ASN E 602 -18.82 11.75 -16.60
CA ASN E 602 -19.80 12.38 -15.74
C ASN E 602 -19.19 13.51 -14.92
N GLN E 603 -17.92 13.36 -14.53
CA GLN E 603 -17.21 14.45 -13.85
C GLN E 603 -17.03 15.65 -14.77
N ILE E 604 -16.72 15.39 -16.04
CA ILE E 604 -16.57 16.46 -17.04
C ILE E 604 -17.90 17.16 -17.28
N LEU E 605 -18.99 16.39 -17.35
CA LEU E 605 -20.31 16.99 -17.50
C LEU E 605 -20.73 17.74 -16.24
N THR E 606 -20.21 17.35 -15.08
CA THR E 606 -20.46 18.10 -13.85
C THR E 606 -19.74 19.44 -13.87
N GLU E 607 -18.46 19.44 -14.26
CA GLU E 607 -17.69 20.67 -14.22
C GLU E 607 -18.03 21.64 -15.35
N MET E 608 -18.61 21.14 -16.45
CA MET E 608 -18.96 22.02 -17.55
C MET E 608 -20.16 22.89 -17.21
N ASP E 609 -21.21 22.29 -16.66
CA ASP E 609 -22.40 23.06 -16.32
C ASP E 609 -22.18 23.90 -15.07
N GLY E 610 -21.39 23.40 -14.13
CA GLY E 610 -21.09 24.11 -12.90
C GLY E 610 -20.08 25.23 -13.03
N MET E 611 -19.45 25.35 -14.20
CA MET E 611 -18.54 26.45 -14.46
C MET E 611 -19.30 27.75 -14.56
N SER E 612 -18.67 28.84 -14.14
CA SER E 612 -19.27 30.16 -14.20
C SER E 612 -19.50 30.60 -15.64
N THR E 613 -20.63 31.26 -15.87
CA THR E 613 -20.95 31.74 -17.21
C THR E 613 -20.07 32.90 -17.62
N LYS E 614 -19.54 33.65 -16.65
CA LYS E 614 -18.63 34.75 -16.94
C LYS E 614 -17.19 34.24 -16.85
N LYS E 615 -16.23 35.18 -16.77
CA LYS E 615 -14.77 35.04 -16.76
C LYS E 615 -14.19 34.59 -18.10
N ASN E 616 -15.04 34.39 -19.13
CA ASN E 616 -14.64 34.10 -20.52
C ASN E 616 -13.80 32.81 -20.61
N VAL E 617 -14.40 31.71 -20.22
CA VAL E 617 -13.79 30.39 -20.39
C VAL E 617 -14.51 29.71 -21.55
N PHE E 618 -13.73 29.11 -22.45
CA PHE E 618 -14.25 28.58 -23.70
C PHE E 618 -13.71 27.18 -23.89
N ILE E 619 -14.54 26.30 -24.45
CA ILE E 619 -14.26 24.87 -24.48
C ILE E 619 -14.58 24.31 -25.87
N ILE E 620 -13.70 23.44 -26.37
CA ILE E 620 -13.90 22.75 -27.64
C ILE E 620 -13.67 21.26 -27.42
N GLY E 621 -14.68 20.45 -27.74
CA GLY E 621 -14.52 19.01 -27.82
C GLY E 621 -14.36 18.55 -29.27
N ALA E 622 -13.94 17.29 -29.41
CA ALA E 622 -13.76 16.72 -30.73
C ALA E 622 -13.93 15.21 -30.65
N THR E 623 -14.44 14.62 -31.73
CA THR E 623 -14.62 13.18 -31.82
C THR E 623 -14.56 12.78 -33.29
N ASN E 624 -14.81 11.50 -33.55
CA ASN E 624 -14.88 10.98 -34.91
C ASN E 624 -16.21 10.32 -35.22
N ARG E 625 -16.71 9.46 -34.34
CA ARG E 625 -17.97 8.78 -34.58
C ARG E 625 -19.06 9.45 -33.77
N PRO E 626 -20.09 10.02 -34.41
CA PRO E 626 -21.22 10.58 -33.64
C PRO E 626 -22.25 9.54 -33.24
N ASP E 627 -22.07 8.28 -33.61
CA ASP E 627 -23.05 7.25 -33.28
C ASP E 627 -23.04 6.90 -31.81
N ILE E 628 -21.86 6.71 -31.22
CA ILE E 628 -21.76 6.25 -29.85
C ILE E 628 -21.51 7.39 -28.87
N ILE E 629 -21.64 8.62 -29.31
CA ILE E 629 -21.48 9.76 -28.41
C ILE E 629 -22.74 9.90 -27.57
N ASP E 630 -22.58 10.44 -26.37
CA ASP E 630 -23.70 10.59 -25.44
C ASP E 630 -24.47 11.87 -25.76
N PRO E 631 -25.78 11.80 -26.02
CA PRO E 631 -26.57 13.02 -26.23
C PRO E 631 -26.77 13.86 -24.98
N ALA E 632 -26.42 13.35 -23.80
CA ALA E 632 -26.45 14.16 -22.58
C ALA E 632 -25.40 15.26 -22.61
N ILE E 633 -24.31 15.06 -23.37
CA ILE E 633 -23.31 16.09 -23.54
C ILE E 633 -23.83 17.19 -24.46
N LEU E 634 -24.76 16.85 -25.35
CA LEU E 634 -25.17 17.75 -26.42
C LEU E 634 -26.24 18.75 -26.01
N ARG E 635 -26.61 18.80 -24.73
CA ARG E 635 -27.67 19.67 -24.27
C ARG E 635 -27.23 21.14 -24.28
N PRO E 636 -28.19 22.08 -24.38
CA PRO E 636 -27.83 23.51 -24.30
C PRO E 636 -27.25 23.90 -22.95
N GLY E 637 -26.38 24.91 -22.99
CA GLY E 637 -25.51 25.25 -21.89
C GLY E 637 -24.17 24.56 -21.96
N ARG E 638 -24.16 23.35 -22.50
CA ARG E 638 -22.97 22.56 -22.80
C ARG E 638 -22.56 22.88 -24.24
N LEU E 639 -21.83 21.99 -24.89
CA LEU E 639 -21.47 22.19 -26.30
C LEU E 639 -22.71 22.08 -27.17
N ASP E 640 -23.43 23.20 -27.32
CA ASP E 640 -24.71 23.20 -28.03
C ASP E 640 -24.52 23.13 -29.54
N GLN E 641 -23.57 23.89 -30.09
CA GLN E 641 -23.37 23.88 -31.52
C GLN E 641 -22.56 22.67 -31.95
N LEU E 642 -22.90 22.14 -33.13
CA LEU E 642 -22.22 20.97 -33.71
C LEU E 642 -21.75 21.35 -35.10
N ILE E 643 -20.55 21.91 -35.18
CA ILE E 643 -20.01 22.36 -36.46
C ILE E 643 -19.39 21.17 -37.18
N TYR E 644 -19.93 20.84 -38.35
CA TYR E 644 -19.43 19.73 -39.13
C TYR E 644 -18.25 20.17 -39.98
N ILE E 645 -17.23 19.33 -40.04
CA ILE E 645 -16.04 19.59 -40.85
C ILE E 645 -16.11 18.68 -42.08
N PRO E 646 -16.26 19.23 -43.28
CA PRO E 646 -16.31 18.38 -44.48
C PRO E 646 -14.92 18.01 -44.97
N LEU E 647 -14.86 17.40 -46.15
CA LEU E 647 -13.58 17.05 -46.75
C LEU E 647 -12.82 18.33 -47.15
N PRO E 648 -11.50 18.35 -47.03
CA PRO E 648 -10.74 19.57 -47.31
C PRO E 648 -10.66 19.88 -48.79
N ASP E 649 -10.15 21.08 -49.08
CA ASP E 649 -10.08 21.64 -50.40
C ASP E 649 -8.68 21.40 -50.99
N GLU E 650 -8.38 22.06 -52.10
CA GLU E 650 -7.18 21.79 -52.89
C GLU E 650 -6.04 22.75 -52.59
N LYS E 651 -6.14 23.55 -51.54
CA LYS E 651 -5.13 24.55 -51.22
C LYS E 651 -4.61 24.43 -49.80
N SER E 652 -4.62 23.21 -49.24
CA SER E 652 -4.27 23.03 -47.84
C SER E 652 -2.78 22.84 -47.64
N ARG E 653 -2.12 22.07 -48.49
CA ARG E 653 -0.74 21.65 -48.30
C ARG E 653 0.26 22.67 -48.82
N VAL E 654 -0.19 23.87 -49.20
CA VAL E 654 0.68 24.88 -49.78
C VAL E 654 1.70 25.37 -48.74
N ALA E 655 1.26 25.58 -47.51
CA ALA E 655 2.15 26.01 -46.44
C ALA E 655 3.02 24.88 -45.90
N ILE E 656 2.67 23.62 -46.18
CA ILE E 656 3.52 22.52 -45.78
C ILE E 656 4.81 22.50 -46.60
N LEU E 657 4.69 22.79 -47.91
CA LEU E 657 5.89 22.96 -48.73
C LEU E 657 6.66 24.21 -48.36
N LYS E 658 5.96 25.22 -47.84
CA LYS E 658 6.62 26.40 -47.30
C LYS E 658 7.45 26.06 -46.07
N ALA E 659 6.97 25.12 -45.26
CA ALA E 659 7.66 24.71 -44.03
C ALA E 659 8.70 23.64 -44.35
N ASN E 660 9.75 24.06 -45.04
CA ASN E 660 10.85 23.17 -45.40
C ASN E 660 12.14 23.97 -45.58
N VAL E 666 11.68 24.70 -49.00
CA VAL E 666 11.91 24.20 -50.36
C VAL E 666 10.59 24.09 -51.09
N ALA E 667 10.29 25.10 -51.93
CA ALA E 667 9.04 25.10 -52.70
C ALA E 667 9.30 25.88 -53.98
N LYS E 668 9.52 25.15 -55.08
CA LYS E 668 9.80 25.79 -56.37
C LYS E 668 9.46 24.82 -57.49
N ASP E 669 8.70 25.32 -58.48
CA ASP E 669 8.46 24.68 -59.78
C ASP E 669 7.82 23.29 -59.65
N VAL E 670 6.90 23.15 -58.71
CA VAL E 670 6.17 21.91 -58.50
C VAL E 670 4.69 22.17 -58.77
N ASP E 671 4.05 21.24 -59.46
CA ASP E 671 2.65 21.40 -59.88
C ASP E 671 1.74 20.82 -58.80
N LEU E 672 1.22 21.70 -57.94
CA LEU E 672 0.29 21.26 -56.91
C LEU E 672 -1.07 20.91 -57.50
N GLU E 673 -1.43 21.54 -58.62
CA GLU E 673 -2.69 21.22 -59.28
C GLU E 673 -2.67 19.82 -59.91
N PHE E 674 -1.49 19.24 -60.13
CA PHE E 674 -1.41 17.84 -60.52
C PHE E 674 -1.73 16.92 -59.34
N LEU E 675 -1.28 17.29 -58.14
CA LEU E 675 -1.59 16.50 -56.95
C LEU E 675 -3.07 16.60 -56.59
N ALA E 676 -3.65 17.80 -56.70
CA ALA E 676 -5.09 17.93 -56.52
C ALA E 676 -5.87 17.37 -57.70
N LYS E 677 -5.21 17.22 -58.86
CA LYS E 677 -5.85 16.61 -60.01
C LYS E 677 -5.97 15.10 -59.83
N MET E 678 -4.91 14.46 -59.34
CA MET E 678 -4.92 13.01 -59.18
C MET E 678 -5.71 12.57 -57.96
N THR E 679 -5.94 13.49 -57.01
CA THR E 679 -6.82 13.30 -55.83
C THR E 679 -6.40 12.10 -54.97
N ASN E 680 -5.10 11.90 -54.80
CA ASN E 680 -4.65 10.81 -53.94
C ASN E 680 -4.67 11.27 -52.48
N GLY E 681 -5.31 10.47 -51.63
CA GLY E 681 -5.55 10.87 -50.26
C GLY E 681 -6.60 11.96 -50.08
N PHE E 682 -7.28 12.35 -51.16
CA PHE E 682 -8.15 13.53 -51.14
C PHE E 682 -9.43 13.29 -50.36
N SER E 683 -9.82 12.04 -50.18
CA SER E 683 -10.92 11.73 -49.28
C SER E 683 -10.45 11.97 -47.86
N GLY E 684 -10.72 13.17 -47.35
CA GLY E 684 -10.19 13.58 -46.07
C GLY E 684 -8.84 14.23 -46.20
N ALA E 685 -8.33 14.68 -45.05
CA ALA E 685 -7.03 15.34 -44.98
C ALA E 685 -5.90 14.32 -44.92
N ASP E 686 -4.73 14.79 -44.47
CA ASP E 686 -3.47 14.04 -44.40
C ASP E 686 -3.00 13.66 -45.80
N LEU E 687 -3.05 14.64 -46.70
CA LEU E 687 -2.17 14.65 -47.86
C LEU E 687 -0.74 15.00 -47.47
N THR E 688 -0.55 15.52 -46.25
CA THR E 688 0.78 15.73 -45.70
C THR E 688 1.53 14.42 -45.49
N GLU E 689 0.82 13.29 -45.36
CA GLU E 689 1.48 11.99 -45.42
C GLU E 689 2.13 11.77 -46.78
N ILE E 690 1.44 12.14 -47.86
CA ILE E 690 2.00 12.03 -49.20
C ILE E 690 3.13 13.04 -49.40
N CYS E 691 2.98 14.24 -48.83
CA CYS E 691 4.04 15.23 -48.88
C CYS E 691 5.29 14.76 -48.14
N GLN E 692 5.10 14.13 -46.98
CA GLN E 692 6.21 13.53 -46.24
C GLN E 692 6.78 12.33 -46.97
N ARG E 693 5.96 11.60 -47.73
CA ARG E 693 6.46 10.51 -48.56
C ARG E 693 7.38 11.02 -49.66
N ALA E 694 6.97 12.11 -50.34
CA ALA E 694 7.84 12.72 -51.35
C ALA E 694 9.07 13.35 -50.71
N CYS E 695 8.94 13.87 -49.49
CA CYS E 695 10.07 14.39 -48.75
C CYS E 695 11.07 13.27 -48.43
N LYS E 696 10.57 12.10 -48.02
CA LYS E 696 11.43 10.96 -47.76
C LYS E 696 12.06 10.42 -49.04
N LEU E 697 11.33 10.51 -50.16
CA LEU E 697 11.91 10.13 -51.46
C LEU E 697 13.05 11.05 -51.85
N ALA E 698 12.90 12.36 -51.61
CA ALA E 698 13.99 13.31 -51.85
C ALA E 698 15.16 13.05 -50.91
N ILE E 699 14.88 12.71 -49.65
CA ILE E 699 15.93 12.41 -48.68
C ILE E 699 16.70 11.15 -49.07
N ARG E 700 15.97 10.12 -49.55
CA ARG E 700 16.60 8.90 -50.02
C ARG E 700 17.46 9.14 -51.25
N GLU E 701 16.99 9.98 -52.17
CA GLU E 701 17.80 10.35 -53.33
C GLU E 701 19.03 11.15 -52.92
N SER E 702 18.89 12.05 -51.94
CA SER E 702 20.03 12.85 -51.48
C SER E 702 21.07 12.00 -50.78
N ILE E 703 20.63 11.00 -49.99
CA ILE E 703 21.62 10.18 -49.30
C ILE E 703 22.23 9.16 -50.26
N GLU E 704 21.50 8.76 -51.32
CA GLU E 704 22.12 7.98 -52.39
C GLU E 704 23.18 8.81 -53.12
N SER E 705 22.88 10.10 -53.35
CA SER E 705 23.84 11.01 -53.96
C SER E 705 25.09 11.17 -53.09
N GLU E 706 24.90 11.32 -51.78
CA GLU E 706 26.03 11.44 -50.87
C GLU E 706 26.83 10.15 -50.78
N ILE E 707 26.15 8.99 -50.86
CA ILE E 707 26.85 7.71 -50.75
C ILE E 707 27.73 7.48 -51.98
N ARG E 708 27.20 7.71 -53.19
CA ARG E 708 28.13 7.48 -54.29
C ARG E 708 29.04 8.69 -54.53
N ARG E 709 28.77 9.83 -53.90
CA ARG E 709 29.74 10.93 -53.87
C ARG E 709 30.93 10.59 -52.98
N GLU E 710 30.68 9.91 -51.86
CA GLU E 710 31.80 9.38 -51.08
C GLU E 710 32.50 8.24 -51.80
N ARG E 711 31.74 7.48 -52.61
CA ARG E 711 32.36 6.48 -53.48
C ARG E 711 33.22 7.11 -54.57
N GLU E 712 32.95 8.36 -54.95
CA GLU E 712 33.78 9.03 -55.96
C GLU E 712 35.20 9.26 -55.46
N ARG E 713 35.37 9.64 -54.19
CA ARG E 713 36.69 9.85 -53.63
C ARG E 713 36.89 9.07 -52.34
N ASP E 726 26.09 20.07 -56.50
CA ASP E 726 24.76 19.68 -56.95
C ASP E 726 24.15 18.54 -56.13
N PRO E 727 23.62 18.87 -54.95
CA PRO E 727 23.05 17.83 -54.09
C PRO E 727 21.58 17.57 -54.36
N VAL E 728 21.09 18.09 -55.49
CA VAL E 728 19.69 18.20 -55.89
C VAL E 728 18.95 18.91 -54.74
N PRO E 729 19.11 20.25 -54.61
CA PRO E 729 18.41 21.00 -53.56
C PRO E 729 17.03 21.48 -54.01
N GLU E 730 16.25 20.58 -54.60
CA GLU E 730 14.98 20.93 -55.20
C GLU E 730 14.14 19.67 -55.32
N ILE E 731 13.02 19.62 -54.61
CA ILE E 731 12.09 18.50 -54.74
C ILE E 731 11.44 18.55 -56.12
N ARG E 732 11.13 17.38 -56.66
CA ARG E 732 10.80 17.26 -58.07
C ARG E 732 9.47 16.55 -58.26
N ARG E 733 9.07 16.46 -59.53
CA ARG E 733 7.76 15.91 -59.89
C ARG E 733 7.72 14.40 -59.75
N ASP E 734 8.86 13.73 -59.92
CA ASP E 734 8.89 12.28 -59.93
C ASP E 734 8.67 11.70 -58.54
N HIS E 735 9.01 12.46 -57.49
CA HIS E 735 8.70 12.03 -56.13
C HIS E 735 7.19 11.97 -55.91
N PHE E 736 6.47 12.98 -56.39
CA PHE E 736 5.01 12.96 -56.34
C PHE E 736 4.44 11.86 -57.24
N GLU E 737 5.11 11.61 -58.38
CA GLU E 737 4.65 10.58 -59.30
C GLU E 737 4.77 9.19 -58.70
N GLU E 738 5.85 8.92 -57.96
CA GLU E 738 5.98 7.64 -57.29
C GLU E 738 5.10 7.55 -56.05
N ALA E 739 4.91 8.66 -55.33
CA ALA E 739 4.04 8.65 -54.16
C ALA E 739 2.57 8.54 -54.53
N MET E 740 2.23 8.85 -55.79
CA MET E 740 0.88 8.59 -56.31
C MET E 740 0.54 7.10 -56.26
N ARG E 741 1.50 6.24 -56.59
CA ARG E 741 1.27 4.80 -56.60
C ARG E 741 1.13 4.27 -55.17
N PHE E 742 1.91 4.79 -54.23
CA PHE E 742 1.80 4.40 -52.83
C PHE E 742 0.98 5.45 -52.10
N ALA E 743 -0.34 5.39 -52.33
CA ALA E 743 -1.26 6.33 -51.73
C ALA E 743 -2.61 5.66 -51.59
N ARG E 744 -3.09 5.53 -50.35
CA ARG E 744 -4.38 4.93 -50.06
C ARG E 744 -5.28 5.97 -49.42
N ARG E 745 -6.58 5.90 -49.76
CA ARG E 745 -7.55 6.82 -49.20
C ARG E 745 -7.76 6.53 -47.72
N SER E 746 -7.83 7.58 -46.91
CA SER E 746 -8.04 7.43 -45.48
C SER E 746 -9.48 7.06 -45.15
N VAL E 747 -10.43 7.30 -46.06
CA VAL E 747 -11.82 7.01 -45.83
C VAL E 747 -12.48 6.71 -47.17
N SER E 748 -13.46 5.82 -47.16
CA SER E 748 -14.22 5.49 -48.35
C SER E 748 -15.42 6.41 -48.49
N ASP E 749 -15.92 6.53 -49.73
CA ASP E 749 -17.02 7.43 -50.04
C ASP E 749 -18.35 6.99 -49.42
N ASN E 750 -18.48 5.69 -49.11
CA ASN E 750 -19.67 5.23 -48.39
C ASN E 750 -19.73 5.82 -46.99
N ASP E 751 -18.59 5.85 -46.30
CA ASP E 751 -18.54 6.49 -44.99
C ASP E 751 -18.65 8.00 -45.08
N ILE E 752 -18.21 8.59 -46.19
CA ILE E 752 -18.41 10.02 -46.43
C ILE E 752 -19.89 10.34 -46.58
N ARG E 753 -20.62 9.47 -47.29
CA ARG E 753 -22.07 9.64 -47.39
C ARG E 753 -22.76 9.37 -46.05
N LYS E 754 -22.19 8.48 -45.23
CA LYS E 754 -22.70 8.28 -43.89
C LYS E 754 -22.53 9.53 -43.02
N TYR E 755 -21.37 10.20 -43.13
CA TYR E 755 -21.17 11.47 -42.45
C TYR E 755 -22.04 12.57 -43.00
N GLU E 756 -22.34 12.53 -44.31
CA GLU E 756 -23.28 13.49 -44.88
C GLU E 756 -24.70 13.25 -44.36
N MET E 757 -25.04 11.99 -44.10
CA MET E 757 -26.26 11.69 -43.38
C MET E 757 -26.18 12.07 -41.91
N PHE E 758 -24.96 12.21 -41.37
CA PHE E 758 -24.73 12.66 -40.00
C PHE E 758 -24.66 14.17 -39.87
N ALA E 759 -25.17 14.91 -40.86
CA ALA E 759 -25.33 16.35 -40.71
C ALA E 759 -26.38 16.68 -39.64
N GLN E 760 -27.40 15.84 -39.53
CA GLN E 760 -28.37 15.94 -38.45
C GLN E 760 -27.99 15.06 -37.26
N THR E 761 -26.76 15.22 -36.78
CA THR E 761 -26.28 14.45 -35.63
C THR E 761 -26.85 14.94 -34.32
N LEU E 762 -27.49 16.10 -34.31
CA LEU E 762 -28.25 16.56 -33.16
C LEU E 762 -29.66 16.00 -33.12
N GLN E 763 -30.05 15.24 -34.14
CA GLN E 763 -31.32 14.51 -34.18
C GLN E 763 -31.17 13.11 -33.62
N GLN E 764 -30.57 12.96 -32.44
CA GLN E 764 -30.28 11.65 -31.86
C GLN E 764 -30.85 11.62 -30.44
N SER E 765 -32.13 11.25 -30.33
CA SER E 765 -32.77 11.01 -29.05
C SER E 765 -33.70 9.80 -29.10
N ARG E 766 -33.36 8.81 -29.93
CA ARG E 766 -34.24 7.68 -30.16
C ARG E 766 -34.26 6.74 -28.96
N GLY E 767 -35.46 6.37 -28.52
CA GLY E 767 -35.62 5.47 -27.40
C GLY E 767 -37.08 5.18 -27.09
N ALA F 15 34.82 15.13 -28.43
CA ALA F 15 34.22 14.03 -29.18
C ALA F 15 33.04 13.43 -28.43
N ILE F 16 32.70 12.18 -28.78
CA ILE F 16 31.60 11.51 -28.10
C ILE F 16 31.98 11.12 -26.68
N LEU F 17 33.23 10.70 -26.45
CA LEU F 17 33.72 10.33 -25.12
C LEU F 17 35.22 10.65 -25.10
N LYS F 18 35.55 11.85 -24.64
CA LYS F 18 36.94 12.30 -24.58
C LYS F 18 37.52 12.11 -23.18
N GLN F 19 37.62 10.85 -22.78
CA GLN F 19 38.30 10.47 -21.55
C GLN F 19 39.00 9.13 -21.81
N LYS F 20 39.49 8.54 -20.72
CA LYS F 20 40.32 7.31 -20.72
C LYS F 20 41.55 7.48 -21.62
N ASN F 21 42.18 8.64 -21.55
CA ASN F 21 43.30 9.00 -22.40
C ASN F 21 44.60 8.89 -21.62
N ARG F 22 45.59 8.24 -22.21
CA ARG F 22 46.93 8.25 -21.65
C ARG F 22 47.63 9.55 -22.02
N PRO F 23 48.12 10.33 -21.06
CA PRO F 23 48.86 11.55 -21.38
C PRO F 23 50.31 11.26 -21.74
N ASN F 24 51.12 12.30 -21.87
CA ASN F 24 52.56 12.13 -22.13
C ASN F 24 53.23 11.60 -20.85
N ARG F 25 53.11 10.29 -20.67
CA ARG F 25 53.41 9.64 -19.41
C ARG F 25 54.37 8.49 -19.67
N LEU F 26 55.18 8.15 -18.66
CA LEU F 26 56.24 7.17 -18.82
C LEU F 26 55.71 5.76 -18.52
N ILE F 27 56.28 4.76 -19.19
CA ILE F 27 55.70 3.42 -19.26
C ILE F 27 56.36 2.51 -18.22
N VAL F 28 55.56 1.62 -17.63
CA VAL F 28 55.99 0.73 -16.56
C VAL F 28 56.06 -0.71 -17.09
N ASP F 29 57.14 -1.41 -16.76
CA ASP F 29 57.28 -2.83 -17.05
C ASP F 29 58.07 -3.47 -15.91
N GLU F 30 58.55 -4.69 -16.12
CA GLU F 30 59.19 -5.49 -15.07
C GLU F 30 60.61 -5.86 -15.46
N ALA F 31 61.56 -5.54 -14.58
CA ALA F 31 62.97 -5.82 -14.79
C ALA F 31 63.42 -7.05 -14.00
N ILE F 32 64.71 -7.35 -14.09
CA ILE F 32 65.29 -8.53 -13.45
C ILE F 32 66.53 -8.13 -12.65
N ASN F 33 66.58 -6.88 -12.22
CA ASN F 33 67.76 -6.36 -11.52
C ASN F 33 67.83 -6.90 -10.09
N GLU F 34 69.05 -7.03 -9.58
CA GLU F 34 69.24 -7.50 -8.21
C GLU F 34 68.89 -6.40 -7.20
N ASP F 35 69.23 -5.15 -7.50
CA ASP F 35 69.06 -4.05 -6.56
C ASP F 35 67.59 -3.72 -6.36
N ASN F 36 67.20 -3.50 -5.11
CA ASN F 36 65.81 -3.28 -4.75
C ASN F 36 65.45 -1.79 -4.73
N SER F 37 66.21 -1.00 -3.97
CA SER F 37 65.99 0.44 -3.94
C SER F 37 66.59 1.15 -5.15
N VAL F 38 67.40 0.47 -5.93
CA VAL F 38 67.90 1.00 -7.20
C VAL F 38 67.20 0.25 -8.32
N VAL F 39 66.42 0.95 -9.13
CA VAL F 39 65.78 0.39 -10.30
C VAL F 39 66.40 1.00 -11.55
N SER F 40 66.08 0.43 -12.70
CA SER F 40 66.72 0.79 -13.96
C SER F 40 65.77 1.59 -14.83
N LEU F 41 66.26 2.69 -15.37
CA LEU F 41 65.51 3.58 -16.25
C LEU F 41 66.29 3.76 -17.54
N SER F 42 65.55 4.05 -18.61
CA SER F 42 66.12 4.10 -19.95
C SER F 42 67.04 5.30 -20.13
N GLN F 43 68.24 5.04 -20.65
CA GLN F 43 69.24 6.06 -20.93
C GLN F 43 68.81 7.09 -21.99
N PRO F 44 68.17 6.72 -23.13
CA PRO F 44 67.53 7.78 -23.93
C PRO F 44 66.42 8.53 -23.21
N LYS F 45 65.66 7.86 -22.33
CA LYS F 45 64.68 8.58 -21.52
C LYS F 45 65.37 9.37 -20.41
N MET F 46 66.54 8.93 -19.97
CA MET F 46 67.33 9.72 -19.02
C MET F 46 67.82 11.01 -19.67
N ASP F 47 68.21 10.94 -20.95
CA ASP F 47 68.61 12.15 -21.65
C ASP F 47 67.40 13.01 -22.02
N GLU F 48 66.25 12.39 -22.27
CA GLU F 48 65.05 13.15 -22.64
C GLU F 48 64.48 13.89 -21.43
N LEU F 49 64.37 13.22 -20.30
CA LEU F 49 63.82 13.82 -19.09
C LEU F 49 64.87 14.55 -18.26
N GLN F 50 66.12 14.62 -18.77
CA GLN F 50 67.25 15.33 -18.16
C GLN F 50 67.59 14.79 -16.77
N LEU F 51 67.35 13.50 -16.56
CA LEU F 51 67.63 12.88 -15.27
C LEU F 51 69.11 12.57 -15.13
N PHE F 52 69.55 12.50 -13.89
CA PHE F 52 70.94 12.21 -13.58
C PHE F 52 71.13 10.70 -13.46
N ARG F 53 72.38 10.26 -13.40
CA ARG F 53 72.66 8.83 -13.29
C ARG F 53 72.32 8.32 -11.89
N GLY F 54 72.73 9.05 -10.85
CA GLY F 54 72.51 8.54 -9.52
C GLY F 54 71.31 9.06 -8.77
N ASP F 55 70.50 9.93 -9.38
CA ASP F 55 69.46 10.60 -8.62
C ASP F 55 68.24 9.71 -8.44
N THR F 56 67.56 9.90 -7.30
CA THR F 56 66.33 9.20 -6.99
C THR F 56 65.13 10.12 -7.25
N VAL F 57 64.04 9.52 -7.72
CA VAL F 57 62.82 10.23 -8.06
C VAL F 57 61.63 9.45 -7.51
N LEU F 58 60.43 9.95 -7.81
CA LEU F 58 59.17 9.28 -7.48
C LEU F 58 58.54 8.79 -8.77
N LEU F 59 58.16 7.52 -8.80
CA LEU F 59 57.47 6.91 -9.93
C LEU F 59 56.01 6.73 -9.54
N LYS F 60 55.13 7.52 -10.17
CA LYS F 60 53.75 7.66 -9.71
C LYS F 60 52.88 6.57 -10.32
N GLY F 61 52.70 5.48 -9.58
CA GLY F 61 51.75 4.47 -9.96
C GLY F 61 50.34 4.84 -9.54
N LYS F 62 49.42 3.92 -9.80
CA LYS F 62 48.01 4.16 -9.50
C LYS F 62 47.69 3.68 -8.08
N LYS F 63 46.37 3.68 -7.76
CA LYS F 63 45.82 3.30 -6.45
C LYS F 63 46.40 4.15 -5.30
N ARG F 64 46.67 5.43 -5.61
CA ARG F 64 47.27 6.40 -4.69
C ARG F 64 48.60 5.91 -4.12
N ARG F 65 49.39 5.24 -4.96
CA ARG F 65 50.65 4.65 -4.53
C ARG F 65 51.78 5.12 -5.44
N GLU F 66 52.83 5.66 -4.84
CA GLU F 66 54.04 6.05 -5.54
C GLU F 66 55.21 5.25 -4.98
N ALA F 67 56.32 5.26 -5.70
CA ALA F 67 57.51 4.52 -5.30
C ALA F 67 58.73 5.41 -5.40
N VAL F 68 59.56 5.40 -4.36
CA VAL F 68 60.82 6.12 -4.35
C VAL F 68 61.97 5.13 -4.56
N CYS F 69 62.72 5.33 -5.64
CA CYS F 69 63.82 4.46 -6.00
C CYS F 69 64.88 5.29 -6.73
N ILE F 70 66.12 4.82 -6.67
CA ILE F 70 67.19 5.43 -7.46
C ILE F 70 67.11 4.86 -8.87
N VAL F 71 66.96 5.74 -9.85
CA VAL F 71 66.93 5.34 -11.25
C VAL F 71 68.34 5.55 -11.83
N LEU F 72 68.93 4.47 -12.31
CA LEU F 72 70.27 4.49 -12.89
C LEU F 72 70.16 4.69 -14.39
N SER F 73 71.28 4.49 -15.11
CA SER F 73 71.30 4.47 -16.57
C SER F 73 71.50 3.06 -17.10
N ASP F 74 70.95 2.06 -16.41
CA ASP F 74 71.19 0.66 -16.74
C ASP F 74 70.41 0.25 -17.98
N ASP F 75 71.07 -0.50 -18.86
CA ASP F 75 70.44 -1.11 -20.01
C ASP F 75 69.95 -2.53 -19.74
N THR F 76 70.00 -2.97 -18.49
CA THR F 76 69.51 -4.31 -18.14
C THR F 76 68.00 -4.41 -18.30
N CYS F 77 67.28 -3.32 -18.05
CA CYS F 77 65.86 -3.25 -18.36
C CYS F 77 65.70 -2.76 -19.79
N SER F 78 64.47 -2.40 -20.17
CA SER F 78 64.22 -1.92 -21.52
C SER F 78 64.78 -0.51 -21.71
N ASP F 79 65.32 -0.26 -22.91
CA ASP F 79 65.81 1.06 -23.25
C ASP F 79 64.72 1.99 -23.76
N GLU F 80 63.47 1.51 -23.79
CA GLU F 80 62.29 2.33 -24.05
C GLU F 80 61.36 2.39 -22.85
N LYS F 81 61.14 1.27 -22.18
CA LYS F 81 60.23 1.19 -21.04
C LYS F 81 61.02 1.15 -19.75
N ILE F 82 60.54 1.89 -18.74
CA ILE F 82 61.19 1.90 -17.44
C ILE F 82 60.66 0.73 -16.62
N ARG F 83 61.54 -0.22 -16.31
CA ARG F 83 61.16 -1.46 -15.65
C ARG F 83 61.84 -1.57 -14.30
N MET F 84 61.15 -2.20 -13.35
CA MET F 84 61.67 -2.32 -11.99
C MET F 84 61.55 -3.75 -11.45
N ASN F 85 61.80 -3.91 -10.16
CA ASN F 85 61.87 -5.21 -9.52
C ASN F 85 60.48 -5.82 -9.35
N ARG F 86 60.46 -7.11 -9.01
CA ARG F 86 59.22 -7.79 -8.69
C ARG F 86 58.72 -7.39 -7.30
N VAL F 87 59.64 -7.10 -6.38
CA VAL F 87 59.26 -6.66 -5.04
C VAL F 87 58.69 -5.26 -5.08
N VAL F 88 59.33 -4.36 -5.86
CA VAL F 88 58.85 -3.00 -6.05
C VAL F 88 57.51 -3.00 -6.77
N ARG F 89 57.28 -3.97 -7.65
CA ARG F 89 55.98 -4.16 -8.29
C ARG F 89 54.91 -4.48 -7.26
N ASN F 90 55.24 -5.32 -6.27
CA ASN F 90 54.32 -5.55 -5.16
C ASN F 90 54.25 -4.34 -4.24
N ASN F 91 55.33 -3.57 -4.14
CA ASN F 91 55.33 -2.36 -3.32
C ASN F 91 54.47 -1.27 -3.95
N LEU F 92 54.55 -1.11 -5.28
CA LEU F 92 53.80 -0.08 -5.97
C LEU F 92 52.35 -0.48 -6.19
N ARG F 93 52.05 -1.78 -6.05
CA ARG F 93 50.69 -2.35 -6.19
C ARG F 93 50.07 -2.04 -7.54
N VAL F 94 50.87 -2.16 -8.59
CA VAL F 94 50.39 -1.85 -9.94
C VAL F 94 50.39 -3.11 -10.79
N ARG F 95 49.94 -2.97 -12.04
CA ARG F 95 49.87 -4.04 -13.02
C ARG F 95 50.86 -3.74 -14.13
N LEU F 96 51.24 -4.77 -14.88
CA LEU F 96 52.09 -4.60 -16.05
C LEU F 96 51.43 -3.70 -17.08
N GLY F 97 52.22 -2.81 -17.67
CA GLY F 97 51.71 -1.89 -18.66
C GLY F 97 51.01 -0.67 -18.10
N ASP F 98 51.32 -0.28 -16.86
CA ASP F 98 50.75 0.92 -16.28
C ASP F 98 51.61 2.13 -16.63
N VAL F 99 51.37 3.27 -15.99
CA VAL F 99 52.01 4.54 -16.31
C VAL F 99 52.59 5.16 -15.05
N ILE F 100 53.64 5.97 -15.24
CA ILE F 100 54.26 6.72 -14.14
C ILE F 100 54.60 8.13 -14.61
N SER F 101 54.36 9.10 -13.75
CA SER F 101 54.85 10.45 -13.98
C SER F 101 56.26 10.61 -13.44
N ILE F 102 57.00 11.53 -14.03
CA ILE F 102 58.37 11.79 -13.64
C ILE F 102 58.45 13.14 -12.94
N GLN F 103 59.04 13.16 -11.75
CA GLN F 103 59.27 14.39 -11.01
C GLN F 103 60.56 14.29 -10.22
N PRO F 104 61.49 15.25 -10.41
CA PRO F 104 62.84 15.09 -9.87
C PRO F 104 63.02 15.65 -8.47
N CYS F 105 61.91 15.87 -7.73
CA CYS F 105 61.97 16.50 -6.42
C CYS F 105 62.67 15.59 -5.41
N PRO F 106 63.75 16.04 -4.77
CA PRO F 106 64.52 15.15 -3.91
C PRO F 106 63.83 14.89 -2.58
N ASP F 107 64.29 13.82 -1.91
CA ASP F 107 63.71 13.40 -0.64
C ASP F 107 64.80 13.01 0.36
N VAL F 108 65.92 13.75 0.35
CA VAL F 108 67.10 13.36 1.13
C VAL F 108 66.99 13.94 2.54
N LYS F 109 66.28 13.21 3.38
CA LYS F 109 66.23 13.46 4.82
C LYS F 109 66.57 12.15 5.52
N TYR F 110 67.37 12.23 6.57
CA TYR F 110 67.81 11.01 7.24
C TYR F 110 66.72 10.45 8.15
N GLY F 111 66.87 9.17 8.50
CA GLY F 111 65.91 8.53 9.38
C GLY F 111 66.04 9.00 10.81
N LYS F 112 64.97 8.79 11.59
CA LYS F 112 64.90 9.38 12.92
C LYS F 112 64.82 8.37 14.05
N ARG F 113 63.87 7.44 14.02
CA ARG F 113 63.58 6.68 15.24
C ARG F 113 63.08 5.28 14.88
N ILE F 114 62.45 4.62 15.86
CA ILE F 114 61.92 3.28 15.68
C ILE F 114 60.73 3.29 14.73
N HIS F 115 60.79 2.46 13.68
CA HIS F 115 59.74 2.51 12.67
C HIS F 115 59.30 1.17 12.10
N VAL F 116 60.10 0.10 12.13
CA VAL F 116 59.80 -1.10 11.37
C VAL F 116 58.79 -1.97 12.10
N LEU F 117 58.29 -3.00 11.43
CA LEU F 117 57.48 -4.04 12.06
C LEU F 117 58.03 -5.39 11.62
N PRO F 118 58.46 -6.25 12.54
CA PRO F 118 59.02 -7.55 12.16
C PRO F 118 57.98 -8.51 11.60
N ILE F 119 58.19 -8.93 10.36
CA ILE F 119 57.44 -10.01 9.73
C ILE F 119 58.36 -11.22 9.67
N ASP F 120 57.91 -12.35 10.21
CA ASP F 120 58.78 -13.45 10.61
C ASP F 120 58.79 -14.61 9.63
N ASP F 121 58.80 -14.35 8.31
CA ASP F 121 58.81 -15.45 7.36
C ASP F 121 60.19 -16.12 7.25
N THR F 122 61.22 -15.38 6.83
CA THR F 122 62.61 -15.88 6.77
C THR F 122 63.49 -14.75 7.31
N VAL F 123 63.70 -14.74 8.63
CA VAL F 123 64.43 -13.66 9.28
C VAL F 123 65.47 -14.23 10.24
N GLU F 124 66.42 -13.38 10.61
CA GLU F 124 67.42 -13.68 11.62
C GLU F 124 67.26 -12.70 12.77
N GLY F 125 67.12 -13.21 13.99
CA GLY F 125 66.87 -12.33 15.12
C GLY F 125 65.48 -11.73 15.06
N ILE F 126 64.47 -12.56 15.33
CA ILE F 126 63.04 -12.37 15.05
C ILE F 126 62.51 -10.98 15.37
N THR F 127 62.87 -10.45 16.53
CA THR F 127 62.51 -9.08 16.87
C THR F 127 63.54 -8.08 16.36
N GLY F 128 64.83 -8.37 16.54
CA GLY F 128 65.90 -7.54 16.02
C GLY F 128 66.27 -6.36 16.89
N ASN F 129 65.47 -5.29 16.79
CA ASN F 129 65.52 -4.11 17.68
C ASN F 129 66.88 -3.41 17.64
N LEU F 130 67.17 -2.83 16.47
CA LEU F 130 68.21 -1.85 16.15
C LEU F 130 69.62 -2.46 16.07
N PHE F 131 69.81 -3.71 16.48
CA PHE F 131 71.10 -4.39 16.37
C PHE F 131 70.90 -5.64 15.51
N GLU F 132 71.20 -5.54 14.22
CA GLU F 132 70.96 -6.64 13.31
C GLU F 132 72.03 -6.66 12.21
N VAL F 133 72.12 -7.82 11.55
CA VAL F 133 73.01 -7.98 10.40
C VAL F 133 72.42 -7.26 9.18
N TYR F 134 71.10 -7.13 9.12
CA TYR F 134 70.48 -6.38 8.04
C TYR F 134 70.16 -4.95 8.40
N LEU F 135 70.54 -4.48 9.60
CA LEU F 135 70.46 -3.07 9.94
C LEU F 135 71.81 -2.36 9.87
N LYS F 136 72.77 -2.80 10.68
CA LYS F 136 74.01 -2.03 10.81
C LYS F 136 75.00 -2.29 9.67
N PRO F 137 75.31 -3.56 9.22
CA PRO F 137 76.17 -3.67 8.03
C PRO F 137 75.44 -3.41 6.72
N TYR F 138 74.17 -3.82 6.60
CA TYR F 138 73.51 -3.81 5.30
C TYR F 138 72.86 -2.47 4.97
N PHE F 139 71.99 -1.96 5.84
CA PHE F 139 71.27 -0.72 5.54
C PHE F 139 72.17 0.50 5.58
N LEU F 140 73.28 0.46 6.31
CA LEU F 140 74.22 1.56 6.30
C LEU F 140 75.01 1.56 4.99
N GLU F 141 75.44 2.76 4.59
CA GLU F 141 76.19 3.02 3.35
C GLU F 141 75.43 2.53 2.12
N ALA F 142 74.11 2.69 2.15
CA ALA F 142 73.23 2.22 1.09
C ALA F 142 72.38 3.32 0.47
N TYR F 143 71.99 4.34 1.27
CA TYR F 143 71.19 5.49 0.86
C TYR F 143 69.84 5.07 0.26
N ARG F 144 69.25 4.01 0.82
CA ARG F 144 67.94 3.59 0.36
C ARG F 144 66.86 4.54 0.89
N PRO F 145 65.92 4.95 0.04
CA PRO F 145 64.81 5.79 0.51
C PRO F 145 63.77 4.94 1.22
N ILE F 146 63.73 5.03 2.55
CA ILE F 146 62.78 4.24 3.32
C ILE F 146 61.44 4.99 3.33
N ARG F 147 60.36 4.25 3.07
CA ARG F 147 59.07 4.83 2.75
C ARG F 147 58.03 4.28 3.70
N LYS F 148 56.94 5.03 3.89
CA LYS F 148 55.74 4.52 4.53
C LYS F 148 55.23 3.29 3.77
N GLY F 149 54.95 2.22 4.51
CA GLY F 149 54.50 0.99 3.90
C GLY F 149 55.52 0.28 3.03
N ASP F 150 56.79 0.28 3.44
CA ASP F 150 57.85 -0.37 2.68
C ASP F 150 57.96 -1.81 3.14
N ILE F 151 57.25 -2.70 2.46
CA ILE F 151 57.36 -4.14 2.69
C ILE F 151 58.47 -4.63 1.76
N PHE F 152 59.72 -4.49 2.22
CA PHE F 152 60.85 -4.77 1.36
C PHE F 152 61.33 -6.21 1.50
N LEU F 153 61.87 -6.74 0.41
CA LEU F 153 62.54 -8.03 0.39
C LEU F 153 63.99 -7.73 0.02
N VAL F 154 64.82 -7.52 1.04
CA VAL F 154 66.21 -7.16 0.83
C VAL F 154 67.12 -8.27 1.33
N HIS F 155 68.43 -8.11 1.10
CA HIS F 155 69.42 -9.07 1.54
C HIS F 155 69.85 -8.69 2.96
N GLY F 156 70.74 -9.47 3.57
CA GLY F 156 71.20 -9.15 4.91
C GLY F 156 70.63 -10.07 5.96
N GLY F 157 71.47 -10.51 6.90
CA GLY F 157 71.03 -11.43 7.91
C GLY F 157 70.80 -12.84 7.42
N MET F 158 71.54 -13.26 6.38
CA MET F 158 71.71 -14.64 5.90
C MET F 158 70.45 -15.19 5.22
N ARG F 159 69.34 -14.47 5.27
CA ARG F 159 68.09 -14.92 4.70
C ARG F 159 67.44 -13.78 3.92
N ALA F 160 66.51 -14.15 3.04
CA ALA F 160 65.73 -13.16 2.32
C ALA F 160 64.72 -12.54 3.27
N VAL F 161 65.13 -11.49 3.97
CA VAL F 161 64.32 -10.92 5.04
C VAL F 161 63.17 -10.11 4.46
N GLU F 162 62.06 -10.08 5.19
CA GLU F 162 60.88 -9.33 4.78
C GLU F 162 60.36 -8.55 5.98
N PHE F 163 60.35 -7.24 5.87
CA PHE F 163 59.95 -6.37 6.97
C PHE F 163 59.02 -5.28 6.47
N LYS F 164 58.00 -4.98 7.27
CA LYS F 164 57.10 -3.87 7.00
C LYS F 164 57.49 -2.68 7.87
N VAL F 165 57.41 -1.48 7.31
CA VAL F 165 57.64 -0.24 8.03
C VAL F 165 56.33 0.52 8.05
N VAL F 166 55.91 0.98 9.24
CA VAL F 166 54.64 1.68 9.38
C VAL F 166 54.68 3.03 8.66
N GLU F 167 55.70 3.82 8.93
CA GLU F 167 55.90 5.15 8.38
C GLU F 167 57.34 5.52 8.68
N THR F 168 57.87 6.54 7.99
CA THR F 168 59.06 7.22 8.44
C THR F 168 58.67 8.65 8.83
N ASP F 169 59.40 9.20 9.82
CA ASP F 169 58.96 10.47 10.41
C ASP F 169 59.15 11.68 9.48
N PRO F 170 60.38 12.03 8.97
CA PRO F 170 60.44 13.28 8.20
C PRO F 170 60.06 13.10 6.73
N SER F 171 58.89 13.66 6.34
CA SER F 171 58.36 13.68 4.98
C SER F 171 58.30 12.29 4.37
N PRO F 172 57.27 11.46 4.73
CA PRO F 172 57.43 9.99 4.90
C PRO F 172 58.27 9.17 3.93
N TYR F 173 58.52 9.64 2.71
CA TYR F 173 59.50 9.02 1.84
C TYR F 173 60.83 9.75 2.01
N CYS F 174 61.80 9.11 2.65
CA CYS F 174 63.06 9.75 2.96
C CYS F 174 64.17 8.70 3.00
N ILE F 175 65.41 9.16 2.82
CA ILE F 175 66.55 8.27 2.69
C ILE F 175 67.06 7.81 4.04
N VAL F 176 67.96 6.84 4.04
CA VAL F 176 68.63 6.40 5.25
C VAL F 176 70.00 7.05 5.32
N ALA F 177 70.63 6.96 6.47
CA ALA F 177 71.94 7.54 6.69
C ALA F 177 73.02 6.48 6.54
N PRO F 178 74.20 6.84 6.00
CA PRO F 178 75.29 5.87 5.91
C PRO F 178 75.97 5.57 7.24
N ASP F 179 75.71 6.36 8.28
CA ASP F 179 76.34 6.16 9.59
C ASP F 179 75.34 5.93 10.71
N THR F 180 74.21 6.64 10.71
CA THR F 180 73.19 6.46 11.75
C THR F 180 72.42 5.19 11.46
N VAL F 181 72.37 4.29 12.45
CA VAL F 181 71.67 3.02 12.29
C VAL F 181 70.19 3.26 12.46
N ILE F 182 69.38 2.64 11.60
CA ILE F 182 67.94 2.80 11.66
C ILE F 182 67.40 2.08 12.90
N HIS F 183 66.62 2.80 13.70
CA HIS F 183 66.10 2.25 14.94
C HIS F 183 64.84 1.44 14.67
N CYS F 184 64.59 0.44 15.50
CA CYS F 184 63.61 -0.59 15.20
C CYS F 184 62.62 -0.79 16.33
N GLU F 185 61.35 -0.90 15.99
CA GLU F 185 60.31 -1.35 16.91
C GLU F 185 60.39 -2.86 17.08
N GLY F 186 59.68 -3.36 18.09
CA GLY F 186 59.51 -4.79 18.24
C GLY F 186 58.06 -5.22 18.40
N GLU F 187 57.52 -5.91 17.39
CA GLU F 187 56.17 -6.46 17.45
C GLU F 187 56.03 -7.60 16.46
N PRO F 188 55.71 -8.82 16.91
CA PRO F 188 55.58 -9.95 15.99
C PRO F 188 54.27 -9.89 15.21
N ILE F 189 54.36 -9.53 13.94
CA ILE F 189 53.19 -9.52 13.06
C ILE F 189 53.43 -10.49 11.92
N LYS F 190 52.46 -10.62 11.02
CA LYS F 190 52.55 -11.59 9.94
C LYS F 190 52.29 -10.96 8.58
N ARG F 191 52.15 -11.81 7.55
CA ARG F 191 51.94 -11.34 6.19
C ARG F 191 50.53 -10.79 6.03
N GLU F 192 50.43 -9.61 5.42
CA GLU F 192 49.16 -8.92 5.28
C GLU F 192 48.46 -9.31 3.98
N ASP F 193 47.41 -8.57 3.64
CA ASP F 193 46.56 -8.82 2.48
C ASP F 193 46.35 -7.53 1.70
N GLU F 194 47.45 -6.85 1.38
CA GLU F 194 47.44 -5.50 0.82
C GLU F 194 46.78 -5.41 -0.56
N GLU F 195 46.70 -6.51 -1.31
CA GLU F 195 46.09 -6.47 -2.63
C GLU F 195 44.58 -6.32 -2.58
N GLU F 196 43.93 -6.68 -1.47
CA GLU F 196 42.48 -6.59 -1.38
C GLU F 196 42.01 -6.05 -0.03
N SER F 197 42.92 -5.52 0.80
CA SER F 197 42.57 -5.14 2.15
C SER F 197 41.76 -3.84 2.19
N LEU F 198 42.36 -2.75 1.69
CA LEU F 198 41.74 -1.43 1.77
C LEU F 198 40.81 -1.12 0.60
N ASN F 199 40.32 -2.16 -0.09
CA ASN F 199 39.58 -2.03 -1.36
C ASN F 199 40.37 -1.21 -2.37
N GLU F 200 41.62 -1.60 -2.59
CA GLU F 200 42.55 -0.87 -3.42
C GLU F 200 42.23 -0.93 -4.90
N VAL F 201 41.29 -1.79 -5.31
CA VAL F 201 40.95 -1.97 -6.71
C VAL F 201 40.28 -0.71 -7.26
N GLY F 202 40.66 -0.34 -8.48
CA GLY F 202 40.17 0.89 -9.08
C GLY F 202 39.48 0.66 -10.40
N TYR F 203 39.92 1.39 -11.43
CA TYR F 203 39.36 1.21 -12.76
C TYR F 203 39.82 -0.08 -13.42
N ASP F 204 40.88 -0.70 -12.89
CA ASP F 204 41.41 -1.91 -13.50
C ASP F 204 40.55 -3.15 -13.21
N ASP F 205 39.95 -3.22 -12.03
CA ASP F 205 39.22 -4.41 -11.62
C ASP F 205 37.71 -4.24 -11.70
N ILE F 206 37.22 -3.19 -12.34
CA ILE F 206 35.80 -3.01 -12.56
C ILE F 206 35.59 -2.78 -14.05
N GLY F 207 34.90 -3.71 -14.70
CA GLY F 207 34.41 -3.44 -16.03
C GLY F 207 33.18 -2.55 -15.94
N GLY F 208 32.09 -3.14 -15.43
CA GLY F 208 30.83 -2.42 -15.27
C GLY F 208 30.30 -1.90 -16.58
N CYS F 209 30.02 -0.61 -16.60
CA CYS F 209 29.82 0.15 -17.84
C CYS F 209 30.91 1.20 -17.89
N ARG F 210 31.86 1.02 -18.80
CA ARG F 210 33.00 1.94 -18.90
C ARG F 210 32.57 3.31 -19.41
N LYS F 211 31.48 3.37 -20.17
CA LYS F 211 30.85 4.65 -20.48
C LYS F 211 30.34 5.32 -19.21
N GLN F 212 29.71 4.54 -18.33
CA GLN F 212 29.21 5.11 -17.08
C GLN F 212 30.32 5.34 -16.07
N LEU F 213 31.40 4.55 -16.14
CA LEU F 213 32.61 4.86 -15.39
C LEU F 213 33.19 6.20 -15.83
N ALA F 214 33.21 6.44 -17.14
CA ALA F 214 33.66 7.72 -17.65
C ALA F 214 32.72 8.85 -17.25
N GLN F 215 31.41 8.59 -17.18
CA GLN F 215 30.45 9.59 -16.75
C GLN F 215 30.65 9.96 -15.28
N ILE F 216 30.95 8.96 -14.43
CA ILE F 216 31.28 9.22 -13.03
C ILE F 216 32.57 10.02 -12.92
N LYS F 217 33.56 9.69 -13.76
CA LYS F 217 34.81 10.43 -13.79
C LYS F 217 34.60 11.88 -14.22
N GLU F 218 33.73 12.10 -15.21
CA GLU F 218 33.39 13.45 -15.64
C GLU F 218 32.62 14.20 -14.57
N MET F 219 31.81 13.50 -13.79
CA MET F 219 31.13 14.14 -12.67
C MET F 219 32.10 14.53 -11.57
N VAL F 220 33.21 13.81 -11.43
CA VAL F 220 34.16 14.11 -10.36
C VAL F 220 35.43 14.81 -10.87
N GLU F 221 35.43 15.31 -12.13
CA GLU F 221 36.57 16.09 -12.61
C GLU F 221 36.79 17.38 -11.83
N LEU F 222 35.71 18.08 -11.50
CA LEU F 222 35.89 19.42 -10.93
C LEU F 222 36.35 19.43 -9.47
N PRO F 223 35.92 18.53 -8.58
CA PRO F 223 36.65 18.42 -7.30
C PRO F 223 38.09 17.93 -7.45
N LEU F 224 38.38 17.12 -8.46
CA LEU F 224 39.70 16.50 -8.61
C LEU F 224 40.64 17.51 -9.23
N ARG F 225 41.56 18.04 -8.41
CA ARG F 225 42.69 18.92 -8.70
C ARG F 225 42.38 20.16 -9.55
N HIS F 226 41.11 20.52 -9.75
CA HIS F 226 40.74 21.71 -10.52
C HIS F 226 39.58 22.45 -9.87
N PRO F 227 39.80 23.09 -8.71
CA PRO F 227 38.72 23.90 -8.13
C PRO F 227 38.48 25.19 -8.87
N ALA F 228 39.48 25.67 -9.61
CA ALA F 228 39.38 26.92 -10.35
C ALA F 228 38.83 26.74 -11.76
N LEU F 229 38.45 25.52 -12.13
CA LEU F 229 37.82 25.28 -13.43
C LEU F 229 36.30 25.43 -13.34
N PHE F 230 35.87 26.55 -12.79
CA PHE F 230 34.46 26.89 -12.64
C PHE F 230 34.12 28.20 -13.33
N LYS F 231 35.04 28.74 -14.13
CA LYS F 231 34.85 30.04 -14.77
C LYS F 231 33.77 30.02 -15.84
N ALA F 232 33.44 28.84 -16.38
CA ALA F 232 32.36 28.74 -17.35
C ALA F 232 31.00 28.81 -16.67
N ILE F 233 30.74 27.89 -15.75
CA ILE F 233 29.41 27.68 -15.19
C ILE F 233 29.46 27.86 -13.67
N GLY F 234 28.49 28.58 -13.13
CA GLY F 234 28.35 28.74 -11.70
C GLY F 234 27.65 27.61 -10.98
N VAL F 235 27.14 26.62 -11.72
CA VAL F 235 26.50 25.47 -11.10
C VAL F 235 27.55 24.60 -10.40
N LYS F 236 28.72 24.41 -11.05
CA LYS F 236 29.89 23.65 -10.60
C LYS F 236 29.47 22.24 -10.17
N PRO F 237 29.26 21.36 -11.15
CA PRO F 237 28.12 20.38 -11.21
C PRO F 237 27.74 19.76 -9.87
N PRO F 238 26.44 19.71 -9.58
CA PRO F 238 25.98 19.83 -8.19
C PRO F 238 26.29 18.62 -7.33
N ARG F 239 26.26 18.88 -6.02
CA ARG F 239 26.47 17.86 -5.02
C ARG F 239 25.33 16.85 -5.06
N GLY F 240 25.70 15.57 -5.12
CA GLY F 240 24.71 14.51 -5.19
C GLY F 240 24.67 13.80 -6.52
N ILE F 241 25.28 12.62 -6.57
CA ILE F 241 25.25 11.76 -7.75
C ILE F 241 24.50 10.50 -7.39
N LEU F 242 23.44 10.20 -8.14
CA LEU F 242 22.59 9.05 -7.87
C LEU F 242 23.09 7.88 -8.71
N LEU F 243 23.76 6.93 -8.06
CA LEU F 243 24.22 5.71 -8.72
C LEU F 243 23.16 4.62 -8.58
N TYR F 244 22.01 4.88 -9.19
CA TYR F 244 20.94 3.90 -9.14
C TYR F 244 21.21 2.78 -10.14
N GLY F 245 20.43 1.72 -10.03
CA GLY F 245 20.59 0.56 -10.88
C GLY F 245 20.14 -0.70 -10.17
N PRO F 246 20.38 -1.86 -10.79
CA PRO F 246 19.98 -3.12 -10.18
C PRO F 246 20.84 -3.44 -8.96
N PRO F 247 20.32 -4.21 -8.00
CA PRO F 247 21.11 -4.50 -6.81
C PRO F 247 22.21 -5.51 -7.09
N GLY F 248 23.32 -5.36 -6.36
CA GLY F 248 24.45 -6.26 -6.49
C GLY F 248 25.17 -6.19 -7.81
N THR F 249 25.40 -4.97 -8.32
CA THR F 249 26.15 -4.78 -9.55
C THR F 249 27.51 -4.14 -9.31
N GLY F 250 27.91 -4.00 -8.06
CA GLY F 250 29.22 -3.45 -7.75
C GLY F 250 29.26 -1.98 -7.45
N LYS F 251 28.15 -1.39 -6.98
CA LYS F 251 28.11 0.04 -6.70
C LYS F 251 28.98 0.41 -5.50
N THR F 252 29.04 -0.48 -4.50
CA THR F 252 29.98 -0.28 -3.39
C THR F 252 31.43 -0.36 -3.89
N LEU F 253 31.69 -1.28 -4.82
CA LEU F 253 33.02 -1.35 -5.42
C LEU F 253 33.32 -0.13 -6.28
N ILE F 254 32.30 0.42 -6.95
CA ILE F 254 32.46 1.66 -7.71
C ILE F 254 32.83 2.82 -6.78
N ALA F 255 32.15 2.91 -5.64
CA ALA F 255 32.43 3.97 -4.68
C ALA F 255 33.82 3.83 -4.07
N ARG F 256 34.23 2.60 -3.74
CA ARG F 256 35.57 2.38 -3.20
C ARG F 256 36.65 2.64 -4.24
N ALA F 257 36.38 2.31 -5.51
CA ALA F 257 37.31 2.57 -6.60
C ALA F 257 37.50 4.07 -6.83
N VAL F 258 36.40 4.82 -6.82
CA VAL F 258 36.47 6.28 -6.96
C VAL F 258 37.18 6.89 -5.76
N ALA F 259 36.94 6.34 -4.57
CA ALA F 259 37.56 6.82 -3.34
C ALA F 259 39.07 6.65 -3.36
N ASN F 260 39.54 5.46 -3.69
CA ASN F 260 40.97 5.20 -3.68
C ASN F 260 41.65 5.53 -5.00
N GLU F 261 40.90 6.02 -5.99
CA GLU F 261 41.49 6.53 -7.22
C GLU F 261 41.65 8.04 -7.21
N THR F 262 40.60 8.77 -6.80
CA THR F 262 40.71 10.24 -6.76
C THR F 262 41.58 10.72 -5.62
N GLY F 263 41.71 9.92 -4.56
CA GLY F 263 42.53 10.32 -3.44
C GLY F 263 41.87 11.27 -2.47
N ALA F 264 40.58 11.55 -2.63
CA ALA F 264 39.85 12.38 -1.69
C ALA F 264 39.69 11.65 -0.36
N PHE F 265 39.69 12.43 0.73
CA PHE F 265 39.56 11.85 2.06
C PHE F 265 38.13 11.34 2.25
N PHE F 266 38.02 10.02 2.44
CA PHE F 266 36.77 9.29 2.29
C PHE F 266 36.15 9.06 3.66
N PHE F 267 34.90 9.47 3.83
CA PHE F 267 34.21 9.44 5.11
C PHE F 267 32.81 8.87 4.93
N LEU F 268 32.73 7.70 4.30
CA LEU F 268 31.45 7.09 3.95
C LEU F 268 30.68 6.66 5.20
N ILE F 269 29.36 6.77 5.12
CA ILE F 269 28.46 6.37 6.20
C ILE F 269 27.44 5.42 5.60
N ASN F 270 27.42 4.19 6.11
CA ASN F 270 26.44 3.21 5.65
C ASN F 270 25.07 3.52 6.24
N GLY F 271 24.03 3.05 5.55
CA GLY F 271 22.66 3.37 5.90
C GLY F 271 22.15 2.75 7.19
N PRO F 272 22.04 1.42 7.22
CA PRO F 272 21.67 0.75 8.48
C PRO F 272 22.69 0.92 9.59
N GLU F 273 23.95 1.25 9.27
CA GLU F 273 24.92 1.59 10.31
C GLU F 273 24.50 2.85 11.06
N ILE F 274 24.01 3.86 10.35
CA ILE F 274 23.56 5.07 11.01
C ILE F 274 22.12 4.94 11.51
N MET F 275 21.39 3.92 11.05
CA MET F 275 20.09 3.63 11.66
C MET F 275 20.18 2.63 12.81
N SER F 276 21.38 2.12 13.12
CA SER F 276 21.52 1.19 14.23
C SER F 276 21.48 1.89 15.58
N LYS F 277 21.68 3.20 15.62
CA LYS F 277 21.79 3.93 16.87
C LYS F 277 20.40 4.17 17.47
N LEU F 278 20.40 4.85 18.62
CA LEU F 278 19.18 5.12 19.36
C LEU F 278 18.56 6.42 18.87
N ALA F 279 17.57 6.93 19.60
CA ALA F 279 16.88 8.16 19.22
C ALA F 279 17.78 9.36 19.46
N GLY F 280 17.90 10.22 18.44
CA GLY F 280 18.79 11.36 18.47
C GLY F 280 20.22 11.05 18.08
N GLU F 281 20.71 9.85 18.41
CA GLU F 281 22.05 9.41 18.06
C GLU F 281 22.18 9.08 16.58
N SER F 282 21.07 8.96 15.86
CA SER F 282 21.13 8.80 14.41
C SER F 282 21.67 10.06 13.74
N GLU F 283 21.32 11.24 14.27
CA GLU F 283 21.92 12.48 13.79
C GLU F 283 23.38 12.58 14.22
N SER F 284 23.70 12.03 15.39
CA SER F 284 25.07 11.99 15.87
C SER F 284 25.92 11.13 14.96
N ASN F 285 27.04 11.70 14.52
CA ASN F 285 28.02 11.29 13.51
C ASN F 285 27.48 11.40 12.09
N LEU F 286 26.16 11.57 11.92
CA LEU F 286 25.62 11.89 10.60
C LEU F 286 25.95 13.33 10.23
N ARG F 287 25.72 14.25 11.17
CA ARG F 287 26.17 15.63 10.96
C ARG F 287 27.69 15.72 11.00
N LYS F 288 28.33 14.89 11.81
CA LYS F 288 29.79 14.93 11.91
C LYS F 288 30.47 14.34 10.68
N ALA F 289 29.75 13.57 9.85
CA ALA F 289 30.29 13.16 8.56
C ALA F 289 30.53 14.37 7.66
N PHE F 290 29.57 15.28 7.59
CA PHE F 290 29.76 16.50 6.81
C PHE F 290 30.68 17.48 7.52
N GLU F 291 30.71 17.45 8.86
CA GLU F 291 31.66 18.28 9.60
C GLU F 291 33.10 17.82 9.36
N GLU F 292 33.32 16.51 9.22
CA GLU F 292 34.63 16.00 8.84
C GLU F 292 34.91 16.24 7.37
N ALA F 293 33.86 16.29 6.53
CA ALA F 293 34.01 16.65 5.13
C ALA F 293 34.42 18.09 4.96
N GLU F 294 34.07 18.96 5.91
CA GLU F 294 34.50 20.35 5.89
C GLU F 294 36.01 20.51 6.05
N LYS F 295 36.71 19.50 6.56
CA LYS F 295 38.16 19.61 6.73
C LYS F 295 38.88 19.52 5.39
N ASN F 296 38.73 18.40 4.69
CA ASN F 296 39.43 18.20 3.43
C ASN F 296 38.75 18.97 2.31
N ALA F 297 39.56 19.46 1.36
CA ALA F 297 38.99 20.23 0.27
C ALA F 297 38.32 19.31 -0.77
N PRO F 298 38.88 18.13 -1.16
CA PRO F 298 37.98 17.14 -1.76
C PRO F 298 37.43 16.19 -0.70
N ALA F 299 36.12 15.94 -0.74
CA ALA F 299 35.47 15.10 0.26
C ALA F 299 34.21 14.52 -0.37
N ILE F 300 34.27 13.27 -0.81
CA ILE F 300 33.10 12.55 -1.29
C ILE F 300 32.54 11.72 -0.15
N ILE F 301 31.22 11.80 0.04
CA ILE F 301 30.56 11.18 1.17
C ILE F 301 29.63 10.13 0.58
N PHE F 302 29.95 8.86 0.75
CA PHE F 302 29.16 7.80 0.15
C PHE F 302 28.16 7.29 1.18
N ILE F 303 26.90 7.21 0.77
CA ILE F 303 25.85 6.60 1.57
C ILE F 303 25.27 5.43 0.80
N ASP F 304 25.13 4.30 1.47
CA ASP F 304 24.69 3.07 0.83
C ASP F 304 23.43 2.58 1.52
N GLU F 305 22.65 1.79 0.77
CA GLU F 305 21.31 1.33 1.15
C GLU F 305 20.41 2.52 1.50
N LEU F 306 20.18 3.39 0.50
CA LEU F 306 19.37 4.57 0.71
C LEU F 306 17.89 4.22 0.85
N ASP F 307 17.51 3.03 0.36
CA ASP F 307 16.14 2.54 0.50
C ASP F 307 15.79 2.31 1.97
N ALA F 308 16.76 1.87 2.76
CA ALA F 308 16.55 1.83 4.21
C ALA F 308 16.50 3.23 4.80
N ILE F 309 17.27 4.16 4.25
CA ILE F 309 17.36 5.50 4.82
C ILE F 309 16.13 6.33 4.49
N ALA F 310 15.82 6.47 3.20
CA ALA F 310 14.85 7.44 2.73
C ALA F 310 13.78 6.78 1.88
N PRO F 311 12.75 6.22 2.48
CA PRO F 311 11.58 5.80 1.71
C PRO F 311 10.66 6.99 1.49
N LYS F 312 9.53 6.73 0.84
CA LYS F 312 8.54 7.78 0.64
C LYS F 312 7.82 8.09 1.95
N ARG F 313 7.27 9.30 2.03
CA ARG F 313 6.57 9.74 3.23
C ARG F 313 5.27 8.99 3.48
N GLU F 314 4.66 8.44 2.43
CA GLU F 314 3.49 7.58 2.61
C GLU F 314 3.88 6.25 3.23
N LYS F 315 5.02 5.70 2.83
CA LYS F 315 5.45 4.37 3.25
C LYS F 315 6.24 4.37 4.54
N THR F 316 6.09 5.40 5.37
CA THR F 316 6.77 5.48 6.65
C THR F 316 5.73 5.60 7.77
N HIS F 317 5.84 4.72 8.77
CA HIS F 317 4.92 4.72 9.90
C HIS F 317 5.51 5.31 11.17
N GLY F 318 6.83 5.34 11.29
CA GLY F 318 7.49 5.81 12.50
C GLY F 318 7.95 7.24 12.38
N GLU F 319 8.01 7.92 13.53
CA GLU F 319 8.42 9.32 13.57
C GLU F 319 9.92 9.47 13.34
N VAL F 320 10.71 8.52 13.82
CA VAL F 320 12.16 8.67 13.84
C VAL F 320 12.74 8.61 12.43
N GLU F 321 12.16 7.80 11.56
CA GLU F 321 12.60 7.77 10.17
C GLU F 321 12.25 9.05 9.43
N ARG F 322 11.09 9.65 9.75
CA ARG F 322 10.75 10.95 9.19
C ARG F 322 11.70 12.03 9.68
N ARG F 323 12.11 11.95 10.96
CA ARG F 323 13.09 12.89 11.49
C ARG F 323 14.46 12.70 10.83
N ILE F 324 14.82 11.45 10.54
CA ILE F 324 16.11 11.15 9.89
C ILE F 324 16.12 11.68 8.47
N VAL F 325 15.04 11.44 7.72
CA VAL F 325 15.00 11.93 6.34
C VAL F 325 14.84 13.45 6.31
N SER F 326 14.25 14.04 7.36
CA SER F 326 14.22 15.51 7.48
C SER F 326 15.61 16.07 7.74
N GLN F 327 16.38 15.40 8.59
CA GLN F 327 17.75 15.84 8.86
C GLN F 327 18.62 15.72 7.63
N LEU F 328 18.42 14.65 6.85
CA LEU F 328 19.16 14.50 5.60
C LEU F 328 18.75 15.55 4.58
N LEU F 329 17.46 15.89 4.52
CA LEU F 329 17.01 16.95 3.61
C LEU F 329 17.55 18.31 4.00
N THR F 330 17.73 18.53 5.31
CA THR F 330 18.35 19.78 5.76
C THR F 330 19.83 19.82 5.40
N LEU F 331 20.58 18.79 5.80
CA LEU F 331 22.03 18.79 5.62
C LEU F 331 22.46 18.52 4.19
N MET F 332 21.55 18.11 3.31
CA MET F 332 21.90 17.83 1.93
C MET F 332 22.25 19.12 1.19
N ASP F 333 21.53 20.21 1.45
CA ASP F 333 21.82 21.49 0.84
C ASP F 333 22.26 22.54 1.85
N GLY F 334 22.28 22.22 3.15
CA GLY F 334 22.79 23.17 4.13
C GLY F 334 24.27 23.42 3.98
N LEU F 335 25.04 22.38 3.65
CA LEU F 335 26.46 22.53 3.39
C LEU F 335 26.65 22.61 1.88
N LYS F 336 26.33 23.78 1.33
CA LYS F 336 26.44 24.06 -0.09
C LYS F 336 27.47 25.17 -0.29
N GLN F 337 28.17 25.10 -1.43
CA GLN F 337 29.18 26.05 -1.94
C GLN F 337 30.37 26.26 -0.97
N ARG F 338 30.54 25.38 0.00
CA ARG F 338 31.69 25.43 0.91
C ARG F 338 32.51 24.16 0.71
N ALA F 339 33.73 24.34 0.22
CA ALA F 339 34.73 23.28 0.00
C ALA F 339 34.26 22.21 -0.99
N HIS F 340 33.33 22.58 -1.88
CA HIS F 340 32.75 21.80 -2.98
C HIS F 340 32.47 20.33 -2.68
N VAL F 341 31.93 20.04 -1.51
CA VAL F 341 31.76 18.66 -1.07
C VAL F 341 30.63 18.00 -1.85
N ILE F 342 30.85 16.74 -2.22
CA ILE F 342 29.93 15.97 -3.05
C ILE F 342 29.49 14.75 -2.24
N VAL F 343 28.24 14.33 -2.42
CA VAL F 343 27.80 13.07 -1.86
C VAL F 343 27.46 12.12 -3.02
N MET F 344 27.52 10.83 -2.72
CA MET F 344 27.24 9.79 -3.71
C MET F 344 26.27 8.80 -3.11
N ALA F 345 25.18 8.52 -3.83
CA ALA F 345 24.14 7.63 -3.36
C ALA F 345 23.95 6.49 -4.35
N ALA F 346 23.81 5.29 -3.81
CA ALA F 346 23.53 4.09 -4.60
C ALA F 346 22.33 3.39 -4.00
N THR F 347 21.49 2.83 -4.87
CA THR F 347 20.27 2.18 -4.40
C THR F 347 19.89 1.05 -5.36
N ASN F 348 18.94 0.24 -4.91
CA ASN F 348 18.43 -0.85 -5.74
C ASN F 348 17.26 -0.44 -6.62
N ARG F 349 16.46 0.54 -6.19
CA ARG F 349 15.33 1.02 -6.96
C ARG F 349 15.26 2.54 -6.81
N PRO F 350 15.14 3.29 -7.91
CA PRO F 350 15.15 4.75 -7.79
C PRO F 350 13.83 5.33 -7.28
N ASN F 351 12.73 4.62 -7.53
CA ASN F 351 11.41 5.13 -7.14
C ASN F 351 11.16 5.01 -5.65
N SER F 352 11.92 4.18 -4.95
CA SER F 352 11.75 4.04 -3.52
C SER F 352 12.37 5.19 -2.73
N ILE F 353 13.23 5.99 -3.36
CA ILE F 353 13.78 7.17 -2.72
C ILE F 353 12.67 8.22 -2.59
N ASP F 354 12.76 9.05 -1.54
CA ASP F 354 11.84 10.16 -1.36
C ASP F 354 11.90 11.12 -2.54
N PRO F 355 10.76 11.55 -3.07
CA PRO F 355 10.77 12.33 -4.32
C PRO F 355 11.30 13.74 -4.17
N ALA F 356 11.43 14.24 -2.94
CA ALA F 356 12.01 15.56 -2.76
C ALA F 356 13.51 15.55 -2.99
N LEU F 357 14.14 14.38 -2.85
CA LEU F 357 15.58 14.29 -3.08
C LEU F 357 15.92 14.28 -4.56
N ARG F 358 15.03 13.73 -5.40
CA ARG F 358 15.34 13.59 -6.81
C ARG F 358 14.91 14.80 -7.64
N ARG F 359 14.45 15.87 -7.01
CA ARG F 359 14.04 17.06 -7.75
C ARG F 359 15.29 17.86 -8.20
N PHE F 360 15.03 19.02 -8.81
CA PHE F 360 16.08 19.79 -9.47
C PHE F 360 17.10 20.40 -8.52
N GLY F 361 16.83 20.41 -7.21
CA GLY F 361 17.77 21.00 -6.28
C GLY F 361 19.02 20.15 -6.09
N ARG F 362 18.84 18.85 -5.82
CA ARG F 362 19.94 17.98 -5.46
C ARG F 362 19.76 16.63 -6.13
N PHE F 363 20.83 15.82 -6.11
CA PHE F 363 20.85 14.41 -6.55
C PHE F 363 20.41 14.26 -8.00
N ASP F 364 20.93 15.15 -8.85
CA ASP F 364 20.40 15.28 -10.21
C ASP F 364 20.82 14.15 -11.13
N ARG F 365 22.08 13.70 -11.07
CA ARG F 365 22.62 12.81 -12.08
C ARG F 365 22.24 11.37 -11.74
N GLU F 366 21.29 10.81 -12.50
CA GLU F 366 20.88 9.43 -12.31
C GLU F 366 21.65 8.55 -13.30
N VAL F 367 22.89 8.29 -12.96
CA VAL F 367 23.69 7.35 -13.73
C VAL F 367 23.26 5.93 -13.35
N ASP F 368 23.16 5.06 -14.35
CA ASP F 368 22.77 3.67 -14.12
C ASP F 368 23.88 2.69 -14.49
N ILE F 369 24.24 1.83 -13.54
CA ILE F 369 25.24 0.81 -13.81
C ILE F 369 24.69 -0.23 -14.78
N GLY F 370 23.49 -0.72 -14.51
CA GLY F 370 22.82 -1.65 -15.40
C GLY F 370 23.40 -3.05 -15.34
N ILE F 371 22.77 -3.95 -16.09
CA ILE F 371 23.29 -5.29 -16.26
C ILE F 371 24.41 -5.22 -17.31
N PRO F 372 25.46 -6.02 -17.19
CA PRO F 372 26.52 -6.00 -18.20
C PRO F 372 26.10 -6.70 -19.47
N ASP F 373 26.83 -6.39 -20.54
CA ASP F 373 26.64 -7.04 -21.83
C ASP F 373 27.33 -8.40 -21.83
N ALA F 374 27.18 -9.14 -22.94
CA ALA F 374 27.92 -10.38 -23.11
C ALA F 374 29.42 -10.11 -23.20
N THR F 375 29.80 -9.07 -23.92
CA THR F 375 31.18 -8.59 -23.89
C THR F 375 31.52 -8.05 -22.51
N GLY F 376 30.56 -7.40 -21.86
CA GLY F 376 30.75 -6.97 -20.48
C GLY F 376 30.93 -8.14 -19.53
N ARG F 377 30.16 -9.22 -19.72
CA ARG F 377 30.32 -10.41 -18.89
C ARG F 377 31.66 -11.09 -19.15
N LEU F 378 32.12 -11.07 -20.41
CA LEU F 378 33.45 -11.59 -20.74
C LEU F 378 34.53 -10.76 -20.06
N GLU F 379 34.33 -9.44 -20.00
CA GLU F 379 35.25 -8.56 -19.28
C GLU F 379 35.26 -8.85 -17.79
N ILE F 380 34.08 -9.10 -17.20
CA ILE F 380 33.98 -9.38 -15.76
C ILE F 380 34.65 -10.70 -15.43
N LEU F 381 34.45 -11.72 -16.27
CA LEU F 381 35.13 -13.00 -16.09
C LEU F 381 36.64 -12.85 -16.26
N GLN F 382 37.07 -12.04 -17.22
CA GLN F 382 38.48 -11.80 -17.49
C GLN F 382 39.17 -11.14 -16.30
N ILE F 383 38.50 -10.16 -15.67
CA ILE F 383 39.11 -9.45 -14.55
C ILE F 383 38.88 -10.13 -13.22
N HIS F 384 37.94 -11.08 -13.14
CA HIS F 384 37.69 -11.78 -11.88
C HIS F 384 38.45 -13.09 -11.77
N THR F 385 38.83 -13.69 -12.90
CA THR F 385 39.63 -14.90 -12.88
C THR F 385 41.11 -14.63 -13.10
N LYS F 386 41.58 -13.42 -12.79
CA LYS F 386 43.00 -13.11 -12.90
C LYS F 386 43.80 -13.86 -11.85
N ASN F 387 43.38 -13.80 -10.60
CA ASN F 387 44.05 -14.53 -9.53
C ASN F 387 43.41 -15.90 -9.28
N MET F 388 43.25 -16.67 -10.36
CA MET F 388 42.73 -18.03 -10.27
C MET F 388 43.24 -18.78 -11.49
N LYS F 389 43.92 -19.90 -11.26
CA LYS F 389 44.57 -20.64 -12.33
C LYS F 389 43.58 -21.53 -13.04
N LEU F 390 43.38 -21.28 -14.33
CA LEU F 390 42.55 -22.12 -15.18
C LEU F 390 43.33 -23.35 -15.63
N ALA F 391 42.67 -24.23 -16.37
CA ALA F 391 43.30 -25.44 -16.90
C ALA F 391 43.88 -25.21 -18.29
N ASP F 392 43.89 -23.96 -18.77
CA ASP F 392 44.46 -23.55 -20.07
C ASP F 392 43.77 -24.25 -21.23
N ASP F 393 42.47 -24.46 -21.11
CA ASP F 393 41.69 -25.11 -22.16
C ASP F 393 40.39 -24.39 -22.49
N VAL F 394 39.84 -23.59 -21.58
CA VAL F 394 38.55 -22.98 -21.82
C VAL F 394 38.70 -21.77 -22.74
N ASP F 395 37.60 -21.39 -23.37
CA ASP F 395 37.60 -20.24 -24.27
C ASP F 395 37.02 -18.99 -23.63
N LEU F 396 36.20 -19.16 -22.58
CA LEU F 396 35.52 -18.15 -21.76
C LEU F 396 34.45 -17.37 -22.51
N GLU F 397 34.28 -17.58 -23.81
CA GLU F 397 33.27 -16.84 -24.57
C GLU F 397 31.95 -17.60 -24.61
N GLN F 398 32.01 -18.94 -24.57
CA GLN F 398 30.80 -19.73 -24.38
C GLN F 398 30.16 -19.45 -23.03
N VAL F 399 31.00 -19.27 -22.00
CA VAL F 399 30.51 -18.84 -20.70
C VAL F 399 29.97 -17.42 -20.77
N ALA F 400 30.56 -16.58 -21.62
CA ALA F 400 30.13 -15.19 -21.74
C ALA F 400 28.74 -15.08 -22.37
N ASN F 401 28.51 -15.76 -23.48
CA ASN F 401 27.21 -15.64 -24.15
C ASN F 401 26.17 -16.58 -23.57
N GLU F 402 26.57 -17.67 -22.92
CA GLU F 402 25.61 -18.59 -22.34
C GLU F 402 24.98 -18.03 -21.07
N THR F 403 25.70 -17.15 -20.36
CA THR F 403 25.14 -16.47 -19.21
C THR F 403 24.31 -15.29 -19.70
N HIS F 404 22.99 -15.41 -19.58
CA HIS F 404 22.05 -14.35 -19.94
C HIS F 404 21.34 -13.87 -18.68
N GLY F 405 21.31 -12.56 -18.50
CA GLY F 405 20.70 -12.00 -17.31
C GLY F 405 21.54 -12.10 -16.05
N HIS F 406 22.80 -12.49 -16.17
CA HIS F 406 23.69 -12.55 -15.02
C HIS F 406 24.22 -11.15 -14.70
N VAL F 407 24.17 -10.77 -13.43
CA VAL F 407 24.81 -9.55 -12.97
C VAL F 407 26.24 -9.99 -12.61
N GLY F 408 27.15 -9.03 -12.43
CA GLY F 408 28.56 -9.36 -12.19
C GLY F 408 28.81 -10.11 -10.91
N ALA F 409 28.06 -9.81 -9.84
CA ALA F 409 28.18 -10.56 -8.60
C ALA F 409 27.67 -11.98 -8.77
N ASP F 410 26.61 -12.17 -9.55
CA ASP F 410 26.14 -13.50 -9.92
C ASP F 410 27.17 -14.26 -10.72
N LEU F 411 27.89 -13.55 -11.60
CA LEU F 411 28.93 -14.20 -12.40
C LEU F 411 30.12 -14.58 -11.53
N ALA F 412 30.42 -13.77 -10.52
CA ALA F 412 31.46 -14.13 -9.55
C ALA F 412 31.05 -15.33 -8.72
N ALA F 413 29.77 -15.41 -8.35
CA ALA F 413 29.27 -16.59 -7.62
C ALA F 413 29.29 -17.83 -8.51
N LEU F 414 29.05 -17.66 -9.81
CA LEU F 414 29.17 -18.77 -10.75
C LEU F 414 30.60 -19.28 -10.84
N CYS F 415 31.56 -18.35 -10.88
CA CYS F 415 32.97 -18.73 -10.85
C CYS F 415 33.35 -19.43 -9.56
N SER F 416 32.79 -18.97 -8.44
CA SER F 416 33.02 -19.61 -7.14
C SER F 416 32.46 -21.03 -7.10
N GLU F 417 31.27 -21.23 -7.66
CA GLU F 417 30.66 -22.55 -7.65
C GLU F 417 31.40 -23.51 -8.58
N ALA F 418 31.90 -23.01 -9.71
CA ALA F 418 32.72 -23.83 -10.59
C ALA F 418 34.03 -24.23 -9.93
N ALA F 419 34.65 -23.29 -9.19
CA ALA F 419 35.86 -23.61 -8.44
C ALA F 419 35.59 -24.63 -7.34
N LEU F 420 34.42 -24.51 -6.68
CA LEU F 420 34.04 -25.48 -5.65
C LEU F 420 33.80 -26.86 -6.25
N GLN F 421 33.18 -26.91 -7.43
CA GLN F 421 32.99 -28.18 -8.13
C GLN F 421 34.33 -28.81 -8.52
N ALA F 422 35.28 -27.99 -8.96
CA ALA F 422 36.61 -28.50 -9.28
C ALA F 422 37.36 -28.99 -8.05
N ILE F 423 37.14 -28.34 -6.90
CA ILE F 423 37.78 -28.78 -5.66
C ILE F 423 37.14 -30.07 -5.14
N ARG F 424 35.83 -30.23 -5.37
CA ARG F 424 35.04 -31.27 -4.70
C ARG F 424 35.48 -32.70 -5.07
N LYS F 425 35.78 -32.94 -6.35
CA LYS F 425 35.99 -34.30 -6.80
C LYS F 425 37.35 -34.89 -6.42
N LYS F 426 38.24 -34.10 -5.83
CA LYS F 426 39.56 -34.60 -5.46
C LYS F 426 39.52 -35.17 -4.05
N MET F 427 40.70 -35.51 -3.52
CA MET F 427 40.86 -36.07 -2.19
C MET F 427 41.45 -35.02 -1.26
N ASP F 428 40.79 -34.81 -0.11
CA ASP F 428 41.18 -33.73 0.79
C ASP F 428 42.32 -34.17 1.70
N LEU F 429 43.37 -33.34 1.76
CA LEU F 429 44.45 -33.52 2.71
C LEU F 429 45.11 -32.16 2.91
N ILE F 430 45.75 -31.98 4.07
CA ILE F 430 46.17 -30.65 4.51
C ILE F 430 47.39 -30.13 3.74
N ASP F 438 48.23 -31.01 3.21
CA ASP F 438 49.42 -30.55 2.52
C ASP F 438 49.10 -30.09 1.11
N ALA F 439 50.09 -29.48 0.45
CA ALA F 439 49.91 -28.93 -0.88
C ALA F 439 50.54 -29.89 -1.90
N GLU F 440 49.78 -30.92 -2.26
CA GLU F 440 50.17 -31.84 -3.31
C GLU F 440 49.27 -31.76 -4.53
N VAL F 441 48.08 -31.17 -4.40
CA VAL F 441 47.19 -30.92 -5.52
C VAL F 441 46.74 -29.48 -5.38
N MET F 442 47.12 -28.85 -4.26
CA MET F 442 46.79 -27.45 -4.01
C MET F 442 47.54 -26.53 -4.97
N ASN F 443 48.76 -26.89 -5.35
CA ASN F 443 49.51 -26.13 -6.34
C ASN F 443 48.99 -26.37 -7.76
N SER F 444 48.17 -27.40 -7.96
CA SER F 444 47.70 -27.75 -9.29
C SER F 444 46.19 -27.52 -9.41
N LEU F 445 45.73 -26.37 -8.94
CA LEU F 445 44.33 -25.98 -9.12
C LEU F 445 44.02 -25.76 -10.61
N ALA F 446 42.82 -26.16 -11.01
CA ALA F 446 42.39 -26.03 -12.39
C ALA F 446 40.88 -26.01 -12.44
N VAL F 447 40.34 -25.33 -13.45
CA VAL F 447 38.90 -25.33 -13.73
C VAL F 447 38.69 -25.67 -15.19
N THR F 448 37.69 -26.48 -15.47
CA THR F 448 37.44 -26.99 -16.81
C THR F 448 36.19 -26.38 -17.40
N MET F 449 35.97 -26.66 -18.69
CA MET F 449 34.77 -26.17 -19.36
C MET F 449 33.54 -26.93 -18.88
N ASP F 450 33.70 -28.21 -18.52
CA ASP F 450 32.60 -28.97 -17.95
C ASP F 450 32.19 -28.44 -16.58
N ASP F 451 33.15 -27.95 -15.78
CA ASP F 451 32.80 -27.38 -14.49
C ASP F 451 32.10 -26.04 -14.66
N PHE F 452 32.50 -25.25 -15.66
CA PHE F 452 31.75 -24.04 -16.01
C PHE F 452 30.34 -24.37 -16.47
N ARG F 453 30.18 -25.43 -17.27
CA ARG F 453 28.85 -25.83 -17.72
C ARG F 453 27.98 -26.33 -16.56
N TRP F 454 28.59 -27.04 -15.61
CA TRP F 454 27.84 -27.53 -14.46
C TRP F 454 27.45 -26.39 -13.53
N ALA F 455 28.36 -25.43 -13.30
CA ALA F 455 28.03 -24.28 -12.48
C ALA F 455 27.01 -23.38 -13.15
N LEU F 456 27.04 -23.33 -14.49
CA LEU F 456 26.02 -22.60 -15.22
C LEU F 456 24.68 -23.31 -15.15
N SER F 457 24.69 -24.65 -15.11
CA SER F 457 23.45 -25.40 -14.98
C SER F 457 22.82 -25.22 -13.61
N GLN F 458 23.64 -25.18 -12.55
CA GLN F 458 23.15 -24.91 -11.21
C GLN F 458 23.51 -23.46 -10.85
N SER F 459 22.68 -22.54 -11.32
CA SER F 459 22.78 -21.12 -11.00
C SER F 459 21.43 -20.48 -11.23
N ASN F 460 21.23 -19.33 -10.58
CA ASN F 460 20.05 -18.52 -10.81
C ASN F 460 20.34 -17.03 -10.71
N PRO F 461 19.87 -16.24 -11.66
CA PRO F 461 20.17 -14.81 -11.65
C PRO F 461 19.12 -13.99 -10.93
N SER F 462 19.55 -13.04 -10.10
CA SER F 462 18.63 -12.07 -9.52
C SER F 462 18.19 -11.02 -10.53
N ALA F 463 18.98 -10.78 -11.57
CA ALA F 463 18.62 -9.83 -12.61
C ALA F 463 17.79 -10.45 -13.72
N LEU F 464 17.50 -11.74 -13.64
CA LEU F 464 16.53 -12.35 -14.55
C LEU F 464 15.14 -11.81 -14.22
N ARG F 465 14.29 -11.76 -15.27
CA ARG F 465 12.93 -11.24 -15.41
C ARG F 465 12.88 -9.71 -15.41
N GLU F 466 14.01 -9.07 -15.12
CA GLU F 466 14.14 -7.63 -15.25
C GLU F 466 14.44 -7.29 -16.70
N THR F 467 13.88 -6.18 -17.17
CA THR F 467 13.94 -5.84 -18.59
C THR F 467 15.35 -5.45 -19.02
N VAL F 468 15.68 -5.78 -20.25
CA VAL F 468 17.07 -5.80 -20.71
C VAL F 468 17.31 -4.64 -21.66
N VAL F 469 18.49 -4.05 -21.57
CA VAL F 469 18.93 -2.96 -22.43
C VAL F 469 20.27 -3.32 -23.09
N GLU F 470 20.19 -3.82 -24.33
CA GLU F 470 21.40 -4.15 -25.09
C GLU F 470 21.08 -4.17 -26.57
N VAL F 471 22.13 -4.11 -27.37
CA VAL F 471 22.06 -4.36 -28.81
C VAL F 471 21.97 -5.87 -28.99
N PRO F 472 21.08 -6.37 -29.85
CA PRO F 472 21.08 -7.81 -30.13
C PRO F 472 22.21 -8.22 -31.06
N GLN F 473 22.23 -9.49 -31.46
CA GLN F 473 23.32 -10.04 -32.26
C GLN F 473 22.78 -10.92 -33.38
N VAL F 474 21.77 -10.42 -34.09
CA VAL F 474 20.93 -11.29 -34.90
C VAL F 474 21.33 -11.36 -36.36
N THR F 475 22.44 -10.70 -36.72
CA THR F 475 23.18 -10.95 -37.97
C THR F 475 22.34 -10.68 -39.23
N TRP F 476 22.20 -9.39 -39.60
CA TRP F 476 21.20 -8.79 -40.50
C TRP F 476 20.74 -9.62 -41.67
N GLU F 477 21.66 -10.38 -42.28
CA GLU F 477 21.38 -11.32 -43.36
C GLU F 477 20.52 -12.51 -42.95
N ASP F 478 20.15 -12.66 -41.67
CA ASP F 478 19.30 -13.75 -41.21
C ASP F 478 17.85 -13.62 -41.66
N ILE F 479 17.45 -12.48 -42.24
CA ILE F 479 16.12 -12.36 -42.83
C ILE F 479 16.06 -13.23 -44.08
N GLY F 480 14.88 -13.78 -44.35
CA GLY F 480 14.70 -14.74 -45.41
C GLY F 480 14.45 -14.18 -46.80
N GLY F 481 14.52 -12.87 -46.97
CA GLY F 481 14.29 -12.29 -48.28
C GLY F 481 13.18 -11.25 -48.28
N LEU F 482 12.90 -10.67 -47.12
CA LEU F 482 11.95 -9.57 -47.00
C LEU F 482 12.70 -8.29 -47.39
N GLU F 483 12.77 -8.06 -48.71
CA GLU F 483 13.70 -7.09 -49.24
C GLU F 483 13.17 -5.66 -49.17
N ASP F 484 11.93 -5.44 -49.63
CA ASP F 484 11.39 -4.10 -49.72
C ASP F 484 11.08 -3.51 -48.34
N VAL F 485 10.65 -4.36 -47.41
CA VAL F 485 10.36 -3.92 -46.05
C VAL F 485 11.64 -3.48 -45.35
N LYS F 486 12.72 -4.27 -45.49
CA LYS F 486 14.02 -3.89 -44.94
C LYS F 486 14.57 -2.64 -45.62
N ARG F 487 14.34 -2.51 -46.92
CA ARG F 487 14.80 -1.35 -47.67
C ARG F 487 14.10 -0.07 -47.23
N GLU F 488 12.79 -0.15 -46.95
CA GLU F 488 12.09 1.03 -46.46
C GLU F 488 12.43 1.32 -45.01
N LEU F 489 12.56 0.28 -44.18
CA LEU F 489 12.91 0.47 -42.77
C LEU F 489 14.32 1.03 -42.59
N GLN F 490 15.22 0.78 -43.56
CA GLN F 490 16.55 1.39 -43.53
C GLN F 490 16.46 2.91 -43.59
N GLU F 491 15.64 3.43 -44.51
CA GLU F 491 15.44 4.87 -44.59
C GLU F 491 14.60 5.40 -43.45
N LEU F 492 13.73 4.57 -42.88
CA LEU F 492 12.99 4.99 -41.69
C LEU F 492 13.87 5.11 -40.45
N VAL F 493 14.93 4.32 -40.33
CA VAL F 493 15.69 4.22 -39.09
C VAL F 493 17.07 4.87 -39.20
N GLN F 494 17.92 4.35 -40.11
CA GLN F 494 19.33 4.76 -40.12
C GLN F 494 19.53 6.19 -40.59
N TYR F 495 18.90 6.58 -41.69
CA TYR F 495 19.16 7.84 -42.37
C TYR F 495 18.75 9.09 -41.58
N PRO F 496 17.69 9.10 -40.75
CA PRO F 496 17.60 10.18 -39.75
C PRO F 496 18.73 10.20 -38.74
N VAL F 497 19.26 9.03 -38.35
CA VAL F 497 20.20 8.98 -37.23
C VAL F 497 21.61 9.37 -37.66
N GLU F 498 22.19 8.60 -38.58
CA GLU F 498 23.59 8.84 -38.94
C GLU F 498 23.74 9.94 -39.98
N HIS F 499 22.65 10.45 -40.54
CA HIS F 499 22.68 11.64 -41.40
C HIS F 499 21.61 12.62 -40.95
N PRO F 500 21.84 13.31 -39.81
CA PRO F 500 20.82 14.27 -39.35
C PRO F 500 20.84 15.57 -40.13
N ASP F 501 22.02 15.96 -40.62
CA ASP F 501 22.21 17.28 -41.24
C ASP F 501 21.47 17.39 -42.57
N LYS F 502 21.34 16.29 -43.32
CA LYS F 502 20.50 16.28 -44.50
C LYS F 502 19.04 16.48 -44.14
N PHE F 503 18.61 15.90 -43.02
CA PHE F 503 17.26 16.07 -42.53
C PHE F 503 17.10 17.35 -41.73
N LEU F 504 18.21 18.01 -41.38
CA LEU F 504 18.16 19.27 -40.64
C LEU F 504 18.15 20.48 -41.56
N LYS F 505 18.96 20.45 -42.63
CA LYS F 505 18.91 21.53 -43.61
C LYS F 505 17.61 21.52 -44.40
N PHE F 506 17.10 20.32 -44.71
CA PHE F 506 15.77 20.17 -45.28
C PHE F 506 14.83 19.82 -44.13
N GLY F 507 14.36 20.86 -43.45
CA GLY F 507 13.57 20.71 -42.23
C GLY F 507 12.20 20.08 -42.45
N MET F 508 12.06 18.84 -41.98
CA MET F 508 10.88 18.03 -42.23
C MET F 508 10.45 17.38 -40.92
N THR F 509 9.31 16.71 -40.95
CA THR F 509 8.81 15.98 -39.78
C THR F 509 9.26 14.53 -39.87
N PRO F 510 9.95 14.00 -38.86
CA PRO F 510 10.28 12.57 -38.87
C PRO F 510 9.08 11.71 -38.55
N SER F 511 9.03 10.53 -39.16
CA SER F 511 7.97 9.57 -38.89
C SER F 511 8.47 8.58 -37.86
N LYS F 512 8.08 8.76 -36.60
CA LYS F 512 8.43 7.85 -35.53
C LYS F 512 7.23 6.95 -35.25
N GLY F 513 7.43 5.66 -35.35
CA GLY F 513 6.35 4.72 -35.11
C GLY F 513 5.92 3.99 -36.36
N VAL F 514 6.42 2.77 -36.53
CA VAL F 514 6.04 1.90 -37.63
C VAL F 514 5.32 0.70 -37.05
N LEU F 515 4.26 0.27 -37.73
CA LEU F 515 3.45 -0.85 -37.27
C LEU F 515 3.58 -1.99 -38.25
N PHE F 516 3.80 -3.19 -37.72
CA PHE F 516 3.93 -4.40 -38.52
C PHE F 516 2.69 -5.25 -38.30
N TYR F 517 1.84 -5.35 -39.31
CA TYR F 517 0.70 -6.25 -39.27
C TYR F 517 0.82 -7.24 -40.41
N GLY F 518 0.54 -8.50 -40.12
CA GLY F 518 0.66 -9.57 -41.09
C GLY F 518 0.43 -10.92 -40.46
N PRO F 519 0.96 -11.96 -41.09
CA PRO F 519 0.83 -13.30 -40.52
C PRO F 519 1.67 -13.43 -39.26
N PRO F 520 1.28 -14.30 -38.33
CA PRO F 520 2.13 -14.56 -37.17
C PRO F 520 3.38 -15.35 -37.52
N GLY F 521 3.42 -15.99 -38.68
CA GLY F 521 4.59 -16.70 -39.13
C GLY F 521 5.58 -15.82 -39.86
N CYS F 522 6.10 -14.82 -39.16
CA CYS F 522 7.17 -14.00 -39.71
C CYS F 522 8.16 -13.67 -38.61
N GLY F 523 9.30 -13.13 -39.02
CA GLY F 523 10.31 -12.69 -38.08
C GLY F 523 10.18 -11.22 -37.77
N LYS F 524 9.03 -10.82 -37.23
CA LYS F 524 8.83 -9.42 -36.83
C LYS F 524 9.75 -9.05 -35.68
N THR F 525 9.93 -9.96 -34.72
CA THR F 525 10.97 -9.80 -33.72
C THR F 525 12.35 -9.83 -34.36
N LEU F 526 12.53 -10.70 -35.36
CA LEU F 526 13.79 -10.77 -36.09
C LEU F 526 14.01 -9.50 -36.91
N LEU F 527 12.95 -8.94 -37.49
CA LEU F 527 13.08 -7.69 -38.25
C LEU F 527 13.43 -6.51 -37.35
N ALA F 528 12.77 -6.42 -36.18
CA ALA F 528 13.07 -5.34 -35.25
C ALA F 528 14.47 -5.46 -34.67
N LYS F 529 14.91 -6.70 -34.39
CA LYS F 529 16.26 -6.89 -33.90
C LYS F 529 17.30 -6.62 -34.98
N ALA F 530 16.98 -6.94 -36.24
CA ALA F 530 17.89 -6.62 -37.35
C ALA F 530 18.01 -5.11 -37.54
N ILE F 531 16.90 -4.39 -37.34
CA ILE F 531 16.92 -2.93 -37.35
C ILE F 531 17.79 -2.39 -36.21
N ALA F 532 17.65 -2.98 -35.01
CA ALA F 532 18.45 -2.56 -33.86
C ALA F 532 19.93 -2.81 -34.06
N ASN F 533 20.29 -3.92 -34.72
CA ASN F 533 21.69 -4.16 -35.06
C ASN F 533 22.17 -3.27 -36.19
N GLU F 534 21.28 -2.91 -37.11
CA GLU F 534 21.65 -2.03 -38.21
C GLU F 534 21.96 -0.62 -37.73
N CYS F 535 21.17 -0.10 -36.80
CA CYS F 535 21.45 1.21 -36.25
C CYS F 535 22.51 1.17 -35.16
N GLN F 536 22.92 -0.03 -34.74
CA GLN F 536 23.85 -0.27 -33.63
C GLN F 536 23.37 0.40 -32.35
N ALA F 537 22.07 0.26 -32.09
CA ALA F 537 21.43 0.84 -30.93
C ALA F 537 20.76 -0.26 -30.12
N ASN F 538 20.63 0.00 -28.82
CA ASN F 538 20.05 -0.98 -27.91
C ASN F 538 18.55 -1.15 -28.13
N PHE F 539 18.03 -2.29 -27.67
CA PHE F 539 16.74 -2.82 -28.09
C PHE F 539 15.91 -3.18 -26.86
N ILE F 540 15.13 -2.25 -26.37
CA ILE F 540 14.23 -2.51 -25.25
C ILE F 540 12.96 -3.15 -25.79
N SER F 541 12.73 -4.41 -25.45
CA SER F 541 11.55 -5.13 -25.89
C SER F 541 10.76 -5.59 -24.68
N ILE F 542 9.47 -5.26 -24.66
CA ILE F 542 8.55 -5.78 -23.66
C ILE F 542 7.37 -6.40 -24.37
N LYS F 543 6.96 -7.58 -23.91
CA LYS F 543 5.85 -8.29 -24.48
C LYS F 543 4.55 -7.93 -23.75
N GLY F 544 3.43 -8.19 -24.40
CA GLY F 544 2.11 -7.87 -23.88
C GLY F 544 1.73 -8.51 -22.56
N PRO F 545 1.94 -9.83 -22.42
CA PRO F 545 1.84 -10.45 -21.09
C PRO F 545 2.79 -9.85 -20.07
N GLU F 546 4.03 -9.55 -20.47
CA GLU F 546 4.97 -8.87 -19.58
C GLU F 546 4.56 -7.43 -19.34
N LEU F 547 3.79 -6.84 -20.27
CA LEU F 547 3.31 -5.48 -20.09
C LEU F 547 2.17 -5.41 -19.08
N LEU F 548 1.24 -6.37 -19.13
CA LEU F 548 0.14 -6.37 -18.17
C LEU F 548 0.49 -7.11 -16.89
N THR F 549 1.70 -7.67 -16.80
CA THR F 549 2.19 -8.16 -15.52
C THR F 549 2.39 -7.01 -14.54
N MET F 550 2.69 -5.81 -15.04
CA MET F 550 2.68 -4.61 -14.22
C MET F 550 1.27 -4.27 -13.74
N TRP F 551 0.27 -4.51 -14.59
CA TRP F 551 -1.12 -4.35 -14.19
C TRP F 551 -1.56 -5.44 -13.21
N PHE F 552 -0.89 -6.59 -13.23
CA PHE F 552 -1.12 -7.62 -12.22
C PHE F 552 -0.60 -7.18 -10.87
N GLY F 553 0.50 -6.42 -10.85
CA GLY F 553 0.91 -5.73 -9.65
C GLY F 553 0.19 -4.41 -9.43
N GLU F 554 -0.62 -3.98 -10.40
CA GLU F 554 -1.47 -2.78 -10.37
C GLU F 554 -0.63 -1.52 -10.15
N SER F 555 0.31 -1.30 -11.06
CA SER F 555 1.19 -0.15 -10.99
C SER F 555 1.47 0.32 -12.41
N GLU F 556 1.05 1.54 -12.73
CA GLU F 556 1.32 2.15 -14.02
C GLU F 556 2.61 2.96 -14.04
N ALA F 557 3.37 2.93 -12.94
CA ALA F 557 4.67 3.57 -12.91
C ALA F 557 5.72 2.79 -13.70
N ASN F 558 5.45 1.52 -14.01
CA ASN F 558 6.40 0.74 -14.79
C ASN F 558 6.41 1.16 -16.25
N VAL F 559 5.28 1.59 -16.80
CA VAL F 559 5.26 2.11 -18.17
C VAL F 559 6.06 3.41 -18.25
N ARG F 560 5.92 4.27 -17.23
CA ARG F 560 6.74 5.46 -17.13
C ARG F 560 8.22 5.11 -16.93
N GLU F 561 8.51 3.99 -16.25
CA GLU F 561 9.88 3.55 -16.09
C GLU F 561 10.47 3.06 -17.40
N ILE F 562 9.67 2.37 -18.22
CA ILE F 562 10.11 1.95 -19.55
C ILE F 562 10.38 3.15 -20.43
N PHE F 563 9.50 4.15 -20.40
CA PHE F 563 9.72 5.34 -21.22
C PHE F 563 10.89 6.19 -20.70
N ASP F 564 11.14 6.18 -19.38
CA ASP F 564 12.31 6.87 -18.86
C ASP F 564 13.60 6.12 -19.20
N LYS F 565 13.54 4.79 -19.26
CA LYS F 565 14.68 4.02 -19.75
C LYS F 565 14.94 4.31 -21.22
N ALA F 566 13.87 4.53 -21.99
CA ALA F 566 14.01 4.94 -23.39
C ALA F 566 14.64 6.31 -23.50
N ARG F 567 14.26 7.24 -22.62
CA ARG F 567 14.89 8.56 -22.60
C ARG F 567 16.37 8.47 -22.24
N GLN F 568 16.70 7.68 -21.22
CA GLN F 568 18.08 7.57 -20.77
C GLN F 568 18.94 6.84 -21.79
N ALA F 569 18.37 5.91 -22.54
CA ALA F 569 19.11 5.06 -23.46
C ALA F 569 19.04 5.56 -24.90
N ALA F 570 19.01 6.87 -25.10
CA ALA F 570 18.91 7.43 -26.45
C ALA F 570 20.23 7.29 -27.18
N PRO F 571 20.24 6.85 -28.46
CA PRO F 571 19.08 6.42 -29.25
C PRO F 571 18.68 4.97 -28.97
N CYS F 572 17.39 4.68 -29.09
CA CYS F 572 16.89 3.37 -28.75
C CYS F 572 15.74 3.00 -29.67
N VAL F 573 15.49 1.70 -29.78
CA VAL F 573 14.38 1.15 -30.53
C VAL F 573 13.53 0.35 -29.57
N LEU F 574 12.26 0.71 -29.44
CA LEU F 574 11.34 -0.04 -28.60
C LEU F 574 10.68 -1.15 -29.40
N PHE F 575 10.01 -2.05 -28.67
CA PHE F 575 9.34 -3.17 -29.32
C PHE F 575 8.16 -3.57 -28.43
N PHE F 576 6.95 -3.33 -28.92
CA PHE F 576 5.74 -3.74 -28.22
C PHE F 576 5.23 -5.04 -28.84
N ASP F 577 5.92 -6.13 -28.52
CA ASP F 577 5.50 -7.44 -28.99
C ASP F 577 4.28 -7.92 -28.21
N GLU F 578 3.57 -8.89 -28.82
CA GLU F 578 2.31 -9.45 -28.32
C GLU F 578 1.27 -8.37 -28.08
N LEU F 579 1.20 -7.41 -29.02
CA LEU F 579 0.15 -6.39 -28.96
C LEU F 579 -1.22 -6.97 -29.28
N ASP F 580 -1.27 -8.09 -29.99
CA ASP F 580 -2.53 -8.78 -30.20
C ASP F 580 -3.07 -9.41 -28.92
N SER F 581 -2.21 -9.74 -27.96
CA SER F 581 -2.70 -10.22 -26.67
C SER F 581 -3.41 -9.10 -25.90
N ILE F 582 -2.84 -7.89 -25.91
CA ILE F 582 -3.48 -6.73 -25.33
C ILE F 582 -4.76 -6.40 -26.08
N ALA F 583 -4.76 -6.60 -27.39
CA ALA F 583 -5.95 -6.41 -28.21
C ALA F 583 -7.04 -7.42 -27.88
N LYS F 584 -6.66 -8.67 -27.61
CA LYS F 584 -7.61 -9.73 -27.33
C LYS F 584 -8.08 -9.75 -25.89
N ALA F 585 -7.39 -9.06 -24.99
CA ALA F 585 -7.82 -8.98 -23.60
C ALA F 585 -8.89 -7.92 -23.34
N ARG F 586 -9.55 -7.42 -24.38
CA ARG F 586 -10.58 -6.40 -24.21
C ARG F 586 -11.92 -6.96 -23.74
N GLY F 587 -12.09 -8.28 -23.76
CA GLY F 587 -13.32 -8.86 -23.28
C GLY F 587 -13.41 -8.83 -21.77
N GLY F 588 -14.65 -8.77 -21.27
CA GLY F 588 -14.87 -8.73 -19.84
C GLY F 588 -15.34 -7.38 -19.34
N ASN F 589 -16.16 -6.70 -20.14
CA ASN F 589 -16.72 -5.41 -19.74
C ASN F 589 -17.78 -5.58 -18.66
N GLY F 595 -12.03 -6.37 -15.39
CA GLY F 595 -10.65 -6.56 -15.81
C GLY F 595 -10.46 -6.41 -17.30
N ALA F 596 -10.62 -5.18 -17.79
CA ALA F 596 -10.51 -4.91 -19.23
C ALA F 596 -9.08 -4.58 -19.64
N ALA F 597 -8.46 -3.60 -18.95
CA ALA F 597 -7.09 -3.12 -19.20
C ALA F 597 -6.89 -2.61 -20.63
N ASP F 598 -7.95 -2.07 -21.24
CA ASP F 598 -7.79 -1.37 -22.51
C ASP F 598 -7.30 0.05 -22.30
N ARG F 599 -7.42 0.56 -21.08
CA ARG F 599 -6.89 1.87 -20.73
C ARG F 599 -5.39 1.86 -20.52
N VAL F 600 -4.75 0.69 -20.47
CA VAL F 600 -3.30 0.60 -20.46
C VAL F 600 -2.74 1.04 -21.81
N ILE F 601 -3.46 0.75 -22.89
CA ILE F 601 -3.15 1.29 -24.21
C ILE F 601 -3.22 2.82 -24.20
N ASN F 602 -4.22 3.38 -23.52
CA ASN F 602 -4.35 4.82 -23.39
C ASN F 602 -3.21 5.40 -22.55
N GLN F 603 -2.76 4.67 -21.54
CA GLN F 603 -1.59 5.09 -20.75
C GLN F 603 -0.34 5.09 -21.61
N ILE F 604 -0.20 4.09 -22.48
CA ILE F 604 0.94 4.00 -23.41
C ILE F 604 0.93 5.18 -24.37
N LEU F 605 -0.25 5.52 -24.91
CA LEU F 605 -0.33 6.64 -25.83
C LEU F 605 -0.16 7.98 -25.12
N THR F 606 -0.51 8.06 -23.84
CA THR F 606 -0.18 9.23 -23.04
C THR F 606 1.33 9.38 -22.88
N GLU F 607 2.03 8.27 -22.61
CA GLU F 607 3.48 8.32 -22.53
C GLU F 607 4.13 8.49 -23.89
N MET F 608 3.41 8.21 -24.98
CA MET F 608 3.97 8.36 -26.32
C MET F 608 4.11 9.82 -26.70
N ASP F 609 3.12 10.64 -26.36
CA ASP F 609 3.27 12.08 -26.53
C ASP F 609 4.08 12.72 -25.43
N GLY F 610 4.42 11.98 -24.37
CA GLY F 610 5.51 12.39 -23.51
C GLY F 610 6.83 12.41 -24.24
N MET F 611 7.00 11.49 -25.18
CA MET F 611 8.16 11.52 -26.07
C MET F 611 8.01 12.66 -27.07
N SER F 612 9.05 13.48 -27.20
CA SER F 612 9.06 14.49 -28.24
C SER F 612 9.33 13.85 -29.60
N THR F 613 9.17 14.62 -30.68
CA THR F 613 9.59 14.14 -31.99
C THR F 613 11.10 14.05 -32.11
N LYS F 614 11.83 14.78 -31.28
CA LYS F 614 13.27 14.64 -31.16
C LYS F 614 13.57 13.61 -30.07
N LYS F 615 14.82 13.60 -29.58
CA LYS F 615 15.48 12.66 -28.66
C LYS F 615 15.83 11.33 -29.31
N ASN F 616 15.42 11.12 -30.58
CA ASN F 616 15.87 10.03 -31.45
C ASN F 616 15.53 8.64 -30.89
N VAL F 617 14.46 8.55 -30.10
CA VAL F 617 13.90 7.26 -29.75
C VAL F 617 12.93 6.85 -30.84
N PHE F 618 12.67 5.56 -30.95
CA PHE F 618 11.85 5.08 -32.05
C PHE F 618 11.05 3.88 -31.55
N ILE F 619 9.75 3.92 -31.79
CA ILE F 619 8.81 2.94 -31.24
C ILE F 619 8.35 2.03 -32.36
N ILE F 620 8.33 0.72 -32.09
CA ILE F 620 7.95 -0.28 -33.08
C ILE F 620 6.87 -1.15 -32.47
N GLY F 621 5.73 -1.25 -33.14
CA GLY F 621 4.63 -2.08 -32.70
C GLY F 621 4.42 -3.26 -33.65
N ALA F 622 4.39 -4.45 -33.08
CA ALA F 622 4.20 -5.69 -33.83
C ALA F 622 2.85 -6.29 -33.45
N THR F 623 2.06 -6.64 -34.46
CA THR F 623 0.73 -7.19 -34.23
C THR F 623 0.43 -8.23 -35.32
N ASN F 624 -0.60 -9.02 -35.06
CA ASN F 624 -1.03 -10.04 -36.00
C ASN F 624 -2.51 -9.92 -36.37
N ARG F 625 -3.20 -8.89 -35.91
CA ARG F 625 -4.65 -8.84 -36.09
C ARG F 625 -5.14 -7.40 -36.10
N PRO F 626 -5.54 -6.88 -37.27
CA PRO F 626 -5.84 -5.44 -37.37
C PRO F 626 -7.23 -5.01 -36.97
N ASP F 627 -8.17 -5.93 -36.73
CA ASP F 627 -9.54 -5.53 -36.47
C ASP F 627 -9.72 -4.99 -35.05
N ILE F 628 -8.96 -5.52 -34.09
CA ILE F 628 -9.13 -5.18 -32.69
C ILE F 628 -7.95 -4.34 -32.24
N ILE F 629 -7.39 -3.57 -33.19
CA ILE F 629 -6.13 -2.87 -32.98
C ILE F 629 -6.24 -1.66 -32.05
N ASP F 630 -7.47 -1.34 -31.56
CA ASP F 630 -7.81 -0.17 -30.74
C ASP F 630 -7.42 1.08 -31.51
N PRO F 631 -8.21 1.48 -32.52
CA PRO F 631 -7.73 2.44 -33.54
C PRO F 631 -7.50 3.88 -33.09
N ALA F 632 -7.58 4.15 -31.78
CA ALA F 632 -7.03 5.40 -31.26
C ALA F 632 -5.51 5.40 -31.34
N ILE F 633 -4.89 4.23 -31.40
CA ILE F 633 -3.45 4.09 -31.63
C ILE F 633 -3.05 4.66 -32.99
N LEU F 634 -3.82 4.39 -34.04
CA LEU F 634 -3.45 4.77 -35.41
C LEU F 634 -3.81 6.21 -35.75
N ARG F 635 -3.97 7.07 -34.75
CA ARG F 635 -4.06 8.50 -34.98
C ARG F 635 -2.73 9.00 -35.56
N PRO F 636 -2.76 9.81 -36.62
CA PRO F 636 -1.51 10.17 -37.31
C PRO F 636 -0.56 11.00 -36.45
N GLY F 637 0.73 10.74 -36.61
CA GLY F 637 1.75 11.21 -35.69
C GLY F 637 2.04 10.26 -34.56
N ARG F 638 1.21 9.24 -34.37
CA ARG F 638 1.37 8.21 -33.36
C ARG F 638 1.27 6.86 -34.06
N LEU F 639 2.43 6.19 -34.23
CA LEU F 639 2.55 4.97 -35.04
C LEU F 639 1.99 5.17 -36.44
N ASP F 640 2.45 6.22 -37.10
CA ASP F 640 1.78 6.74 -38.29
C ASP F 640 1.95 5.80 -39.48
N GLN F 641 3.12 5.20 -39.61
CA GLN F 641 3.36 4.31 -40.74
C GLN F 641 2.93 2.89 -40.41
N LEU F 642 2.25 2.26 -41.36
CA LEU F 642 1.81 0.88 -41.22
C LEU F 642 2.42 0.06 -42.34
N ILE F 643 3.10 -1.02 -41.99
CA ILE F 643 3.76 -1.88 -42.96
C ILE F 643 3.07 -3.23 -42.93
N TYR F 644 2.51 -3.64 -44.06
CA TYR F 644 1.92 -4.96 -44.20
C TYR F 644 3.00 -5.94 -44.61
N ILE F 645 3.18 -6.98 -43.81
CA ILE F 645 4.16 -8.03 -44.09
C ILE F 645 3.49 -9.08 -44.96
N PRO F 646 4.01 -9.38 -46.14
CA PRO F 646 3.34 -10.35 -47.02
C PRO F 646 3.68 -11.79 -46.66
N LEU F 647 3.27 -12.71 -47.52
CA LEU F 647 3.72 -14.09 -47.41
C LEU F 647 5.23 -14.15 -47.59
N PRO F 648 5.94 -14.92 -46.79
CA PRO F 648 7.40 -14.82 -46.74
C PRO F 648 8.07 -15.43 -47.97
N ASP F 649 9.32 -15.00 -48.18
CA ASP F 649 10.13 -15.51 -49.27
C ASP F 649 10.56 -16.95 -49.00
N GLU F 650 10.63 -17.73 -50.07
CA GLU F 650 10.89 -19.15 -49.98
C GLU F 650 12.33 -19.49 -49.63
N LYS F 651 13.25 -18.52 -49.68
CA LYS F 651 14.68 -18.79 -49.54
C LYS F 651 15.18 -18.65 -48.11
N SER F 652 14.31 -18.94 -47.13
CA SER F 652 14.74 -18.96 -45.74
C SER F 652 15.57 -20.18 -45.38
N ARG F 653 15.43 -21.27 -46.13
CA ARG F 653 16.12 -22.50 -45.79
C ARG F 653 17.61 -22.45 -46.11
N VAL F 654 18.05 -21.50 -46.95
CA VAL F 654 19.47 -21.35 -47.23
C VAL F 654 20.18 -20.74 -46.04
N ALA F 655 19.64 -19.65 -45.51
CA ALA F 655 20.27 -18.90 -44.43
C ALA F 655 19.82 -19.33 -43.05
N ILE F 656 18.88 -20.28 -42.94
CA ILE F 656 18.48 -20.78 -41.63
C ILE F 656 19.51 -21.76 -41.08
N LEU F 657 20.43 -22.26 -41.90
CA LEU F 657 21.39 -23.26 -41.49
C LEU F 657 22.84 -22.87 -41.77
N LYS F 658 23.09 -22.08 -42.82
CA LYS F 658 24.44 -21.56 -43.04
C LYS F 658 24.78 -20.50 -41.99
N ALA F 659 23.87 -19.57 -41.74
CA ALA F 659 24.09 -18.52 -40.76
C ALA F 659 23.87 -19.00 -39.34
N ASN F 660 23.26 -20.17 -39.16
CA ASN F 660 23.06 -20.79 -37.85
C ASN F 660 23.40 -22.27 -37.98
N LEU F 661 24.65 -22.62 -37.65
CA LEU F 661 25.06 -24.02 -37.67
C LEU F 661 24.34 -24.80 -36.58
N ARG F 662 24.52 -24.38 -35.32
CA ARG F 662 23.91 -24.97 -34.11
C ARG F 662 24.25 -26.46 -34.01
N LYS F 663 25.57 -26.71 -33.85
CA LYS F 663 26.25 -28.01 -33.68
C LYS F 663 25.84 -29.07 -34.72
N SER F 664 25.39 -28.65 -35.91
CA SER F 664 25.05 -29.55 -36.99
C SER F 664 25.43 -28.89 -38.30
N PRO F 665 26.04 -29.63 -39.23
CA PRO F 665 26.53 -29.01 -40.46
C PRO F 665 25.41 -28.70 -41.44
N VAL F 666 25.81 -28.09 -42.55
CA VAL F 666 24.85 -27.72 -43.58
C VAL F 666 24.36 -28.97 -44.31
N ALA F 667 23.17 -28.86 -44.90
CA ALA F 667 22.58 -29.95 -45.67
C ALA F 667 23.35 -30.09 -46.97
N LYS F 668 24.36 -30.96 -46.98
CA LYS F 668 25.23 -31.10 -48.12
C LYS F 668 24.60 -32.02 -49.17
N ASP F 669 24.75 -31.61 -50.44
CA ASP F 669 24.37 -32.39 -51.63
C ASP F 669 22.88 -32.71 -51.66
N VAL F 670 22.06 -31.68 -51.46
CA VAL F 670 20.60 -31.79 -51.57
C VAL F 670 20.11 -30.69 -52.50
N ASP F 671 18.91 -30.90 -53.02
CA ASP F 671 18.25 -29.91 -53.88
C ASP F 671 17.34 -29.03 -53.03
N LEU F 672 17.80 -27.81 -52.76
CA LEU F 672 17.03 -26.90 -51.90
C LEU F 672 15.84 -26.30 -52.64
N GLU F 673 15.85 -26.31 -53.97
CA GLU F 673 14.70 -25.82 -54.74
C GLU F 673 13.54 -26.79 -54.73
N PHE F 674 13.78 -28.04 -54.32
CA PHE F 674 12.71 -29.04 -54.25
C PHE F 674 11.69 -28.71 -53.16
N LEU F 675 12.13 -28.07 -52.08
CA LEU F 675 11.24 -27.71 -50.99
C LEU F 675 10.26 -26.62 -51.42
N ALA F 676 10.76 -25.56 -52.06
CA ALA F 676 9.89 -24.53 -52.57
C ALA F 676 9.21 -24.92 -53.88
N LYS F 677 9.66 -26.01 -54.50
CA LYS F 677 8.98 -26.52 -55.69
C LYS F 677 7.64 -27.13 -55.34
N MET F 678 7.58 -27.85 -54.22
CA MET F 678 6.32 -28.39 -53.72
C MET F 678 5.61 -27.39 -52.82
N THR F 679 6.29 -26.29 -52.48
CA THR F 679 5.79 -25.20 -51.62
C THR F 679 5.32 -25.73 -50.28
N ASN F 680 6.20 -26.47 -49.60
CA ASN F 680 5.86 -26.98 -48.28
C ASN F 680 5.91 -25.87 -47.22
N GLY F 681 4.88 -25.86 -46.38
CA GLY F 681 4.71 -24.83 -45.37
C GLY F 681 4.55 -23.42 -45.94
N PHE F 682 3.88 -23.30 -47.08
CA PHE F 682 3.81 -22.04 -47.81
C PHE F 682 2.70 -21.13 -47.31
N SER F 683 2.68 -20.92 -45.99
CA SER F 683 1.87 -19.86 -45.37
C SER F 683 2.59 -19.49 -44.08
N GLY F 684 3.43 -18.46 -44.17
CA GLY F 684 4.17 -18.01 -43.02
C GLY F 684 5.47 -18.76 -42.79
N ALA F 685 5.93 -18.70 -41.54
CA ALA F 685 7.17 -19.30 -41.09
C ALA F 685 7.01 -20.80 -40.83
N ASP F 686 7.90 -21.33 -39.98
CA ASP F 686 8.06 -22.71 -39.53
C ASP F 686 8.74 -23.56 -40.59
N LEU F 687 9.40 -22.91 -41.55
CA LEU F 687 10.46 -23.58 -42.30
C LEU F 687 11.64 -23.88 -41.40
N THR F 688 11.90 -23.01 -40.41
CA THR F 688 12.86 -23.32 -39.37
C THR F 688 12.38 -24.46 -38.49
N GLU F 689 11.06 -24.64 -38.35
CA GLU F 689 10.55 -25.81 -37.63
C GLU F 689 10.68 -27.07 -38.48
N ILE F 690 10.63 -26.94 -39.80
CA ILE F 690 10.95 -28.06 -40.69
C ILE F 690 12.42 -28.43 -40.56
N CYS F 691 13.29 -27.43 -40.46
CA CYS F 691 14.72 -27.69 -40.20
C CYS F 691 14.94 -28.33 -38.84
N GLN F 692 14.17 -27.90 -37.83
CA GLN F 692 14.24 -28.50 -36.50
C GLN F 692 13.75 -29.96 -36.52
N ARG F 693 12.70 -30.24 -37.28
CA ARG F 693 12.22 -31.61 -37.44
C ARG F 693 13.25 -32.48 -38.16
N ALA F 694 13.92 -31.92 -39.17
CA ALA F 694 14.99 -32.64 -39.86
C ALA F 694 16.16 -32.93 -38.93
N CYS F 695 16.53 -31.96 -38.08
CA CYS F 695 17.59 -32.20 -37.11
C CYS F 695 17.18 -33.19 -36.04
N LYS F 696 15.89 -33.22 -35.67
CA LYS F 696 15.39 -34.23 -34.74
C LYS F 696 15.45 -35.61 -35.35
N LEU F 697 15.14 -35.72 -36.65
CA LEU F 697 15.29 -36.98 -37.36
C LEU F 697 16.75 -37.41 -37.43
N ALA F 698 17.66 -36.44 -37.62
CA ALA F 698 19.09 -36.73 -37.62
C ALA F 698 19.56 -37.22 -36.25
N ILE F 699 19.05 -36.63 -35.17
CA ILE F 699 19.40 -37.05 -33.83
C ILE F 699 18.84 -38.45 -33.52
N ARG F 700 17.61 -38.72 -33.96
CA ARG F 700 17.04 -40.07 -33.80
C ARG F 700 17.84 -41.12 -34.57
N GLU F 701 18.23 -40.80 -35.80
CA GLU F 701 19.06 -41.69 -36.61
C GLU F 701 20.43 -41.91 -35.97
N SER F 702 21.06 -40.85 -35.48
CA SER F 702 22.39 -40.97 -34.86
C SER F 702 22.33 -41.73 -33.55
N ILE F 703 21.27 -41.51 -32.76
CA ILE F 703 21.19 -42.19 -31.48
C ILE F 703 20.82 -43.66 -31.67
N GLU F 704 20.06 -44.00 -32.73
CA GLU F 704 19.80 -45.42 -32.99
C GLU F 704 21.04 -46.10 -33.56
N SER F 705 21.83 -45.36 -34.36
CA SER F 705 23.12 -45.85 -34.82
C SER F 705 24.06 -46.13 -33.66
N GLU F 706 24.10 -45.21 -32.68
CA GLU F 706 24.93 -45.42 -31.49
C GLU F 706 24.42 -46.55 -30.62
N ILE F 707 23.09 -46.73 -30.55
CA ILE F 707 22.52 -47.81 -29.75
C ILE F 707 22.87 -49.17 -30.31
N ARG F 708 22.68 -49.39 -31.62
CA ARG F 708 23.05 -50.72 -32.09
C ARG F 708 24.56 -50.86 -32.35
N ARG F 709 25.30 -49.75 -32.40
CA ARG F 709 26.75 -49.84 -32.42
C ARG F 709 27.31 -50.28 -31.07
N GLU F 710 26.77 -49.72 -29.98
CA GLU F 710 27.20 -50.16 -28.65
C GLU F 710 26.62 -51.52 -28.29
N ARG F 711 25.48 -51.88 -28.88
CA ARG F 711 24.94 -53.22 -28.71
C ARG F 711 25.74 -54.25 -29.51
N GLU F 712 26.35 -53.81 -30.61
CA GLU F 712 27.30 -54.67 -31.33
C GLU F 712 28.54 -54.93 -30.48
N ARG F 713 29.04 -53.91 -29.80
CA ARG F 713 30.21 -54.06 -28.94
C ARG F 713 29.80 -54.12 -27.47
N ASP F 726 31.43 -41.98 -35.90
CA ASP F 726 30.82 -41.83 -37.22
C ASP F 726 29.28 -41.67 -37.17
N PRO F 727 28.81 -40.50 -36.78
CA PRO F 727 27.37 -40.27 -36.64
C PRO F 727 26.66 -39.75 -37.89
N VAL F 728 27.32 -39.77 -39.05
CA VAL F 728 26.86 -39.24 -40.34
C VAL F 728 26.42 -37.78 -40.18
N PRO F 729 27.38 -36.84 -40.11
CA PRO F 729 27.01 -35.43 -39.87
C PRO F 729 26.22 -34.78 -41.00
N GLU F 730 26.32 -35.29 -42.22
CA GLU F 730 25.59 -34.70 -43.34
C GLU F 730 24.13 -35.13 -43.32
N ILE F 731 23.25 -34.21 -43.71
CA ILE F 731 21.82 -34.44 -43.78
C ILE F 731 21.46 -34.53 -45.26
N ARG F 732 20.88 -35.65 -45.68
CA ARG F 732 20.58 -35.86 -47.08
C ARG F 732 19.07 -35.75 -47.33
N ARG F 733 18.66 -36.10 -48.56
CA ARG F 733 17.34 -35.76 -49.08
C ARG F 733 16.22 -36.57 -48.40
N ASP F 734 16.55 -37.75 -47.87
CA ASP F 734 15.51 -38.61 -47.30
C ASP F 734 14.92 -38.06 -46.02
N HIS F 735 15.72 -37.31 -45.25
CA HIS F 735 15.21 -36.72 -44.00
C HIS F 735 14.21 -35.61 -44.29
N PHE F 736 14.51 -34.74 -45.26
CA PHE F 736 13.55 -33.72 -45.64
C PHE F 736 12.36 -34.31 -46.38
N GLU F 737 12.56 -35.43 -47.08
CA GLU F 737 11.45 -36.15 -47.68
C GLU F 737 10.49 -36.70 -46.62
N GLU F 738 11.04 -37.26 -45.54
CA GLU F 738 10.20 -37.76 -44.47
C GLU F 738 9.57 -36.62 -43.68
N ALA F 739 10.25 -35.47 -43.61
CA ALA F 739 9.63 -34.28 -43.03
C ALA F 739 8.48 -33.78 -43.89
N MET F 740 8.59 -33.93 -45.21
CA MET F 740 7.47 -33.63 -46.10
C MET F 740 6.35 -34.64 -45.94
N ARG F 741 6.67 -35.89 -45.57
CA ARG F 741 5.65 -36.93 -45.41
C ARG F 741 4.69 -36.62 -44.26
N PHE F 742 5.12 -35.84 -43.28
CA PHE F 742 4.23 -35.28 -42.26
C PHE F 742 4.54 -33.79 -42.20
N ALA F 743 3.89 -33.03 -43.08
CA ALA F 743 4.13 -31.60 -43.22
C ALA F 743 2.82 -30.85 -43.21
N ARG F 744 2.88 -29.60 -42.78
CA ARG F 744 1.69 -28.78 -42.58
C ARG F 744 2.12 -27.32 -42.50
N ARG F 745 1.14 -26.44 -42.54
CA ARG F 745 1.35 -25.02 -42.33
C ARG F 745 0.28 -24.49 -41.37
N SER F 746 0.62 -23.42 -40.66
CA SER F 746 -0.18 -22.93 -39.54
C SER F 746 -1.12 -21.79 -39.92
N VAL F 747 -1.24 -21.47 -41.20
CA VAL F 747 -2.15 -20.43 -41.68
C VAL F 747 -2.96 -21.01 -42.83
N SER F 748 -4.28 -20.97 -42.71
CA SER F 748 -5.14 -21.51 -43.75
C SER F 748 -5.20 -20.55 -44.95
N ASP F 749 -5.74 -21.08 -46.06
CA ASP F 749 -5.84 -20.28 -47.29
C ASP F 749 -6.90 -19.20 -47.14
N ASN F 750 -7.99 -19.51 -46.42
CA ASN F 750 -9.00 -18.50 -46.14
C ASN F 750 -8.47 -17.40 -45.22
N ASP F 751 -7.48 -17.72 -44.39
CA ASP F 751 -6.80 -16.68 -43.63
C ASP F 751 -5.98 -15.77 -44.52
N ILE F 752 -5.41 -16.30 -45.61
CA ILE F 752 -4.75 -15.44 -46.60
C ILE F 752 -5.76 -14.57 -47.33
N ARG F 753 -6.97 -15.11 -47.57
CA ARG F 753 -8.05 -14.31 -48.13
C ARG F 753 -8.45 -13.17 -47.19
N LYS F 754 -8.50 -13.45 -45.90
CA LYS F 754 -8.82 -12.40 -44.94
C LYS F 754 -7.68 -11.41 -44.77
N TYR F 755 -6.43 -11.85 -45.00
CA TYR F 755 -5.31 -10.93 -45.01
C TYR F 755 -5.34 -9.99 -46.20
N GLU F 756 -5.67 -10.51 -47.39
CA GLU F 756 -5.74 -9.61 -48.55
C GLU F 756 -7.01 -8.77 -48.51
N MET F 757 -8.03 -9.17 -47.75
CA MET F 757 -9.14 -8.26 -47.46
C MET F 757 -8.71 -7.17 -46.48
N PHE F 758 -7.93 -7.54 -45.46
CA PHE F 758 -7.41 -6.60 -44.47
C PHE F 758 -6.09 -5.97 -44.89
N ALA F 759 -5.75 -6.02 -46.19
CA ALA F 759 -4.52 -5.42 -46.66
C ALA F 759 -4.56 -3.90 -46.63
N GLN F 760 -5.75 -3.31 -46.59
CA GLN F 760 -5.90 -1.86 -46.47
C GLN F 760 -6.77 -1.62 -45.23
N THR F 761 -6.12 -1.58 -44.06
CA THR F 761 -6.80 -1.39 -42.78
C THR F 761 -6.45 -0.05 -42.15
N LEU F 762 -5.95 0.89 -42.94
CA LEU F 762 -5.63 2.23 -42.46
C LEU F 762 -6.84 3.16 -42.44
N GLN F 763 -8.02 2.65 -42.79
CA GLN F 763 -9.27 3.41 -42.77
C GLN F 763 -10.06 3.14 -41.51
N GLN F 764 -9.38 2.95 -40.38
CA GLN F 764 -10.03 2.67 -39.12
C GLN F 764 -10.46 3.97 -38.44
N SER F 765 -10.80 3.87 -37.15
CA SER F 765 -11.34 4.94 -36.30
C SER F 765 -12.64 5.52 -36.86
N ARG F 766 -13.43 4.70 -37.55
CA ARG F 766 -14.71 5.14 -38.10
C ARG F 766 -15.88 4.35 -37.54
N GLY F 767 -15.85 3.02 -37.64
CA GLY F 767 -16.98 2.22 -37.24
C GLY F 767 -16.79 0.77 -37.61
N PHE F 768 -17.90 0.04 -37.62
CA PHE F 768 -17.88 -1.40 -37.85
C PHE F 768 -17.82 -1.71 -39.35
N GLY F 769 -17.87 -3.00 -39.68
CA GLY F 769 -17.83 -3.46 -41.05
C GLY F 769 -16.45 -3.77 -41.58
N SER F 770 -15.47 -2.93 -41.20
CA SER F 770 -14.05 -3.07 -41.57
C SER F 770 -13.84 -3.06 -43.08
N PHE F 771 -14.66 -2.32 -43.81
CA PHE F 771 -14.53 -2.21 -45.26
C PHE F 771 -15.08 -0.88 -45.76
N GLN G 258 71.38 13.20 23.45
CA GLN G 258 72.38 12.78 22.48
C GLN G 258 73.15 11.56 22.98
N LYS G 259 72.91 10.42 22.37
CA LYS G 259 73.60 9.18 22.74
C LYS G 259 75.05 9.22 22.26
N LEU G 260 75.91 8.52 23.00
CA LEU G 260 77.34 8.48 22.70
C LEU G 260 77.61 7.43 21.64
N GLY G 261 77.28 7.78 20.40
CA GLY G 261 77.50 6.88 19.28
C GLY G 261 78.89 7.01 18.68
N SER G 262 79.19 6.10 17.76
CA SER G 262 80.46 6.08 17.05
C SER G 262 80.40 6.83 15.73
N THR G 263 79.25 7.42 15.39
CA THR G 263 79.12 8.18 14.16
C THR G 263 79.87 9.52 14.28
N ALA G 264 80.22 10.07 13.12
CA ALA G 264 80.95 11.33 13.09
C ALA G 264 80.02 12.49 13.47
N PRO G 265 80.55 13.52 14.14
CA PRO G 265 79.73 14.68 14.48
C PRO G 265 79.54 15.58 13.28
N GLN G 266 78.30 15.79 12.88
CA GLN G 266 77.99 16.61 11.72
C GLN G 266 78.21 18.09 12.03
N VAL G 267 78.44 18.86 10.97
CA VAL G 267 78.69 20.29 11.08
C VAL G 267 77.47 21.03 10.52
N LEU G 268 77.00 22.03 11.25
CA LEU G 268 75.83 22.79 10.86
C LEU G 268 76.20 23.82 9.78
N ASN G 269 75.19 24.51 9.27
CA ASN G 269 75.37 25.53 8.24
C ASN G 269 75.96 26.77 8.89
N THR G 270 77.29 26.87 8.86
CA THR G 270 77.97 28.01 9.46
C THR G 270 77.83 29.28 8.62
N SER G 271 77.65 29.14 7.31
CA SER G 271 77.48 30.30 6.45
C SER G 271 76.10 30.92 6.65
N SER G 272 76.01 32.22 6.40
CA SER G 272 74.77 32.93 6.53
C SER G 272 73.81 32.57 5.39
N PRO G 273 72.49 32.64 5.64
CA PRO G 273 71.53 32.48 4.52
C PRO G 273 71.66 33.53 3.44
N ALA G 274 72.04 34.76 3.80
CA ALA G 274 72.32 35.77 2.79
C ALA G 274 73.66 35.52 2.10
N GLN G 275 74.58 34.85 2.79
CA GLN G 275 75.86 34.49 2.21
C GLN G 275 75.82 33.18 1.42
N GLN G 276 74.73 32.41 1.53
CA GLN G 276 74.62 31.17 0.76
C GLN G 276 74.47 31.45 -0.73
N ALA G 277 73.60 32.41 -1.09
CA ALA G 277 73.41 32.76 -2.48
C ALA G 277 74.64 33.45 -3.06
N GLU G 278 75.32 34.27 -2.25
CA GLU G 278 76.56 34.91 -2.68
C GLU G 278 77.67 33.90 -2.88
N ASN G 279 77.74 32.88 -2.00
CA ASN G 279 78.74 31.83 -2.15
C ASN G 279 78.44 30.95 -3.36
N GLU G 280 77.16 30.68 -3.63
CA GLU G 280 76.79 29.91 -4.83
C GLU G 280 77.08 30.69 -6.11
N ALA G 281 76.84 32.01 -6.09
CA ALA G 281 77.16 32.85 -7.25
C ALA G 281 78.67 32.94 -7.47
N LYS G 282 79.45 33.02 -6.38
CA LYS G 282 80.90 33.02 -6.50
C LYS G 282 81.43 31.68 -6.99
N ALA G 283 80.81 30.58 -6.56
CA ALA G 283 81.20 29.25 -7.03
C ALA G 283 80.85 29.07 -8.50
N SER G 284 79.73 29.63 -8.95
CA SER G 284 79.38 29.57 -10.36
C SER G 284 80.27 30.49 -11.19
N SER G 285 80.74 31.60 -10.62
CA SER G 285 81.61 32.52 -11.33
C SER G 285 83.04 31.99 -11.44
N SER G 286 83.53 31.29 -10.42
CA SER G 286 84.89 30.78 -10.43
C SER G 286 85.08 29.55 -11.30
N ILE G 287 84.00 28.95 -11.81
CA ILE G 287 84.07 27.78 -12.67
C ILE G 287 83.71 28.21 -14.08
N LEU G 288 84.62 27.95 -15.03
CA LEU G 288 84.38 28.31 -16.41
C LEU G 288 83.37 27.36 -17.06
N ILE G 289 82.66 27.87 -18.05
CA ILE G 289 81.70 27.09 -18.83
C ILE G 289 82.17 27.10 -20.29
N ASN G 290 82.34 25.91 -20.84
CA ASN G 290 82.82 25.75 -22.21
C ASN G 290 81.67 25.36 -23.11
N GLU G 291 81.48 26.12 -24.20
CA GLU G 291 80.40 25.85 -25.15
C GLU G 291 80.83 24.93 -26.29
N ALA G 292 82.11 24.60 -26.39
CA ALA G 292 82.61 23.72 -27.44
C ALA G 292 82.73 22.27 -26.99
N GLU G 293 82.33 21.95 -25.77
CA GLU G 293 82.38 20.61 -25.23
C GLU G 293 81.05 20.26 -24.58
N PRO G 294 80.64 18.98 -24.59
CA PRO G 294 79.37 18.60 -23.96
C PRO G 294 79.43 18.67 -22.44
N THR G 295 78.79 19.67 -21.86
CA THR G 295 78.85 19.91 -20.43
C THR G 295 78.01 18.88 -19.67
N THR G 296 78.40 18.63 -18.42
CA THR G 296 77.70 17.70 -17.55
C THR G 296 77.42 18.39 -16.21
N ASN G 297 76.41 17.88 -15.51
CA ASN G 297 76.00 18.41 -14.22
C ASN G 297 76.11 17.31 -13.18
N ILE G 298 76.79 17.63 -12.07
CA ILE G 298 77.11 16.65 -11.04
C ILE G 298 76.45 17.10 -9.73
N GLN G 299 75.65 16.21 -9.15
CA GLN G 299 74.94 16.50 -7.92
C GLN G 299 75.77 16.03 -6.73
N ILE G 300 76.02 16.94 -5.80
CA ILE G 300 76.77 16.64 -4.58
C ILE G 300 75.77 16.55 -3.44
N ARG G 301 75.71 15.39 -2.80
CA ARG G 301 74.75 15.14 -1.70
C ARG G 301 75.39 15.61 -0.40
N LEU G 302 75.18 16.89 -0.08
CA LEU G 302 75.71 17.45 1.15
C LEU G 302 74.91 16.94 2.36
N ALA G 303 75.60 16.82 3.50
CA ALA G 303 75.03 16.22 4.70
C ALA G 303 74.60 17.27 5.72
N ASP G 304 74.49 18.53 5.34
CA ASP G 304 74.13 19.59 6.27
C ASP G 304 72.66 19.99 6.18
N GLY G 305 71.82 19.17 5.54
CA GLY G 305 70.40 19.48 5.46
C GLY G 305 69.74 19.15 4.14
N GLY G 306 70.51 18.64 3.19
CA GLY G 306 69.93 18.25 1.91
C GLY G 306 70.14 19.29 0.81
N ARG G 307 71.37 19.77 0.66
CA ARG G 307 71.71 20.79 -0.30
C ARG G 307 72.45 20.15 -1.48
N LEU G 308 71.97 20.41 -2.69
CA LEU G 308 72.59 19.91 -3.91
C LEU G 308 72.64 21.04 -4.93
N VAL G 309 73.77 21.15 -5.64
CA VAL G 309 74.00 22.23 -6.58
C VAL G 309 74.44 21.65 -7.91
N GLN G 310 74.01 22.27 -9.01
CA GLN G 310 74.34 21.86 -10.37
C GLN G 310 74.95 23.03 -11.12
N LYS G 311 76.29 23.10 -11.12
CA LYS G 311 77.01 24.08 -11.92
C LYS G 311 78.39 23.51 -12.19
N PHE G 312 78.59 22.99 -13.40
CA PHE G 312 79.84 22.33 -13.76
C PHE G 312 80.08 22.48 -15.26
N ASN G 313 81.32 22.19 -15.65
CA ASN G 313 81.73 22.15 -17.04
C ASN G 313 81.79 20.70 -17.52
N HIS G 314 82.33 20.50 -18.72
CA HIS G 314 82.42 19.16 -19.29
C HIS G 314 83.41 18.28 -18.53
N SER G 315 84.60 18.80 -18.29
CA SER G 315 85.67 18.04 -17.63
C SER G 315 86.16 18.79 -16.41
N HIS G 316 86.17 18.11 -15.27
CA HIS G 316 86.74 18.64 -14.05
C HIS G 316 87.32 17.48 -13.23
N ARG G 317 88.38 17.78 -12.49
CA ARG G 317 88.93 16.80 -11.57
C ARG G 317 88.07 16.74 -10.31
N ILE G 318 88.29 15.69 -9.51
CA ILE G 318 87.62 15.58 -8.22
C ILE G 318 88.14 16.64 -7.26
N SER G 319 89.42 17.02 -7.41
CA SER G 319 89.94 18.18 -6.68
C SER G 319 89.29 19.47 -7.15
N ASP G 320 88.87 19.55 -8.42
CA ASP G 320 88.11 20.71 -8.86
C ASP G 320 86.69 20.69 -8.28
N ILE G 321 86.13 19.50 -8.04
CA ILE G 321 84.86 19.41 -7.31
C ILE G 321 85.06 19.85 -5.87
N ARG G 322 86.23 19.54 -5.29
CA ARG G 322 86.57 20.05 -3.96
C ARG G 322 86.70 21.57 -3.96
N LEU G 323 87.26 22.14 -5.04
CA LEU G 323 87.31 23.59 -5.21
C LEU G 323 85.92 24.19 -5.32
N PHE G 324 85.02 23.52 -6.04
CA PHE G 324 83.62 23.93 -6.13
C PHE G 324 82.92 23.86 -4.78
N ILE G 325 83.27 22.86 -3.96
CA ILE G 325 82.71 22.72 -2.62
C ILE G 325 83.20 23.84 -1.70
N VAL G 326 84.50 24.16 -1.79
CA VAL G 326 85.10 25.22 -0.97
C VAL G 326 84.51 26.58 -1.34
N ASP G 327 84.34 26.84 -2.64
CA ASP G 327 83.67 28.07 -3.06
C ASP G 327 82.17 28.03 -2.75
N ALA G 328 81.57 26.85 -2.63
CA ALA G 328 80.17 26.76 -2.24
C ALA G 328 79.96 27.02 -0.75
N ARG G 329 80.83 26.48 0.10
CA ARG G 329 80.73 26.65 1.54
C ARG G 329 82.12 26.80 2.13
N PRO G 330 82.39 27.88 2.88
CA PRO G 330 83.73 28.06 3.46
C PRO G 330 84.01 27.17 4.66
N ALA G 331 82.98 26.71 5.36
CA ALA G 331 83.18 25.88 6.56
C ALA G 331 83.49 24.43 6.22
N MET G 332 83.23 24.00 4.98
CA MET G 332 83.48 22.62 4.57
C MET G 332 84.88 22.43 4.00
N ALA G 333 85.73 23.45 4.03
CA ALA G 333 87.09 23.33 3.51
C ALA G 333 88.00 22.53 4.43
N ALA G 334 87.66 22.39 5.70
CA ALA G 334 88.50 21.68 6.66
C ALA G 334 88.03 20.27 6.96
N THR G 335 86.78 19.95 6.66
CA THR G 335 86.25 18.61 6.92
C THR G 335 86.75 17.64 5.86
N SER G 336 87.27 16.49 6.31
CA SER G 336 87.71 15.44 5.40
C SER G 336 86.54 14.54 5.05
N PHE G 337 86.34 14.32 3.74
CA PHE G 337 85.21 13.55 3.25
C PHE G 337 85.67 12.53 2.22
N VAL G 338 84.95 11.41 2.16
CA VAL G 338 85.14 10.38 1.14
C VAL G 338 83.87 10.31 0.31
N LEU G 339 83.98 10.62 -0.96
CA LEU G 339 82.83 10.70 -1.84
C LEU G 339 82.35 9.30 -2.25
N MET G 340 81.04 9.17 -2.43
CA MET G 340 80.41 7.89 -2.72
C MET G 340 79.43 8.03 -3.88
N THR G 341 79.04 6.89 -4.45
CA THR G 341 78.12 6.79 -5.56
C THR G 341 76.92 5.94 -5.16
N THR G 342 75.99 5.73 -6.11
CA THR G 342 74.71 5.08 -5.84
C THR G 342 74.74 3.65 -6.39
N PHE G 343 75.30 2.74 -5.58
CA PHE G 343 75.42 1.29 -5.78
C PHE G 343 76.17 0.79 -7.01
N PRO G 344 77.38 1.28 -7.30
CA PRO G 344 78.48 0.35 -7.63
C PRO G 344 79.34 0.01 -6.42
N ASN G 345 79.02 0.59 -5.25
CA ASN G 345 79.66 0.33 -3.96
C ASN G 345 81.16 0.63 -3.98
N LYS G 346 81.51 1.81 -4.50
CA LYS G 346 82.89 2.24 -4.61
C LYS G 346 83.11 3.57 -3.89
N GLU G 347 84.34 3.80 -3.48
CA GLU G 347 84.75 5.04 -2.82
C GLU G 347 85.53 5.90 -3.81
N LEU G 348 85.17 7.17 -3.92
CA LEU G 348 85.74 8.06 -4.93
C LEU G 348 86.98 8.74 -4.37
N ALA G 349 88.11 8.03 -4.48
CA ALA G 349 89.42 8.57 -4.18
C ALA G 349 90.02 9.13 -5.47
N ASP G 350 91.34 9.39 -5.46
CA ASP G 350 92.14 9.82 -6.63
C ASP G 350 91.61 11.15 -7.20
N GLU G 351 91.83 12.21 -6.40
CA GLU G 351 91.32 13.55 -6.71
C GLU G 351 91.87 14.15 -8.00
N ASN G 352 93.01 13.65 -8.50
CA ASN G 352 93.55 14.14 -9.76
C ASN G 352 92.77 13.62 -10.97
N GLN G 353 91.98 12.55 -10.80
CA GLN G 353 91.23 11.97 -11.91
C GLN G 353 90.04 12.83 -12.28
N THR G 354 89.69 12.81 -13.56
CA THR G 354 88.61 13.62 -14.09
C THR G 354 87.30 12.83 -14.11
N LEU G 355 86.25 13.46 -14.64
CA LEU G 355 84.93 12.82 -14.69
C LEU G 355 84.83 11.77 -15.79
N LYS G 356 85.51 11.99 -16.93
CA LYS G 356 85.42 11.06 -18.04
C LYS G 356 86.13 9.75 -17.73
N GLU G 357 87.28 9.81 -17.06
CA GLU G 357 88.03 8.61 -16.71
C GLU G 357 87.39 7.84 -15.56
N ALA G 358 86.64 8.52 -14.69
CA ALA G 358 86.03 7.90 -13.52
C ALA G 358 84.53 7.64 -13.70
N ASN G 359 84.02 7.77 -14.93
CA ASN G 359 82.62 7.53 -15.31
C ASN G 359 81.64 8.40 -14.51
N LEU G 360 82.06 9.61 -14.15
CA LEU G 360 81.21 10.55 -13.43
C LEU G 360 80.57 11.54 -14.39
N LEU G 361 79.81 11.01 -15.35
CA LEU G 361 79.11 11.80 -16.35
C LEU G 361 77.64 11.84 -15.96
N ASN G 362 77.19 13.01 -15.48
CA ASN G 362 75.84 13.24 -14.92
C ASN G 362 75.52 12.26 -13.79
N ALA G 363 76.53 11.90 -13.00
CA ALA G 363 76.39 10.92 -11.95
C ALA G 363 76.39 11.61 -10.60
N VAL G 364 75.44 11.25 -9.75
CA VAL G 364 75.28 11.89 -8.44
C VAL G 364 76.38 11.40 -7.52
N ILE G 365 77.21 12.33 -7.05
CA ILE G 365 78.27 12.03 -6.10
C ILE G 365 77.71 12.27 -4.71
N VAL G 366 77.73 11.23 -3.88
CA VAL G 366 77.20 11.32 -2.53
C VAL G 366 78.35 11.68 -1.60
N GLN G 367 78.25 12.83 -0.94
CA GLN G 367 79.31 13.30 -0.06
C GLN G 367 79.07 12.76 1.35
N ARG G 368 80.06 12.05 1.88
CA ARG G 368 80.00 11.48 3.22
C ARG G 368 81.21 11.97 4.01
N LEU G 369 80.94 12.61 5.14
CA LEU G 369 82.00 13.16 5.97
C LEU G 369 82.60 12.07 6.85
N THR G 370 83.93 12.09 6.97
CA THR G 370 84.64 11.10 7.78
C THR G 370 84.49 11.41 9.27
N VAL H 267 57.91 -40.97 42.44
CA VAL H 267 58.56 -39.67 42.53
C VAL H 267 58.59 -39.00 41.16
N LEU H 268 59.03 -37.75 41.12
CA LEU H 268 59.10 -36.99 39.88
C LEU H 268 60.48 -37.18 39.25
N ASN H 269 60.76 -36.42 38.20
CA ASN H 269 62.03 -36.52 37.48
C ASN H 269 63.10 -35.82 38.29
N THR H 270 63.85 -36.61 39.08
CA THR H 270 64.90 -36.05 39.92
C THR H 270 66.13 -35.65 39.12
N SER H 271 66.30 -36.18 37.92
CA SER H 271 67.42 -35.80 37.08
C SER H 271 67.22 -34.41 36.48
N SER H 272 68.33 -33.73 36.23
CA SER H 272 68.28 -32.42 35.60
C SER H 272 67.90 -32.55 34.12
N PRO H 273 67.17 -31.57 33.58
CA PRO H 273 66.85 -31.60 32.14
C PRO H 273 68.07 -31.52 31.24
N ALA H 274 69.12 -30.83 31.67
CA ALA H 274 70.38 -30.85 30.93
C ALA H 274 71.07 -32.20 31.06
N GLN H 275 70.86 -32.89 32.18
CA GLN H 275 71.42 -34.22 32.39
C GLN H 275 70.54 -35.34 31.86
N GLN H 276 69.31 -35.02 31.42
CA GLN H 276 68.43 -36.04 30.85
C GLN H 276 68.96 -36.58 29.54
N ALA H 277 69.50 -35.69 28.68
CA ALA H 277 70.07 -36.13 27.42
C ALA H 277 71.31 -36.97 27.62
N GLU H 278 72.16 -36.60 28.57
CA GLU H 278 73.36 -37.39 28.89
C GLU H 278 72.99 -38.73 29.49
N ASN H 279 71.97 -38.77 30.35
CA ASN H 279 71.51 -40.03 30.94
C ASN H 279 70.91 -40.96 29.88
N GLU H 280 70.12 -40.40 28.95
CA GLU H 280 69.55 -41.23 27.89
C GLU H 280 70.61 -41.69 26.90
N ALA H 281 71.63 -40.86 26.63
CA ALA H 281 72.73 -41.30 25.79
C ALA H 281 73.55 -42.39 26.44
N LYS H 282 73.76 -42.30 27.77
CA LYS H 282 74.48 -43.34 28.49
C LYS H 282 73.67 -44.63 28.55
N ALA H 283 72.34 -44.51 28.67
CA ALA H 283 71.48 -45.70 28.65
C ALA H 283 71.45 -46.35 27.27
N SER H 284 71.50 -45.54 26.20
CA SER H 284 71.55 -46.09 24.86
C SER H 284 72.90 -46.73 24.57
N SER H 285 73.98 -46.16 25.09
CA SER H 285 75.31 -46.74 24.91
C SER H 285 75.55 -47.95 25.78
N SER H 286 74.83 -48.08 26.90
CA SER H 286 75.00 -49.26 27.75
C SER H 286 74.34 -50.49 27.14
N ILE H 287 73.32 -50.31 26.32
CA ILE H 287 72.63 -51.40 25.65
C ILE H 287 73.23 -51.58 24.27
N LEU H 288 73.79 -52.75 24.00
CA LEU H 288 74.36 -53.04 22.70
C LEU H 288 73.25 -53.22 21.67
N ILE H 289 73.54 -52.85 20.43
CA ILE H 289 72.58 -52.89 19.33
C ILE H 289 72.99 -53.99 18.36
N ASN H 290 72.02 -54.82 17.98
CA ASN H 290 72.26 -55.96 17.11
C ASN H 290 71.56 -55.74 15.77
N GLU H 291 72.23 -56.16 14.69
CA GLU H 291 71.72 -55.97 13.33
C GLU H 291 71.34 -57.26 12.62
N ALA H 292 71.82 -58.41 13.11
CA ALA H 292 71.52 -59.70 12.48
C ALA H 292 70.46 -60.48 13.24
N GLU H 293 69.63 -59.81 14.01
CA GLU H 293 68.60 -60.44 14.82
C GLU H 293 67.27 -59.71 14.63
N PRO H 294 66.13 -60.41 14.81
CA PRO H 294 64.84 -59.72 14.71
C PRO H 294 64.60 -58.79 15.89
N THR H 295 64.71 -57.48 15.64
CA THR H 295 64.73 -56.49 16.71
C THR H 295 63.33 -56.17 17.19
N THR H 296 63.13 -56.24 18.51
CA THR H 296 61.92 -55.76 19.16
C THR H 296 62.22 -54.46 19.87
N ASN H 297 61.16 -53.74 20.23
CA ASN H 297 61.26 -52.47 20.94
C ASN H 297 60.26 -52.45 22.08
N ILE H 298 60.75 -52.14 23.28
CA ILE H 298 59.96 -52.22 24.50
C ILE H 298 59.77 -50.81 25.05
N GLN H 299 58.53 -50.41 25.24
CA GLN H 299 58.18 -49.15 25.87
C GLN H 299 57.76 -49.40 27.31
N ILE H 300 58.33 -48.64 28.23
CA ILE H 300 58.07 -48.80 29.67
C ILE H 300 57.34 -47.54 30.14
N ARG H 301 56.15 -47.74 30.73
CA ARG H 301 55.40 -46.63 31.30
C ARG H 301 56.03 -46.26 32.64
N LEU H 302 56.72 -45.13 32.67
CA LEU H 302 57.45 -44.72 33.86
C LEU H 302 56.51 -44.17 34.92
N ALA H 303 57.02 -44.09 36.15
CA ALA H 303 56.24 -43.68 37.31
C ALA H 303 56.37 -42.19 37.61
N ASP H 304 57.05 -41.43 36.76
CA ASP H 304 57.23 -40.00 36.98
C ASP H 304 56.17 -39.16 36.26
N GLY H 305 55.11 -39.78 35.75
CA GLY H 305 54.11 -39.06 35.00
C GLY H 305 53.67 -39.81 33.76
N GLY H 306 54.14 -41.04 33.61
CA GLY H 306 53.85 -41.81 32.43
C GLY H 306 54.76 -41.54 31.26
N ARG H 307 56.01 -41.17 31.51
CA ARG H 307 56.94 -40.85 30.45
C ARG H 307 57.37 -42.12 29.71
N LEU H 308 57.60 -41.99 28.41
CA LEU H 308 57.86 -43.13 27.55
C LEU H 308 59.20 -42.95 26.84
N VAL H 309 59.95 -44.04 26.75
CA VAL H 309 61.22 -44.07 26.03
C VAL H 309 61.24 -45.28 25.10
N GLN H 310 61.82 -45.11 23.92
CA GLN H 310 61.83 -46.14 22.87
C GLN H 310 63.27 -46.44 22.51
N LYS H 311 63.89 -47.37 23.25
CA LYS H 311 65.24 -47.81 22.94
C LYS H 311 65.43 -49.21 23.52
N PHE H 312 65.47 -50.21 22.64
CA PHE H 312 65.72 -51.58 23.06
C PHE H 312 66.26 -52.39 21.89
N ASN H 313 66.88 -53.52 22.21
CA ASN H 313 67.46 -54.42 21.23
C ASN H 313 66.56 -55.65 21.05
N HIS H 314 67.07 -56.64 20.32
CA HIS H 314 66.30 -57.83 19.99
C HIS H 314 66.15 -58.75 21.20
N SER H 315 67.26 -59.27 21.71
CA SER H 315 67.24 -60.26 22.78
C SER H 315 67.97 -59.72 24.00
N HIS H 316 67.26 -59.61 25.12
CA HIS H 316 67.82 -59.17 26.38
C HIS H 316 67.04 -59.84 27.49
N ARG H 317 67.18 -59.33 28.71
CA ARG H 317 66.48 -59.86 29.87
C ARG H 317 65.69 -58.75 30.56
N ILE H 318 64.93 -59.13 31.58
CA ILE H 318 64.20 -58.17 32.39
C ILE H 318 65.19 -57.36 33.24
N SER H 319 66.29 -57.99 33.67
CA SER H 319 67.35 -57.27 34.36
C SER H 319 68.04 -56.26 33.46
N ASP H 320 68.08 -56.53 32.16
CA ASP H 320 68.56 -55.52 31.21
C ASP H 320 67.62 -54.33 31.13
N ILE H 321 66.30 -54.57 31.25
CA ILE H 321 65.34 -53.46 31.32
C ILE H 321 65.53 -52.67 32.60
N ARG H 322 65.81 -53.36 33.71
CA ARG H 322 66.09 -52.68 34.98
C ARG H 322 67.36 -51.85 34.91
N LEU H 323 68.40 -52.38 34.28
CA LEU H 323 69.64 -51.62 34.09
C LEU H 323 69.44 -50.44 33.15
N PHE H 324 68.58 -50.60 32.14
CA PHE H 324 68.25 -49.48 31.24
C PHE H 324 67.49 -48.39 31.99
N ILE H 325 66.60 -48.78 32.92
CA ILE H 325 65.89 -47.80 33.73
C ILE H 325 66.84 -47.10 34.70
N VAL H 326 67.79 -47.86 35.27
CA VAL H 326 68.78 -47.30 36.18
C VAL H 326 69.71 -46.32 35.47
N ASP H 327 70.15 -46.68 34.26
CA ASP H 327 70.97 -45.75 33.47
C ASP H 327 70.15 -44.59 32.91
N ALA H 328 68.84 -44.76 32.76
CA ALA H 328 67.99 -43.67 32.25
C ALA H 328 67.76 -42.59 33.31
N ARG H 329 67.55 -43.00 34.57
CA ARG H 329 67.28 -42.05 35.63
C ARG H 329 68.09 -42.45 36.87
N PRO H 330 68.87 -41.54 37.45
CA PRO H 330 69.69 -41.91 38.61
C PRO H 330 68.90 -42.13 39.89
N ALA H 331 67.66 -41.66 39.97
CA ALA H 331 66.84 -41.86 41.16
C ALA H 331 66.32 -43.29 41.27
N MET H 332 66.29 -44.04 40.17
CA MET H 332 65.80 -45.41 40.18
C MET H 332 66.81 -46.41 40.73
N ALA H 333 68.07 -46.01 40.88
CA ALA H 333 69.06 -46.90 41.48
C ALA H 333 68.90 -46.96 42.99
N ALA H 334 68.57 -45.83 43.62
CA ALA H 334 68.43 -45.75 45.07
C ALA H 334 67.06 -46.22 45.57
N THR H 335 66.08 -46.36 44.68
CA THR H 335 64.74 -46.79 45.05
C THR H 335 64.39 -48.05 44.28
N SER H 336 64.02 -49.11 45.01
CA SER H 336 63.66 -50.37 44.39
C SER H 336 62.27 -50.30 43.79
N PHE H 337 62.08 -50.98 42.66
CA PHE H 337 60.81 -50.99 41.97
C PHE H 337 60.50 -52.39 41.47
N VAL H 338 59.20 -52.70 41.37
CA VAL H 338 58.72 -53.95 40.80
C VAL H 338 57.88 -53.59 39.58
N LEU H 339 58.29 -54.08 38.42
CA LEU H 339 57.60 -53.78 37.17
C LEU H 339 56.31 -54.58 37.06
N MET H 340 55.38 -54.06 36.24
CA MET H 340 54.11 -54.72 35.99
C MET H 340 53.68 -54.44 34.55
N THR H 341 52.66 -55.16 34.10
CA THR H 341 52.09 -54.99 32.77
C THR H 341 50.59 -54.72 32.90
N THR H 342 50.02 -54.20 31.81
CA THR H 342 48.64 -53.71 31.81
C THR H 342 47.65 -54.88 31.79
N PHE H 343 47.02 -55.13 32.94
CA PHE H 343 45.95 -56.10 33.19
C PHE H 343 46.18 -57.57 32.85
N PRO H 344 47.25 -58.22 33.32
CA PRO H 344 47.10 -59.63 33.75
C PRO H 344 46.97 -59.79 35.26
N ASN H 345 47.09 -58.68 36.01
CA ASN H 345 47.13 -58.66 37.48
C ASN H 345 48.23 -59.56 38.03
N LYS H 346 49.40 -59.51 37.40
CA LYS H 346 50.58 -60.26 37.81
C LYS H 346 51.73 -59.30 38.10
N GLU H 347 52.85 -59.87 38.54
CA GLU H 347 54.04 -59.11 38.87
C GLU H 347 55.22 -59.61 38.03
N LEU H 348 56.04 -58.67 37.55
CA LEU H 348 57.21 -59.01 36.72
C LEU H 348 58.42 -59.22 37.63
N ALA H 349 58.47 -60.41 38.23
CA ALA H 349 59.64 -60.84 38.97
C ALA H 349 60.55 -61.64 38.02
N ASP H 350 61.58 -62.28 38.60
CA ASP H 350 62.54 -63.17 37.90
C ASP H 350 63.26 -62.41 36.77
N GLU H 351 64.10 -61.46 37.21
CA GLU H 351 64.71 -60.48 36.32
C GLU H 351 65.67 -61.08 35.30
N ASN H 352 66.19 -62.27 35.54
CA ASN H 352 67.11 -62.91 34.60
C ASN H 352 66.39 -63.68 33.49
N GLN H 353 65.06 -63.68 33.48
CA GLN H 353 64.32 -64.37 32.43
C GLN H 353 64.33 -63.56 31.14
N THR H 354 64.20 -64.27 30.02
CA THR H 354 64.24 -63.66 28.70
C THR H 354 62.87 -63.10 28.33
N LEU H 355 62.78 -62.56 27.12
CA LEU H 355 61.56 -61.94 26.62
C LEU H 355 60.60 -62.93 25.97
N LYS H 356 61.03 -64.17 25.74
CA LYS H 356 60.20 -65.14 25.05
C LYS H 356 59.06 -65.65 25.94
N GLU H 357 59.36 -65.97 27.20
CA GLU H 357 58.37 -66.53 28.12
C GLU H 357 57.73 -65.48 29.01
N ALA H 358 58.15 -64.22 28.93
CA ALA H 358 57.62 -63.16 29.78
C ALA H 358 56.62 -62.26 29.06
N ASN H 359 56.28 -62.58 27.80
CA ASN H 359 55.34 -61.83 26.95
C ASN H 359 55.75 -60.37 26.77
N LEU H 360 57.06 -60.10 26.78
CA LEU H 360 57.56 -58.74 26.57
C LEU H 360 58.05 -58.60 25.11
N LEU H 361 57.08 -58.61 24.20
CA LEU H 361 57.32 -58.42 22.77
C LEU H 361 56.46 -57.23 22.34
N ASN H 362 57.08 -56.04 22.35
CA ASN H 362 56.42 -54.75 22.13
C ASN H 362 55.24 -54.55 23.08
N ALA H 363 55.46 -54.86 24.35
CA ALA H 363 54.43 -54.81 25.37
C ALA H 363 54.50 -53.49 26.15
N VAL H 364 53.70 -53.39 27.21
CA VAL H 364 53.62 -52.20 28.04
C VAL H 364 54.06 -52.58 29.45
N ILE H 365 55.12 -51.94 29.93
CA ILE H 365 55.69 -52.21 31.25
C ILE H 365 55.39 -51.02 32.14
N VAL H 366 54.72 -51.27 33.27
CA VAL H 366 54.36 -50.24 34.24
C VAL H 366 55.21 -50.42 35.48
N GLN H 367 55.81 -49.34 35.96
CA GLN H 367 56.77 -49.37 37.06
C GLN H 367 56.16 -48.74 38.31
N ARG H 368 56.27 -49.44 39.44
CA ARG H 368 55.84 -48.95 40.73
C ARG H 368 56.99 -49.04 41.72
N LEU H 369 57.32 -47.91 42.34
CA LEU H 369 58.39 -47.89 43.35
C LEU H 369 57.92 -48.59 44.63
N THR H 370 58.81 -49.42 45.18
CA THR H 370 58.49 -50.16 46.41
C THR H 370 58.61 -49.27 47.64
PG AGS I . 10.93 -25.39 13.43
S1G AGS I . 10.11 -24.79 15.09
O2G AGS I . 12.45 -25.06 13.46
O3G AGS I . 10.27 -24.64 12.22
PB AGS I . 11.96 -27.85 12.94
O1B AGS I . 13.21 -27.30 13.51
O2B AGS I . 12.01 -27.97 11.41
O3B AGS I . 10.73 -26.91 13.25
PA AGS I . 12.27 -29.73 14.87
O1A AGS I . 11.96 -28.72 15.90
O2A AGS I . 13.78 -29.97 14.68
O3A AGS I . 11.69 -29.31 13.47
O5' AGS I . 11.52 -31.07 15.24
C5' AGS I . 10.79 -31.82 14.25
C4' AGS I . 10.97 -33.28 14.57
O4' AGS I . 10.75 -34.08 13.38
C3' AGS I . 12.38 -33.64 15.04
O3' AGS I . 12.50 -33.48 16.45
C2' AGS I . 12.50 -35.10 14.62
O2' AGS I . 11.92 -35.99 15.57
C1' AGS I . 11.69 -35.13 13.30
N9 AGS I . 12.48 -34.93 12.09
C8 AGS I . 12.24 -33.98 11.13
N7 AGS I . 13.09 -34.01 10.13
C5 AGS I . 13.94 -35.05 10.45
C6 AGS I . 15.06 -35.60 9.79
N6 AGS I . 15.53 -35.13 8.62
N1 AGS I . 15.70 -36.63 10.37
C2 AGS I . 15.22 -37.09 11.54
N3 AGS I . 14.19 -36.67 12.25
C4 AGS I . 13.58 -35.63 11.66
PG AGS J . -7.40 -35.68 -15.02
S1G AGS J . -9.19 -35.26 -14.42
O2G AGS J . -6.38 -35.54 -13.85
O3G AGS J . -6.98 -34.74 -16.18
PB AGS J . -7.82 -37.41 -17.03
O1B AGS J . -6.96 -36.68 -17.98
O2B AGS J . -9.29 -36.99 -17.09
O3B AGS J . -7.37 -37.14 -15.55
PA AGS J . -6.43 -39.76 -17.13
O1A AGS J . -5.90 -39.63 -15.75
O2A AGS J . -5.49 -39.26 -18.24
O3A AGS J . -7.78 -38.96 -17.31
O5' AGS J . -6.84 -41.26 -17.31
C5' AGS J . -7.85 -41.82 -16.44
C4' AGS J . -7.59 -43.30 -16.29
O4' AGS J . -7.61 -43.93 -17.59
C3' AGS J . -6.25 -43.67 -15.65
O3' AGS J . -6.44 -44.61 -14.60
C2' AGS J . -5.44 -44.26 -16.81
O2' AGS J . -4.57 -45.30 -16.40
C1' AGS J . -6.54 -44.85 -17.68
N9 AGS J . -6.17 -44.99 -19.09
C8 AGS J . -6.39 -44.09 -20.09
N7 AGS J . -5.95 -44.49 -21.26
C5 AGS J . -5.41 -45.74 -21.00
C6 AGS J . -4.78 -46.70 -21.82
N6 AGS J . -4.58 -46.53 -23.13
N1 AGS J . -4.35 -47.84 -21.24
C2 AGS J . -4.54 -48.01 -19.93
N3 AGS J . -5.13 -47.18 -19.05
C4 AGS J . -5.54 -46.06 -19.66
PG AGS K . -15.66 -19.87 27.82
S1G AGS K . -14.32 -19.16 29.04
O2G AGS K . -15.08 -21.10 27.07
O3G AGS K . -16.05 -18.77 26.77
PB AGS K . -16.96 -21.69 29.35
O1B AGS K . -15.77 -21.87 30.19
O2B AGS K . -17.01 -22.74 28.23
O3B AGS K . -16.94 -20.30 28.60
PA AGS K . -18.24 -21.75 31.77
O1A AGS K . -18.13 -20.35 32.19
O2A AGS K . -17.09 -22.66 32.24
O3A AGS K . -18.29 -21.87 30.19
O5' AGS K . -19.63 -22.30 32.29
C5' AGS K . -20.62 -22.80 31.37
C4' AGS K . -21.79 -23.35 32.13
O4' AGS K . -22.47 -24.34 31.33
C3' AGS K . -21.46 -24.06 33.43
O3' AGS K . -22.55 -23.98 34.34
C2' AGS K . -21.22 -25.49 32.97
O2' AGS K . -21.50 -26.44 34.00
C1' AGS K . -22.24 -25.63 31.84
N9 AGS K . -21.81 -26.50 30.74
C8 AGS K . -21.60 -26.11 29.45
N7 AGS K . -21.22 -27.09 28.65
C5 AGS K . -21.18 -28.19 29.49
C6 AGS K . -20.85 -29.53 29.27
N6 AGS K . -20.48 -30.02 28.08
N1 AGS K . -20.91 -30.38 30.32
C2 AGS K . -21.28 -29.91 31.51
N3 AGS K . -21.62 -28.66 31.84
C4 AGS K . -21.55 -27.84 30.78
PG AGS L . -35.98 -30.04 -2.89
S1G AGS L . -37.46 -31.31 -2.81
O2G AGS L . -35.77 -29.42 -1.48
O3G AGS L . -36.30 -28.92 -3.92
PB AGS L . -34.10 -31.79 -2.24
O1B AGS L . -32.64 -31.64 -2.10
O2B AGS L . -34.57 -33.18 -2.67
O3B AGS L . -34.68 -30.79 -3.29
PA AGS L . -35.12 -32.68 0.10
O1A AGS L . -34.77 -32.31 1.50
O2A AGS L . -34.37 -33.88 -0.46
O3A AGS L . -34.82 -31.49 -0.87
O5' AGS L . -36.69 -32.89 0.04
C5' AGS L . -37.59 -32.18 0.91
C4' AGS L . -38.32 -33.17 1.79
O4' AGS L . -39.28 -33.90 1.01
C3' AGS L . -37.46 -34.23 2.44
O3' AGS L . -36.86 -33.73 3.63
C2' AGS L . -38.48 -35.35 2.72
O2' AGS L . -39.09 -35.18 4.00
C1' AGS L . -39.51 -35.16 1.60
N9 AGS L . -39.47 -36.18 0.55
C8 AGS L . -39.25 -35.97 -0.78
N7 AGS L . -39.26 -37.06 -1.50
C5 AGS L . -39.53 -38.06 -0.59
C6 AGS L . -39.68 -39.45 -0.72
N6 AGS L . -39.58 -40.10 -1.88
N1 AGS L . -39.93 -40.17 0.40
C2 AGS L . -40.03 -39.52 1.57
N3 AGS L . -39.91 -38.22 1.81
C4 AGS L . -39.65 -37.54 0.69
PG AGS M . -27.22 8.24 24.96
S1G AGS M . -25.71 7.72 26.07
O2G AGS M . -27.91 6.97 24.37
O3G AGS M . -26.72 9.14 23.79
PB AGS M . -29.16 8.24 26.85
O1B AGS M . -28.36 7.77 28.00
O2B AGS M . -29.77 7.07 26.09
O3B AGS M . -28.26 9.02 25.81
PA AGS M . -30.43 9.71 28.77
O1A AGS M . -29.13 10.23 29.25
O2A AGS M . -31.01 8.56 29.60
O3A AGS M . -30.36 9.19 27.28
O5' AGS M . -31.41 10.95 28.73
C5' AGS M . -32.22 11.27 27.58
C4' AGS M . -33.21 12.30 28.03
O4' AGS M . -34.41 12.21 27.23
C3' AGS M . -33.66 12.14 29.48
O3' AGS M . -32.84 12.93 30.34
C2' AGS M . -35.11 12.64 29.44
O2' AGS M . -35.17 14.06 29.52
C1' AGS M . -35.55 12.16 28.06
N9 AGS M . -36.08 10.80 28.02
C8 AGS M . -35.58 9.76 27.28
N7 AGS M . -36.24 8.64 27.43
C5 AGS M . -37.25 8.95 28.33
C6 AGS M . -38.28 8.20 28.89
N6 AGS M . -38.48 6.91 28.62
N1 AGS M . -39.11 8.81 29.76
C2 AGS M . -38.91 10.11 30.04
N3 AGS M . -37.97 10.93 29.56
C4 AGS M . -37.16 10.28 28.71
PG AGS N . -47.00 -1.08 -6.18
S1G AGS N . -48.70 -0.32 -6.74
O2G AGS N . -46.27 -0.08 -5.24
O3G AGS N . -46.11 -1.35 -7.44
PB AGS N . -47.82 -2.38 -3.96
O1B AGS N . -47.08 -1.41 -3.11
O2B AGS N . -47.78 -3.80 -3.41
O3B AGS N . -47.22 -2.42 -5.41
PA AGS N . -50.21 -2.15 -2.74
O1A AGS N . -49.70 -1.27 -1.67
O2A AGS N . -50.20 -3.64 -2.40
O3A AGS N . -49.34 -1.99 -4.04
O5' AGS N . -51.61 -1.64 -3.19
C5' AGS N . -51.74 -0.30 -3.72
C4' AGS N . -52.72 0.52 -2.92
O4' AGS N . -54.07 0.08 -3.23
C3' AGS N . -52.58 0.46 -1.41
O3' AGS N . -52.73 1.75 -0.84
C2' AGS N . -53.69 -0.50 -0.98
O2' AGS N . -54.20 -0.18 0.31
C1' AGS N . -54.76 -0.25 -2.04
N9 AGS N . -55.59 -1.41 -2.33
C8 AGS N . -55.64 -2.10 -3.52
N7 AGS N . -56.47 -3.12 -3.51
C5 AGS N . -57.01 -3.09 -2.24
C6 AGS N . -57.97 -3.90 -1.60
N6 AGS N . -58.56 -4.94 -2.18
N1 AGS N . -58.29 -3.60 -0.32
C2 AGS N . -57.69 -2.56 0.27
N3 AGS N . -56.78 -1.73 -0.23
C4 AGS N . -56.48 -2.05 -1.50
PG AGS O . -13.94 29.97 9.37
S1G AGS O . -13.80 28.04 9.13
O2G AGS O . -14.20 30.29 10.86
O3G AGS O . -12.60 30.64 8.93
PB AGS O . -16.02 31.68 9.02
O1B AGS O . -15.95 31.77 10.50
O2B AGS O . -17.43 31.36 8.52
O3B AGS O . -15.10 30.51 8.49
PA AGS O . -14.55 33.96 9.05
O1A AGS O . -13.22 33.30 8.97
O2A AGS O . -15.05 34.22 10.47
O3A AGS O . -15.64 33.06 8.35
O5' AGS O . -14.50 35.29 8.22
C5' AGS O . -14.26 36.54 8.88
C4' AGS O . -13.78 37.54 7.86
O4' AGS O . -14.70 37.55 6.74
C3' AGS O . -13.74 38.98 8.34
O3' AGS O . -12.80 39.74 7.59
C2' AGS O . -15.17 39.45 8.09
O2' AGS O . -15.24 40.86 7.87
C1' AGS O . -15.54 38.69 6.81
N9 AGS O . -16.92 38.25 6.77
C8 AGS O . -17.38 36.96 6.92
N7 AGS O . -18.69 36.86 6.83
C5 AGS O . -19.11 38.16 6.61
C6 AGS O . -20.39 38.71 6.43
N6 AGS O . -21.52 38.01 6.45
N1 AGS O . -20.46 40.05 6.23
C2 AGS O . -19.34 40.77 6.21
N3 AGS O . -18.08 40.35 6.38
C4 AGS O . -18.03 39.02 6.57
PG AGS P . -31.91 19.47 -20.40
S1G AGS P . -30.84 20.95 -21.07
O2G AGS P . -32.35 19.76 -18.93
O3G AGS P . -31.08 18.15 -20.44
PB AGS P . -34.42 20.22 -20.92
O1B AGS P . -34.82 20.03 -19.51
O2B AGS P . -35.55 19.86 -21.91
O3B AGS P . -33.19 19.31 -21.27
PA AGS P . -34.08 22.68 -19.94
O1A AGS P . -33.05 22.30 -18.96
O2A AGS P . -35.53 22.68 -19.43
O3A AGS P . -34.06 21.72 -21.18
O5' AGS P . -33.69 24.09 -20.51
C5' AGS P . -34.04 24.46 -21.87
C4' AGS P . -34.08 25.96 -21.94
O4' AGS P . -34.71 26.36 -23.17
C3' AGS P . -34.89 26.64 -20.83
O3' AGS P . -34.08 26.89 -19.68
C2' AGS P . -35.32 27.93 -21.51
O2' AGS P . -34.30 28.91 -21.49
C1' AGS P . -35.58 27.45 -22.94
N9 AGS P . -36.95 27.00 -23.18
C8 AGS P . -37.36 25.71 -23.41
N7 AGS P . -38.65 25.59 -23.59
C5 AGS P . -39.13 26.89 -23.47
C6 AGS P . -40.42 27.43 -23.55
N6 AGS P . -41.51 26.72 -23.79
N1 AGS P . -40.54 28.78 -23.38
C2 AGS P . -39.44 29.50 -23.14
N3 AGS P . -38.18 29.09 -23.04
C4 AGS P . -38.09 27.76 -23.22
PG AGS Q . 12.48 24.22 -5.14
S1G AGS Q . 13.06 24.79 -3.37
O2G AGS Q . 11.08 24.85 -5.45
O3G AGS Q . 12.34 22.68 -5.19
PB AGS Q . 13.41 26.19 -6.71
O1B AGS Q . 13.76 27.11 -5.59
O2B AGS Q . 11.99 26.41 -7.24
O3B AGS Q . 13.48 24.70 -6.22
PA AGS Q . 15.93 26.23 -7.69
O1A AGS Q . 16.35 24.83 -7.93
O2A AGS Q . 16.20 26.72 -6.26
O3A AGS Q . 14.39 26.41 -7.93
O5' AGS Q . 16.63 27.14 -8.77
C5' AGS Q . 16.18 27.16 -10.13
C4' AGS Q . 17.24 27.80 -10.98
O4' AGS Q . 16.77 27.88 -12.36
C3' AGS Q . 17.59 29.23 -10.59
O3' AGS Q . 18.69 29.26 -9.70
C2' AGS Q . 17.92 29.88 -11.92
O2' AGS Q . 19.25 29.62 -12.33
C1' AGS Q . 16.93 29.19 -12.86
N9 AGS Q . 15.60 29.80 -12.92
C8 AGS Q . 14.41 29.17 -12.64
N7 AGS Q . 13.36 29.94 -12.77
C5 AGS Q . 13.89 31.16 -13.17
C6 AGS Q . 13.29 32.40 -13.48
N6 AGS Q . 11.98 32.62 -13.43
N1 AGS Q . 14.10 33.42 -13.84
C2 AGS Q . 15.42 33.20 -13.89
N3 AGS Q . 16.10 32.07 -13.63
C4 AGS Q . 15.26 31.08 -13.27
PG AGS R . -6.77 13.88 -34.72
S1G AGS R . -6.49 12.81 -36.31
O2G AGS R . -5.39 14.20 -34.06
O3G AGS R . -7.66 13.10 -33.71
PB AGS R . -6.72 16.12 -36.15
O1B AGS R . -6.94 17.56 -35.92
O2B AGS R . -7.19 15.65 -37.53
O3B AGS R . -7.45 15.21 -35.11
PA AGS R . -4.49 15.70 -37.54
O1A AGS R . -4.97 16.77 -38.44
O2A AGS R . -4.80 14.29 -38.05
O3A AGS R . -5.18 15.82 -36.14
O5' AGS R . -2.96 15.92 -37.27
C5' AGS R . -2.23 17.01 -37.89
C4' AGS R . -1.68 16.53 -39.21
O4' AGS R . -2.68 16.72 -40.23
C3' AGS R . -0.45 17.27 -39.70
O3' AGS R . 0.34 16.44 -40.54
C2' AGS R . -1.06 18.44 -40.46
O2' AGS R . -0.19 18.94 -41.47
C1' AGS R . -2.31 17.79 -41.08
N9 AGS R . -3.44 18.70 -41.19
C8 AGS R . -4.16 19.23 -40.17
N7 AGS R . -5.12 20.03 -40.55
C5 AGS R . -5.03 20.02 -41.94
C6 AGS R . -5.77 20.67 -42.95
N6 AGS R . -6.80 21.48 -42.70
N1 AGS R . -5.42 20.43 -44.22
C2 AGS R . -4.38 19.61 -44.48
N3 AGS R . -3.61 18.96 -43.61
C4 AGS R . -3.99 19.20 -42.34
PG AGS S . 24.50 -3.86 -2.99
S1G AGS S . 25.28 -2.63 -1.70
O2G AGS S . 22.96 -3.93 -2.78
O3G AGS S . 25.11 -5.28 -2.79
PB AGS S . 26.26 -3.44 -5.01
O1B AGS S . 27.09 -2.35 -4.46
O2B AGS S . 26.12 -3.37 -6.53
O3B AGS S . 24.79 -3.38 -4.44
PA AGS S . 28.22 -4.84 -3.80
O1A AGS S . 27.89 -4.52 -2.40
O2A AGS S . 29.18 -3.85 -4.47
O3A AGS S . 26.92 -4.84 -4.69
O5' AGS S . 28.78 -6.31 -3.86
C5' AGS S . 28.80 -7.06 -5.08
C4' AGS S . 30.17 -7.66 -5.23
O4' AGS S . 30.24 -8.41 -6.47
C3' AGS S . 31.31 -6.66 -5.31
O3' AGS S . 31.79 -6.35 -4.01
C2' AGS S . 32.34 -7.40 -6.15
O2' AGS S . 33.09 -8.32 -5.38
C1' AGS S . 31.45 -8.15 -7.14
N9 AGS S . 31.14 -7.39 -8.35
C8 AGS S . 29.95 -6.79 -8.67
N7 AGS S . 29.96 -6.16 -9.81
C5 AGS S . 31.25 -6.35 -10.29
C6 AGS S . 31.90 -5.94 -11.46
N6 AGS S . 31.31 -5.20 -12.41
N1 AGS S . 33.20 -6.29 -11.62
C2 AGS S . 33.79 -7.02 -10.67
N3 AGS S . 33.27 -7.48 -9.52
C4 AGS S . 31.99 -7.11 -9.39
PG AGS T . 5.16 -14.67 -33.65
S1G AGS T . 5.66 -14.96 -31.78
O2G AGS T . 5.88 -15.72 -34.56
O3G AGS T . 3.62 -14.81 -33.83
PB AGS T . 7.10 -13.04 -34.41
O1B AGS T . 7.76 -12.22 -33.37
O2B AGS T . 7.15 -12.44 -35.83
O3B AGS T . 5.59 -13.25 -34.09
PA AGS T . 9.35 -14.51 -34.20
O1A AGS T . 9.59 -14.63 -32.74
O2A AGS T . 9.96 -13.26 -34.83
O3A AGS T . 7.81 -14.44 -34.52
O5' AGS T . 9.86 -15.82 -34.90
C5' AGS T . 11.25 -15.95 -35.25
C4' AGS T . 11.53 -17.39 -35.62
O4' AGS T . 11.10 -17.63 -36.97
C3' AGS T . 13.01 -17.76 -35.61
O3' AGS T . 13.18 -19.16 -35.40
C2' AGS T . 13.45 -17.35 -37.00
O2' AGS T . 14.58 -18.09 -37.45
C1' AGS T . 12.21 -17.71 -37.83
N9 AGS T . 11.97 -16.84 -38.98
C8 AGS T . 10.90 -16.02 -39.17
N7 AGS T . 10.93 -15.34 -40.28
C5 AGS T . 12.11 -15.75 -40.88
C6 AGS T . 12.73 -15.39 -42.10
N6 AGS T . 12.22 -14.52 -42.96
N1 AGS T . 13.91 -15.98 -42.38
C2 AGS T . 14.43 -16.86 -41.52
N3 AGS T . 13.93 -17.27 -40.35
C4 AGS T . 12.77 -16.67 -40.09
#